data_7XU2
#
_entry.id   7XU2
#
_cell.length_a   1.00
_cell.length_b   1.00
_cell.length_c   1.00
_cell.angle_alpha   90.00
_cell.angle_beta   90.00
_cell.angle_gamma   90.00
#
_symmetry.space_group_name_H-M   'P 1'
#
loop_
_entity.id
_entity.type
_entity.pdbx_description
1 polymer 'Spike glycoprotein'
2 branched 2-acetamido-2-deoxy-beta-D-glucopyranose-(1-4)-2-acetamido-2-deoxy-beta-D-glucopyranose
3 non-polymer 2-acetamido-2-deoxy-beta-D-glucopyranose
4 non-polymer 'BILIVERDINE IX ALPHA'
5 non-polymer 'LINOLEIC ACID'
#
_entity_poly.entity_id   1
_entity_poly.type   'polypeptide(L)'
_entity_poly.pdbx_seq_one_letter_code
;ETGTQCVNLTTRTQLPPAYTNSFTRGVYYPDKVFRSSVLHSTQDLFLPFFSNVTWFHAIHVSGTNGTKRFDNPVLPFNDG
VYFASTEKSNIIRGWIFGTTLDSKTQSLLIVNNATNVVIKVCEFQFCNDPFLGVYYHKNNKSWMESEFRVYSSANNCTFE
YVSQPFLMDLEGKQGNFKNLREFVFKNIDGYFKIYSKHTPINLVRDLPQGFSALEPLVDLPIGINITRFQTLLALHRSYL
TPGDSSSGWTAGAAAYYVGYLQPRTFLLKYNENGTITDAVDCALDPLSETKCTLKSFTVEKGIYQTSNFRVQPTESIVRF
PNITNLCPFGEVFNATRFASVYAWNRKRISNCVADYSVLYNSASFSTFKCYGVSPTKLNDLCFTNVYADSFVIRGDEVRQ
IAPGQTGKIADYNYKLPCDFTGCVIAWNSNNLDSKVGGNYNYLYRLFRKSNLKPFERDISTEIYQAGSTPCNGVEGFNCY
FPLQSYGFQPTNGVGYQPYRVVVLSFELLHAPATVCGPKKSTNLVKNKCVNFNFNGLTGTGVLTESNKKFLPFQQFGRDI
ADTTDAVRDPQTLEILDITPCSFGGVSVITPGTNTSNQVAVLYQDVNCTEVPVAIHADQLTPTWRVYSTGSNVFQTRAGC
LIGAEHVNNSYECDIPIGAGICASYQTQTNSRSVASQSIIAYTMSLGAENSVAYSNNSIAIPTNFTISVTTEILPVSMTK
TSVDCTMYICGDSTECSNLLLQYGSFCTQLNRALTGIAVEQDKNTQEVFAQVKQIYKTPPIKDFGGFNFSQILPDPSKPS
KRSFIEDLLFNKVTLADAGFIKQYGDCLGDIAARDLICAQKFNGLTVLPPLLTDEMIAQYTSALLAGTITSGWTFGAGAA
LQIPFAMQMAYRFNGIGVTQNVLYENQKLIANQFNSAIGKIQDSLSSTASALGKLQDVVNQNAQALNTLVKQLSSNFGAI
SSVLNDILSRLDKCEAEVQIDRLITGRLQSLQTYVTQQLIRAAEIRASANLAATKMSECVLGQSKRVDFCGKGYHLMSFP
QSAPHGVVFLHVTYVPAQEKNFTTAPAICHDGKAHFPREGVFVSNGTHWFVTQRNFYEPQIITTDNTFVSGNCDVVIGIV
NNTVYDP
;
_entity_poly.pdbx_strand_id   A,C,B
#
loop_
_chem_comp.id
_chem_comp.type
_chem_comp.name
_chem_comp.formula
BLA non-polymer 'BILIVERDINE IX ALPHA' 'C33 H34 N4 O6'
EIC non-polymer 'LINOLEIC ACID' 'C18 H32 O2'
NAG D-saccharide, beta linking 2-acetamido-2-deoxy-beta-D-glucopyranose 'C8 H15 N O6'
#
# COMPACT_ATOMS: atom_id res chain seq x y z
N GLN A 5 -11.40 -69.42 11.46
CA GLN A 5 -10.20 -70.25 11.42
C GLN A 5 -9.09 -69.56 10.63
N CYS A 6 -7.85 -69.73 11.11
CA CYS A 6 -6.72 -69.01 10.53
C CYS A 6 -5.45 -69.63 11.09
N VAL A 7 -4.41 -69.73 10.27
CA VAL A 7 -3.21 -70.48 10.60
C VAL A 7 -2.04 -69.49 10.67
N ASN A 8 -1.20 -69.68 11.67
CA ASN A 8 -0.06 -68.79 11.93
C ASN A 8 1.21 -69.45 11.42
N LEU A 9 1.96 -68.72 10.61
CA LEU A 9 3.17 -69.28 9.99
C LEU A 9 4.24 -69.52 11.04
N THR A 10 4.94 -70.66 10.92
CA THR A 10 5.96 -71.07 11.87
C THR A 10 7.38 -71.03 11.32
N THR A 11 7.56 -71.20 10.01
CA THR A 11 8.89 -71.22 9.40
C THR A 11 9.25 -69.80 8.99
N ARG A 12 10.24 -69.22 9.66
CA ARG A 12 10.66 -67.84 9.42
C ARG A 12 12.17 -67.74 9.54
N THR A 13 12.79 -67.07 8.56
CA THR A 13 14.19 -66.68 8.61
C THR A 13 14.21 -65.17 8.44
N GLN A 14 14.34 -64.46 9.56
CA GLN A 14 14.17 -63.01 9.61
C GLN A 14 15.52 -62.33 9.76
N LEU A 15 15.67 -61.19 9.08
CA LEU A 15 16.84 -60.34 9.14
C LEU A 15 16.43 -58.97 9.69
N PRO A 16 17.39 -58.16 10.12
CA PRO A 16 17.04 -56.79 10.53
C PRO A 16 16.44 -56.03 9.37
N PRO A 17 15.57 -55.06 9.63
CA PRO A 17 14.91 -54.35 8.52
C PRO A 17 15.93 -53.66 7.63
N ALA A 18 15.69 -53.74 6.32
CA ALA A 18 16.55 -53.12 5.33
C ALA A 18 16.03 -51.74 4.96
N TYR A 19 16.96 -50.91 4.48
CA TYR A 19 16.67 -49.53 4.10
C TYR A 19 17.15 -49.28 2.69
N THR A 20 16.53 -48.32 2.01
CA THR A 20 17.07 -47.80 0.77
C THR A 20 16.71 -46.32 0.68
N ASN A 21 17.10 -45.70 -0.43
CA ASN A 21 16.95 -44.27 -0.62
C ASN A 21 15.84 -44.02 -1.62
N SER A 22 14.82 -43.29 -1.20
CA SER A 22 13.77 -42.83 -2.10
C SER A 22 14.13 -41.43 -2.57
N PHE A 23 14.35 -41.30 -3.87
CA PHE A 23 14.74 -40.06 -4.52
C PHE A 23 13.65 -39.64 -5.50
N THR A 24 13.27 -38.36 -5.42
CA THR A 24 12.26 -37.70 -6.25
C THR A 24 11.03 -38.58 -6.56
N ARG A 25 10.58 -39.34 -5.57
CA ARG A 25 9.40 -40.17 -5.66
C ARG A 25 8.30 -39.68 -4.73
N GLY A 26 7.07 -40.08 -5.02
CA GLY A 26 5.96 -39.80 -4.13
C GLY A 26 5.27 -38.48 -4.35
N VAL A 27 5.31 -37.92 -5.55
CA VAL A 27 4.66 -36.66 -5.86
C VAL A 27 3.32 -36.97 -6.52
N TYR A 28 2.26 -36.29 -6.06
CA TYR A 28 0.90 -36.52 -6.53
C TYR A 28 0.20 -35.20 -6.79
N TYR A 29 -0.81 -35.26 -7.65
CA TYR A 29 -1.62 -34.08 -7.93
C TYR A 29 -2.35 -33.64 -6.67
N PRO A 30 -2.25 -32.38 -6.24
CA PRO A 30 -2.97 -31.95 -5.04
C PRO A 30 -4.37 -31.42 -5.30
N ASP A 31 -4.85 -31.42 -6.53
CA ASP A 31 -6.19 -30.91 -6.82
C ASP A 31 -6.67 -31.46 -8.15
N LYS A 32 -7.98 -31.42 -8.35
CA LYS A 32 -8.61 -31.84 -9.60
C LYS A 32 -8.82 -30.65 -10.54
N VAL A 33 -7.75 -29.91 -10.81
CA VAL A 33 -7.78 -28.72 -11.66
C VAL A 33 -6.67 -28.85 -12.70
N PHE A 34 -6.99 -28.46 -13.92
CA PHE A 34 -6.08 -28.60 -15.05
C PHE A 34 -5.24 -27.33 -15.18
N ARG A 35 -3.92 -27.47 -15.07
CA ARG A 35 -2.98 -26.37 -15.23
C ARG A 35 -1.93 -26.79 -16.23
N SER A 36 -1.62 -25.91 -17.19
CA SER A 36 -0.71 -26.20 -18.29
C SER A 36 0.39 -25.15 -18.34
N SER A 37 1.65 -25.62 -18.38
CA SER A 37 2.82 -24.75 -18.51
C SER A 37 2.90 -23.75 -17.36
N VAL A 38 2.85 -24.27 -16.13
CA VAL A 38 2.82 -23.44 -14.94
C VAL A 38 3.72 -24.04 -13.85
N LEU A 39 4.45 -23.17 -13.17
CA LEU A 39 5.30 -23.55 -12.04
C LEU A 39 4.53 -23.24 -10.77
N HIS A 40 3.89 -24.27 -10.20
CA HIS A 40 2.95 -24.13 -9.09
C HIS A 40 3.58 -24.62 -7.79
N SER A 41 3.42 -23.84 -6.73
CA SER A 41 3.96 -24.18 -5.42
C SER A 41 2.85 -24.69 -4.51
N THR A 42 3.16 -25.67 -3.67
CA THR A 42 2.17 -26.20 -2.76
C THR A 42 2.86 -26.65 -1.47
N GLN A 43 2.05 -26.85 -0.44
CA GLN A 43 2.49 -27.44 0.81
C GLN A 43 1.49 -28.50 1.22
N ASP A 44 1.97 -29.68 1.57
CA ASP A 44 1.06 -30.76 1.97
C ASP A 44 1.91 -31.87 2.59
N LEU A 45 1.27 -33.00 2.86
CA LEU A 45 1.98 -34.18 3.29
C LEU A 45 2.66 -34.81 2.08
N PHE A 46 3.99 -34.85 2.12
CA PHE A 46 4.78 -35.35 1.00
C PHE A 46 5.89 -36.23 1.54
N LEU A 47 6.36 -37.14 0.70
CA LEU A 47 7.51 -37.95 1.06
C LEU A 47 8.76 -37.12 0.77
N PRO A 48 9.60 -36.82 1.78
CA PRO A 48 10.82 -36.04 1.47
C PRO A 48 11.72 -36.80 0.51
N PHE A 49 12.35 -36.04 -0.38
CA PHE A 49 13.26 -36.65 -1.34
C PHE A 49 14.48 -37.19 -0.61
N PHE A 50 15.03 -38.28 -1.15
CA PHE A 50 16.23 -38.91 -0.61
C PHE A 50 16.01 -39.34 0.84
N SER A 51 14.89 -40.03 1.07
CA SER A 51 14.50 -40.48 2.39
C SER A 51 14.83 -41.96 2.57
N ASN A 52 15.10 -42.34 3.82
CA ASN A 52 15.39 -43.74 4.15
C ASN A 52 14.06 -44.48 4.21
N VAL A 53 13.68 -45.09 3.08
CA VAL A 53 12.44 -45.86 2.99
C VAL A 53 12.73 -47.30 3.34
N THR A 54 11.82 -47.91 4.08
CA THR A 54 12.04 -49.28 4.55
C THR A 54 11.69 -50.27 3.46
N TRP A 55 12.54 -51.29 3.33
CA TRP A 55 12.47 -52.29 2.27
C TRP A 55 11.96 -53.61 2.85
N PHE A 56 11.00 -54.22 2.16
CA PHE A 56 10.52 -55.56 2.49
C PHE A 56 10.41 -56.35 1.19
N HIS A 57 10.63 -57.66 1.28
CA HIS A 57 10.49 -58.48 0.08
C HIS A 57 10.23 -59.92 0.48
N ALA A 58 9.50 -60.61 -0.39
CA ALA A 58 9.24 -62.04 -0.27
C ALA A 58 9.92 -62.74 -1.44
N ILE A 59 10.94 -63.53 -1.12
CA ILE A 59 11.66 -64.37 -2.06
C ILE A 59 11.96 -65.70 -1.38
N HIS A 60 12.07 -66.75 -2.19
CA HIS A 60 12.28 -68.10 -1.69
C HIS A 60 13.66 -68.60 -2.11
N VAL A 61 14.32 -69.33 -1.21
CA VAL A 61 15.62 -69.95 -1.46
C VAL A 61 16.71 -68.88 -1.53
N THR A 67 15.32 -67.19 0.75
CA THR A 67 15.74 -67.69 2.06
C THR A 67 14.53 -67.92 2.98
N LYS A 68 13.36 -68.13 2.37
CA LYS A 68 12.12 -68.40 3.12
C LYS A 68 11.81 -67.26 4.09
N ARG A 69 11.96 -66.03 3.62
CA ARG A 69 11.32 -64.88 4.24
C ARG A 69 9.98 -64.61 3.56
N PHE A 70 9.12 -63.88 4.26
CA PHE A 70 7.80 -63.57 3.71
C PHE A 70 7.26 -62.34 4.44
N ASP A 71 8.13 -61.36 4.64
CA ASP A 71 7.98 -60.41 5.74
C ASP A 71 6.73 -59.54 5.56
N ASN A 72 6.03 -59.30 6.67
CA ASN A 72 4.81 -58.51 6.67
C ASN A 72 4.47 -58.09 8.10
N PRO A 73 5.25 -57.21 8.71
CA PRO A 73 4.96 -56.81 10.08
C PRO A 73 3.89 -55.73 10.15
N VAL A 74 3.45 -55.46 11.37
CA VAL A 74 2.46 -54.42 11.64
C VAL A 74 3.18 -53.09 11.74
N LEU A 75 3.35 -52.41 10.61
CA LEU A 75 4.04 -51.13 10.60
C LEU A 75 3.15 -50.03 11.15
N PRO A 76 3.73 -48.93 11.63
CA PRO A 76 2.91 -47.81 12.06
C PRO A 76 2.53 -46.88 10.92
N PHE A 77 1.38 -46.25 11.08
CA PHE A 77 0.83 -45.25 10.17
C PHE A 77 0.97 -43.89 10.83
N ASN A 78 1.64 -42.96 10.15
CA ASN A 78 1.95 -41.64 10.71
C ASN A 78 1.52 -40.59 9.70
N ASP A 79 0.25 -40.16 9.82
CA ASP A 79 -0.38 -39.10 9.04
C ASP A 79 -0.02 -39.13 7.56
N GLY A 80 0.05 -40.33 6.98
CA GLY A 80 0.28 -40.51 5.57
C GLY A 80 1.39 -41.50 5.30
N VAL A 81 1.26 -42.29 4.24
CA VAL A 81 2.23 -43.32 3.90
C VAL A 81 2.37 -43.39 2.39
N TYR A 82 3.61 -43.57 1.94
CA TYR A 82 3.92 -43.90 0.55
C TYR A 82 4.30 -45.37 0.50
N PHE A 83 3.60 -46.11 -0.36
CA PHE A 83 3.77 -47.53 -0.59
C PHE A 83 4.17 -47.72 -2.04
N ALA A 84 5.11 -48.62 -2.30
CA ALA A 84 5.51 -48.88 -3.69
C ALA A 84 5.99 -50.30 -3.82
N SER A 85 5.35 -51.07 -4.70
CA SER A 85 5.63 -52.49 -4.85
C SER A 85 6.12 -52.76 -6.26
N THR A 86 7.21 -53.52 -6.35
CA THR A 86 7.71 -54.09 -7.60
C THR A 86 7.36 -55.57 -7.62
N GLU A 87 6.61 -55.98 -8.65
CA GLU A 87 6.19 -57.37 -8.73
C GLU A 87 5.89 -57.75 -10.17
N LYS A 88 5.85 -59.06 -10.40
CA LYS A 88 5.58 -59.64 -11.70
C LYS A 88 4.49 -60.71 -11.62
N SER A 89 4.41 -61.41 -10.48
CA SER A 89 3.43 -62.46 -10.26
C SER A 89 2.25 -62.03 -9.39
N ASN A 90 2.16 -60.76 -9.02
CA ASN A 90 1.06 -60.24 -8.22
C ASN A 90 0.94 -60.98 -6.88
N ILE A 91 2.00 -60.87 -6.08
CA ILE A 91 2.00 -61.44 -4.73
C ILE A 91 1.36 -60.49 -3.73
N ILE A 92 1.77 -59.21 -3.77
CA ILE A 92 1.35 -58.17 -2.83
C ILE A 92 -0.04 -57.73 -3.24
N ARG A 93 -1.07 -58.17 -2.51
CA ARG A 93 -2.44 -58.11 -3.00
C ARG A 93 -3.43 -57.66 -1.92
N GLY A 94 -3.07 -56.61 -1.19
CA GLY A 94 -4.02 -56.01 -0.26
C GLY A 94 -3.35 -55.28 0.88
N TRP A 95 -4.19 -54.63 1.68
CA TRP A 95 -3.75 -53.92 2.88
C TRP A 95 -4.80 -54.00 3.95
N ILE A 96 -4.34 -53.93 5.19
CA ILE A 96 -5.17 -53.86 6.39
C ILE A 96 -4.74 -52.61 7.14
N PHE A 97 -5.69 -51.74 7.49
CA PHE A 97 -5.41 -50.54 8.25
C PHE A 97 -6.27 -50.53 9.51
N GLY A 98 -5.77 -49.88 10.56
CA GLY A 98 -6.55 -49.78 11.78
C GLY A 98 -5.76 -49.10 12.86
N THR A 99 -6.32 -49.13 14.06
CA THR A 99 -5.66 -48.59 15.25
C THR A 99 -5.20 -49.66 16.22
N THR A 100 -5.91 -50.78 16.31
CA THR A 100 -5.47 -51.92 17.13
C THR A 100 -5.61 -53.27 16.43
N LEU A 101 -6.48 -53.41 15.43
CA LEU A 101 -6.63 -54.66 14.67
C LEU A 101 -6.98 -55.82 15.61
N ASP A 102 -8.02 -55.61 16.42
CA ASP A 102 -8.36 -56.53 17.49
C ASP A 102 -9.86 -56.78 17.59
N SER A 103 -10.69 -56.15 16.75
CA SER A 103 -12.16 -56.20 16.72
C SER A 103 -12.77 -55.33 17.81
N LYS A 104 -11.97 -54.69 18.67
CA LYS A 104 -12.49 -53.66 19.55
C LYS A 104 -12.69 -52.33 18.85
N THR A 105 -12.13 -52.15 17.66
CA THR A 105 -12.25 -50.92 16.89
C THR A 105 -12.53 -51.27 15.44
N GLN A 106 -13.13 -50.32 14.74
CA GLN A 106 -13.32 -50.47 13.30
C GLN A 106 -11.98 -50.45 12.59
N SER A 107 -11.87 -51.27 11.54
CA SER A 107 -10.65 -51.38 10.76
C SER A 107 -11.00 -51.42 9.28
N LEU A 108 -10.06 -50.98 8.46
CA LEU A 108 -10.23 -50.91 7.02
C LEU A 108 -9.49 -52.07 6.37
N LEU A 109 -10.10 -52.64 5.33
CA LEU A 109 -9.57 -53.80 4.63
C LEU A 109 -9.74 -53.57 3.15
N ILE A 110 -8.63 -53.52 2.41
CA ILE A 110 -8.63 -53.41 0.96
C ILE A 110 -8.03 -54.71 0.43
N VAL A 111 -8.83 -55.51 -0.27
CA VAL A 111 -8.38 -56.83 -0.73
C VAL A 111 -8.84 -57.04 -2.15
N ASN A 112 -7.91 -57.45 -3.02
CA ASN A 112 -8.23 -57.90 -4.38
C ASN A 112 -8.11 -59.42 -4.36
N ASN A 113 -9.25 -60.12 -4.25
CA ASN A 113 -9.22 -61.57 -4.09
C ASN A 113 -9.24 -62.31 -5.42
N ALA A 114 -8.66 -61.72 -6.47
CA ALA A 114 -8.43 -62.25 -7.81
C ALA A 114 -9.69 -62.21 -8.66
N THR A 115 -10.83 -61.79 -8.12
CA THR A 115 -12.07 -61.60 -8.87
C THR A 115 -12.67 -60.23 -8.66
N ASN A 116 -12.59 -59.69 -7.44
CA ASN A 116 -13.13 -58.39 -7.09
C ASN A 116 -12.14 -57.68 -6.18
N VAL A 117 -12.17 -56.35 -6.22
CA VAL A 117 -11.51 -55.53 -5.21
C VAL A 117 -12.59 -55.07 -4.24
N VAL A 118 -12.42 -55.41 -2.97
CA VAL A 118 -13.40 -55.15 -1.93
C VAL A 118 -12.76 -54.26 -0.88
N ILE A 119 -13.51 -53.25 -0.45
CA ILE A 119 -13.09 -52.31 0.59
C ILE A 119 -14.14 -52.36 1.67
N LYS A 120 -13.73 -52.75 2.88
CA LYS A 120 -14.64 -52.86 4.02
C LYS A 120 -14.12 -52.05 5.20
N VAL A 121 -14.99 -51.27 5.81
CA VAL A 121 -14.73 -50.61 7.09
C VAL A 121 -15.61 -51.31 8.10
N CYS A 122 -14.99 -52.05 9.02
CA CYS A 122 -15.68 -53.15 9.66
C CYS A 122 -14.87 -53.56 10.87
N GLU A 123 -15.55 -54.01 11.93
CA GLU A 123 -14.86 -54.49 13.12
C GLU A 123 -14.37 -55.91 12.85
N PHE A 124 -13.07 -56.03 12.59
CA PHE A 124 -12.45 -57.30 12.18
C PHE A 124 -11.65 -57.87 13.34
N GLN A 125 -11.85 -59.17 13.60
CA GLN A 125 -10.95 -59.92 14.49
C GLN A 125 -9.86 -60.53 13.63
N PHE A 126 -8.84 -59.73 13.38
CA PHE A 126 -7.82 -60.11 12.41
C PHE A 126 -6.96 -61.26 12.93
N CYS A 127 -6.41 -62.02 12.00
CA CYS A 127 -5.39 -63.00 12.32
C CYS A 127 -4.14 -62.31 12.86
N ASN A 128 -3.14 -63.10 13.25
CA ASN A 128 -1.87 -62.55 13.70
C ASN A 128 -0.90 -62.41 12.53
N ASP A 129 -0.94 -63.35 11.58
CA ASP A 129 -0.16 -63.27 10.35
C ASP A 129 -1.04 -63.61 9.15
N PRO A 130 -1.99 -62.74 8.80
CA PRO A 130 -2.93 -63.08 7.73
C PRO A 130 -2.24 -63.20 6.37
N PHE A 131 -2.77 -64.08 5.54
CA PHE A 131 -2.30 -64.23 4.17
C PHE A 131 -3.49 -64.60 3.28
N LEU A 132 -3.47 -64.10 2.05
CA LEU A 132 -4.62 -64.27 1.17
C LEU A 132 -4.58 -65.58 0.39
N GLY A 133 -3.40 -66.16 0.16
CA GLY A 133 -3.31 -67.50 -0.38
C GLY A 133 -3.40 -67.65 -1.89
N VAL A 134 -2.68 -68.64 -2.43
CA VAL A 134 -2.79 -69.04 -3.83
C VAL A 134 -2.42 -70.51 -3.86
N TYR A 135 -3.01 -71.26 -4.81
CA TYR A 135 -2.84 -72.71 -4.84
C TYR A 135 -2.87 -73.29 -6.24
N TYR A 136 -1.79 -73.98 -6.62
CA TYR A 136 -1.71 -74.72 -7.88
C TYR A 136 -2.55 -75.99 -7.81
N HIS A 137 -3.76 -75.93 -8.37
CA HIS A 137 -4.74 -76.99 -8.18
C HIS A 137 -4.28 -78.29 -8.81
N LYS A 138 -4.72 -79.39 -8.22
CA LYS A 138 -4.44 -80.73 -8.74
C LYS A 138 -5.53 -81.21 -9.69
N ASN A 139 -6.80 -80.86 -9.43
CA ASN A 139 -7.87 -81.28 -10.33
C ASN A 139 -7.81 -80.57 -11.68
N ASN A 140 -7.17 -79.41 -11.77
CA ASN A 140 -6.96 -78.77 -13.06
C ASN A 140 -5.66 -77.95 -13.01
N LYS A 141 -4.92 -77.97 -14.11
CA LYS A 141 -3.62 -77.30 -14.20
C LYS A 141 -3.86 -75.80 -14.38
N SER A 142 -4.07 -75.10 -13.27
CA SER A 142 -4.25 -73.66 -13.29
C SER A 142 -3.88 -73.13 -11.91
N TRP A 143 -3.97 -71.81 -11.73
CA TRP A 143 -3.92 -71.20 -10.41
C TRP A 143 -5.29 -70.62 -10.06
N MET A 144 -5.76 -70.90 -8.85
CA MET A 144 -6.94 -70.29 -8.26
C MET A 144 -6.82 -70.63 -6.77
N GLU A 145 -7.44 -69.83 -5.89
CA GLU A 145 -7.20 -70.01 -4.46
C GLU A 145 -8.46 -70.41 -3.71
N SER A 146 -8.29 -71.41 -2.84
CA SER A 146 -9.35 -71.95 -2.00
C SER A 146 -9.21 -71.50 -0.55
N GLU A 147 -8.32 -70.55 -0.27
CA GLU A 147 -8.08 -70.08 1.09
C GLU A 147 -8.11 -68.56 1.15
N PHE A 148 -8.88 -68.03 2.09
CA PHE A 148 -9.01 -66.59 2.31
C PHE A 148 -8.87 -66.41 3.82
N ARG A 149 -7.64 -66.21 4.28
CA ARG A 149 -7.29 -66.20 5.70
C ARG A 149 -6.87 -64.78 6.06
N VAL A 150 -7.85 -63.94 6.40
CA VAL A 150 -7.62 -62.56 6.76
C VAL A 150 -8.21 -62.29 8.13
N TYR A 151 -9.51 -62.50 8.27
CA TYR A 151 -10.25 -62.18 9.49
C TYR A 151 -11.09 -63.38 9.92
N SER A 152 -11.40 -63.41 11.21
CA SER A 152 -12.23 -64.45 11.80
C SER A 152 -13.67 -64.03 12.02
N SER A 153 -13.94 -62.73 12.13
CA SER A 153 -15.29 -62.24 12.38
C SER A 153 -15.43 -60.85 11.77
N ALA A 154 -16.68 -60.45 11.53
CA ALA A 154 -16.98 -59.14 10.95
C ALA A 154 -18.34 -58.70 11.46
N ASN A 155 -18.36 -57.65 12.27
CA ASN A 155 -19.59 -57.12 12.85
C ASN A 155 -19.59 -55.60 12.73
N ASN A 156 -20.78 -55.01 12.75
CA ASN A 156 -20.96 -53.56 12.78
C ASN A 156 -20.20 -52.90 11.62
N CYS A 157 -20.67 -53.22 10.42
CA CYS A 157 -19.86 -53.17 9.21
C CYS A 157 -20.45 -52.09 8.31
N THR A 158 -19.76 -50.95 8.22
CA THR A 158 -20.37 -49.70 7.77
C THR A 158 -19.85 -49.22 6.42
N PHE A 159 -19.19 -50.07 5.64
CA PHE A 159 -18.73 -49.66 4.31
C PHE A 159 -18.55 -50.90 3.45
N GLU A 160 -18.64 -50.69 2.14
CA GLU A 160 -18.59 -51.77 1.17
C GLU A 160 -18.36 -51.22 -0.23
N TYR A 161 -17.32 -51.69 -0.92
CA TYR A 161 -17.09 -51.34 -2.33
C TYR A 161 -16.68 -52.61 -3.07
N VAL A 162 -17.54 -53.63 -3.03
CA VAL A 162 -17.36 -54.76 -3.93
C VAL A 162 -17.49 -54.28 -5.36
N SER A 163 -16.42 -54.46 -6.15
CA SER A 163 -16.36 -53.93 -7.50
C SER A 163 -16.92 -54.93 -8.51
N GLN A 164 -16.91 -54.54 -9.78
CA GLN A 164 -17.32 -55.44 -10.85
C GLN A 164 -16.32 -56.61 -10.96
N PRO A 165 -16.78 -57.80 -11.35
CA PRO A 165 -15.85 -58.93 -11.47
C PRO A 165 -14.84 -58.72 -12.58
N PHE A 166 -13.70 -59.42 -12.43
CA PHE A 166 -12.64 -59.42 -13.42
C PHE A 166 -11.80 -60.67 -13.23
N LEU A 167 -10.84 -60.88 -14.12
CA LEU A 167 -9.86 -61.95 -14.01
C LEU A 167 -8.47 -61.39 -14.25
N MET A 168 -7.49 -61.91 -13.52
CA MET A 168 -6.12 -61.42 -13.54
C MET A 168 -5.14 -62.58 -13.62
N ASP A 169 -3.97 -62.31 -14.19
CA ASP A 169 -2.92 -63.34 -14.33
C ASP A 169 -2.24 -63.50 -12.97
N LEU A 170 -2.88 -64.28 -12.10
CA LEU A 170 -2.34 -64.61 -10.78
C LEU A 170 -1.26 -65.68 -10.82
N GLU A 171 -0.73 -66.04 -11.98
CA GLU A 171 0.27 -67.09 -12.07
C GLU A 171 1.62 -66.63 -11.52
N GLY A 172 2.46 -67.61 -11.20
CA GLY A 172 3.79 -67.35 -10.71
C GLY A 172 4.82 -67.28 -11.82
N LYS A 173 5.14 -66.07 -12.25
CA LYS A 173 6.12 -65.83 -13.29
C LYS A 173 7.51 -65.65 -12.68
N GLN A 174 8.51 -66.22 -13.32
CA GLN A 174 9.90 -66.17 -12.87
C GLN A 174 10.71 -65.38 -13.90
N GLY A 175 11.57 -64.50 -13.41
CA GLY A 175 12.37 -63.65 -14.28
C GLY A 175 12.63 -62.27 -13.72
N ASN A 176 12.25 -61.26 -14.48
CA ASN A 176 12.49 -59.85 -14.16
C ASN A 176 11.16 -59.16 -13.85
N PHE A 177 11.21 -58.21 -12.92
CA PHE A 177 10.00 -57.47 -12.57
C PHE A 177 9.45 -56.72 -13.77
N LYS A 178 8.13 -56.61 -13.83
CA LYS A 178 7.43 -55.94 -14.91
C LYS A 178 6.46 -54.85 -14.48
N ASN A 179 6.06 -54.80 -13.20
CA ASN A 179 5.11 -53.79 -12.74
C ASN A 179 5.62 -53.11 -11.49
N LEU A 180 5.62 -51.77 -11.50
CA LEU A 180 5.81 -50.96 -10.30
C LEU A 180 4.48 -50.27 -10.04
N ARG A 181 3.88 -50.55 -8.89
CA ARG A 181 2.65 -49.92 -8.46
C ARG A 181 2.93 -49.07 -7.23
N GLU A 182 2.65 -47.77 -7.34
CA GLU A 182 2.92 -46.80 -6.28
C GLU A 182 1.59 -46.25 -5.78
N PHE A 183 1.44 -46.20 -4.46
CA PHE A 183 0.25 -45.72 -3.80
C PHE A 183 0.64 -44.74 -2.72
N VAL A 184 -0.21 -43.74 -2.54
CA VAL A 184 -0.10 -42.79 -1.43
C VAL A 184 -1.43 -42.84 -0.68
N PHE A 185 -1.36 -43.18 0.60
CA PHE A 185 -2.51 -43.22 1.49
C PHE A 185 -2.41 -42.08 2.48
N LYS A 186 -3.53 -41.42 2.75
CA LYS A 186 -3.57 -40.53 3.89
C LYS A 186 -5.00 -40.42 4.38
N ASN A 187 -5.13 -39.95 5.62
CA ASN A 187 -6.40 -39.92 6.34
C ASN A 187 -6.61 -38.51 6.88
N ILE A 188 -7.48 -37.75 6.22
CA ILE A 188 -7.72 -36.34 6.55
C ILE A 188 -9.23 -36.15 6.72
N ASP A 189 -9.64 -35.68 7.90
CA ASP A 189 -11.03 -35.30 8.17
C ASP A 189 -11.99 -36.46 7.87
N GLY A 190 -11.60 -37.65 8.31
CA GLY A 190 -12.44 -38.81 8.10
C GLY A 190 -12.48 -39.33 6.68
N TYR A 191 -11.65 -38.79 5.79
CA TYR A 191 -11.57 -39.21 4.40
C TYR A 191 -10.24 -39.90 4.16
N PHE A 192 -10.31 -41.11 3.63
CA PHE A 192 -9.13 -41.89 3.26
C PHE A 192 -8.85 -41.63 1.79
N LYS A 193 -7.83 -40.84 1.51
CA LYS A 193 -7.45 -40.49 0.15
C LYS A 193 -6.37 -41.45 -0.31
N ILE A 194 -6.63 -42.08 -1.46
CA ILE A 194 -5.69 -43.00 -2.11
C ILE A 194 -5.37 -42.42 -3.48
N TYR A 195 -4.08 -42.19 -3.72
CA TYR A 195 -3.55 -41.83 -5.03
C TYR A 195 -2.76 -43.03 -5.54
N SER A 196 -2.85 -43.30 -6.85
CA SER A 196 -2.26 -44.50 -7.42
C SER A 196 -1.55 -44.20 -8.74
N LYS A 197 -0.53 -45.00 -9.03
CA LYS A 197 0.14 -44.97 -10.33
C LYS A 197 0.73 -46.33 -10.63
N HIS A 198 0.43 -46.87 -11.80
CA HIS A 198 0.98 -48.12 -12.29
C HIS A 198 1.88 -47.82 -13.47
N THR A 199 3.13 -48.28 -13.41
CA THR A 199 4.07 -48.09 -14.51
C THR A 199 4.81 -49.38 -14.83
N PRO A 200 5.07 -49.68 -16.11
CA PRO A 200 5.88 -50.86 -16.43
C PRO A 200 7.37 -50.53 -16.32
N ILE A 201 8.11 -51.40 -15.65
CA ILE A 201 9.54 -51.22 -15.45
C ILE A 201 10.22 -52.58 -15.63
N ASN A 202 11.49 -52.55 -16.01
CA ASN A 202 12.23 -53.76 -16.37
C ASN A 202 13.50 -53.88 -15.56
N LEU A 203 13.39 -53.75 -14.24
CA LEU A 203 14.52 -53.59 -13.35
C LEU A 203 14.37 -54.54 -12.16
N VAL A 204 15.51 -55.04 -11.67
CA VAL A 204 15.55 -56.02 -10.58
C VAL A 204 16.31 -55.44 -9.40
N ARG A 205 16.18 -54.13 -9.22
CA ARG A 205 16.98 -53.32 -8.31
C ARG A 205 16.03 -52.74 -7.28
N ASP A 206 16.51 -51.82 -6.45
CA ASP A 206 15.64 -50.96 -5.65
C ASP A 206 15.01 -49.91 -6.54
N LEU A 207 14.48 -48.83 -5.95
CA LEU A 207 13.57 -47.91 -6.64
C LEU A 207 14.18 -47.44 -7.96
N PRO A 208 13.43 -47.46 -9.08
CA PRO A 208 14.02 -47.02 -10.35
C PRO A 208 14.23 -45.52 -10.41
N GLN A 209 14.95 -45.12 -11.46
CA GLN A 209 15.09 -43.72 -11.82
C GLN A 209 13.85 -43.27 -12.57
N GLY A 210 13.24 -42.20 -12.09
CA GLY A 210 12.09 -41.63 -12.77
C GLY A 210 11.25 -40.79 -11.85
N PHE A 211 10.48 -39.90 -12.47
CA PHE A 211 9.53 -39.04 -11.78
C PHE A 211 8.12 -39.52 -12.08
N SER A 212 7.31 -39.70 -11.03
CA SER A 212 5.94 -40.17 -11.14
C SER A 212 4.98 -39.01 -10.89
N ALA A 213 3.74 -39.22 -11.33
CA ALA A 213 2.69 -38.21 -11.32
C ALA A 213 1.40 -38.81 -10.78
N LEU A 214 1.49 -39.42 -9.60
CA LEU A 214 0.41 -40.15 -8.95
C LEU A 214 -0.92 -39.41 -9.03
N GLU A 215 -1.93 -40.07 -9.65
CA GLU A 215 -3.24 -39.48 -9.85
C GLU A 215 -4.18 -39.86 -8.72
N PRO A 216 -5.19 -39.03 -8.42
CA PRO A 216 -6.14 -39.41 -7.36
C PRO A 216 -7.00 -40.58 -7.78
N LEU A 217 -7.00 -41.63 -6.97
CA LEU A 217 -7.82 -42.81 -7.22
C LEU A 217 -9.16 -42.73 -6.50
N VAL A 218 -9.15 -42.60 -5.17
CA VAL A 218 -10.39 -42.58 -4.40
C VAL A 218 -10.23 -41.68 -3.18
N ASP A 219 -11.38 -41.31 -2.62
CA ASP A 219 -11.53 -40.39 -1.49
C ASP A 219 -12.52 -40.95 -0.49
N LEU A 220 -12.30 -42.20 -0.08
CA LEU A 220 -13.32 -42.97 0.61
C LEU A 220 -13.74 -42.30 1.91
N PRO A 221 -15.04 -42.31 2.27
CA PRO A 221 -15.47 -41.75 3.58
C PRO A 221 -15.54 -42.81 4.69
N ILE A 222 -14.39 -43.24 5.19
CA ILE A 222 -14.37 -44.31 6.17
C ILE A 222 -14.58 -43.76 7.59
N GLY A 223 -14.04 -42.59 7.89
CA GLY A 223 -14.26 -41.95 9.16
C GLY A 223 -13.80 -42.74 10.36
N ILE A 224 -12.57 -43.24 10.33
CA ILE A 224 -12.01 -44.05 11.41
C ILE A 224 -10.63 -43.52 11.77
N ASN A 225 -10.10 -44.04 12.86
CA ASN A 225 -8.78 -43.67 13.38
C ASN A 225 -7.80 -44.74 12.96
N ILE A 226 -6.76 -44.34 12.22
CA ILE A 226 -5.76 -45.25 11.68
C ILE A 226 -4.40 -44.85 12.22
N THR A 227 -3.70 -45.82 12.83
CA THR A 227 -2.34 -45.62 13.31
C THR A 227 -1.40 -46.75 12.95
N ARG A 228 -1.89 -47.87 12.41
CA ARG A 228 -1.06 -49.01 12.07
C ARG A 228 -1.67 -49.68 10.85
N PHE A 229 -0.85 -50.47 10.15
CA PHE A 229 -1.33 -51.24 9.03
C PHE A 229 -0.48 -52.50 8.88
N GLN A 230 -0.82 -53.27 7.86
CA GLN A 230 0.09 -54.30 7.35
C GLN A 230 -0.38 -54.70 5.96
N THR A 231 0.49 -55.41 5.25
CA THR A 231 0.24 -55.82 3.89
C THR A 231 -0.22 -57.27 3.86
N LEU A 232 -1.11 -57.57 2.92
CA LEU A 232 -1.63 -58.91 2.74
C LEU A 232 -0.94 -59.55 1.54
N LEU A 233 -0.06 -60.51 1.82
CA LEU A 233 0.70 -61.21 0.79
C LEU A 233 0.01 -62.52 0.43
N ALA A 234 0.09 -62.89 -0.84
CA ALA A 234 -0.58 -64.07 -1.36
C ALA A 234 0.39 -65.25 -1.40
N LEU A 235 0.10 -66.29 -0.63
CA LEU A 235 1.00 -67.43 -0.53
C LEU A 235 0.97 -68.24 -1.82
N HIS A 236 2.14 -68.59 -2.33
CA HIS A 236 2.23 -69.64 -3.33
C HIS A 236 2.22 -71.01 -2.68
N ARG A 237 1.55 -71.96 -3.33
CA ARG A 237 1.39 -73.31 -2.81
C ARG A 237 1.17 -74.23 -4.00
N SER A 238 1.99 -75.28 -4.12
CA SER A 238 1.92 -76.19 -5.25
C SER A 238 2.25 -77.59 -4.77
N TYR A 239 2.46 -78.50 -5.72
CA TYR A 239 2.79 -79.89 -5.43
C TYR A 239 4.28 -80.16 -5.36
N LEU A 240 5.13 -79.14 -5.46
CA LEU A 240 6.58 -79.28 -5.37
C LEU A 240 7.14 -78.81 -4.03
N THR A 241 6.27 -78.48 -3.05
CA THR A 241 6.68 -78.05 -1.72
C THR A 241 6.23 -79.07 -0.69
N PRO A 242 7.07 -79.47 0.28
CA PRO A 242 6.65 -80.49 1.24
C PRO A 242 6.03 -79.86 2.49
N GLY A 243 5.43 -80.72 3.31
CA GLY A 243 4.90 -80.29 4.59
C GLY A 243 3.47 -79.79 4.53
N ASP A 244 3.00 -79.35 5.70
CA ASP A 244 1.63 -78.85 5.87
C ASP A 244 1.55 -77.36 5.57
N SER A 245 0.37 -76.79 5.77
CA SER A 245 0.10 -75.39 5.41
C SER A 245 1.04 -74.42 6.11
N SER A 246 1.53 -74.78 7.30
CA SER A 246 2.43 -73.91 8.04
C SER A 246 3.89 -74.05 7.59
N SER A 247 4.20 -75.05 6.77
CA SER A 247 5.51 -75.29 6.18
C SER A 247 5.46 -75.51 4.68
N GLY A 248 4.41 -76.16 4.17
CA GLY A 248 4.25 -76.36 2.75
C GLY A 248 3.67 -75.16 2.04
N TRP A 249 4.56 -74.21 1.77
CA TRP A 249 4.26 -73.00 1.02
C TRP A 249 5.60 -72.45 0.57
N THR A 250 5.67 -72.01 -0.67
CA THR A 250 6.84 -71.30 -1.14
C THR A 250 6.54 -69.81 -1.21
N ALA A 251 7.54 -69.00 -0.90
CA ALA A 251 7.36 -67.57 -0.87
C ALA A 251 7.12 -67.04 -2.27
N GLY A 252 6.67 -65.80 -2.35
CA GLY A 252 6.50 -65.14 -3.62
C GLY A 252 7.84 -64.65 -4.12
N ALA A 253 7.79 -63.74 -5.10
CA ALA A 253 8.99 -63.17 -5.69
C ALA A 253 8.80 -61.68 -5.91
N ALA A 254 8.33 -60.98 -4.87
CA ALA A 254 7.92 -59.60 -4.98
C ALA A 254 8.57 -58.76 -3.88
N ALA A 255 8.52 -57.43 -4.04
CA ALA A 255 9.12 -56.53 -3.09
C ALA A 255 8.24 -55.29 -2.93
N TYR A 256 8.29 -54.68 -1.74
CA TYR A 256 7.64 -53.40 -1.52
C TYR A 256 8.50 -52.52 -0.64
N TYR A 257 8.14 -51.24 -0.65
CA TYR A 257 8.85 -50.19 0.05
C TYR A 257 7.82 -49.31 0.72
N VAL A 258 8.07 -48.94 1.97
CA VAL A 258 7.19 -48.05 2.72
C VAL A 258 7.97 -46.80 3.10
N GLY A 259 7.41 -45.64 2.78
CA GLY A 259 7.89 -44.37 3.23
C GLY A 259 7.03 -43.81 4.35
N TYR A 260 7.15 -42.50 4.56
CA TYR A 260 6.39 -41.84 5.62
C TYR A 260 6.24 -40.37 5.23
N LEU A 261 5.03 -39.97 4.88
CA LEU A 261 4.79 -38.59 4.49
C LEU A 261 4.97 -37.67 5.69
N GLN A 262 5.49 -36.48 5.43
CA GLN A 262 5.67 -35.43 6.42
C GLN A 262 5.22 -34.12 5.79
N PRO A 263 4.84 -33.14 6.60
CA PRO A 263 4.41 -31.85 6.02
C PRO A 263 5.61 -31.14 5.41
N ARG A 264 5.58 -30.97 4.08
CA ARG A 264 6.66 -30.33 3.35
C ARG A 264 6.09 -29.47 2.24
N THR A 265 6.84 -28.42 1.91
CA THR A 265 6.53 -27.51 0.81
C THR A 265 7.31 -27.93 -0.42
N PHE A 266 6.62 -28.08 -1.55
CA PHE A 266 7.22 -28.52 -2.80
C PHE A 266 6.91 -27.51 -3.90
N LEU A 267 7.78 -27.53 -4.91
CA LEU A 267 7.53 -26.86 -6.18
C LEU A 267 7.23 -27.93 -7.21
N LEU A 268 6.28 -27.65 -8.11
CA LEU A 268 5.86 -28.59 -9.14
C LEU A 268 5.80 -27.85 -10.46
N LYS A 269 6.08 -28.59 -11.55
CA LYS A 269 6.05 -28.03 -12.89
C LYS A 269 4.99 -28.77 -13.70
N TYR A 270 4.02 -28.04 -14.23
CA TYR A 270 3.00 -28.57 -15.11
C TYR A 270 3.39 -28.25 -16.54
N ASN A 271 3.47 -29.27 -17.37
CA ASN A 271 3.90 -29.14 -18.77
C ASN A 271 2.74 -28.62 -19.61
N GLU A 272 2.93 -28.60 -20.93
CA GLU A 272 1.89 -28.08 -21.82
C GLU A 272 0.65 -28.97 -21.83
N ASN A 273 0.82 -30.28 -21.66
CA ASN A 273 -0.30 -31.21 -21.71
C ASN A 273 -1.03 -31.34 -20.37
N GLY A 274 -0.53 -30.72 -19.32
CA GLY A 274 -1.20 -30.71 -18.04
C GLY A 274 -0.70 -31.71 -17.02
N THR A 275 0.42 -32.38 -17.28
CA THR A 275 0.98 -33.39 -16.40
C THR A 275 2.16 -32.81 -15.63
N ILE A 276 2.37 -33.33 -14.42
CA ILE A 276 3.55 -32.97 -13.64
C ILE A 276 4.73 -33.77 -14.19
N THR A 277 5.81 -33.07 -14.49
CA THR A 277 7.03 -33.66 -15.03
C THR A 277 8.24 -33.53 -14.11
N ASP A 278 8.29 -32.47 -13.30
CA ASP A 278 9.43 -32.27 -12.41
C ASP A 278 8.97 -31.51 -11.17
N ALA A 279 9.75 -31.64 -10.11
CA ALA A 279 9.43 -31.01 -8.84
C ALA A 279 10.72 -30.76 -8.07
N VAL A 280 10.62 -29.88 -7.07
CA VAL A 280 11.73 -29.54 -6.19
C VAL A 280 11.26 -29.71 -4.75
N ASP A 281 12.03 -30.45 -3.97
CA ASP A 281 11.81 -30.61 -2.54
C ASP A 281 12.43 -29.43 -1.83
N CYS A 282 11.61 -28.42 -1.56
CA CYS A 282 12.05 -27.30 -0.76
C CYS A 282 12.47 -27.78 0.62
N ALA A 283 13.52 -27.17 1.16
CA ALA A 283 14.07 -27.53 2.47
C ALA A 283 14.74 -28.90 2.46
N LEU A 284 15.32 -29.30 1.33
CA LEU A 284 16.16 -30.50 1.25
C LEU A 284 17.64 -30.16 1.38
N ASP A 285 18.13 -29.31 0.48
CA ASP A 285 19.51 -28.85 0.46
C ASP A 285 19.47 -27.37 0.08
N PRO A 286 20.58 -26.64 0.30
CA PRO A 286 20.55 -25.20 -0.03
C PRO A 286 20.20 -24.90 -1.47
N LEU A 287 20.65 -25.72 -2.42
CA LEU A 287 20.34 -25.46 -3.83
C LEU A 287 18.84 -25.54 -4.08
N SER A 288 18.18 -26.57 -3.53
CA SER A 288 16.72 -26.64 -3.67
C SER A 288 16.05 -25.49 -2.95
N GLU A 289 16.61 -25.06 -1.82
CA GLU A 289 16.06 -23.92 -1.11
C GLU A 289 16.12 -22.67 -1.98
N THR A 290 17.20 -22.48 -2.73
CA THR A 290 17.30 -21.33 -3.63
C THR A 290 16.33 -21.44 -4.79
N LYS A 291 16.23 -22.63 -5.39
CA LYS A 291 15.24 -22.84 -6.45
C LYS A 291 13.85 -22.52 -5.95
N CYS A 292 13.58 -22.84 -4.69
CA CYS A 292 12.27 -22.68 -4.09
C CYS A 292 11.99 -21.22 -3.74
N THR A 293 13.01 -20.49 -3.27
CA THR A 293 12.84 -19.08 -2.97
C THR A 293 12.70 -18.25 -4.24
N LEU A 294 13.48 -18.56 -5.27
CA LEU A 294 13.40 -17.86 -6.54
C LEU A 294 12.26 -18.34 -7.42
N LYS A 295 11.60 -19.45 -7.07
CA LYS A 295 10.47 -19.98 -7.82
C LYS A 295 10.88 -20.32 -9.26
N SER A 296 11.97 -21.06 -9.39
CA SER A 296 12.42 -21.51 -10.71
C SER A 296 13.25 -22.77 -10.55
N PHE A 297 13.33 -23.53 -11.64
CA PHE A 297 14.11 -24.77 -11.69
C PHE A 297 15.54 -24.55 -12.14
N THR A 298 15.91 -23.34 -12.56
CA THR A 298 17.26 -23.01 -12.99
C THR A 298 17.69 -21.73 -12.29
N VAL A 299 18.88 -21.76 -11.71
CA VAL A 299 19.48 -20.61 -11.06
C VAL A 299 20.79 -20.31 -11.77
N GLU A 300 20.97 -19.05 -12.17
CA GLU A 300 22.20 -18.66 -12.83
C GLU A 300 23.31 -18.46 -11.79
N LYS A 301 24.52 -18.27 -12.29
CA LYS A 301 25.67 -18.07 -11.42
C LYS A 301 25.47 -16.88 -10.50
N GLY A 302 25.73 -17.07 -9.22
CA GLY A 302 25.66 -15.96 -8.29
C GLY A 302 25.50 -16.44 -6.86
N ILE A 303 25.25 -15.46 -5.99
CA ILE A 303 24.98 -15.67 -4.57
C ILE A 303 23.58 -15.15 -4.28
N TYR A 304 22.81 -15.94 -3.53
CA TYR A 304 21.41 -15.65 -3.28
C TYR A 304 21.14 -15.70 -1.78
N GLN A 305 20.43 -14.68 -1.28
CA GLN A 305 19.85 -14.76 0.06
C GLN A 305 18.63 -15.68 0.01
N THR A 306 18.58 -16.62 0.94
CA THR A 306 17.55 -17.66 0.96
C THR A 306 16.77 -17.59 2.26
N SER A 307 15.48 -17.89 2.17
CA SER A 307 14.57 -17.77 3.31
C SER A 307 14.76 -18.97 4.24
N ASN A 308 13.91 -19.08 5.25
CA ASN A 308 14.06 -20.06 6.34
C ASN A 308 12.96 -21.10 6.20
N PHE A 309 13.29 -22.21 5.55
CA PHE A 309 12.47 -23.41 5.46
C PHE A 309 13.19 -24.64 5.98
N ARG A 310 14.46 -24.51 6.38
CA ARG A 310 15.32 -25.66 6.62
C ARG A 310 14.93 -26.40 7.89
N VAL A 311 14.64 -25.68 8.99
CA VAL A 311 14.30 -26.26 10.28
C VAL A 311 12.79 -26.35 10.41
N GLN A 312 12.31 -27.45 10.97
CA GLN A 312 10.90 -27.68 11.27
C GLN A 312 10.77 -28.24 12.68
N PRO A 313 9.66 -27.98 13.37
CA PRO A 313 9.51 -28.49 14.73
C PRO A 313 9.28 -29.99 14.75
N THR A 314 9.57 -30.59 15.90
CA THR A 314 9.45 -32.04 16.08
C THR A 314 8.81 -32.46 17.39
N GLU A 315 8.63 -31.57 18.37
CA GLU A 315 8.06 -31.94 19.65
C GLU A 315 7.33 -30.74 20.24
N SER A 316 6.50 -31.01 21.25
CA SER A 316 5.69 -29.99 21.91
C SER A 316 5.88 -30.07 23.41
N ILE A 317 5.81 -28.91 24.06
CA ILE A 317 6.01 -28.77 25.49
C ILE A 317 4.80 -28.05 26.07
N VAL A 318 4.34 -28.52 27.23
CA VAL A 318 3.26 -27.89 27.99
C VAL A 318 3.79 -27.58 29.37
N ARG A 319 3.52 -26.37 29.87
CA ARG A 319 4.03 -25.90 31.16
C ARG A 319 2.91 -25.10 31.81
N PHE A 320 2.12 -25.77 32.66
CA PHE A 320 0.99 -25.20 33.36
C PHE A 320 1.25 -25.24 34.85
N PRO A 321 0.59 -24.38 35.64
CA PRO A 321 0.68 -24.54 37.10
C PRO A 321 0.13 -25.89 37.54
N ASN A 322 0.72 -26.43 38.59
CA ASN A 322 0.30 -27.72 39.14
C ASN A 322 -0.73 -27.44 40.24
N ILE A 323 -1.99 -27.43 39.84
CA ILE A 323 -3.13 -27.24 40.74
C ILE A 323 -4.03 -28.46 40.59
N THR A 324 -4.46 -29.02 41.73
CA THR A 324 -5.26 -30.24 41.74
C THR A 324 -6.70 -30.01 42.18
N ASN A 325 -7.02 -28.88 42.78
CA ASN A 325 -8.36 -28.62 43.27
C ASN A 325 -9.31 -28.46 42.09
N LEU A 326 -10.25 -29.39 41.93
CA LEU A 326 -11.26 -29.25 40.90
C LEU A 326 -12.11 -28.02 41.17
N CYS A 327 -12.57 -27.40 40.11
CA CYS A 327 -13.13 -26.06 40.19
C CYS A 327 -14.59 -26.16 40.61
N PRO A 328 -15.12 -25.20 41.41
CA PRO A 328 -16.50 -25.36 41.89
C PRO A 328 -17.54 -25.22 40.79
N PHE A 329 -17.71 -26.27 40.00
CA PHE A 329 -18.79 -26.30 39.04
C PHE A 329 -20.13 -26.55 39.73
N GLY A 330 -20.13 -27.35 40.78
CA GLY A 330 -21.36 -27.70 41.47
C GLY A 330 -21.92 -26.62 42.34
N GLU A 331 -21.20 -25.52 42.53
CA GLU A 331 -21.66 -24.42 43.38
C GLU A 331 -22.28 -23.29 42.58
N VAL A 332 -21.96 -23.16 41.30
CA VAL A 332 -22.51 -22.10 40.44
C VAL A 332 -23.63 -22.69 39.58
N PHE A 333 -23.47 -23.94 39.16
CA PHE A 333 -24.48 -24.61 38.34
C PHE A 333 -25.49 -25.38 39.19
N ASN A 334 -25.01 -26.20 40.13
CA ASN A 334 -25.87 -26.94 41.06
C ASN A 334 -26.08 -26.13 42.35
N ALA A 335 -26.56 -24.90 42.18
CA ALA A 335 -26.93 -24.06 43.30
C ALA A 335 -28.43 -24.19 43.57
N THR A 336 -28.77 -24.37 44.85
CA THR A 336 -30.17 -24.52 45.22
C THR A 336 -31.00 -23.32 44.79
N ARG A 337 -30.43 -22.13 44.89
CA ARG A 337 -31.15 -20.89 44.60
C ARG A 337 -30.23 -19.92 43.86
N PHE A 338 -30.75 -19.33 42.80
CA PHE A 338 -30.07 -18.29 42.04
C PHE A 338 -30.55 -16.93 42.52
N ALA A 339 -29.89 -15.88 42.04
CA ALA A 339 -30.19 -14.51 42.42
C ALA A 339 -31.13 -13.87 41.41
N SER A 340 -31.90 -12.91 41.89
CA SER A 340 -32.72 -12.10 41.00
C SER A 340 -31.83 -11.30 40.07
N VAL A 341 -32.32 -11.05 38.86
CA VAL A 341 -31.47 -10.45 37.83
C VAL A 341 -31.05 -9.04 38.23
N TYR A 342 -31.89 -8.31 38.96
CA TYR A 342 -31.52 -6.96 39.34
C TYR A 342 -30.39 -6.96 40.37
N ALA A 343 -30.45 -7.86 41.35
CA ALA A 343 -29.36 -8.10 42.30
C ALA A 343 -28.59 -9.35 41.89
N TRP A 344 -28.00 -9.30 40.71
CA TRP A 344 -27.35 -10.47 40.14
C TRP A 344 -26.10 -10.82 40.95
N ASN A 345 -25.96 -12.09 41.30
CA ASN A 345 -24.85 -12.51 42.13
C ASN A 345 -23.57 -12.54 41.31
N ARG A 346 -22.44 -12.29 41.97
CA ARG A 346 -21.13 -12.36 41.34
C ARG A 346 -20.18 -13.10 42.27
N LYS A 347 -19.48 -14.10 41.71
CA LYS A 347 -18.63 -14.99 42.49
C LYS A 347 -17.23 -14.98 41.89
N ARG A 348 -16.24 -14.71 42.72
CA ARG A 348 -14.84 -14.83 42.31
C ARG A 348 -14.48 -16.30 42.22
N ILE A 349 -13.68 -16.65 41.21
CA ILE A 349 -13.23 -18.02 41.00
C ILE A 349 -11.72 -18.01 40.84
N SER A 350 -11.04 -18.86 41.60
CA SER A 350 -9.58 -18.90 41.57
C SER A 350 -9.13 -20.27 42.03
N ASN A 351 -7.90 -20.63 41.66
CA ASN A 351 -7.28 -21.90 42.05
C ASN A 351 -8.15 -23.08 41.60
N CYS A 352 -8.28 -23.20 40.29
CA CYS A 352 -9.18 -24.13 39.64
C CYS A 352 -8.44 -25.01 38.66
N VAL A 353 -9.13 -26.05 38.22
CA VAL A 353 -8.77 -26.81 37.03
C VAL A 353 -10.07 -26.94 36.26
N ALA A 354 -10.30 -26.05 35.30
CA ALA A 354 -11.58 -25.99 34.61
C ALA A 354 -11.73 -27.14 33.63
N ASP A 355 -11.84 -28.36 34.15
CA ASP A 355 -12.02 -29.52 33.28
C ASP A 355 -13.35 -29.45 32.54
N TYR A 356 -14.42 -29.13 33.24
CA TYR A 356 -15.77 -28.90 32.73
C TYR A 356 -16.34 -30.08 31.94
N SER A 357 -15.71 -31.25 31.97
CA SER A 357 -16.34 -32.45 31.44
C SER A 357 -17.30 -33.06 32.44
N VAL A 358 -17.21 -32.67 33.71
CA VAL A 358 -18.15 -33.15 34.72
C VAL A 358 -19.55 -32.66 34.39
N LEU A 359 -19.68 -31.49 33.79
CA LEU A 359 -20.98 -30.96 33.43
C LEU A 359 -21.66 -31.77 32.33
N TYR A 360 -20.89 -32.54 31.55
CA TYR A 360 -21.49 -33.34 30.48
C TYR A 360 -22.46 -34.36 31.03
N ASN A 361 -22.20 -34.89 32.22
CA ASN A 361 -22.98 -36.00 32.73
C ASN A 361 -24.43 -35.61 32.97
N SER A 362 -24.67 -34.42 33.52
CA SER A 362 -25.99 -34.00 33.97
C SER A 362 -26.48 -32.72 33.32
N ALA A 363 -25.62 -31.72 33.14
CA ALA A 363 -26.05 -30.39 32.74
C ALA A 363 -26.14 -30.30 31.22
N SER A 364 -27.26 -29.77 30.73
CA SER A 364 -27.46 -29.47 29.32
C SER A 364 -27.85 -28.00 29.21
N PHE A 365 -27.17 -27.28 28.33
CA PHE A 365 -27.30 -25.83 28.22
C PHE A 365 -27.98 -25.47 26.91
N SER A 366 -29.06 -24.70 27.00
CA SER A 366 -29.74 -24.25 25.80
C SER A 366 -28.87 -23.34 24.97
N THR A 367 -28.16 -22.40 25.61
CA THR A 367 -27.25 -21.50 24.92
C THR A 367 -25.90 -21.53 25.61
N PHE A 368 -24.85 -21.55 24.81
CA PHE A 368 -23.47 -21.49 25.29
C PHE A 368 -22.68 -20.75 24.21
N LYS A 369 -22.56 -19.44 24.38
CA LYS A 369 -21.91 -18.57 23.39
C LYS A 369 -20.69 -17.93 24.02
N CYS A 370 -19.53 -18.07 23.36
CA CYS A 370 -18.29 -17.50 23.87
C CYS A 370 -17.72 -16.45 22.94
N TYR A 371 -17.31 -15.34 23.57
CA TYR A 371 -16.85 -14.13 22.89
C TYR A 371 -15.44 -13.81 23.33
N GLY A 372 -14.56 -13.56 22.35
CA GLY A 372 -13.16 -13.39 22.59
C GLY A 372 -12.36 -14.67 22.64
N VAL A 373 -13.01 -15.83 22.60
CA VAL A 373 -12.36 -17.12 22.72
C VAL A 373 -13.07 -18.09 21.79
N SER A 374 -12.31 -18.95 21.13
CA SER A 374 -12.92 -20.07 20.43
C SER A 374 -13.27 -21.16 21.42
N PRO A 375 -14.49 -21.73 21.38
CA PRO A 375 -14.83 -22.76 22.37
C PRO A 375 -13.90 -23.96 22.36
N THR A 376 -13.34 -24.31 21.21
CA THR A 376 -12.46 -25.48 21.14
C THR A 376 -11.17 -25.27 21.94
N LYS A 377 -10.75 -24.02 22.13
CA LYS A 377 -9.49 -23.73 22.81
C LYS A 377 -9.63 -23.56 24.31
N LEU A 378 -10.83 -23.75 24.88
CA LEU A 378 -11.00 -23.60 26.32
C LEU A 378 -10.25 -24.64 27.12
N ASN A 379 -9.87 -25.77 26.50
CA ASN A 379 -9.06 -26.77 27.19
C ASN A 379 -7.58 -26.46 27.19
N ASP A 380 -7.13 -25.49 26.39
CA ASP A 380 -5.71 -25.17 26.21
C ASP A 380 -5.41 -23.75 26.63
N LEU A 381 -5.99 -23.31 27.75
CA LEU A 381 -5.86 -21.92 28.19
C LEU A 381 -5.92 -21.85 29.70
N CYS A 382 -5.39 -20.76 30.23
CA CYS A 382 -5.47 -20.42 31.65
C CYS A 382 -6.04 -19.02 31.76
N PHE A 383 -7.02 -18.85 32.65
CA PHE A 383 -7.82 -17.64 32.76
C PHE A 383 -7.44 -16.91 34.04
N THR A 384 -7.22 -15.60 33.93
CA THR A 384 -6.61 -14.87 35.04
C THR A 384 -7.64 -14.45 36.08
N ASN A 385 -8.59 -13.61 35.68
CA ASN A 385 -9.51 -12.94 36.61
C ASN A 385 -10.91 -13.43 36.29
N VAL A 386 -11.31 -14.55 36.90
CA VAL A 386 -12.52 -15.26 36.54
C VAL A 386 -13.63 -14.89 37.51
N TYR A 387 -14.74 -14.38 36.96
CA TYR A 387 -15.92 -14.05 37.73
C TYR A 387 -17.13 -14.72 37.10
N ALA A 388 -17.95 -15.35 37.92
CA ALA A 388 -19.19 -15.97 37.49
C ALA A 388 -20.34 -15.10 37.96
N ASP A 389 -21.04 -14.48 37.02
CA ASP A 389 -22.19 -13.62 37.28
C ASP A 389 -23.44 -14.45 37.04
N SER A 390 -24.19 -14.72 38.10
CA SER A 390 -25.28 -15.68 38.09
C SER A 390 -26.60 -15.00 38.35
N PHE A 391 -27.65 -15.42 37.64
CA PHE A 391 -28.99 -14.90 37.86
C PHE A 391 -30.01 -15.76 37.10
N VAL A 392 -31.28 -15.34 37.15
CA VAL A 392 -32.39 -16.02 36.51
C VAL A 392 -33.21 -14.98 35.75
N ILE A 393 -33.65 -15.35 34.54
CA ILE A 393 -34.51 -14.51 33.71
C ILE A 393 -35.54 -15.40 33.06
N ARG A 394 -36.36 -14.86 32.17
CA ARG A 394 -37.23 -15.68 31.34
C ARG A 394 -36.52 -16.04 30.04
N GLY A 395 -37.10 -17.00 29.31
CA GLY A 395 -36.45 -17.49 28.10
C GLY A 395 -36.33 -16.42 27.03
N ASP A 396 -37.39 -15.66 26.80
CA ASP A 396 -37.40 -14.66 25.73
C ASP A 396 -36.32 -13.61 25.90
N GLU A 397 -35.83 -13.40 27.12
CA GLU A 397 -34.82 -12.41 27.41
C GLU A 397 -33.40 -12.96 27.38
N VAL A 398 -33.22 -14.25 27.13
CA VAL A 398 -31.87 -14.82 27.12
C VAL A 398 -31.05 -14.21 25.99
N ARG A 399 -31.70 -13.87 24.88
CA ARG A 399 -30.98 -13.20 23.80
C ARG A 399 -30.41 -11.86 24.24
N GLN A 400 -31.00 -11.22 25.24
CA GLN A 400 -30.49 -9.93 25.71
C GLN A 400 -29.18 -10.03 26.47
N ILE A 401 -28.76 -11.22 26.87
CA ILE A 401 -27.49 -11.37 27.60
C ILE A 401 -26.41 -11.50 26.55
N ALA A 402 -25.99 -10.36 26.01
CA ALA A 402 -24.96 -10.30 24.99
C ALA A 402 -24.55 -8.83 24.83
N PRO A 403 -23.33 -8.57 24.34
CA PRO A 403 -22.93 -7.18 24.14
C PRO A 403 -23.78 -6.49 23.09
N GLY A 404 -23.99 -5.19 23.28
CA GLY A 404 -24.70 -4.41 22.29
C GLY A 404 -26.14 -4.81 22.10
N GLN A 405 -26.85 -5.10 23.20
CA GLN A 405 -28.26 -5.44 23.17
C GLN A 405 -29.05 -4.39 23.93
N THR A 406 -30.37 -4.44 23.77
CA THR A 406 -31.26 -3.52 24.45
C THR A 406 -32.53 -4.26 24.88
N GLY A 407 -33.19 -3.71 25.88
CA GLY A 407 -34.35 -4.33 26.47
C GLY A 407 -34.38 -4.02 27.95
N LYS A 408 -35.29 -4.67 28.66
CA LYS A 408 -35.32 -4.54 30.12
C LYS A 408 -34.00 -4.98 30.72
N ILE A 409 -33.56 -6.19 30.36
CA ILE A 409 -32.41 -6.78 31.03
C ILE A 409 -31.13 -6.05 30.64
N ALA A 410 -30.99 -5.74 29.37
CA ALA A 410 -29.74 -5.17 28.87
C ALA A 410 -29.64 -3.67 29.10
N ASP A 411 -30.65 -3.03 29.69
CA ASP A 411 -30.63 -1.60 29.98
C ASP A 411 -30.75 -1.29 31.46
N TYR A 412 -31.60 -2.03 32.19
CA TYR A 412 -31.94 -1.68 33.57
C TYR A 412 -31.46 -2.68 34.60
N ASN A 413 -31.13 -3.91 34.20
CA ASN A 413 -30.80 -4.97 35.17
C ASN A 413 -29.37 -5.47 35.02
N TYR A 414 -28.96 -5.88 33.83
CA TYR A 414 -27.64 -6.47 33.64
C TYR A 414 -27.10 -6.06 32.27
N LYS A 415 -25.99 -5.34 32.27
CA LYS A 415 -25.35 -4.83 31.07
C LYS A 415 -24.00 -5.50 30.89
N LEU A 416 -23.67 -5.87 29.65
CA LEU A 416 -22.39 -6.46 29.31
C LEU A 416 -21.55 -5.48 28.49
N PRO A 417 -20.23 -5.44 28.64
CA PRO A 417 -19.41 -4.63 27.74
C PRO A 417 -19.28 -5.31 26.39
N CYS A 418 -18.75 -4.55 25.43
CA CYS A 418 -18.26 -5.11 24.18
C CYS A 418 -16.76 -5.34 24.15
N ASP A 419 -16.02 -4.80 25.11
CA ASP A 419 -14.68 -5.30 25.37
C ASP A 419 -14.76 -6.50 26.29
N PHE A 420 -15.60 -7.48 25.94
CA PHE A 420 -16.03 -8.54 26.83
C PHE A 420 -15.43 -9.85 26.34
N THR A 421 -14.33 -10.24 26.96
CA THR A 421 -13.79 -11.58 26.79
C THR A 421 -14.38 -12.45 27.89
N GLY A 422 -14.97 -13.55 27.50
CA GLY A 422 -15.68 -14.39 28.43
C GLY A 422 -16.83 -15.05 27.70
N CYS A 423 -17.68 -15.74 28.45
CA CYS A 423 -18.80 -16.37 27.78
C CYS A 423 -19.99 -16.69 28.65
N VAL A 424 -21.11 -16.92 27.97
CA VAL A 424 -22.45 -16.88 28.52
C VAL A 424 -23.06 -18.25 28.37
N ILE A 425 -23.67 -18.74 29.45
CA ILE A 425 -24.31 -20.05 29.50
C ILE A 425 -25.71 -19.81 30.03
N ALA A 426 -26.69 -20.44 29.39
CA ALA A 426 -28.08 -20.32 29.83
C ALA A 426 -28.77 -21.64 29.60
N TRP A 427 -29.53 -22.09 30.59
CA TRP A 427 -30.27 -23.33 30.49
C TRP A 427 -31.64 -23.18 31.12
N ASN A 428 -32.62 -23.88 30.55
CA ASN A 428 -33.98 -23.82 31.04
C ASN A 428 -34.04 -24.39 32.44
N SER A 429 -34.72 -23.68 33.34
CA SER A 429 -34.82 -24.06 34.74
C SER A 429 -36.27 -24.24 35.17
N ASN A 430 -37.14 -24.67 34.26
CA ASN A 430 -38.48 -25.02 34.66
C ASN A 430 -38.43 -26.23 35.57
N ASN A 431 -39.51 -26.42 36.33
CA ASN A 431 -39.64 -27.44 37.40
C ASN A 431 -38.48 -27.41 38.41
N LEU A 432 -37.75 -26.30 38.49
CA LEU A 432 -36.73 -26.05 39.49
C LEU A 432 -36.88 -24.68 40.12
N ASP A 433 -37.28 -23.67 39.33
CA ASP A 433 -37.55 -22.33 39.81
C ASP A 433 -39.00 -21.91 39.57
N SER A 434 -39.86 -22.82 39.11
CA SER A 434 -41.26 -22.55 38.87
C SER A 434 -42.10 -23.52 39.68
N LYS A 435 -43.08 -23.00 40.40
CA LYS A 435 -43.95 -23.79 41.26
C LYS A 435 -45.41 -23.45 40.95
N VAL A 436 -46.30 -24.35 41.36
CA VAL A 436 -47.72 -24.14 41.12
C VAL A 436 -48.19 -22.92 41.90
N GLY A 437 -49.07 -22.14 41.28
CA GLY A 437 -49.52 -20.88 41.86
C GLY A 437 -48.62 -19.70 41.58
N GLY A 438 -47.54 -19.88 40.83
CA GLY A 438 -46.67 -18.78 40.47
C GLY A 438 -45.55 -18.56 41.47
N ASN A 439 -44.31 -18.53 40.97
CA ASN A 439 -43.15 -18.22 41.80
C ASN A 439 -42.81 -16.75 41.63
N TYR A 440 -42.85 -16.00 42.73
CA TYR A 440 -42.64 -14.56 42.73
C TYR A 440 -41.40 -14.15 43.53
N ASN A 441 -40.50 -15.10 43.79
CA ASN A 441 -39.25 -14.76 44.47
C ASN A 441 -38.27 -14.04 43.56
N TYR A 442 -38.43 -14.15 42.25
CA TYR A 442 -37.52 -13.57 41.28
C TYR A 442 -38.09 -12.25 40.77
N LEU A 443 -37.28 -11.20 40.83
CA LEU A 443 -37.69 -9.85 40.49
C LEU A 443 -36.80 -9.30 39.39
N TYR A 444 -37.29 -8.24 38.74
CA TYR A 444 -36.51 -7.54 37.73
C TYR A 444 -36.92 -6.08 37.73
N ARG A 445 -35.94 -5.21 37.46
CA ARG A 445 -36.21 -3.78 37.44
C ARG A 445 -36.85 -3.41 36.10
N LEU A 446 -37.94 -2.66 36.18
CA LEU A 446 -38.74 -2.30 35.02
C LEU A 446 -38.60 -0.85 34.59
N PHE A 447 -38.39 0.07 35.54
CA PHE A 447 -38.23 1.48 35.25
C PHE A 447 -36.92 1.96 35.85
N ARG A 448 -36.19 2.77 35.08
CA ARG A 448 -34.98 3.39 35.58
C ARG A 448 -34.78 4.72 34.87
N LYS A 449 -34.10 5.64 35.55
CA LYS A 449 -33.87 6.97 34.99
C LYS A 449 -33.03 6.88 33.73
N SER A 450 -31.99 6.03 33.73
CA SER A 450 -31.09 5.91 32.60
C SER A 450 -30.52 4.51 32.56
N ASN A 451 -29.89 4.18 31.44
CA ASN A 451 -29.35 2.85 31.23
C ASN A 451 -28.17 2.60 32.15
N LEU A 452 -27.91 1.33 32.41
CA LEU A 452 -26.82 0.93 33.27
C LEU A 452 -25.49 0.99 32.53
N LYS A 453 -24.42 1.20 33.28
CA LYS A 453 -23.08 0.96 32.76
C LYS A 453 -22.80 -0.54 32.78
N PRO A 454 -21.82 -1.00 32.02
CA PRO A 454 -21.52 -2.44 32.00
C PRO A 454 -21.12 -2.96 33.38
N PHE A 455 -21.62 -4.15 33.71
CA PHE A 455 -21.32 -4.82 34.98
C PHE A 455 -21.63 -3.93 36.17
N GLU A 456 -22.70 -3.14 36.06
CA GLU A 456 -23.16 -2.26 37.12
C GLU A 456 -24.42 -2.87 37.74
N ARG A 457 -24.51 -2.77 39.06
CA ARG A 457 -25.61 -3.32 39.83
C ARG A 457 -26.40 -2.19 40.47
N ASP A 458 -27.72 -2.34 40.53
CA ASP A 458 -28.61 -1.33 41.07
C ASP A 458 -29.70 -2.05 41.86
N ILE A 459 -29.54 -2.10 43.18
CA ILE A 459 -30.51 -2.74 44.07
C ILE A 459 -31.41 -1.73 44.77
N SER A 460 -31.34 -0.46 44.38
CA SER A 460 -32.18 0.56 45.01
C SER A 460 -33.65 0.31 44.67
N THR A 461 -34.53 0.56 45.64
CA THR A 461 -35.97 0.37 45.50
C THR A 461 -36.73 1.68 45.57
N GLU A 462 -36.08 2.80 45.27
CA GLU A 462 -36.74 4.09 45.34
C GLU A 462 -37.82 4.19 44.28
N ILE A 463 -38.88 4.93 44.60
CA ILE A 463 -40.04 5.03 43.72
C ILE A 463 -39.66 5.82 42.47
N TYR A 464 -40.08 5.32 41.32
CA TYR A 464 -39.76 5.93 40.04
C TYR A 464 -40.81 6.97 39.67
N GLN A 465 -40.38 8.23 39.56
CA GLN A 465 -41.26 9.31 39.15
C GLN A 465 -41.37 9.30 37.63
N ALA A 466 -42.51 8.82 37.12
CA ALA A 466 -42.69 8.73 35.68
C ALA A 466 -43.16 10.05 35.08
N GLY A 467 -44.02 10.78 35.77
CA GLY A 467 -44.57 12.01 35.25
C GLY A 467 -43.82 13.25 35.65
N SER A 468 -44.56 14.30 36.05
CA SER A 468 -44.00 15.60 36.38
C SER A 468 -43.92 15.84 37.89
N THR A 469 -45.00 15.57 38.61
CA THR A 469 -45.02 15.90 40.03
C THR A 469 -44.15 14.90 40.81
N PRO A 470 -43.34 15.35 41.76
CA PRO A 470 -42.71 14.37 42.67
C PRO A 470 -43.71 13.80 43.65
N CYS A 471 -43.80 12.48 43.69
CA CYS A 471 -44.73 11.77 44.56
C CYS A 471 -44.14 11.45 45.93
N ASN A 472 -42.88 11.82 46.19
CA ASN A 472 -42.32 11.81 47.54
C ASN A 472 -42.25 10.41 48.14
N GLY A 473 -41.77 9.46 47.34
CA GLY A 473 -41.42 8.16 47.87
C GLY A 473 -42.58 7.28 48.31
N VAL A 474 -43.78 7.52 47.80
CA VAL A 474 -44.93 6.66 48.06
C VAL A 474 -45.60 6.35 46.73
N GLU A 475 -46.05 5.11 46.58
CA GLU A 475 -46.68 4.69 45.33
C GLU A 475 -47.97 5.46 45.11
N GLY A 476 -48.26 5.76 43.85
CA GLY A 476 -49.46 6.50 43.51
C GLY A 476 -49.59 6.60 42.01
N PHE A 477 -50.51 7.47 41.57
CA PHE A 477 -50.70 7.67 40.15
C PHE A 477 -49.46 8.32 39.56
N ASN A 478 -49.01 7.79 38.41
CA ASN A 478 -47.82 8.24 37.69
C ASN A 478 -46.52 7.98 38.45
N CYS A 479 -46.56 7.20 39.52
CA CYS A 479 -45.37 6.67 40.18
C CYS A 479 -45.52 5.16 40.33
N TYR A 480 -44.43 4.44 40.05
CA TYR A 480 -44.44 2.98 40.05
C TYR A 480 -43.29 2.47 40.89
N PHE A 481 -43.50 1.30 41.48
CA PHE A 481 -42.41 0.58 42.13
C PHE A 481 -41.51 -0.01 41.06
N PRO A 482 -40.21 0.33 41.01
CA PRO A 482 -39.41 -0.06 39.84
C PRO A 482 -39.23 -1.56 39.67
N LEU A 483 -39.39 -2.36 40.73
CA LEU A 483 -39.18 -3.80 40.66
C LEU A 483 -40.51 -4.49 40.42
N GLN A 484 -40.55 -5.36 39.42
CA GLN A 484 -41.71 -6.19 39.12
C GLN A 484 -41.29 -7.65 39.31
N SER A 485 -42.29 -8.51 39.46
CA SER A 485 -42.07 -9.91 39.79
C SER A 485 -42.39 -10.80 38.59
N TYR A 486 -41.44 -11.68 38.26
CA TYR A 486 -41.71 -12.71 37.28
C TYR A 486 -42.75 -13.68 37.82
N GLY A 487 -43.73 -14.03 36.99
CA GLY A 487 -44.67 -15.08 37.32
C GLY A 487 -44.32 -16.36 36.59
N PHE A 488 -43.68 -17.30 37.29
CA PHE A 488 -43.16 -18.53 36.69
C PHE A 488 -44.06 -19.68 37.09
N GLN A 489 -45.14 -19.87 36.33
CA GLN A 489 -45.94 -21.07 36.47
C GLN A 489 -45.25 -22.23 35.75
N PRO A 490 -45.53 -23.47 36.16
CA PRO A 490 -44.92 -24.62 35.47
C PRO A 490 -45.62 -25.03 34.18
N THR A 491 -46.59 -24.23 33.70
CA THR A 491 -47.38 -24.55 32.52
C THR A 491 -47.42 -23.44 31.49
N ASN A 492 -46.70 -22.34 31.69
CA ASN A 492 -46.76 -21.22 30.75
C ASN A 492 -45.83 -21.51 29.57
N GLY A 493 -45.86 -20.62 28.58
CA GLY A 493 -45.12 -20.85 27.35
C GLY A 493 -43.62 -20.89 27.57
N VAL A 494 -42.92 -21.48 26.60
CA VAL A 494 -41.48 -21.69 26.74
C VAL A 494 -40.75 -20.36 26.84
N GLY A 495 -41.28 -19.32 26.19
CA GLY A 495 -40.67 -18.01 26.30
C GLY A 495 -40.82 -17.39 27.67
N TYR A 496 -41.84 -17.80 28.42
CA TYR A 496 -42.05 -17.33 29.78
C TYR A 496 -41.45 -18.25 30.84
N GLN A 497 -40.91 -19.39 30.46
CA GLN A 497 -40.33 -20.30 31.43
C GLN A 497 -39.02 -19.72 31.98
N PRO A 498 -38.65 -20.05 33.22
CA PRO A 498 -37.42 -19.49 33.78
C PRO A 498 -36.17 -20.16 33.22
N TYR A 499 -35.16 -19.33 32.96
CA TYR A 499 -33.86 -19.75 32.48
C TYR A 499 -32.81 -19.25 33.45
N ARG A 500 -31.94 -20.17 33.88
CA ARG A 500 -30.80 -19.84 34.73
C ARG A 500 -29.62 -19.48 33.84
N VAL A 501 -28.94 -18.39 34.17
CA VAL A 501 -27.88 -17.84 33.35
C VAL A 501 -26.66 -17.61 34.22
N VAL A 502 -25.49 -17.97 33.69
CA VAL A 502 -24.21 -17.62 34.28
C VAL A 502 -23.32 -17.05 33.20
N VAL A 503 -22.61 -15.98 33.54
CA VAL A 503 -21.70 -15.29 32.64
C VAL A 503 -20.32 -15.37 33.26
N LEU A 504 -19.40 -16.06 32.59
CA LEU A 504 -18.04 -16.24 33.08
C LEU A 504 -17.16 -15.22 32.37
N SER A 505 -16.72 -14.21 33.10
CA SER A 505 -15.91 -13.13 32.56
C SER A 505 -14.47 -13.34 32.99
N PHE A 506 -13.56 -13.22 32.04
CA PHE A 506 -12.13 -13.41 32.29
C PHE A 506 -11.34 -12.72 31.20
N GLU A 507 -10.03 -12.64 31.40
CA GLU A 507 -9.10 -12.18 30.38
C GLU A 507 -7.97 -13.19 30.27
N LEU A 508 -7.27 -13.16 29.14
CA LEU A 508 -6.33 -14.20 28.75
C LEU A 508 -4.99 -13.61 28.38
N LEU A 509 -3.93 -14.30 28.81
CA LEU A 509 -2.56 -14.06 28.33
C LEU A 509 -2.11 -12.61 28.58
N HIS A 510 -2.51 -12.06 29.73
CA HIS A 510 -2.11 -10.71 30.11
C HIS A 510 -1.69 -10.58 31.57
N ALA A 511 -1.86 -11.59 32.41
CA ALA A 511 -1.56 -11.47 33.83
C ALA A 511 -1.41 -12.88 34.39
N PRO A 512 -0.93 -13.02 35.63
CA PRO A 512 -0.83 -14.37 36.22
C PRO A 512 -2.18 -15.05 36.27
N ALA A 513 -2.17 -16.37 36.07
CA ALA A 513 -3.38 -17.16 35.96
C ALA A 513 -3.37 -18.27 37.00
N THR A 514 -4.51 -18.45 37.66
CA THR A 514 -4.72 -19.52 38.62
C THR A 514 -5.76 -20.54 38.16
N VAL A 515 -6.72 -20.14 37.34
CA VAL A 515 -7.70 -21.04 36.76
C VAL A 515 -7.08 -21.61 35.49
N CYS A 516 -6.79 -22.91 35.49
CA CYS A 516 -6.09 -23.58 34.41
C CYS A 516 -7.00 -24.61 33.75
N GLY A 517 -6.64 -24.97 32.52
CA GLY A 517 -7.33 -26.01 31.81
C GLY A 517 -6.87 -27.38 32.27
N PRO A 518 -7.53 -28.42 31.75
CA PRO A 518 -7.23 -29.80 32.17
C PRO A 518 -6.09 -30.44 31.37
N LYS A 519 -4.95 -29.77 31.30
CA LYS A 519 -3.76 -30.28 30.63
C LYS A 519 -2.72 -30.71 31.65
N LYS A 520 -1.80 -31.56 31.20
CA LYS A 520 -0.72 -32.09 32.02
C LYS A 520 0.60 -31.55 31.51
N SER A 521 1.37 -30.94 32.41
CA SER A 521 2.61 -30.29 32.04
C SER A 521 3.63 -31.33 31.60
N THR A 522 4.75 -30.83 31.07
CA THR A 522 5.83 -31.67 30.57
C THR A 522 7.17 -31.09 31.02
N ASN A 523 8.17 -31.95 31.09
CA ASN A 523 9.50 -31.50 31.51
C ASN A 523 10.05 -30.50 30.51
N LEU A 524 10.92 -29.63 30.99
CA LEU A 524 11.38 -28.49 30.21
C LEU A 524 12.58 -28.90 29.35
N VAL A 525 12.47 -28.67 28.05
CA VAL A 525 13.54 -28.90 27.09
C VAL A 525 14.01 -27.53 26.61
N LYS A 526 15.22 -27.15 26.98
CA LYS A 526 15.79 -25.85 26.65
C LYS A 526 16.78 -25.99 25.50
N ASN A 527 16.99 -24.87 24.80
CA ASN A 527 17.93 -24.79 23.68
C ASN A 527 17.59 -25.80 22.59
N LYS A 528 16.40 -25.63 22.02
CA LYS A 528 15.93 -26.49 20.94
C LYS A 528 14.70 -25.84 20.31
N CYS A 529 14.57 -25.95 18.99
CA CYS A 529 13.37 -25.46 18.32
C CYS A 529 12.20 -26.33 18.75
N VAL A 530 11.33 -25.79 19.60
CA VAL A 530 10.26 -26.56 20.22
C VAL A 530 9.00 -25.71 20.32
N ASN A 531 7.85 -26.39 20.24
CA ASN A 531 6.56 -25.77 20.48
C ASN A 531 6.27 -25.76 21.98
N PHE A 532 6.03 -24.58 22.52
CA PHE A 532 5.79 -24.39 23.95
C PHE A 532 4.38 -23.87 24.17
N ASN A 533 3.92 -24.04 25.41
CA ASN A 533 2.60 -23.58 25.82
C ASN A 533 2.70 -23.19 27.30
N PHE A 534 2.89 -21.90 27.55
CA PHE A 534 3.01 -21.36 28.91
C PHE A 534 1.70 -20.68 29.28
N ASN A 535 0.96 -21.29 30.19
CA ASN A 535 -0.29 -20.74 30.72
C ASN A 535 -1.26 -20.39 29.60
N GLY A 536 -1.26 -21.23 28.56
CA GLY A 536 -2.13 -21.04 27.43
C GLY A 536 -1.53 -20.26 26.29
N LEU A 537 -0.46 -19.50 26.54
CA LEU A 537 0.25 -18.81 25.48
C LEU A 537 1.07 -19.86 24.74
N THR A 538 0.57 -20.28 23.57
CA THR A 538 1.31 -21.21 22.75
C THR A 538 2.38 -20.49 21.95
N GLY A 539 3.19 -21.25 21.25
CA GLY A 539 4.20 -20.67 20.41
C GLY A 539 5.23 -21.70 20.03
N THR A 540 6.25 -21.24 19.31
CA THR A 540 7.36 -22.09 18.94
C THR A 540 8.64 -21.26 18.92
N GLY A 541 9.72 -21.86 19.39
CA GLY A 541 10.99 -21.14 19.47
C GLY A 541 11.99 -21.87 20.34
N VAL A 542 12.91 -21.09 20.90
CA VAL A 542 14.00 -21.61 21.73
C VAL A 542 13.92 -20.91 23.07
N LEU A 543 13.95 -21.69 24.14
CA LEU A 543 13.88 -21.18 25.51
C LEU A 543 15.26 -21.19 26.12
N THR A 544 15.63 -20.10 26.76
CA THR A 544 16.88 -20.01 27.52
C THR A 544 16.59 -19.31 28.83
N GLU A 545 17.55 -19.37 29.74
CA GLU A 545 17.44 -18.67 31.02
C GLU A 545 18.11 -17.31 30.93
N SER A 546 17.62 -16.38 31.74
CA SER A 546 18.11 -15.00 31.70
C SER A 546 17.88 -14.37 33.07
N ASN A 547 18.07 -13.05 33.14
CA ASN A 547 17.84 -12.27 34.35
C ASN A 547 16.88 -11.13 34.02
N LYS A 548 15.74 -11.10 34.71
CA LYS A 548 14.79 -10.00 34.60
C LYS A 548 14.11 -9.84 35.95
N LYS A 549 13.87 -8.59 36.34
CA LYS A 549 13.18 -8.28 37.58
C LYS A 549 11.69 -8.12 37.26
N PHE A 550 10.91 -9.15 37.57
CA PHE A 550 9.47 -9.16 37.34
C PHE A 550 8.76 -8.85 38.65
N LEU A 551 7.97 -7.77 38.65
CA LEU A 551 7.13 -7.46 39.79
C LEU A 551 6.05 -8.54 39.93
N PRO A 552 5.52 -8.74 41.14
CA PRO A 552 4.67 -9.92 41.37
C PRO A 552 3.42 -9.98 40.50
N PHE A 553 2.97 -8.86 39.94
CA PHE A 553 1.78 -8.82 39.09
C PHE A 553 2.10 -8.96 37.61
N GLN A 554 3.36 -9.25 37.25
CA GLN A 554 3.79 -9.39 35.87
C GLN A 554 4.20 -10.83 35.60
N GLN A 555 3.77 -11.36 34.46
CA GLN A 555 4.14 -12.70 34.02
C GLN A 555 4.84 -12.72 32.68
N PHE A 556 4.37 -11.92 31.72
CA PHE A 556 4.94 -11.88 30.38
C PHE A 556 5.71 -10.58 30.18
N GLY A 557 6.63 -10.61 29.24
CA GLY A 557 7.35 -9.42 28.83
C GLY A 557 7.36 -9.32 27.32
N ARG A 558 7.25 -8.08 26.82
CA ARG A 558 7.14 -7.81 25.40
C ARG A 558 8.21 -6.81 24.97
N ASP A 559 8.72 -7.00 23.76
CA ASP A 559 9.78 -6.19 23.20
C ASP A 559 9.21 -5.07 22.35
N ILE A 560 10.07 -4.39 21.59
CA ILE A 560 9.64 -3.27 20.76
C ILE A 560 8.64 -3.73 19.72
N ALA A 561 8.88 -4.90 19.12
CA ALA A 561 8.01 -5.44 18.09
C ALA A 561 6.69 -5.99 18.64
N ASP A 562 6.48 -5.97 19.95
CA ASP A 562 5.28 -6.42 20.65
C ASP A 562 5.22 -7.95 20.79
N THR A 563 6.14 -8.70 20.18
CA THR A 563 6.16 -10.13 20.39
C THR A 563 6.70 -10.47 21.77
N THR A 564 6.06 -11.42 22.44
CA THR A 564 6.49 -11.81 23.77
C THR A 564 7.90 -12.38 23.71
N ASP A 565 8.75 -11.90 24.62
CA ASP A 565 10.17 -12.24 24.66
C ASP A 565 10.62 -12.85 25.98
N ALA A 566 9.97 -12.54 27.09
CA ALA A 566 10.28 -13.11 28.39
C ALA A 566 9.00 -13.63 29.02
N VAL A 567 9.07 -14.83 29.60
CA VAL A 567 7.93 -15.46 30.23
C VAL A 567 8.36 -16.04 31.57
N ARG A 568 7.49 -15.93 32.56
CA ARG A 568 7.75 -16.50 33.87
C ARG A 568 7.19 -17.92 33.88
N ASP A 569 8.04 -18.88 34.16
CA ASP A 569 7.59 -20.27 34.18
C ASP A 569 6.69 -20.49 35.40
N PRO A 570 5.42 -20.90 35.23
CA PRO A 570 4.53 -20.99 36.41
C PRO A 570 4.98 -22.00 37.45
N GLN A 571 5.58 -23.12 37.04
CA GLN A 571 5.90 -24.17 38.01
C GLN A 571 7.13 -23.80 38.84
N THR A 572 8.27 -23.67 38.18
CA THR A 572 9.51 -23.19 38.81
C THR A 572 9.59 -21.70 38.55
N LEU A 573 9.49 -20.89 39.60
CA LEU A 573 9.39 -19.44 39.44
C LEU A 573 10.73 -18.93 38.93
N GLU A 574 10.82 -18.74 37.61
CA GLU A 574 12.02 -18.21 36.98
C GLU A 574 11.61 -17.59 35.65
N ILE A 575 12.50 -16.77 35.10
CA ILE A 575 12.25 -16.06 33.86
C ILE A 575 12.99 -16.79 32.75
N LEU A 576 12.30 -17.04 31.64
CA LEU A 576 12.87 -17.67 30.46
C LEU A 576 12.67 -16.74 29.27
N ASP A 577 13.73 -16.62 28.46
CA ASP A 577 13.70 -15.80 27.27
C ASP A 577 13.44 -16.68 26.06
N ILE A 578 12.52 -16.24 25.20
CA ILE A 578 12.18 -16.93 23.96
C ILE A 578 12.90 -16.23 22.83
N THR A 579 13.63 -16.99 22.02
CA THR A 579 14.24 -16.50 20.80
C THR A 579 13.74 -17.31 19.62
N PRO A 580 13.73 -16.74 18.40
CA PRO A 580 13.43 -17.56 17.23
C PRO A 580 14.45 -18.67 17.09
N CYS A 581 14.00 -19.84 16.66
CA CYS A 581 14.90 -20.98 16.54
C CYS A 581 15.62 -21.00 15.20
N SER A 582 15.56 -19.91 14.44
CA SER A 582 16.35 -19.75 13.23
C SER A 582 16.84 -18.31 13.15
N PHE A 583 17.58 -18.01 12.10
CA PHE A 583 18.10 -16.66 11.90
C PHE A 583 18.36 -16.45 10.42
N GLY A 584 18.13 -15.23 9.97
CA GLY A 584 18.59 -14.86 8.65
C GLY A 584 20.08 -14.60 8.62
N GLY A 585 20.65 -14.75 7.42
CA GLY A 585 22.07 -14.62 7.23
C GLY A 585 22.68 -15.77 6.45
N VAL A 586 21.85 -16.66 5.94
CA VAL A 586 22.31 -17.79 5.13
C VAL A 586 22.26 -17.35 3.68
N SER A 587 23.42 -17.39 3.02
CA SER A 587 23.53 -17.09 1.60
C SER A 587 24.07 -18.32 0.89
N VAL A 588 23.50 -18.61 -0.28
CA VAL A 588 23.87 -19.78 -1.07
C VAL A 588 24.62 -19.28 -2.30
N ILE A 589 25.85 -19.75 -2.45
CA ILE A 589 26.71 -19.42 -3.57
C ILE A 589 26.68 -20.59 -4.54
N THR A 590 26.55 -20.30 -5.83
CA THR A 590 26.54 -21.39 -6.79
C THR A 590 26.98 -20.91 -8.16
N PRO A 591 27.76 -21.70 -8.91
CA PRO A 591 27.76 -21.51 -10.36
C PRO A 591 26.40 -21.89 -10.91
N GLY A 592 26.02 -21.23 -12.00
CA GLY A 592 24.68 -21.41 -12.52
C GLY A 592 24.46 -22.84 -13.00
N THR A 593 23.24 -23.32 -12.77
CA THR A 593 22.83 -24.61 -13.32
C THR A 593 23.01 -24.59 -14.83
N ASN A 594 23.12 -25.79 -15.42
CA ASN A 594 23.72 -26.09 -16.73
C ASN A 594 25.23 -26.19 -16.62
N THR A 595 25.81 -25.98 -15.44
CA THR A 595 27.23 -26.21 -15.17
C THR A 595 27.44 -27.28 -14.12
N SER A 596 26.78 -27.18 -12.97
CA SER A 596 26.95 -28.15 -11.89
C SER A 596 25.88 -27.89 -10.84
N ASN A 597 25.80 -28.80 -9.87
CA ASN A 597 24.89 -28.69 -8.75
C ASN A 597 25.60 -28.45 -7.42
N GLN A 598 26.93 -28.31 -7.42
CA GLN A 598 27.64 -27.99 -6.20
C GLN A 598 27.28 -26.57 -5.76
N VAL A 599 27.33 -26.36 -4.44
CA VAL A 599 27.03 -25.06 -3.87
C VAL A 599 27.91 -24.84 -2.66
N ALA A 600 27.98 -23.59 -2.21
CA ALA A 600 28.61 -23.24 -0.94
C ALA A 600 27.60 -22.43 -0.14
N VAL A 601 27.78 -22.43 1.18
CA VAL A 601 26.88 -21.77 2.11
C VAL A 601 27.68 -20.81 2.95
N LEU A 602 27.24 -19.56 3.01
CA LEU A 602 27.81 -18.53 3.88
C LEU A 602 26.84 -18.29 5.01
N TYR A 603 27.24 -18.65 6.22
CA TYR A 603 26.51 -18.31 7.43
C TYR A 603 27.08 -17.01 7.96
N GLN A 604 26.25 -15.96 7.97
CA GLN A 604 26.72 -14.62 8.23
C GLN A 604 26.86 -14.35 9.72
N ASP A 605 27.98 -13.76 10.12
CA ASP A 605 28.20 -13.29 11.49
C ASP A 605 28.09 -14.43 12.50
N VAL A 606 28.66 -15.57 12.18
CA VAL A 606 28.75 -16.71 13.10
C VAL A 606 30.16 -17.26 13.03
N ASN A 607 30.73 -17.58 14.19
CA ASN A 607 32.00 -18.30 14.21
C ASN A 607 31.79 -19.74 13.76
N CYS A 608 32.82 -20.30 13.14
CA CYS A 608 32.72 -21.65 12.61
C CYS A 608 32.68 -22.70 13.72
N THR A 609 33.08 -22.34 14.94
CA THR A 609 32.96 -23.27 16.05
C THR A 609 31.50 -23.42 16.50
N GLU A 610 30.72 -22.35 16.38
CA GLU A 610 29.35 -22.30 16.90
C GLU A 610 28.31 -22.31 15.79
N VAL A 611 28.67 -22.72 14.58
CA VAL A 611 27.68 -22.84 13.51
C VAL A 611 26.59 -23.85 13.83
N PRO A 612 26.87 -25.06 14.37
CA PRO A 612 25.77 -26.01 14.50
C PRO A 612 24.71 -25.59 15.49
N VAL A 613 25.12 -25.01 16.63
CA VAL A 613 24.13 -24.59 17.62
C VAL A 613 23.31 -23.42 17.10
N ALA A 614 23.95 -22.51 16.36
CA ALA A 614 23.22 -21.39 15.77
C ALA A 614 22.21 -21.88 14.75
N ILE A 615 22.62 -22.83 13.89
CA ILE A 615 21.74 -23.33 12.83
C ILE A 615 20.86 -24.48 13.30
N HIS A 616 21.09 -25.02 14.51
CA HIS A 616 20.33 -26.16 15.01
C HIS A 616 20.46 -27.35 14.06
N ALA A 617 21.70 -27.70 13.75
CA ALA A 617 21.95 -28.78 12.79
C ALA A 617 21.49 -30.13 13.29
N ASP A 618 21.28 -30.29 14.61
CA ASP A 618 20.82 -31.57 15.13
C ASP A 618 19.44 -31.91 14.58
N GLN A 619 18.56 -30.92 14.47
CA GLN A 619 17.21 -31.13 13.96
C GLN A 619 17.12 -31.04 12.45
N LEU A 620 18.20 -30.67 11.76
CA LEU A 620 18.15 -30.50 10.32
C LEU A 620 18.25 -31.84 9.61
N THR A 621 17.98 -31.82 8.31
CA THR A 621 18.03 -33.03 7.52
C THR A 621 19.49 -33.47 7.33
N PRO A 622 19.71 -34.75 7.00
CA PRO A 622 21.10 -35.20 6.75
C PRO A 622 21.79 -34.43 5.64
N THR A 623 21.05 -34.01 4.60
CA THR A 623 21.68 -33.30 3.49
C THR A 623 22.08 -31.89 3.86
N TRP A 624 21.43 -31.29 4.86
CA TRP A 624 21.86 -29.99 5.37
C TRP A 624 23.04 -30.07 6.32
N ARG A 625 23.27 -31.23 6.94
CA ARG A 625 24.34 -31.32 7.93
C ARG A 625 25.71 -31.41 7.28
N VAL A 626 25.81 -31.92 6.05
CA VAL A 626 27.11 -31.98 5.40
C VAL A 626 27.64 -30.59 5.11
N TYR A 627 26.74 -29.63 4.85
CA TYR A 627 27.14 -28.24 4.62
C TYR A 627 27.29 -27.46 5.92
N SER A 628 27.20 -28.11 7.09
CA SER A 628 27.33 -27.44 8.37
C SER A 628 28.72 -27.52 8.96
N THR A 629 29.45 -28.60 8.68
CA THR A 629 30.80 -28.76 9.21
C THR A 629 31.57 -29.71 8.31
N GLY A 630 32.86 -29.45 8.16
CA GLY A 630 33.67 -30.28 7.30
C GLY A 630 35.09 -29.76 7.25
N SER A 631 35.80 -30.15 6.19
CA SER A 631 37.18 -29.72 6.01
C SER A 631 37.30 -28.43 5.21
N ASN A 632 36.29 -28.08 4.41
CA ASN A 632 36.29 -26.86 3.63
C ASN A 632 35.76 -25.66 4.40
N VAL A 633 35.62 -25.77 5.72
CA VAL A 633 35.14 -24.65 6.53
C VAL A 633 36.18 -23.54 6.50
N PHE A 634 35.73 -22.33 6.16
CA PHE A 634 36.58 -21.16 6.05
C PHE A 634 35.93 -19.99 6.76
N GLN A 635 36.68 -19.35 7.66
CA GLN A 635 36.20 -18.18 8.39
C GLN A 635 36.56 -16.92 7.61
N THR A 636 35.61 -15.99 7.56
CA THR A 636 35.79 -14.71 6.89
C THR A 636 35.23 -13.61 7.79
N ARG A 637 35.53 -12.37 7.42
CA ARG A 637 34.98 -11.24 8.17
C ARG A 637 33.47 -11.16 8.04
N ALA A 638 32.92 -11.62 6.90
CA ALA A 638 31.48 -11.66 6.74
C ALA A 638 30.87 -12.79 7.56
N GLY A 639 31.52 -13.95 7.59
CA GLY A 639 30.98 -15.09 8.30
C GLY A 639 31.75 -16.34 7.92
N CYS A 640 31.11 -17.49 8.15
CA CYS A 640 31.71 -18.78 7.88
C CYS A 640 31.24 -19.31 6.53
N LEU A 641 32.18 -19.71 5.69
CA LEU A 641 31.91 -20.25 4.37
C LEU A 641 32.20 -21.74 4.38
N ILE A 642 31.25 -22.54 3.90
CA ILE A 642 31.34 -23.99 3.90
C ILE A 642 31.04 -24.48 2.49
N GLY A 643 31.83 -25.44 2.02
CA GLY A 643 31.67 -26.02 0.71
C GLY A 643 32.60 -25.48 -0.35
N ALA A 644 33.56 -24.62 0.02
CA ALA A 644 34.53 -24.08 -0.91
C ALA A 644 35.89 -24.04 -0.23
N GLU A 645 36.91 -24.53 -0.93
CA GLU A 645 38.26 -24.54 -0.38
C GLU A 645 38.90 -23.17 -0.51
N HIS A 646 39.57 -22.74 0.56
CA HIS A 646 40.24 -21.44 0.56
C HIS A 646 41.53 -21.53 -0.25
N VAL A 647 41.73 -20.56 -1.13
CA VAL A 647 42.87 -20.52 -2.04
C VAL A 647 43.66 -19.25 -1.76
N ASN A 648 44.97 -19.39 -1.56
CA ASN A 648 45.81 -18.24 -1.26
C ASN A 648 46.02 -17.35 -2.49
N ASN A 649 45.86 -17.89 -3.69
CA ASN A 649 46.01 -17.09 -4.90
C ASN A 649 44.90 -16.05 -4.98
N SER A 650 45.08 -15.09 -5.90
CA SER A 650 44.12 -14.02 -6.13
C SER A 650 43.82 -13.93 -7.61
N TYR A 651 42.55 -13.65 -7.92
CA TYR A 651 42.08 -13.55 -9.30
C TYR A 651 41.15 -12.35 -9.40
N GLU A 652 40.48 -12.22 -10.54
CA GLU A 652 39.37 -11.29 -10.68
C GLU A 652 38.12 -11.87 -10.02
N CYS A 653 37.20 -10.99 -9.65
CA CYS A 653 35.99 -11.40 -8.96
C CYS A 653 35.02 -12.02 -9.96
N ASP A 654 34.62 -13.26 -9.71
CA ASP A 654 33.61 -13.96 -10.50
C ASP A 654 32.24 -13.93 -9.82
N ILE A 655 32.18 -14.36 -8.56
CA ILE A 655 30.96 -14.33 -7.76
C ILE A 655 31.33 -13.57 -6.49
N PRO A 656 31.00 -12.29 -6.33
CA PRO A 656 31.36 -11.60 -5.09
C PRO A 656 30.64 -12.19 -3.90
N ILE A 657 31.36 -12.25 -2.78
CA ILE A 657 30.83 -12.77 -1.51
C ILE A 657 30.73 -11.66 -0.48
N GLY A 658 31.83 -10.98 -0.22
CA GLY A 658 31.81 -9.94 0.79
C GLY A 658 33.16 -9.83 1.47
N ALA A 659 33.41 -8.64 2.03
CA ALA A 659 34.61 -8.40 2.84
C ALA A 659 35.86 -8.73 2.05
N GLY A 660 35.81 -8.46 0.74
CA GLY A 660 36.93 -8.68 -0.14
C GLY A 660 37.10 -10.10 -0.59
N ILE A 661 36.10 -10.95 -0.38
CA ILE A 661 36.15 -12.36 -0.76
C ILE A 661 35.22 -12.55 -1.96
N CYS A 662 35.73 -13.27 -2.96
CA CYS A 662 35.01 -13.66 -4.16
C CYS A 662 35.18 -15.15 -4.38
N ALA A 663 34.17 -15.79 -4.94
CA ALA A 663 34.16 -17.22 -5.16
C ALA A 663 34.01 -17.50 -6.64
N SER A 664 34.50 -18.67 -7.06
CA SER A 664 34.45 -19.06 -8.46
C SER A 664 34.43 -20.58 -8.56
N TYR A 665 34.32 -21.08 -9.79
CA TYR A 665 34.22 -22.50 -10.09
C TYR A 665 35.47 -22.90 -10.87
N GLN A 666 36.40 -23.59 -10.20
CA GLN A 666 37.70 -23.88 -10.80
C GLN A 666 37.57 -25.07 -11.74
N THR A 667 38.72 -25.58 -12.18
CA THR A 667 38.78 -26.75 -13.05
C THR A 667 39.86 -27.71 -12.54
N SER A 676 39.70 -31.90 -8.97
CA SER A 676 38.60 -31.92 -9.92
C SER A 676 37.82 -30.62 -9.87
N GLN A 677 36.62 -30.61 -10.45
CA GLN A 677 35.79 -29.43 -10.43
C GLN A 677 35.27 -29.17 -9.02
N SER A 678 35.41 -27.93 -8.57
CA SER A 678 34.95 -27.56 -7.23
C SER A 678 34.86 -26.04 -7.16
N ILE A 679 34.25 -25.56 -6.08
CA ILE A 679 34.10 -24.13 -5.82
C ILE A 679 35.27 -23.67 -4.97
N ILE A 680 35.89 -22.56 -5.38
CA ILE A 680 37.01 -21.97 -4.66
C ILE A 680 36.58 -20.61 -4.15
N ALA A 681 37.19 -20.17 -3.06
CA ALA A 681 36.97 -18.85 -2.47
C ALA A 681 38.31 -18.21 -2.23
N TYR A 682 38.46 -16.96 -2.67
CA TYR A 682 39.75 -16.28 -2.64
C TYR A 682 39.53 -14.79 -2.42
N THR A 683 40.55 -14.15 -1.86
CA THR A 683 40.56 -12.69 -1.79
C THR A 683 40.76 -12.13 -3.19
N MET A 684 40.00 -11.08 -3.52
CA MET A 684 40.04 -10.53 -4.86
C MET A 684 41.38 -9.84 -5.11
N SER A 685 41.72 -9.71 -6.38
CA SER A 685 42.89 -8.96 -6.82
C SER A 685 42.43 -7.60 -7.32
N LEU A 686 42.98 -6.54 -6.73
CA LEU A 686 42.60 -5.19 -7.12
C LEU A 686 43.26 -4.74 -8.41
N GLY A 687 44.18 -5.53 -8.97
CA GLY A 687 44.91 -5.19 -10.17
C GLY A 687 46.37 -5.48 -10.03
N ALA A 688 47.10 -5.26 -11.13
CA ALA A 688 48.53 -5.53 -11.14
C ALA A 688 49.26 -4.50 -10.30
N GLU A 689 50.25 -4.96 -9.54
CA GLU A 689 51.16 -4.07 -8.84
C GLU A 689 52.15 -3.49 -9.85
N ASN A 690 52.27 -2.17 -9.89
CA ASN A 690 53.08 -1.50 -10.91
C ASN A 690 53.69 -0.24 -10.28
N SER A 691 54.90 -0.39 -9.75
CA SER A 691 55.64 0.77 -9.26
C SER A 691 56.13 1.59 -10.45
N VAL A 692 55.95 2.91 -10.35
CA VAL A 692 56.29 3.84 -11.42
C VAL A 692 57.57 4.57 -11.02
N ALA A 693 58.54 4.60 -11.93
CA ALA A 693 59.77 5.32 -11.66
C ALA A 693 59.49 6.81 -11.51
N TYR A 694 60.14 7.44 -10.55
CA TYR A 694 59.98 8.86 -10.30
C TYR A 694 61.33 9.46 -9.92
N SER A 695 61.64 10.61 -10.51
CA SER A 695 62.85 11.35 -10.17
C SER A 695 62.62 12.81 -10.51
N ASN A 696 63.37 13.68 -9.83
CA ASN A 696 63.20 15.11 -10.01
C ASN A 696 63.68 15.60 -11.37
N ASN A 697 64.40 14.79 -12.13
CA ASN A 697 64.89 15.18 -13.45
C ASN A 697 64.74 14.03 -14.44
N SER A 698 63.59 13.36 -14.42
CA SER A 698 63.31 12.27 -15.34
C SER A 698 61.86 12.37 -15.79
N ILE A 699 61.65 12.50 -17.09
CA ILE A 699 60.33 12.57 -17.69
C ILE A 699 60.23 11.51 -18.78
N ALA A 700 59.04 10.95 -18.93
CA ALA A 700 58.76 9.96 -19.96
C ALA A 700 57.93 10.62 -21.04
N ILE A 701 58.36 10.46 -22.30
CA ILE A 701 57.70 11.08 -23.43
C ILE A 701 57.18 9.98 -24.36
N PRO A 702 55.95 10.06 -24.88
CA PRO A 702 55.55 9.09 -25.90
C PRO A 702 56.26 9.34 -27.22
N THR A 703 56.47 8.24 -27.95
CA THR A 703 57.04 8.27 -29.30
C THR A 703 56.09 7.76 -30.36
N ASN A 704 54.91 7.28 -29.98
CA ASN A 704 53.96 6.71 -30.92
C ASN A 704 52.56 6.86 -30.32
N PHE A 705 51.57 6.22 -30.93
CA PHE A 705 50.22 6.30 -30.41
C PHE A 705 49.40 5.16 -30.98
N THR A 706 48.24 4.94 -30.37
CA THR A 706 47.22 4.01 -30.85
C THR A 706 45.89 4.73 -30.87
N ILE A 707 45.13 4.52 -31.93
CA ILE A 707 43.80 5.13 -32.09
C ILE A 707 42.81 4.07 -31.66
N SER A 708 42.41 4.13 -30.39
CA SER A 708 41.48 3.15 -29.85
C SER A 708 40.06 3.55 -30.20
N VAL A 709 39.18 2.56 -30.28
CA VAL A 709 37.74 2.78 -30.43
C VAL A 709 37.04 1.99 -29.35
N THR A 710 36.32 2.69 -28.47
CA THR A 710 35.65 2.11 -27.33
C THR A 710 34.14 2.19 -27.53
N THR A 711 33.45 1.08 -27.33
CA THR A 711 32.00 1.01 -27.52
C THR A 711 31.35 1.05 -26.14
N GLU A 712 30.47 2.02 -25.94
CA GLU A 712 29.73 2.13 -24.68
C GLU A 712 28.26 2.35 -24.96
N ILE A 713 27.40 1.78 -24.12
CA ILE A 713 25.97 1.69 -24.37
C ILE A 713 25.24 2.42 -23.26
N LEU A 714 24.14 3.10 -23.62
CA LEU A 714 23.31 3.82 -22.65
C LEU A 714 21.84 3.56 -22.96
N PRO A 715 21.03 3.12 -21.99
CA PRO A 715 19.58 3.13 -22.20
C PRO A 715 19.06 4.54 -22.37
N VAL A 716 18.03 4.68 -23.19
CA VAL A 716 17.43 5.96 -23.53
C VAL A 716 15.95 5.99 -23.19
N SER A 717 15.23 4.92 -23.50
CA SER A 717 13.81 4.82 -23.23
C SER A 717 13.52 3.40 -22.77
N MET A 718 12.30 3.19 -22.27
CA MET A 718 11.82 1.87 -21.93
C MET A 718 10.41 1.72 -22.48
N THR A 719 9.87 0.51 -22.35
CA THR A 719 8.62 0.19 -23.00
C THR A 719 7.49 0.99 -22.36
N LYS A 720 6.78 1.77 -23.17
CA LYS A 720 5.61 2.47 -22.69
C LYS A 720 4.50 1.46 -22.44
N THR A 721 3.79 1.62 -21.33
CA THR A 721 2.78 0.67 -20.90
C THR A 721 1.54 1.42 -20.46
N SER A 722 0.40 0.75 -20.58
CA SER A 722 -0.89 1.28 -20.18
C SER A 722 -1.67 0.17 -19.49
N VAL A 723 -2.47 0.57 -18.52
CA VAL A 723 -3.21 -0.36 -17.68
C VAL A 723 -4.66 0.08 -17.64
N ASP A 724 -5.57 -0.86 -17.81
CA ASP A 724 -6.99 -0.64 -17.62
C ASP A 724 -7.38 -1.20 -16.26
N CYS A 725 -7.74 -0.31 -15.33
CA CYS A 725 -8.21 -0.76 -14.02
C CYS A 725 -9.38 -1.72 -14.15
N THR A 726 -10.37 -1.36 -14.96
CA THR A 726 -11.56 -2.19 -15.03
C THR A 726 -11.22 -3.58 -15.53
N MET A 727 -10.42 -3.68 -16.59
CA MET A 727 -10.13 -4.99 -17.15
C MET A 727 -9.23 -5.80 -16.24
N TYR A 728 -8.41 -5.15 -15.42
CA TYR A 728 -7.47 -5.87 -14.55
C TYR A 728 -8.12 -6.28 -13.24
N ILE A 729 -8.76 -5.35 -12.54
CA ILE A 729 -9.35 -5.64 -11.24
C ILE A 729 -10.63 -6.43 -11.41
N CYS A 730 -11.60 -5.83 -12.09
CA CYS A 730 -12.94 -6.39 -12.27
C CYS A 730 -13.12 -6.77 -13.73
N GLY A 731 -12.64 -7.96 -14.10
CA GLY A 731 -12.35 -8.33 -15.48
C GLY A 731 -13.42 -7.95 -16.49
N ASP A 732 -14.59 -8.57 -16.40
CA ASP A 732 -15.75 -8.11 -17.17
C ASP A 732 -17.04 -8.24 -16.38
N SER A 733 -16.98 -8.40 -15.06
CA SER A 733 -18.18 -8.46 -14.24
C SER A 733 -18.69 -7.06 -13.95
N THR A 734 -20.01 -6.87 -14.08
CA THR A 734 -20.58 -5.55 -13.84
C THR A 734 -20.68 -5.21 -12.37
N GLU A 735 -20.96 -6.20 -11.51
CA GLU A 735 -21.09 -5.93 -10.08
C GLU A 735 -19.79 -5.38 -9.51
N CYS A 736 -18.68 -6.01 -9.87
CA CYS A 736 -17.39 -5.56 -9.35
C CYS A 736 -17.03 -4.18 -9.89
N SER A 737 -17.38 -3.87 -11.13
CA SER A 737 -17.12 -2.52 -11.64
C SER A 737 -17.95 -1.48 -10.91
N ASN A 738 -19.22 -1.80 -10.63
CA ASN A 738 -20.05 -0.88 -9.85
C ASN A 738 -19.46 -0.66 -8.47
N LEU A 739 -18.94 -1.72 -7.86
CA LEU A 739 -18.26 -1.55 -6.57
C LEU A 739 -16.98 -0.74 -6.71
N LEU A 740 -16.30 -0.86 -7.85
CA LEU A 740 -15.04 -0.16 -8.07
C LEU A 740 -15.23 1.31 -8.38
N LEU A 741 -16.44 1.72 -8.75
CA LEU A 741 -16.67 3.12 -9.15
C LEU A 741 -16.23 4.13 -8.11
N GLN A 742 -16.27 3.76 -6.82
CA GLN A 742 -15.86 4.68 -5.76
C GLN A 742 -14.34 4.84 -5.66
N TYR A 743 -13.56 4.08 -6.44
CA TYR A 743 -12.10 4.20 -6.49
C TYR A 743 -11.63 4.85 -7.78
N GLY A 744 -12.50 5.64 -8.42
CA GLY A 744 -12.13 6.30 -9.65
C GLY A 744 -11.00 7.28 -9.46
N SER A 745 -10.90 7.89 -8.28
CA SER A 745 -9.78 8.78 -8.00
C SER A 745 -8.46 8.02 -8.05
N PHE A 746 -8.40 6.86 -7.40
CA PHE A 746 -7.19 6.04 -7.41
C PHE A 746 -6.83 5.65 -8.83
N CYS A 747 -7.82 5.20 -9.60
CA CYS A 747 -7.50 4.71 -10.95
C CYS A 747 -7.11 5.85 -11.88
N THR A 748 -7.75 7.01 -11.75
CA THR A 748 -7.33 8.17 -12.51
C THR A 748 -5.89 8.54 -12.18
N GLN A 749 -5.53 8.47 -10.89
CA GLN A 749 -4.15 8.76 -10.50
C GLN A 749 -3.18 7.78 -11.16
N LEU A 750 -3.52 6.50 -11.15
CA LEU A 750 -2.63 5.50 -11.75
C LEU A 750 -2.46 5.75 -13.24
N ASN A 751 -3.57 5.99 -13.95
CA ASN A 751 -3.49 6.21 -15.39
C ASN A 751 -2.71 7.48 -15.69
N ARG A 752 -2.87 8.52 -14.87
CA ARG A 752 -2.11 9.74 -15.06
C ARG A 752 -0.62 9.48 -14.90
N ALA A 753 -0.24 8.70 -13.90
CA ALA A 753 1.18 8.41 -13.68
C ALA A 753 1.76 7.65 -14.86
N LEU A 754 1.04 6.64 -15.35
CA LEU A 754 1.57 5.86 -16.47
C LEU A 754 1.63 6.69 -17.75
N THR A 755 0.63 7.56 -17.97
CA THR A 755 0.68 8.45 -19.12
C THR A 755 1.88 9.38 -19.04
N GLY A 756 2.16 9.92 -17.85
CA GLY A 756 3.34 10.73 -17.68
C GLY A 756 4.61 9.97 -18.02
N ILE A 757 4.67 8.70 -17.60
CA ILE A 757 5.84 7.87 -17.91
C ILE A 757 6.00 7.73 -19.41
N ALA A 758 4.91 7.45 -20.12
CA ALA A 758 4.98 7.25 -21.56
C ALA A 758 5.45 8.51 -22.28
N VAL A 759 4.85 9.65 -21.93
CA VAL A 759 5.27 10.91 -22.53
C VAL A 759 6.73 11.20 -22.23
N GLU A 760 7.17 10.82 -21.02
CA GLU A 760 8.57 11.01 -20.66
C GLU A 760 9.48 10.18 -21.55
N GLN A 761 9.08 8.94 -21.85
CA GLN A 761 9.92 8.12 -22.73
C GLN A 761 10.04 8.73 -24.11
N ASP A 762 8.93 9.21 -24.67
CA ASP A 762 9.00 9.86 -25.97
C ASP A 762 9.89 11.09 -25.92
N LYS A 763 9.78 11.88 -24.85
CA LYS A 763 10.63 13.05 -24.68
C LYS A 763 12.11 12.66 -24.61
N ASN A 764 12.42 11.58 -23.88
CA ASN A 764 13.81 11.14 -23.76
C ASN A 764 14.39 10.79 -25.13
N THR A 765 13.64 10.00 -25.90
CA THR A 765 14.14 9.61 -27.22
C THR A 765 14.34 10.83 -28.10
N GLN A 766 13.39 11.77 -28.09
CA GLN A 766 13.51 12.96 -28.92
C GLN A 766 14.71 13.81 -28.52
N GLU A 767 14.89 14.04 -27.22
CA GLU A 767 15.98 14.89 -26.78
C GLU A 767 17.35 14.23 -26.97
N VAL A 768 17.40 12.90 -27.03
CA VAL A 768 18.68 12.25 -27.30
C VAL A 768 19.01 12.32 -28.78
N PHE A 769 18.08 11.88 -29.64
CA PHE A 769 18.42 11.69 -31.04
C PHE A 769 18.17 12.91 -31.90
N ALA A 770 17.08 13.64 -31.67
CA ALA A 770 16.74 14.80 -32.49
C ALA A 770 17.42 16.07 -31.99
N GLN A 771 18.74 16.01 -31.82
CA GLN A 771 19.50 17.20 -31.46
C GLN A 771 19.51 18.20 -32.60
N VAL A 772 19.63 17.72 -33.84
CA VAL A 772 19.65 18.56 -35.04
C VAL A 772 18.45 18.19 -35.90
N LYS A 773 17.79 19.21 -36.47
CA LYS A 773 16.63 19.02 -37.30
C LYS A 773 16.93 19.20 -38.79
N GLN A 774 18.20 19.13 -39.18
CA GLN A 774 18.62 19.13 -40.57
C GLN A 774 19.10 17.73 -40.91
N ILE A 775 18.32 17.01 -41.71
CA ILE A 775 18.64 15.63 -42.04
C ILE A 775 19.68 15.62 -43.15
N TYR A 776 20.96 15.63 -42.78
CA TYR A 776 22.02 15.55 -43.76
C TYR A 776 22.13 14.13 -44.30
N LYS A 777 22.57 14.03 -45.56
CA LYS A 777 22.81 12.77 -46.23
C LYS A 777 24.26 12.70 -46.65
N THR A 778 24.86 11.52 -46.51
CA THR A 778 26.27 11.37 -46.80
C THR A 778 26.54 11.63 -48.29
N PRO A 779 27.69 12.19 -48.64
CA PRO A 779 27.99 12.36 -50.06
C PRO A 779 28.14 11.01 -50.73
N PRO A 780 27.81 10.92 -52.02
CA PRO A 780 27.88 9.61 -52.69
C PRO A 780 29.28 9.02 -52.73
N ILE A 781 30.30 9.86 -52.83
CA ILE A 781 31.69 9.41 -52.95
C ILE A 781 32.29 9.35 -51.54
N LYS A 782 33.15 8.35 -51.32
CA LYS A 782 33.79 8.11 -50.03
C LYS A 782 35.28 8.43 -50.21
N ASP A 783 35.63 9.69 -49.99
CA ASP A 783 37.01 10.17 -50.01
C ASP A 783 37.24 10.96 -48.73
N PHE A 784 37.61 10.25 -47.67
CA PHE A 784 37.81 10.81 -46.34
C PHE A 784 39.26 10.63 -45.89
N GLY A 785 40.19 10.79 -46.82
CA GLY A 785 41.60 10.67 -46.49
C GLY A 785 42.00 9.29 -46.02
N GLY A 786 41.39 8.24 -46.59
CA GLY A 786 41.71 6.88 -46.24
C GLY A 786 40.89 6.29 -45.12
N PHE A 787 40.10 7.09 -44.42
CA PHE A 787 39.25 6.56 -43.35
C PHE A 787 38.07 5.83 -43.96
N ASN A 788 37.79 4.64 -43.44
CA ASN A 788 36.75 3.75 -43.94
C ASN A 788 35.57 3.76 -42.99
N PHE A 789 34.47 4.38 -43.41
CA PHE A 789 33.25 4.49 -42.62
C PHE A 789 32.15 3.59 -43.15
N SER A 790 32.52 2.47 -43.78
CA SER A 790 31.52 1.62 -44.41
C SER A 790 30.58 1.00 -43.37
N GLN A 791 31.13 0.57 -42.24
CA GLN A 791 30.34 -0.18 -41.27
C GLN A 791 29.48 0.70 -40.37
N ILE A 792 29.70 2.03 -40.35
CA ILE A 792 28.92 2.93 -39.52
C ILE A 792 28.15 3.93 -40.37
N LEU A 793 27.74 3.51 -41.57
CA LEU A 793 26.92 4.31 -42.45
C LEU A 793 25.81 3.43 -43.00
N PRO A 794 24.70 4.02 -43.45
CA PRO A 794 23.57 3.19 -43.89
C PRO A 794 23.93 2.29 -45.07
N ASP A 795 23.37 1.08 -45.05
CA ASP A 795 23.51 0.15 -46.16
C ASP A 795 22.37 0.38 -47.14
N PRO A 796 22.62 0.78 -48.39
CA PRO A 796 21.51 0.97 -49.32
C PRO A 796 20.84 -0.33 -49.76
N SER A 797 21.45 -1.49 -49.48
CA SER A 797 20.95 -2.78 -49.93
C SER A 797 20.09 -3.48 -48.88
N LYS A 798 19.39 -2.72 -48.03
CA LYS A 798 18.54 -3.26 -46.98
C LYS A 798 17.26 -2.44 -46.92
N PRO A 799 16.09 -3.06 -46.68
CA PRO A 799 14.87 -2.24 -46.56
C PRO A 799 14.93 -1.20 -45.46
N SER A 800 15.51 -1.56 -44.31
CA SER A 800 15.81 -0.59 -43.27
C SER A 800 17.14 0.09 -43.58
N LYS A 801 17.27 1.33 -43.13
CA LYS A 801 18.42 2.18 -43.48
C LYS A 801 19.49 2.13 -42.42
N ARG A 802 19.71 0.96 -41.83
CA ARG A 802 20.67 0.79 -40.76
C ARG A 802 22.04 0.47 -41.32
N SER A 803 23.06 0.74 -40.52
CA SER A 803 24.42 0.35 -40.84
C SER A 803 24.70 -1.06 -40.34
N PHE A 804 25.89 -1.56 -40.63
CA PHE A 804 26.24 -2.92 -40.24
C PHE A 804 26.28 -3.06 -38.72
N ILE A 805 26.91 -2.10 -38.03
CA ILE A 805 26.99 -2.17 -36.58
C ILE A 805 25.60 -2.12 -35.98
N GLU A 806 24.73 -1.27 -36.54
CA GLU A 806 23.35 -1.22 -36.07
C GLU A 806 22.65 -2.56 -36.27
N ASP A 807 22.88 -3.20 -37.43
CA ASP A 807 22.26 -4.51 -37.65
C ASP A 807 22.70 -5.50 -36.59
N LEU A 808 24.00 -5.51 -36.28
CA LEU A 808 24.49 -6.40 -35.22
C LEU A 808 23.84 -6.07 -33.88
N LEU A 809 23.71 -4.78 -33.56
CA LEU A 809 23.13 -4.40 -32.28
C LEU A 809 21.68 -4.85 -32.17
N PHE A 810 20.88 -4.59 -33.20
CA PHE A 810 19.48 -5.03 -33.16
C PHE A 810 19.36 -6.55 -33.15
N ASN A 811 20.30 -7.26 -33.76
CA ASN A 811 20.24 -8.72 -33.69
C ASN A 811 20.74 -9.27 -32.36
N LYS A 812 21.50 -8.50 -31.59
CA LYS A 812 22.02 -8.97 -30.30
C LYS A 812 21.03 -8.82 -29.15
N VAL A 813 19.88 -8.17 -29.36
CA VAL A 813 18.86 -8.01 -28.33
C VAL A 813 17.58 -8.65 -28.83
N THR A 814 16.94 -9.44 -27.97
CA THR A 814 15.72 -10.16 -28.37
C THR A 814 14.56 -9.19 -28.58
N LEU A 815 14.37 -8.24 -27.66
CA LEU A 815 13.21 -7.36 -27.65
C LEU A 815 11.92 -8.19 -27.62
N ALA A 816 11.75 -8.90 -26.52
CA ALA A 816 10.54 -9.64 -26.22
C ALA A 816 9.78 -8.91 -25.13
N ASP A 817 8.56 -8.47 -25.44
CA ASP A 817 7.74 -7.71 -24.49
C ASP A 817 7.27 -8.59 -23.34
N ILE A 821 4.73 -6.43 -30.48
CA ILE A 821 5.28 -7.61 -31.14
C ILE A 821 4.21 -8.62 -31.53
N LYS A 822 3.03 -8.52 -30.91
CA LYS A 822 1.96 -9.49 -31.05
C LYS A 822 0.77 -8.86 -31.79
N GLN A 823 0.07 -9.69 -32.56
CA GLN A 823 -1.13 -9.28 -33.28
C GLN A 823 -2.33 -9.90 -32.57
N TYR A 824 -3.28 -9.06 -32.17
CA TYR A 824 -4.50 -9.56 -31.56
C TYR A 824 -5.28 -10.36 -32.59
N GLY A 825 -5.80 -11.50 -32.17
CA GLY A 825 -6.42 -12.46 -33.06
C GLY A 825 -5.72 -13.80 -32.94
N ASP A 826 -4.39 -13.76 -32.84
CA ASP A 826 -3.65 -14.96 -32.49
C ASP A 826 -3.97 -15.37 -31.06
N CYS A 827 -4.04 -14.41 -30.14
CA CYS A 827 -4.47 -14.71 -28.79
C CYS A 827 -5.91 -15.19 -28.76
N LEU A 828 -6.78 -14.56 -29.56
CA LEU A 828 -8.14 -15.04 -29.69
C LEU A 828 -8.20 -16.42 -30.36
N GLY A 829 -7.16 -16.79 -31.11
CA GLY A 829 -7.11 -18.05 -31.82
C GLY A 829 -6.31 -19.09 -31.07
N ASP A 830 -5.04 -19.27 -31.48
CA ASP A 830 -4.19 -20.26 -30.84
C ASP A 830 -3.78 -19.77 -29.45
N ILE A 831 -4.56 -20.17 -28.43
CA ILE A 831 -4.26 -19.85 -27.03
C ILE A 831 -3.78 -21.08 -26.26
N ALA A 832 -3.85 -22.28 -26.84
CA ALA A 832 -3.30 -23.46 -26.18
C ALA A 832 -1.81 -23.32 -25.90
N ALA A 833 -1.10 -22.52 -26.69
CA ALA A 833 0.31 -22.26 -26.41
C ALA A 833 0.48 -21.51 -25.09
N ARG A 834 -0.51 -20.72 -24.69
CA ARG A 834 -0.52 -20.02 -23.41
C ARG A 834 0.65 -19.04 -23.31
N ASP A 835 0.67 -18.10 -24.25
CA ASP A 835 1.66 -17.04 -24.23
C ASP A 835 1.37 -16.07 -23.09
N LEU A 836 2.44 -15.46 -22.57
CA LEU A 836 2.29 -14.51 -21.48
C LEU A 836 1.71 -13.19 -21.98
N ILE A 837 2.03 -12.80 -23.21
CA ILE A 837 1.53 -11.54 -23.75
C ILE A 837 0.01 -11.59 -23.87
N CYS A 838 -0.53 -12.75 -24.25
CA CYS A 838 -1.98 -12.88 -24.34
C CYS A 838 -2.63 -12.71 -22.98
N ALA A 839 -2.01 -13.27 -21.93
CA ALA A 839 -2.54 -13.06 -20.58
C ALA A 839 -2.49 -11.60 -20.19
N GLN A 840 -1.38 -10.93 -20.50
CA GLN A 840 -1.27 -9.50 -20.18
C GLN A 840 -2.36 -8.70 -20.89
N LYS A 841 -2.62 -9.01 -22.16
CA LYS A 841 -3.64 -8.27 -22.89
C LYS A 841 -5.03 -8.58 -22.37
N PHE A 842 -5.31 -9.84 -22.04
CA PHE A 842 -6.61 -10.20 -21.49
C PHE A 842 -6.82 -9.64 -20.09
N ASN A 843 -5.76 -9.23 -19.40
CA ASN A 843 -5.88 -8.55 -18.11
C ASN A 843 -5.64 -7.06 -18.20
N GLY A 844 -5.72 -6.48 -19.41
CA GLY A 844 -5.72 -5.04 -19.57
C GLY A 844 -4.38 -4.36 -19.56
N LEU A 845 -3.29 -5.11 -19.54
CA LEU A 845 -1.93 -4.56 -19.46
C LEU A 845 -1.35 -4.49 -20.87
N THR A 846 -1.62 -3.38 -21.55
CA THR A 846 -1.15 -3.20 -22.91
C THR A 846 0.20 -2.49 -22.93
N VAL A 847 0.94 -2.69 -24.01
CA VAL A 847 2.23 -2.06 -24.24
C VAL A 847 2.07 -1.17 -25.45
N LEU A 848 2.23 0.14 -25.24
CA LEU A 848 2.09 1.09 -26.34
C LEU A 848 3.37 1.12 -27.17
N PRO A 849 3.27 1.43 -28.46
CA PRO A 849 4.46 1.45 -29.30
C PRO A 849 5.19 2.78 -29.17
N PRO A 850 6.51 2.81 -29.34
CA PRO A 850 7.22 4.09 -29.26
C PRO A 850 6.85 5.01 -30.41
N LEU A 851 6.91 6.31 -30.16
CA LEU A 851 6.55 7.29 -31.18
C LEU A 851 7.50 7.20 -32.37
N LEU A 852 8.80 7.19 -32.11
CA LEU A 852 9.80 7.20 -33.16
C LEU A 852 10.11 5.76 -33.56
N THR A 853 9.79 5.42 -34.80
CA THR A 853 10.13 4.11 -35.33
C THR A 853 11.65 3.97 -35.41
N ASP A 854 12.12 2.73 -35.28
CA ASP A 854 13.56 2.48 -35.32
C ASP A 854 14.18 2.96 -36.63
N GLU A 855 13.41 2.94 -37.72
CA GLU A 855 13.90 3.50 -38.97
C GLU A 855 14.13 5.01 -38.84
N MET A 856 13.21 5.70 -38.16
CA MET A 856 13.39 7.14 -37.96
C MET A 856 14.60 7.43 -37.09
N ILE A 857 14.80 6.65 -36.04
CA ILE A 857 15.98 6.82 -35.19
C ILE A 857 17.25 6.57 -36.00
N ALA A 858 17.21 5.56 -36.89
CA ALA A 858 18.34 5.31 -37.75
C ALA A 858 18.60 6.49 -38.69
N GLN A 859 17.53 7.10 -39.19
CA GLN A 859 17.69 8.28 -40.03
C GLN A 859 18.35 9.42 -39.27
N TYR A 860 17.91 9.66 -38.04
CA TYR A 860 18.52 10.69 -37.21
C TYR A 860 20.00 10.40 -36.98
N THR A 861 20.32 9.14 -36.67
CA THR A 861 21.70 8.76 -36.44
C THR A 861 22.55 8.95 -37.69
N SER A 862 22.01 8.58 -38.84
CA SER A 862 22.73 8.77 -40.09
C SER A 862 22.97 10.23 -40.38
N ALA A 863 21.97 11.08 -40.10
CA ALA A 863 22.16 12.51 -40.27
C ALA A 863 23.27 13.04 -39.38
N LEU A 864 23.29 12.59 -38.12
CA LEU A 864 24.34 13.01 -37.20
C LEU A 864 25.71 12.56 -37.69
N LEU A 865 25.81 11.32 -38.17
CA LEU A 865 27.08 10.82 -38.67
C LEU A 865 27.56 11.62 -39.87
N ALA A 866 26.66 11.89 -40.81
CA ALA A 866 27.03 12.63 -42.02
C ALA A 866 27.48 14.03 -41.66
N GLY A 867 26.74 14.71 -40.80
CA GLY A 867 27.16 16.04 -40.36
C GLY A 867 28.50 15.99 -39.65
N THR A 868 28.73 14.96 -38.83
CA THR A 868 29.97 14.85 -38.09
C THR A 868 31.15 14.72 -39.03
N ILE A 869 31.05 13.83 -40.01
CA ILE A 869 32.20 13.53 -40.87
C ILE A 869 32.35 14.50 -42.03
N THR A 870 31.32 15.29 -42.35
CA THR A 870 31.40 16.25 -43.45
C THR A 870 31.55 17.69 -42.98
N SER A 871 31.24 17.99 -41.71
CA SER A 871 31.31 19.36 -41.20
C SER A 871 31.97 19.47 -39.83
N GLY A 872 32.31 18.37 -39.17
CA GLY A 872 32.94 18.47 -37.87
C GLY A 872 31.94 18.93 -36.83
N TRP A 873 32.39 19.80 -35.93
CA TRP A 873 31.54 20.33 -34.87
C TRP A 873 30.73 21.55 -35.30
N THR A 874 30.89 22.00 -36.55
CA THR A 874 30.27 23.26 -36.94
C THR A 874 28.77 23.12 -37.12
N PHE A 875 28.29 21.94 -37.52
CA PHE A 875 26.85 21.77 -37.72
C PHE A 875 26.09 21.80 -36.40
N GLY A 876 26.75 21.50 -35.28
CA GLY A 876 26.10 21.65 -33.99
C GLY A 876 25.96 23.09 -33.56
N ALA A 877 26.93 23.92 -33.91
CA ALA A 877 26.90 25.36 -33.60
C ALA A 877 26.38 26.16 -34.80
N GLY A 878 25.12 25.89 -35.14
CA GLY A 878 24.48 26.58 -36.25
C GLY A 878 24.52 25.80 -37.55
N ALA A 879 24.83 26.47 -38.64
CA ALA A 879 24.84 25.83 -39.95
C ALA A 879 26.02 24.86 -40.07
N ALA A 880 25.88 23.92 -40.98
CA ALA A 880 26.92 22.94 -41.26
C ALA A 880 27.91 23.53 -42.26
N LEU A 881 29.18 23.59 -41.87
CA LEU A 881 30.24 24.15 -42.69
C LEU A 881 31.17 23.02 -43.11
N GLN A 882 31.29 22.83 -44.42
CA GLN A 882 32.06 21.72 -44.97
C GLN A 882 33.54 21.88 -44.65
N ILE A 883 34.23 20.75 -44.59
CA ILE A 883 35.67 20.75 -44.38
C ILE A 883 36.19 19.36 -44.77
N PRO A 884 37.36 19.23 -45.41
CA PRO A 884 37.90 17.90 -45.65
C PRO A 884 38.16 17.16 -44.35
N PHE A 885 38.00 15.85 -44.38
CA PHE A 885 38.08 15.08 -43.14
C PHE A 885 39.49 15.11 -42.57
N ALA A 886 40.52 15.13 -43.42
CA ALA A 886 41.88 15.19 -42.91
C ALA A 886 42.10 16.46 -42.09
N MET A 887 41.63 17.59 -42.61
CA MET A 887 41.75 18.84 -41.85
C MET A 887 40.92 18.79 -40.58
N GLN A 888 39.77 18.10 -40.62
CA GLN A 888 38.97 17.96 -39.40
C GLN A 888 39.75 17.19 -38.34
N MET A 889 40.31 16.04 -38.70
CA MET A 889 41.06 15.28 -37.71
C MET A 889 42.31 16.03 -37.28
N ALA A 890 42.85 16.90 -38.15
CA ALA A 890 43.94 17.77 -37.73
C ALA A 890 43.47 18.74 -36.65
N TYR A 891 42.28 19.32 -36.81
CA TYR A 891 41.71 20.15 -35.77
C TYR A 891 41.59 19.38 -34.47
N ARG A 892 41.11 18.12 -34.54
CA ARG A 892 40.95 17.33 -33.32
C ARG A 892 42.31 17.09 -32.65
N PHE A 893 43.32 16.76 -33.45
CA PHE A 893 44.65 16.52 -32.90
C PHE A 893 45.19 17.78 -32.24
N ASN A 894 45.00 18.93 -32.87
CA ASN A 894 45.37 20.18 -32.22
C ASN A 894 44.57 20.39 -30.95
N GLY A 895 43.34 19.89 -30.91
CA GLY A 895 42.54 20.00 -29.70
C GLY A 895 43.10 19.20 -28.53
N ILE A 896 43.53 17.96 -28.78
CA ILE A 896 43.99 17.12 -27.68
C ILE A 896 45.36 17.51 -27.15
N GLY A 897 46.04 18.47 -27.77
CA GLY A 897 47.31 18.96 -27.30
C GLY A 897 48.52 18.42 -28.03
N VAL A 898 48.39 18.07 -29.30
CA VAL A 898 49.50 17.62 -30.12
C VAL A 898 49.40 18.34 -31.46
N THR A 899 50.55 18.70 -32.03
CA THR A 899 50.57 19.46 -33.27
C THR A 899 49.92 18.67 -34.39
N GLN A 900 49.36 19.40 -35.36
CA GLN A 900 48.67 18.77 -36.47
C GLN A 900 49.61 18.10 -37.46
N ASN A 901 50.88 18.53 -37.51
CA ASN A 901 51.81 17.98 -38.48
C ASN A 901 51.94 16.47 -38.33
N VAL A 902 51.96 15.98 -37.08
CA VAL A 902 52.14 14.55 -36.84
C VAL A 902 51.03 13.75 -37.51
N LEU A 903 49.84 14.35 -37.65
CA LEU A 903 48.78 13.67 -38.39
C LEU A 903 49.19 13.48 -39.84
N TYR A 904 49.59 14.56 -40.51
CA TYR A 904 49.87 14.48 -41.93
C TYR A 904 51.09 13.61 -42.21
N GLU A 905 52.04 13.58 -41.29
CA GLU A 905 53.19 12.71 -41.44
C GLU A 905 52.84 11.25 -41.21
N ASN A 906 51.68 10.95 -40.62
CA ASN A 906 51.29 9.58 -40.29
C ASN A 906 49.85 9.29 -40.69
N GLN A 907 49.28 10.11 -41.58
CA GLN A 907 47.85 10.06 -41.88
C GLN A 907 47.40 8.66 -42.25
N LYS A 908 48.06 8.07 -43.26
CA LYS A 908 47.72 6.72 -43.71
C LYS A 908 47.73 5.75 -42.54
N LEU A 909 48.82 5.76 -41.76
CA LEU A 909 48.92 4.88 -40.61
C LEU A 909 47.71 5.04 -39.70
N ILE A 910 47.40 6.31 -39.36
CA ILE A 910 46.27 6.58 -38.48
C ILE A 910 45.00 5.98 -39.07
N ALA A 911 44.78 6.21 -40.36
CA ALA A 911 43.59 5.69 -41.02
C ALA A 911 43.52 4.18 -40.84
N ASN A 912 44.64 3.49 -41.13
CA ASN A 912 44.67 2.04 -40.98
C ASN A 912 44.30 1.65 -39.57
N GLN A 913 44.93 2.30 -38.58
CA GLN A 913 44.62 2.03 -37.18
C GLN A 913 43.13 2.18 -36.93
N PHE A 914 42.57 3.30 -37.38
CA PHE A 914 41.14 3.54 -37.19
C PHE A 914 40.34 2.38 -37.77
N ASN A 915 40.65 2.02 -39.02
CA ASN A 915 39.92 0.93 -39.67
C ASN A 915 40.08 -0.35 -38.88
N SER A 916 41.31 -0.64 -38.43
CA SER A 916 41.54 -1.84 -37.65
C SER A 916 40.71 -1.82 -36.39
N ALA A 917 40.65 -0.67 -35.71
CA ALA A 917 39.85 -0.57 -34.50
C ALA A 917 38.38 -0.86 -34.80
N ILE A 918 37.88 -0.31 -35.91
CA ILE A 918 36.49 -0.59 -36.30
C ILE A 918 36.30 -2.08 -36.48
N GLY A 919 37.28 -2.74 -37.12
CA GLY A 919 37.19 -4.18 -37.31
C GLY A 919 37.04 -4.92 -36.00
N LYS A 920 37.81 -4.51 -34.98
CA LYS A 920 37.67 -5.13 -33.67
C LYS A 920 36.24 -5.03 -33.18
N ILE A 921 35.64 -3.84 -33.26
CA ILE A 921 34.26 -3.65 -32.85
C ILE A 921 33.36 -4.61 -33.63
N GLN A 922 33.60 -4.73 -34.94
CA GLN A 922 32.73 -5.54 -35.78
C GLN A 922 32.69 -6.99 -35.32
N ASP A 923 33.75 -7.47 -34.66
CA ASP A 923 33.73 -8.81 -34.10
C ASP A 923 33.36 -8.82 -32.63
N SER A 924 33.70 -7.76 -31.89
CA SER A 924 33.43 -7.76 -30.46
C SER A 924 31.93 -7.78 -30.17
N LEU A 925 31.14 -7.17 -31.03
CA LEU A 925 29.68 -7.19 -30.91
C LEU A 925 29.06 -8.36 -31.66
N SER A 926 29.85 -9.18 -32.34
CA SER A 926 29.32 -10.28 -33.16
C SER A 926 29.42 -11.64 -32.48
N SER A 927 30.29 -11.81 -31.49
CA SER A 927 30.48 -13.09 -30.80
C SER A 927 29.73 -13.14 -29.47
N THR A 928 30.05 -12.22 -28.56
CA THR A 928 29.45 -12.22 -27.23
C THR A 928 28.16 -11.40 -27.22
N ALA A 929 27.35 -11.65 -26.20
CA ALA A 929 26.12 -10.89 -25.97
C ALA A 929 26.11 -10.19 -24.62
N SER A 930 27.23 -10.19 -23.90
CA SER A 930 27.31 -9.53 -22.61
C SER A 930 27.51 -8.02 -22.72
N ALA A 931 27.84 -7.52 -23.92
CA ALA A 931 28.06 -6.09 -24.08
C ALA A 931 26.77 -5.31 -23.87
N LEU A 932 25.65 -5.83 -24.35
CA LEU A 932 24.36 -5.15 -24.31
C LEU A 932 23.53 -5.61 -23.13
N GLY A 933 24.18 -5.88 -22.00
CA GLY A 933 23.45 -6.32 -20.83
C GLY A 933 22.52 -5.27 -20.28
N LYS A 934 22.85 -3.99 -20.47
CA LYS A 934 22.01 -2.92 -19.92
C LYS A 934 20.64 -2.89 -20.59
N LEU A 935 20.62 -2.87 -21.92
CA LEU A 935 19.36 -2.80 -22.64
C LEU A 935 18.52 -4.06 -22.43
N GLN A 936 19.17 -5.22 -22.47
CA GLN A 936 18.47 -6.47 -22.20
C GLN A 936 17.93 -6.49 -20.78
N ASP A 937 18.69 -5.94 -19.84
CA ASP A 937 18.20 -5.86 -18.46
C ASP A 937 16.97 -4.98 -18.36
N VAL A 938 16.96 -3.86 -19.11
CA VAL A 938 15.80 -2.99 -19.11
C VAL A 938 14.56 -3.74 -19.62
N VAL A 939 14.72 -4.40 -20.77
CA VAL A 939 13.60 -5.13 -21.37
C VAL A 939 13.13 -6.23 -20.43
N ASN A 940 14.07 -6.97 -19.84
CA ASN A 940 13.72 -8.04 -18.92
C ASN A 940 12.99 -7.50 -17.70
N GLN A 941 13.44 -6.35 -17.18
CA GLN A 941 12.79 -5.77 -16.02
C GLN A 941 11.33 -5.42 -16.32
N ASN A 942 11.09 -4.79 -17.47
CA ASN A 942 9.71 -4.43 -17.81
C ASN A 942 8.85 -5.67 -17.98
N ALA A 943 9.35 -6.67 -18.72
CA ALA A 943 8.56 -7.87 -18.94
C ALA A 943 8.29 -8.62 -17.64
N GLN A 944 9.31 -8.69 -16.78
CA GLN A 944 9.14 -9.36 -15.49
C GLN A 944 8.12 -8.64 -14.62
N ALA A 945 8.15 -7.31 -14.63
CA ALA A 945 7.18 -6.56 -13.85
C ALA A 945 5.76 -6.84 -14.32
N LEU A 946 5.54 -6.83 -15.63
CA LEU A 946 4.20 -7.11 -16.14
C LEU A 946 3.77 -8.54 -15.80
N ASN A 947 4.67 -9.50 -15.95
CA ASN A 947 4.33 -10.88 -15.66
C ASN A 947 4.02 -11.07 -14.18
N THR A 948 4.78 -10.41 -13.30
CA THR A 948 4.49 -10.48 -11.87
C THR A 948 3.14 -9.87 -11.57
N LEU A 949 2.80 -8.77 -12.26
CA LEU A 949 1.49 -8.16 -12.05
C LEU A 949 0.38 -9.10 -12.44
N VAL A 950 0.55 -9.83 -13.55
CA VAL A 950 -0.44 -10.83 -13.93
C VAL A 950 -0.50 -11.95 -12.88
N LYS A 951 0.66 -12.39 -12.41
CA LYS A 951 0.71 -13.49 -11.45
C LYS A 951 0.07 -13.11 -10.11
N GLN A 952 0.10 -11.82 -9.76
CA GLN A 952 -0.44 -11.38 -8.48
C GLN A 952 -1.96 -11.46 -8.40
N LEU A 953 -2.65 -11.74 -9.50
CA LEU A 953 -4.10 -11.85 -9.46
C LEU A 953 -4.58 -13.12 -8.78
N SER A 954 -3.68 -14.04 -8.45
CA SER A 954 -4.02 -15.29 -7.79
C SER A 954 -4.15 -15.16 -6.28
N SER A 955 -3.91 -13.98 -5.72
CA SER A 955 -3.93 -13.79 -4.28
C SER A 955 -5.35 -13.49 -3.81
N ASN A 956 -5.75 -14.17 -2.73
CA ASN A 956 -7.11 -14.00 -2.23
C ASN A 956 -7.30 -12.65 -1.54
N PHE A 957 -6.26 -12.13 -0.91
CA PHE A 957 -6.34 -10.89 -0.15
C PHE A 957 -7.40 -10.97 0.94
N GLY A 958 -7.51 -12.14 1.56
CA GLY A 958 -8.46 -12.36 2.64
C GLY A 958 -9.82 -12.84 2.21
N ALA A 959 -10.16 -12.71 0.92
CA ALA A 959 -11.45 -13.17 0.44
C ALA A 959 -11.47 -14.69 0.38
N ILE A 960 -12.68 -15.22 0.20
CA ILE A 960 -12.83 -16.68 0.16
C ILE A 960 -12.14 -17.27 -1.06
N SER A 961 -11.99 -16.49 -2.13
CA SER A 961 -11.33 -16.97 -3.32
C SER A 961 -10.72 -15.80 -4.07
N SER A 962 -9.80 -16.11 -4.97
CA SER A 962 -9.15 -15.13 -5.81
C SER A 962 -9.83 -14.96 -7.17
N VAL A 963 -11.02 -15.53 -7.34
CA VAL A 963 -11.76 -15.52 -8.60
C VAL A 963 -13.08 -14.81 -8.35
N LEU A 964 -13.39 -13.83 -9.19
CA LEU A 964 -14.66 -13.11 -9.05
C LEU A 964 -15.84 -14.06 -9.26
N ASN A 965 -15.71 -14.95 -10.24
CA ASN A 965 -16.83 -15.81 -10.60
C ASN A 965 -17.21 -16.74 -9.47
N ASP A 966 -16.23 -17.33 -8.79
CA ASP A 966 -16.53 -18.21 -7.66
C ASP A 966 -17.26 -17.46 -6.56
N ILE A 967 -16.80 -16.25 -6.25
CA ILE A 967 -17.43 -15.46 -5.20
C ILE A 967 -18.86 -15.11 -5.58
N LEU A 968 -19.06 -14.68 -6.83
CA LEU A 968 -20.37 -14.23 -7.26
C LEU A 968 -21.35 -15.38 -7.45
N SER A 969 -20.85 -16.60 -7.65
CA SER A 969 -21.72 -17.77 -7.77
C SER A 969 -22.05 -18.39 -6.41
N ARG A 970 -21.05 -18.54 -5.53
CA ARG A 970 -21.32 -19.12 -4.23
C ARG A 970 -22.16 -18.20 -3.36
N LEU A 971 -21.92 -16.89 -3.45
CA LEU A 971 -22.57 -15.90 -2.59
C LEU A 971 -23.33 -14.90 -3.44
N ASP A 972 -24.45 -14.44 -2.90
CA ASP A 972 -25.17 -13.32 -3.47
C ASP A 972 -24.48 -12.01 -3.08
N LYS A 973 -24.88 -10.92 -3.74
CA LYS A 973 -24.23 -9.63 -3.51
C LYS A 973 -24.31 -9.21 -2.05
N CYS A 974 -25.34 -9.68 -1.36
CA CYS A 974 -25.51 -9.60 0.10
C CYS A 974 -24.19 -9.79 0.85
N GLU A 975 -23.55 -10.95 0.63
CA GLU A 975 -22.27 -11.28 1.24
C GLU A 975 -21.11 -11.14 0.28
N ALA A 976 -21.37 -11.11 -1.02
CA ALA A 976 -20.29 -11.01 -2.00
C ALA A 976 -19.71 -9.61 -2.08
N GLU A 977 -20.45 -8.58 -1.64
CA GLU A 977 -19.91 -7.23 -1.73
C GLU A 977 -18.64 -7.09 -0.90
N VAL A 978 -18.63 -7.63 0.31
CA VAL A 978 -17.45 -7.47 1.17
C VAL A 978 -16.25 -8.21 0.57
N GLN A 979 -16.46 -9.44 0.08
CA GLN A 979 -15.38 -10.20 -0.51
C GLN A 979 -14.82 -9.48 -1.74
N ILE A 980 -15.72 -9.00 -2.60
CA ILE A 980 -15.27 -8.33 -3.82
C ILE A 980 -14.58 -7.03 -3.47
N ASP A 981 -14.99 -6.35 -2.41
CA ASP A 981 -14.31 -5.13 -2.00
C ASP A 981 -12.90 -5.44 -1.50
N ARG A 982 -12.73 -6.53 -0.76
CA ARG A 982 -11.40 -6.93 -0.34
C ARG A 982 -10.52 -7.21 -1.56
N LEU A 983 -11.07 -7.94 -2.53
CA LEU A 983 -10.31 -8.21 -3.76
C LEU A 983 -9.97 -6.92 -4.49
N ILE A 984 -10.91 -5.98 -4.56
CA ILE A 984 -10.68 -4.72 -5.25
C ILE A 984 -9.56 -3.96 -4.58
N THR A 985 -9.60 -3.86 -3.25
CA THR A 985 -8.55 -3.16 -2.53
C THR A 985 -7.19 -3.80 -2.77
N GLY A 986 -7.12 -5.13 -2.70
CA GLY A 986 -5.85 -5.79 -2.90
C GLY A 986 -5.29 -5.58 -4.30
N ARG A 987 -6.12 -5.74 -5.31
CA ARG A 987 -5.64 -5.60 -6.68
C ARG A 987 -5.28 -4.15 -7.00
N LEU A 988 -6.03 -3.20 -6.44
CA LEU A 988 -5.67 -1.80 -6.61
C LEU A 988 -4.32 -1.51 -5.97
N GLN A 989 -4.07 -2.08 -4.79
CA GLN A 989 -2.76 -1.90 -4.17
C GLN A 989 -1.66 -2.53 -5.00
N SER A 990 -1.94 -3.68 -5.62
CA SER A 990 -0.96 -4.28 -6.51
C SER A 990 -0.64 -3.36 -7.69
N LEU A 991 -1.67 -2.74 -8.28
CA LEU A 991 -1.43 -1.80 -9.36
C LEU A 991 -0.62 -0.61 -8.88
N GLN A 992 -0.93 -0.10 -7.68
CA GLN A 992 -0.17 1.02 -7.15
C GLN A 992 1.29 0.66 -6.98
N THR A 993 1.56 -0.55 -6.49
CA THR A 993 2.94 -1.00 -6.33
C THR A 993 3.65 -1.03 -7.68
N TYR A 994 2.98 -1.60 -8.69
CA TYR A 994 3.59 -1.68 -10.01
C TYR A 994 3.88 -0.29 -10.57
N VAL A 995 2.92 0.64 -10.42
CA VAL A 995 3.11 1.99 -10.96
C VAL A 995 4.25 2.69 -10.23
N THR A 996 4.37 2.50 -8.91
CA THR A 996 5.45 3.12 -8.16
C THR A 996 6.81 2.61 -8.64
N GLN A 997 6.92 1.29 -8.80
CA GLN A 997 8.19 0.73 -9.27
C GLN A 997 8.50 1.23 -10.68
N GLN A 998 7.48 1.36 -11.51
CA GLN A 998 7.68 1.87 -12.86
C GLN A 998 8.14 3.32 -12.83
N LEU A 999 7.65 4.11 -11.88
CA LEU A 999 8.13 5.49 -11.74
C LEU A 999 9.59 5.52 -11.31
N ILE A 1000 10.00 4.64 -10.39
CA ILE A 1000 11.41 4.55 -10.01
C ILE A 1000 12.26 4.27 -11.24
N ARG A 1001 11.88 3.24 -12.00
CA ARG A 1001 12.66 2.88 -13.18
C ARG A 1001 12.63 3.96 -14.24
N ALA A 1002 11.51 4.68 -14.36
CA ALA A 1002 11.43 5.78 -15.30
C ALA A 1002 12.40 6.89 -14.92
N ALA A 1003 12.52 7.19 -13.63
CA ALA A 1003 13.50 8.18 -13.20
C ALA A 1003 14.92 7.73 -13.52
N GLU A 1004 15.22 6.45 -13.30
CA GLU A 1004 16.53 5.92 -13.63
C GLU A 1004 16.81 6.08 -15.12
N ILE A 1005 15.84 5.69 -15.96
CA ILE A 1005 16.02 5.77 -17.41
C ILE A 1005 16.13 7.23 -17.84
N ARG A 1006 15.42 8.14 -17.18
CA ARG A 1006 15.54 9.56 -17.52
C ARG A 1006 16.93 10.08 -17.22
N ALA A 1007 17.51 9.66 -16.09
CA ALA A 1007 18.90 10.03 -15.81
C ALA A 1007 19.83 9.50 -16.88
N SER A 1008 19.64 8.23 -17.28
CA SER A 1008 20.46 7.66 -18.34
C SER A 1008 20.29 8.42 -19.65
N ALA A 1009 19.05 8.80 -19.97
CA ALA A 1009 18.77 9.51 -21.22
C ALA A 1009 19.38 10.89 -21.21
N ASN A 1010 19.34 11.58 -20.06
CA ASN A 1010 19.97 12.88 -19.96
C ASN A 1010 21.48 12.76 -20.15
N LEU A 1011 22.09 11.72 -19.58
CA LEU A 1011 23.52 11.50 -19.81
C LEU A 1011 23.79 11.23 -21.29
N ALA A 1012 22.93 10.45 -21.94
CA ALA A 1012 23.13 10.16 -23.36
C ALA A 1012 23.00 11.42 -24.20
N ALA A 1013 22.04 12.27 -23.88
CA ALA A 1013 21.90 13.53 -24.61
C ALA A 1013 23.11 14.42 -24.41
N THR A 1014 23.62 14.49 -23.18
CA THR A 1014 24.83 15.29 -22.92
C THR A 1014 26.02 14.73 -23.69
N LYS A 1015 26.15 13.40 -23.74
CA LYS A 1015 27.25 12.80 -24.49
C LYS A 1015 27.12 13.12 -25.98
N MET A 1016 25.92 12.99 -26.54
CA MET A 1016 25.75 13.30 -27.95
C MET A 1016 26.09 14.75 -28.23
N SER A 1017 25.67 15.66 -27.35
CA SER A 1017 25.94 17.08 -27.57
C SER A 1017 27.42 17.40 -27.43
N GLU A 1018 28.11 16.77 -26.48
CA GLU A 1018 29.47 17.16 -26.10
C GLU A 1018 30.55 16.28 -26.71
N CYS A 1019 30.22 15.16 -27.32
CA CYS A 1019 31.20 14.26 -27.91
C CYS A 1019 30.95 13.97 -29.38
N VAL A 1020 29.70 13.81 -29.80
CA VAL A 1020 29.40 13.67 -31.22
C VAL A 1020 29.40 15.03 -31.90
N LEU A 1021 28.76 16.00 -31.28
CA LEU A 1021 28.69 17.36 -31.82
C LEU A 1021 29.92 18.20 -31.50
N GLY A 1022 30.89 17.66 -30.76
CA GLY A 1022 32.04 18.44 -30.37
C GLY A 1022 33.16 17.53 -29.92
N GLN A 1023 34.21 18.16 -29.40
CA GLN A 1023 35.38 17.46 -28.87
C GLN A 1023 35.46 17.75 -27.37
N SER A 1024 35.35 16.71 -26.56
CA SER A 1024 35.24 16.88 -25.12
C SER A 1024 36.63 16.86 -24.48
N LYS A 1025 36.92 17.88 -23.68
CA LYS A 1025 38.13 17.93 -22.87
C LYS A 1025 37.98 17.22 -21.54
N ARG A 1026 36.76 16.82 -21.18
CA ARG A 1026 36.54 16.14 -19.91
C ARG A 1026 37.19 14.77 -19.94
N VAL A 1027 37.99 14.47 -18.93
CA VAL A 1027 38.80 13.26 -18.93
C VAL A 1027 37.90 12.07 -18.60
N ASP A 1028 37.94 11.06 -19.47
CA ASP A 1028 37.19 9.80 -19.34
C ASP A 1028 35.68 10.02 -19.49
N PHE A 1029 35.23 11.22 -19.83
CA PHE A 1029 33.81 11.40 -20.11
C PHE A 1029 33.38 10.58 -21.31
N CYS A 1030 34.24 10.52 -22.33
CA CYS A 1030 33.97 9.79 -23.56
C CYS A 1030 35.20 8.93 -23.86
N GLY A 1031 35.24 7.73 -23.25
CA GLY A 1031 36.29 6.78 -23.53
C GLY A 1031 37.63 7.09 -22.90
N LYS A 1032 38.45 6.08 -22.69
CA LYS A 1032 39.80 6.27 -22.19
C LYS A 1032 40.68 6.88 -23.26
N GLY A 1033 41.65 7.69 -22.82
CA GLY A 1033 42.50 8.43 -23.73
C GLY A 1033 41.90 9.76 -24.08
N TYR A 1034 42.58 10.49 -24.95
CA TYR A 1034 42.15 11.81 -25.35
C TYR A 1034 41.10 11.68 -26.45
N HIS A 1035 39.89 12.18 -26.18
CA HIS A 1035 38.79 12.02 -27.12
C HIS A 1035 39.06 12.76 -28.43
N LEU A 1036 38.73 12.12 -29.55
CA LEU A 1036 38.83 12.72 -30.87
C LEU A 1036 37.46 12.90 -31.51
N MET A 1037 36.68 11.82 -31.65
CA MET A 1037 35.35 11.89 -32.25
C MET A 1037 34.46 10.88 -31.52
N SER A 1038 33.19 10.86 -31.90
CA SER A 1038 32.26 9.85 -31.43
C SER A 1038 31.19 9.65 -32.50
N PHE A 1039 30.75 8.41 -32.63
CA PHE A 1039 29.82 8.01 -33.69
C PHE A 1039 28.59 7.37 -33.04
N PRO A 1040 27.41 7.96 -33.11
CA PRO A 1040 26.24 7.31 -32.52
C PRO A 1040 25.72 6.18 -33.39
N GLN A 1041 25.18 5.16 -32.72
CA GLN A 1041 24.53 4.04 -33.38
C GLN A 1041 23.28 3.70 -32.59
N SER A 1042 22.15 3.62 -33.27
CA SER A 1042 20.91 3.31 -32.58
C SER A 1042 20.94 1.87 -32.08
N ALA A 1043 20.19 1.60 -31.02
CA ALA A 1043 20.06 0.25 -30.49
C ALA A 1043 18.67 0.14 -29.90
N PRO A 1044 18.14 -1.09 -29.73
CA PRO A 1044 16.79 -1.24 -29.18
C PRO A 1044 16.65 -0.58 -27.82
N HIS A 1045 15.83 0.47 -27.77
CA HIS A 1045 15.60 1.22 -26.54
C HIS A 1045 16.90 1.77 -25.96
N GLY A 1046 17.80 2.20 -26.84
CA GLY A 1046 19.07 2.70 -26.33
C GLY A 1046 19.95 3.22 -27.45
N VAL A 1047 21.12 3.71 -27.05
CA VAL A 1047 22.08 4.27 -27.98
C VAL A 1047 23.46 3.71 -27.64
N VAL A 1048 24.33 3.72 -28.65
CA VAL A 1048 25.68 3.20 -28.55
C VAL A 1048 26.62 4.27 -29.09
N PHE A 1049 27.71 4.51 -28.37
CA PHE A 1049 28.71 5.48 -28.79
C PHE A 1049 30.03 4.77 -29.04
N LEU A 1050 30.65 5.09 -30.17
CA LEU A 1050 31.95 4.59 -30.56
C LEU A 1050 32.94 5.74 -30.35
N HIS A 1051 33.45 5.84 -29.12
CA HIS A 1051 34.40 6.88 -28.78
C HIS A 1051 35.76 6.52 -29.36
N VAL A 1052 36.22 7.28 -30.35
CA VAL A 1052 37.57 7.11 -30.88
C VAL A 1052 38.50 8.05 -30.11
N THR A 1053 39.62 7.50 -29.64
CA THR A 1053 40.49 8.19 -28.71
C THR A 1053 41.94 7.99 -29.09
N TYR A 1054 42.75 8.97 -28.75
CA TYR A 1054 44.19 8.95 -28.92
C TYR A 1054 44.82 8.45 -27.63
N VAL A 1055 45.65 7.41 -27.73
CA VAL A 1055 46.29 6.80 -26.58
C VAL A 1055 47.79 6.72 -26.84
N PRO A 1056 48.65 7.53 -26.22
CA PRO A 1056 50.09 7.37 -26.44
C PRO A 1056 50.57 6.00 -25.97
N ALA A 1057 51.40 5.36 -26.80
CA ALA A 1057 51.69 3.94 -26.67
C ALA A 1057 53.13 3.65 -26.28
N GLN A 1058 54.10 4.12 -27.06
CA GLN A 1058 55.50 3.75 -26.88
C GLN A 1058 56.20 4.91 -26.20
N GLU A 1059 56.49 4.75 -24.92
CA GLU A 1059 57.12 5.79 -24.11
C GLU A 1059 58.62 5.57 -24.04
N LYS A 1060 59.34 6.63 -23.72
CA LYS A 1060 60.77 6.57 -23.56
C LYS A 1060 61.22 7.49 -22.44
N ASN A 1061 62.16 7.01 -21.65
CA ASN A 1061 62.77 7.81 -20.60
C ASN A 1061 63.55 8.97 -21.20
N PHE A 1062 63.64 10.06 -20.44
CA PHE A 1062 64.41 11.23 -20.82
C PHE A 1062 64.77 11.99 -19.56
N THR A 1063 65.82 12.79 -19.67
CA THR A 1063 66.25 13.68 -18.59
C THR A 1063 65.81 15.10 -18.94
N THR A 1064 65.07 15.71 -18.03
CA THR A 1064 64.39 16.97 -18.26
C THR A 1064 65.01 18.07 -17.38
N ALA A 1065 64.46 19.26 -17.50
CA ALA A 1065 64.90 20.40 -16.70
C ALA A 1065 63.86 21.51 -16.85
N PRO A 1066 63.44 22.18 -15.78
CA PRO A 1066 62.41 23.22 -15.93
C PRO A 1066 62.82 24.38 -16.81
N ALA A 1067 64.12 24.69 -16.87
CA ALA A 1067 64.56 25.91 -17.54
C ALA A 1067 66.01 25.75 -17.96
N ILE A 1068 66.46 26.68 -18.79
CA ILE A 1068 67.82 26.69 -19.33
C ILE A 1068 68.41 28.08 -19.08
N CYS A 1069 69.53 28.14 -18.37
CA CYS A 1069 70.24 29.40 -18.15
C CYS A 1069 71.19 29.62 -19.32
N HIS A 1070 70.88 30.59 -20.17
CA HIS A 1070 71.70 30.83 -21.35
C HIS A 1070 72.93 31.66 -21.01
N ASP A 1071 72.73 32.90 -20.60
CA ASP A 1071 73.81 33.80 -20.20
C ASP A 1071 73.40 34.62 -18.98
N GLY A 1072 72.73 33.96 -18.04
CA GLY A 1072 72.23 34.62 -16.84
C GLY A 1072 70.71 34.62 -16.80
N LYS A 1073 70.08 34.82 -17.95
CA LYS A 1073 68.63 34.78 -18.04
C LYS A 1073 68.17 33.33 -18.14
N ALA A 1074 66.95 33.09 -17.64
CA ALA A 1074 66.37 31.77 -17.60
C ALA A 1074 65.35 31.62 -18.73
N HIS A 1075 65.51 30.56 -19.52
CA HIS A 1075 64.63 30.27 -20.64
C HIS A 1075 63.60 29.23 -20.22
N PHE A 1076 62.33 29.54 -20.41
CA PHE A 1076 61.22 28.61 -20.18
C PHE A 1076 60.53 28.31 -21.50
N PRO A 1077 60.13 27.06 -21.77
CA PRO A 1077 59.51 26.77 -23.07
C PRO A 1077 58.13 27.39 -23.18
N ARG A 1078 57.74 27.71 -24.41
CA ARG A 1078 56.40 28.22 -24.65
C ARG A 1078 55.37 27.12 -24.50
N GLU A 1079 55.47 26.09 -25.35
CA GLU A 1079 54.72 24.85 -25.19
C GLU A 1079 55.71 23.70 -25.31
N GLY A 1080 55.54 22.71 -24.44
CA GLY A 1080 56.43 21.57 -24.40
C GLY A 1080 57.40 21.64 -23.24
N VAL A 1081 58.35 20.72 -23.27
CA VAL A 1081 59.32 20.55 -22.19
C VAL A 1081 60.72 20.44 -22.79
N PHE A 1082 61.71 20.75 -21.95
CA PHE A 1082 63.11 20.56 -22.32
C PHE A 1082 63.51 19.12 -22.05
N VAL A 1083 64.12 18.48 -23.04
CA VAL A 1083 64.46 17.07 -23.00
C VAL A 1083 65.86 16.87 -23.53
N SER A 1084 66.63 16.02 -22.87
CA SER A 1084 67.99 15.68 -23.28
C SER A 1084 68.08 14.19 -23.56
N ASN A 1085 68.70 13.84 -24.68
CA ASN A 1085 69.01 12.45 -25.00
C ASN A 1085 70.35 12.02 -24.44
N GLY A 1086 71.02 12.88 -23.65
CA GLY A 1086 72.29 12.57 -23.04
C GLY A 1086 73.36 13.60 -23.35
N THR A 1087 73.29 14.19 -24.54
CA THR A 1087 74.30 15.14 -25.01
C THR A 1087 73.72 16.54 -25.18
N HIS A 1088 72.67 16.69 -25.98
CA HIS A 1088 72.09 17.97 -26.33
C HIS A 1088 70.74 18.12 -25.62
N TRP A 1089 70.07 19.24 -25.89
CA TRP A 1089 68.75 19.52 -25.37
C TRP A 1089 67.85 20.01 -26.50
N PHE A 1090 66.57 19.67 -26.40
CA PHE A 1090 65.57 20.05 -27.38
C PHE A 1090 64.28 20.42 -26.64
N VAL A 1091 63.45 21.20 -27.32
CA VAL A 1091 62.07 21.42 -26.88
C VAL A 1091 61.22 20.39 -27.58
N THR A 1092 60.35 19.71 -26.82
CA THR A 1092 59.50 18.67 -27.38
C THR A 1092 58.07 18.91 -26.90
N GLN A 1093 57.13 18.70 -27.80
CA GLN A 1093 55.73 18.80 -27.41
C GLN A 1093 55.40 17.67 -26.45
N ARG A 1094 54.36 17.91 -25.65
CA ARG A 1094 54.20 17.19 -24.39
C ARG A 1094 53.72 15.76 -24.62
N ASN A 1095 52.85 15.53 -25.59
CA ASN A 1095 52.24 14.23 -25.83
C ASN A 1095 52.85 13.50 -27.02
N PHE A 1096 53.97 13.98 -27.57
CA PHE A 1096 54.59 13.31 -28.70
C PHE A 1096 56.04 13.74 -28.77
N TYR A 1097 56.90 12.83 -29.22
CA TYR A 1097 58.34 13.09 -29.28
C TYR A 1097 58.67 13.63 -30.67
N GLU A 1098 58.67 14.96 -30.78
CA GLU A 1098 59.10 15.66 -31.99
C GLU A 1098 60.07 16.76 -31.56
N PRO A 1099 61.28 16.40 -31.15
CA PRO A 1099 62.22 17.41 -30.66
C PRO A 1099 62.68 18.35 -31.75
N GLN A 1100 62.92 19.60 -31.35
CA GLN A 1100 63.54 20.59 -32.21
C GLN A 1100 64.53 21.40 -31.38
N ILE A 1101 65.53 21.97 -32.07
CA ILE A 1101 66.65 22.58 -31.37
C ILE A 1101 66.17 23.80 -30.62
N ILE A 1102 66.81 24.09 -29.49
CA ILE A 1102 66.40 25.21 -28.65
C ILE A 1102 66.56 26.50 -29.44
N THR A 1103 65.56 27.38 -29.33
CA THR A 1103 65.57 28.63 -30.07
C THR A 1103 64.83 29.69 -29.26
N THR A 1104 65.16 30.95 -29.52
CA THR A 1104 64.59 32.05 -28.75
C THR A 1104 63.09 32.23 -28.99
N ASP A 1105 62.56 31.73 -30.11
CA ASP A 1105 61.13 31.78 -30.34
C ASP A 1105 60.41 30.61 -29.68
N ASN A 1106 61.06 29.45 -29.57
CA ASN A 1106 60.47 28.35 -28.84
C ASN A 1106 60.33 28.65 -27.36
N THR A 1107 61.23 29.46 -26.81
CA THR A 1107 61.28 29.76 -25.38
C THR A 1107 60.99 31.24 -25.15
N PHE A 1108 60.85 31.59 -23.87
CA PHE A 1108 60.74 32.97 -23.44
C PHE A 1108 61.56 33.15 -22.17
N VAL A 1109 62.11 34.34 -21.99
CA VAL A 1109 63.01 34.65 -20.89
C VAL A 1109 62.23 35.30 -19.77
N SER A 1110 62.68 35.08 -18.53
CA SER A 1110 62.04 35.70 -17.37
C SER A 1110 63.09 35.81 -16.26
N GLY A 1111 63.69 36.99 -16.12
CA GLY A 1111 64.57 37.26 -15.00
C GLY A 1111 65.87 36.47 -15.06
N ASN A 1112 66.66 36.65 -14.01
CA ASN A 1112 67.93 35.94 -13.90
C ASN A 1112 67.68 34.46 -13.60
N CYS A 1113 68.74 33.67 -13.70
CA CYS A 1113 68.65 32.21 -13.66
C CYS A 1113 69.14 31.62 -12.35
N ASP A 1114 68.98 32.35 -11.24
CA ASP A 1114 69.43 31.89 -9.93
C ASP A 1114 68.30 31.38 -9.05
N VAL A 1115 67.08 31.89 -9.21
CA VAL A 1115 65.98 31.50 -8.34
C VAL A 1115 65.41 30.14 -8.71
N VAL A 1116 65.51 29.75 -9.98
CA VAL A 1116 64.87 28.52 -10.43
C VAL A 1116 65.62 27.32 -9.87
N ILE A 1117 64.89 26.29 -9.48
CA ILE A 1117 65.44 25.05 -8.95
C ILE A 1117 65.43 24.01 -10.07
N GLY A 1118 66.57 23.37 -10.29
CA GLY A 1118 66.71 22.39 -11.36
C GLY A 1118 67.17 22.95 -12.68
N ILE A 1119 67.43 24.26 -12.77
CA ILE A 1119 67.90 24.84 -14.01
C ILE A 1119 69.28 24.32 -14.36
N VAL A 1120 69.55 24.21 -15.67
CA VAL A 1120 70.79 23.62 -16.18
C VAL A 1120 71.33 24.52 -17.28
N ASN A 1121 72.65 24.43 -17.49
CA ASN A 1121 73.33 25.27 -18.47
C ASN A 1121 73.21 24.71 -19.87
N ASN A 1122 72.93 25.58 -20.82
CA ASN A 1122 73.03 25.27 -22.24
C ASN A 1122 72.86 26.57 -23.02
N THR A 1123 73.22 26.53 -24.30
CA THR A 1123 73.12 27.68 -25.19
C THR A 1123 71.85 27.59 -26.01
N VAL A 1124 71.20 28.74 -26.21
CA VAL A 1124 70.02 28.86 -27.06
C VAL A 1124 70.45 29.45 -28.39
N TYR A 1125 70.04 28.81 -29.49
CA TYR A 1125 70.37 29.30 -30.81
C TYR A 1125 69.46 30.47 -31.19
N ASP A 1126 70.04 31.48 -31.83
CA ASP A 1126 69.32 32.68 -32.22
C ASP A 1126 69.49 32.88 -33.73
N PRO A 1127 68.41 32.83 -34.55
CA PRO A 1127 68.62 33.13 -35.97
C PRO A 1127 69.08 34.57 -36.20
N GLN B 5 -25.52 5.41 66.33
CA GLN B 5 -25.16 6.65 67.03
C GLN B 5 -23.92 7.28 66.41
N CYS B 6 -23.91 8.61 66.34
CA CYS B 6 -22.84 9.33 65.65
C CYS B 6 -22.98 10.81 66.01
N VAL B 7 -21.84 11.48 66.17
CA VAL B 7 -21.80 12.83 66.71
C VAL B 7 -21.28 13.75 65.63
N ASN B 8 -21.90 14.93 65.51
CA ASN B 8 -21.57 15.91 64.48
C ASN B 8 -20.72 17.01 65.10
N LEU B 9 -19.57 17.29 64.48
CA LEU B 9 -18.64 18.27 65.02
C LEU B 9 -19.23 19.68 64.93
N THR B 10 -19.03 20.47 66.00
CA THR B 10 -19.58 21.82 66.09
C THR B 10 -18.53 22.92 66.03
N THR B 11 -17.30 22.65 66.44
CA THR B 11 -16.23 23.65 66.46
C THR B 11 -15.50 23.60 65.13
N ARG B 12 -15.64 24.65 64.33
CA ARG B 12 -15.05 24.71 62.99
C ARG B 12 -14.56 26.12 62.70
N THR B 13 -13.34 26.23 62.21
CA THR B 13 -12.78 27.47 61.67
C THR B 13 -12.39 27.16 60.24
N GLN B 14 -13.24 27.57 59.30
CA GLN B 14 -13.13 27.18 57.90
C GLN B 14 -12.65 28.36 57.06
N LEU B 15 -11.81 28.07 56.09
CA LEU B 15 -11.28 29.02 55.13
C LEU B 15 -11.73 28.60 53.72
N PRO B 16 -11.64 29.51 52.74
CA PRO B 16 -11.93 29.10 51.37
C PRO B 16 -10.98 28.01 50.93
N PRO B 17 -11.41 27.12 50.01
CA PRO B 17 -10.53 26.01 49.61
C PRO B 17 -9.22 26.51 49.02
N ALA B 18 -8.13 25.84 49.39
CA ALA B 18 -6.80 26.19 48.90
C ALA B 18 -6.45 25.35 47.69
N TYR B 19 -5.54 25.87 46.89
CA TYR B 19 -5.09 25.23 45.65
C TYR B 19 -3.57 25.14 45.66
N THR B 20 -3.05 24.17 44.94
CA THR B 20 -1.63 24.14 44.63
C THR B 20 -1.46 23.52 43.25
N ASN B 21 -0.20 23.38 42.83
CA ASN B 21 0.14 22.94 41.50
C ASN B 21 0.68 21.51 41.58
N SER B 22 0.01 20.59 40.88
CA SER B 22 0.51 19.23 40.72
C SER B 22 1.29 19.16 39.43
N PHE B 23 2.58 18.88 39.55
CA PHE B 23 3.52 18.80 38.44
C PHE B 23 4.06 17.38 38.34
N THR B 24 4.03 16.84 37.13
CA THR B 24 4.51 15.50 36.77
C THR B 24 4.17 14.41 37.80
N ARG B 25 2.98 14.49 38.38
CA ARG B 25 2.49 13.51 39.35
C ARG B 25 1.30 12.75 38.77
N GLY B 26 1.03 11.59 39.35
CA GLY B 26 -0.15 10.83 39.00
C GLY B 26 -0.02 9.90 37.82
N VAL B 27 1.19 9.41 37.53
CA VAL B 27 1.42 8.48 36.43
C VAL B 27 1.47 7.07 37.01
N TYR B 28 0.75 6.16 36.36
CA TYR B 28 0.63 4.78 36.83
C TYR B 28 0.81 3.82 35.66
N TYR B 29 1.20 2.58 35.99
CA TYR B 29 1.34 1.55 35.00
C TYR B 29 -0.02 1.24 34.38
N PRO B 30 -0.17 1.27 33.06
CA PRO B 30 -1.47 0.95 32.46
C PRO B 30 -1.69 -0.52 32.13
N ASP B 31 -0.75 -1.40 32.45
CA ASP B 31 -0.92 -2.82 32.14
C ASP B 31 0.04 -3.64 33.00
N LYS B 32 -0.28 -4.92 33.13
CA LYS B 32 0.56 -5.88 33.86
C LYS B 32 1.51 -6.61 32.91
N VAL B 33 2.29 -5.84 32.14
CA VAL B 33 3.22 -6.37 31.17
C VAL B 33 4.58 -5.70 31.40
N PHE B 34 5.64 -6.49 31.31
CA PHE B 34 6.99 -6.03 31.58
C PHE B 34 7.62 -5.52 30.29
N ARG B 35 8.00 -4.25 30.27
CA ARG B 35 8.68 -3.63 29.14
C ARG B 35 9.93 -2.94 29.65
N SER B 36 11.05 -3.14 28.95
CA SER B 36 12.35 -2.65 29.38
C SER B 36 12.98 -1.83 28.26
N SER B 37 13.42 -0.61 28.60
CA SER B 37 14.12 0.27 27.65
C SER B 37 13.25 0.58 26.44
N VAL B 38 12.04 1.06 26.70
CA VAL B 38 11.06 1.32 25.63
C VAL B 38 10.32 2.62 25.89
N LEU B 39 10.11 3.39 24.83
CA LEU B 39 9.35 4.64 24.89
C LEU B 39 7.94 4.32 24.40
N HIS B 40 7.02 4.11 25.34
CA HIS B 40 5.68 3.63 25.08
C HIS B 40 4.65 4.75 25.22
N SER B 41 3.74 4.83 24.26
CA SER B 41 2.70 5.86 24.26
C SER B 41 1.38 5.24 24.68
N THR B 42 0.58 5.99 25.43
CA THR B 42 -0.72 5.50 25.86
C THR B 42 -1.70 6.65 25.96
N GLN B 43 -2.98 6.30 26.02
CA GLN B 43 -4.05 7.26 26.29
C GLN B 43 -4.96 6.66 27.33
N ASP B 44 -5.28 7.43 28.36
CA ASP B 44 -6.17 6.93 29.42
C ASP B 44 -6.58 8.10 30.27
N LEU B 45 -7.26 7.81 31.38
CA LEU B 45 -7.56 8.83 32.38
C LEU B 45 -6.30 9.14 33.16
N PHE B 46 -5.83 10.37 33.08
CA PHE B 46 -4.60 10.79 33.71
C PHE B 46 -4.80 12.16 34.34
N LEU B 47 -4.01 12.45 35.36
CA LEU B 47 -4.01 13.77 35.95
C LEU B 47 -3.14 14.68 35.08
N PRO B 48 -3.68 15.75 34.49
CA PRO B 48 -2.82 16.62 33.67
C PRO B 48 -1.71 17.24 34.52
N PHE B 49 -0.53 17.37 33.92
CA PHE B 49 0.59 17.96 34.61
C PHE B 49 0.31 19.44 34.87
N PHE B 50 0.83 19.94 35.98
CA PHE B 50 0.70 21.35 36.36
C PHE B 50 -0.78 21.73 36.49
N SER B 51 -1.52 20.90 37.22
CA SER B 51 -2.94 21.09 37.42
C SER B 51 -3.21 21.71 38.79
N ASN B 52 -4.30 22.48 38.88
CA ASN B 52 -4.72 23.08 40.13
C ASN B 52 -5.38 22.01 40.99
N VAL B 53 -4.59 21.37 41.84
CA VAL B 53 -5.10 20.33 42.73
C VAL B 53 -5.54 20.97 44.04
N THR B 54 -6.67 20.51 44.58
CA THR B 54 -7.21 21.12 45.78
C THR B 54 -6.50 20.57 47.01
N TRP B 55 -6.22 21.48 47.95
CA TRP B 55 -5.44 21.22 49.15
C TRP B 55 -6.36 21.19 50.36
N PHE B 56 -6.20 20.17 51.20
CA PHE B 56 -6.89 20.07 52.47
C PHE B 56 -5.88 19.64 53.52
N HIS B 57 -6.07 20.10 54.76
CA HIS B 57 -5.18 19.68 55.82
C HIS B 57 -5.85 19.83 57.17
N ALA B 58 -5.45 18.96 58.10
CA ALA B 58 -5.88 19.01 59.49
C ALA B 58 -4.66 19.32 60.35
N ILE B 59 -4.68 20.51 60.95
CA ILE B 59 -3.67 20.96 61.89
C ILE B 59 -4.38 21.69 63.03
N HIS B 60 -3.78 21.65 64.21
CA HIS B 60 -4.38 22.20 65.42
C HIS B 60 -3.76 23.58 65.68
N VAL B 61 -4.37 24.34 66.59
CA VAL B 61 -3.93 25.67 67.01
C VAL B 61 -4.93 26.78 67.33
N THR B 67 -5.26 25.80 63.73
CA THR B 67 -6.37 26.72 63.89
C THR B 67 -7.71 25.99 64.03
N LYS B 68 -7.66 24.73 64.49
CA LYS B 68 -8.85 23.92 64.70
C LYS B 68 -9.68 23.78 63.42
N ARG B 69 -8.99 23.54 62.30
CA ARG B 69 -9.61 22.98 61.12
C ARG B 69 -9.47 21.46 61.13
N PHE B 70 -10.32 20.80 60.36
CA PHE B 70 -10.27 19.34 60.30
C PHE B 70 -10.96 18.89 59.01
N ASP B 71 -10.66 19.60 57.92
CA ASP B 71 -11.56 19.68 56.78
C ASP B 71 -11.75 18.33 56.11
N ASN B 72 -12.98 18.05 55.70
CA ASN B 72 -13.33 16.78 55.04
C ASN B 72 -14.70 16.91 54.38
N PRO B 73 -14.82 17.69 53.31
CA PRO B 73 -16.13 17.85 52.66
C PRO B 73 -16.43 16.69 51.72
N VAL B 74 -17.67 16.68 51.24
CA VAL B 74 -18.12 15.68 50.28
C VAL B 74 -17.75 16.15 48.88
N LEU B 75 -16.55 15.80 48.44
CA LEU B 75 -16.07 16.21 47.13
C LEU B 75 -16.74 15.39 46.03
N PRO B 76 -16.80 15.91 44.80
CA PRO B 76 -17.32 15.12 43.69
C PRO B 76 -16.28 14.20 43.07
N PHE B 77 -16.77 13.09 42.55
CA PHE B 77 -15.98 12.10 41.82
C PHE B 77 -16.32 12.23 40.34
N ASN B 78 -15.30 12.45 39.51
CA ASN B 78 -15.49 12.71 38.08
C ASN B 78 -14.57 11.76 37.31
N ASP B 79 -15.10 10.58 37.00
CA ASP B 79 -14.45 9.53 36.19
C ASP B 79 -12.98 9.35 36.50
N GLY B 80 -12.61 9.42 37.77
CA GLY B 80 -11.26 9.15 38.21
C GLY B 80 -10.75 10.25 39.12
N VAL B 81 -9.97 9.89 40.13
CA VAL B 81 -9.45 10.85 41.11
C VAL B 81 -8.02 10.46 41.48
N TYR B 82 -7.17 11.47 41.62
CA TYR B 82 -5.84 11.32 42.20
C TYR B 82 -5.87 11.90 43.61
N PHE B 83 -5.48 11.08 44.58
CA PHE B 83 -5.43 11.41 45.99
C PHE B 83 -3.99 11.28 46.44
N ALA B 84 -3.52 12.21 47.27
CA ALA B 84 -2.15 12.12 47.77
C ALA B 84 -2.07 12.76 49.13
N SER B 85 -1.64 11.99 50.13
CA SER B 85 -1.61 12.44 51.51
C SER B 85 -0.18 12.43 52.02
N THR B 86 0.21 13.54 52.67
CA THR B 86 1.44 13.65 53.43
C THR B 86 1.10 13.57 54.91
N GLU B 87 1.70 12.59 55.60
CA GLU B 87 1.40 12.41 57.01
C GLU B 87 2.55 11.69 57.70
N LYS B 88 2.54 11.81 59.03
CA LYS B 88 3.54 11.20 59.91
C LYS B 88 2.88 10.40 61.03
N SER B 89 1.71 10.85 61.48
CA SER B 89 0.97 10.20 62.56
C SER B 89 -0.19 9.35 62.08
N ASN B 90 -0.37 9.19 60.77
CA ASN B 90 -1.44 8.36 60.21
C ASN B 90 -2.82 8.85 60.66
N ILE B 91 -3.13 10.08 60.28
CA ILE B 91 -4.45 10.67 60.55
C ILE B 91 -5.46 10.27 59.49
N ILE B 92 -5.06 10.41 58.21
CA ILE B 92 -5.91 10.18 57.05
C ILE B 92 -6.01 8.67 56.86
N ARG B 93 -7.14 8.07 57.23
CA ARG B 93 -7.20 6.63 57.41
C ARG B 93 -8.50 6.03 56.85
N GLY B 94 -8.87 6.43 55.63
CA GLY B 94 -9.99 5.78 54.96
C GLY B 94 -10.64 6.68 53.94
N TRP B 95 -11.60 6.08 53.22
CA TRP B 95 -12.40 6.80 52.24
C TRP B 95 -13.80 6.22 52.20
N ILE B 96 -14.75 7.08 51.83
CA ILE B 96 -16.14 6.72 51.59
C ILE B 96 -16.47 7.18 50.18
N PHE B 97 -17.02 6.28 49.36
CA PHE B 97 -17.43 6.60 48.00
C PHE B 97 -18.90 6.25 47.82
N GLY B 98 -19.56 6.97 46.93
CA GLY B 98 -20.96 6.67 46.66
C GLY B 98 -21.54 7.66 45.69
N THR B 99 -22.86 7.58 45.52
CA THR B 99 -23.60 8.51 44.69
C THR B 99 -24.48 9.47 45.49
N THR B 100 -25.01 9.03 46.63
CA THR B 100 -25.76 9.91 47.52
C THR B 100 -25.39 9.76 48.99
N LEU B 101 -24.82 8.64 49.42
CA LEU B 101 -24.38 8.45 50.80
C LEU B 101 -25.54 8.65 51.76
N ASP B 102 -26.64 7.95 51.49
CA ASP B 102 -27.91 8.18 52.18
C ASP B 102 -28.61 6.87 52.55
N SER B 103 -28.06 5.71 52.21
CA SER B 103 -28.60 4.36 52.42
C SER B 103 -29.68 4.03 51.41
N LYS B 104 -30.07 4.96 50.52
CA LYS B 104 -30.91 4.62 49.40
C LYS B 104 -30.14 3.95 48.26
N THR B 105 -28.81 4.02 48.28
CA THR B 105 -27.97 3.42 47.26
C THR B 105 -26.81 2.71 47.93
N GLN B 106 -26.24 1.74 47.21
CA GLN B 106 -25.03 1.08 47.68
C GLN B 106 -23.87 2.07 47.69
N SER B 107 -22.99 1.94 48.68
CA SER B 107 -21.85 2.82 48.83
C SER B 107 -20.64 1.97 49.21
N LEU B 108 -19.46 2.47 48.87
CA LEU B 108 -18.20 1.80 49.12
C LEU B 108 -17.50 2.44 50.30
N LEU B 109 -16.87 1.61 51.14
CA LEU B 109 -16.22 2.05 52.36
C LEU B 109 -14.89 1.33 52.46
N ILE B 110 -13.79 2.08 52.45
CA ILE B 110 -12.45 1.54 52.65
C ILE B 110 -11.95 2.13 53.96
N VAL B 111 -11.73 1.28 54.96
CA VAL B 111 -11.34 1.76 56.29
C VAL B 111 -10.24 0.87 56.85
N ASN B 112 -9.17 1.48 57.33
CA ASN B 112 -8.12 0.78 58.09
C ASN B 112 -8.33 1.15 59.55
N ASN B 113 -8.96 0.27 60.33
CA ASN B 113 -9.32 0.59 61.69
C ASN B 113 -8.21 0.23 62.70
N ALA B 114 -6.96 0.30 62.27
CA ALA B 114 -5.72 0.10 63.05
C ALA B 114 -5.42 -1.37 63.30
N THR B 115 -6.29 -2.29 62.89
CA THR B 115 -6.04 -3.72 62.98
C THR B 115 -6.27 -4.43 61.66
N ASN B 116 -7.27 -4.02 60.89
CA ASN B 116 -7.59 -4.61 59.60
C ASN B 116 -7.94 -3.51 58.63
N VAL B 117 -7.71 -3.77 57.34
CA VAL B 117 -8.25 -2.95 56.26
C VAL B 117 -9.48 -3.67 55.72
N VAL B 118 -10.63 -3.00 55.78
CA VAL B 118 -11.91 -3.57 55.41
C VAL B 118 -12.48 -2.76 54.26
N ILE B 119 -13.00 -3.46 53.27
CA ILE B 119 -13.64 -2.86 52.10
C ILE B 119 -15.04 -3.44 52.01
N LYS B 120 -16.04 -2.57 52.11
CA LYS B 120 -17.44 -2.98 52.07
C LYS B 120 -18.19 -2.23 50.99
N VAL B 121 -18.96 -2.95 50.19
CA VAL B 121 -19.92 -2.37 49.25
C VAL B 121 -21.30 -2.70 49.81
N CYS B 122 -22.00 -1.68 50.27
CA CYS B 122 -23.03 -1.90 51.28
C CYS B 122 -23.89 -0.66 51.35
N GLU B 123 -25.17 -0.84 51.63
CA GLU B 123 -26.08 0.30 51.79
C GLU B 123 -25.85 0.90 53.17
N PHE B 124 -25.14 2.02 53.23
CA PHE B 124 -24.73 2.67 54.46
C PHE B 124 -25.58 3.91 54.70
N GLN B 125 -26.08 4.05 55.93
CA GLN B 125 -26.68 5.30 56.39
C GLN B 125 -25.56 6.10 57.06
N PHE B 126 -24.82 6.83 56.23
CA PHE B 126 -23.61 7.48 56.69
C PHE B 126 -23.94 8.64 57.62
N CYS B 127 -22.99 8.95 58.50
CA CYS B 127 -23.06 10.18 59.30
C CYS B 127 -22.97 11.39 58.39
N ASN B 128 -23.09 12.58 58.97
CA ASN B 128 -22.93 13.81 58.22
C ASN B 128 -21.47 14.28 58.23
N ASP B 129 -20.76 14.06 59.32
CA ASP B 129 -19.32 14.33 59.43
C ASP B 129 -18.62 13.15 60.10
N PRO B 130 -18.51 12.01 59.42
CA PRO B 130 -17.95 10.82 60.06
C PRO B 130 -16.48 11.00 60.38
N PHE B 131 -16.05 10.36 61.47
CA PHE B 131 -14.65 10.34 61.86
C PHE B 131 -14.34 9.00 62.51
N LEU B 132 -13.13 8.48 62.29
CA LEU B 132 -12.81 7.14 62.75
C LEU B 132 -12.30 7.13 64.18
N GLY B 133 -11.74 8.23 64.67
CA GLY B 133 -11.42 8.36 66.09
C GLY B 133 -10.11 7.77 66.57
N VAL B 134 -9.49 8.42 67.56
CA VAL B 134 -8.33 7.89 68.26
C VAL B 134 -8.39 8.46 69.67
N TYR B 135 -7.86 7.73 70.65
CA TYR B 135 -8.01 8.13 72.05
C TYR B 135 -6.84 7.69 72.91
N TYR B 136 -6.17 8.65 73.55
CA TYR B 136 -5.11 8.38 74.52
C TYR B 136 -5.70 7.87 75.83
N HIS B 137 -5.68 6.56 76.01
CA HIS B 137 -6.40 5.94 77.12
C HIS B 137 -5.79 6.33 78.46
N LYS B 138 -6.64 6.35 79.48
CA LYS B 138 -6.23 6.65 80.84
C LYS B 138 -5.85 5.39 81.61
N ASN B 139 -6.51 4.27 81.36
CA ASN B 139 -6.15 3.04 82.06
C ASN B 139 -4.80 2.50 81.65
N ASN B 140 -4.29 2.86 80.46
CA ASN B 140 -2.94 2.48 80.08
C ASN B 140 -2.36 3.53 79.13
N LYS B 141 -1.07 3.84 79.31
CA LYS B 141 -0.40 4.88 78.53
C LYS B 141 -0.07 4.34 77.14
N SER B 142 -1.05 4.41 76.24
CA SER B 142 -0.85 4.00 74.85
C SER B 142 -1.89 4.72 74.01
N TRP B 143 -1.81 4.55 72.68
CA TRP B 143 -2.87 4.99 71.79
C TRP B 143 -3.61 3.77 71.25
N MET B 144 -4.94 3.88 71.18
CA MET B 144 -5.84 2.78 70.84
C MET B 144 -7.24 3.40 70.84
N GLU B 145 -8.15 3.01 69.95
CA GLU B 145 -9.39 3.76 69.81
C GLU B 145 -10.62 2.93 70.18
N SER B 146 -11.50 3.54 70.96
CA SER B 146 -12.75 2.96 71.42
C SER B 146 -13.96 3.51 70.68
N GLU B 147 -13.75 4.27 69.60
CA GLU B 147 -14.83 4.90 68.85
C GLU B 147 -14.69 4.64 67.36
N PHE B 148 -15.77 4.17 66.73
CA PHE B 148 -15.81 3.89 65.30
C PHE B 148 -17.11 4.51 64.81
N ARG B 149 -17.03 5.77 64.38
CA ARG B 149 -18.20 6.59 64.05
C ARG B 149 -18.15 6.86 62.54
N VAL B 150 -18.71 5.94 61.75
CA VAL B 150 -18.73 6.05 60.30
C VAL B 150 -20.17 5.96 59.81
N TYR B 151 -20.82 4.83 60.11
CA TYR B 151 -22.16 4.54 59.61
C TYR B 151 -23.06 4.13 60.75
N SER B 152 -24.37 4.31 60.54
CA SER B 152 -25.39 3.94 61.50
C SER B 152 -26.08 2.63 61.18
N SER B 153 -26.07 2.20 59.92
CA SER B 153 -26.74 0.96 59.52
C SER B 153 -26.03 0.38 58.31
N ALA B 154 -26.23 -0.91 58.10
CA ALA B 154 -25.61 -1.62 56.98
C ALA B 154 -26.52 -2.77 56.57
N ASN B 155 -27.10 -2.69 55.38
CA ASN B 155 -28.02 -3.70 54.87
C ASN B 155 -27.68 -3.99 53.41
N ASN B 156 -28.05 -5.19 52.97
CA ASN B 156 -27.92 -5.60 51.57
C ASN B 156 -26.47 -5.43 51.10
N CYS B 157 -25.61 -6.23 51.70
CA CYS B 157 -24.19 -5.90 51.81
C CYS B 157 -23.42 -6.95 51.02
N THR B 158 -22.90 -6.55 49.86
CA THR B 158 -22.52 -7.48 48.80
C THR B 158 -21.02 -7.56 48.56
N PHE B 159 -20.19 -7.08 49.49
CA PHE B 159 -18.74 -7.20 49.31
C PHE B 159 -18.08 -7.13 50.67
N GLU B 160 -16.88 -7.71 50.75
CA GLU B 160 -16.14 -7.82 52.00
C GLU B 160 -14.69 -8.21 51.74
N TYR B 161 -13.75 -7.41 52.23
CA TYR B 161 -12.32 -7.74 52.15
C TYR B 161 -11.69 -7.41 53.52
N VAL B 162 -12.21 -8.01 54.58
CA VAL B 162 -11.49 -7.98 55.85
C VAL B 162 -10.17 -8.70 55.69
N SER B 163 -9.08 -7.97 55.92
CA SER B 163 -7.73 -8.48 55.69
C SER B 163 -7.19 -9.18 56.93
N GLN B 164 -5.96 -9.70 56.82
CA GLN B 164 -5.28 -10.29 57.96
C GLN B 164 -5.00 -9.22 59.02
N PRO B 165 -5.00 -9.57 60.30
CA PRO B 165 -4.72 -8.56 61.33
C PRO B 165 -3.28 -8.06 61.26
N PHE B 166 -3.10 -6.84 61.78
CA PHE B 166 -1.78 -6.23 61.89
C PHE B 166 -1.84 -5.17 62.98
N LEU B 167 -0.68 -4.57 63.26
CA LEU B 167 -0.58 -3.44 64.19
C LEU B 167 0.26 -2.35 63.55
N MET B 168 -0.11 -1.10 63.81
CA MET B 168 0.51 0.07 63.20
C MET B 168 0.77 1.13 64.24
N ASP B 169 1.78 1.97 63.99
CA ASP B 169 2.14 3.06 64.90
C ASP B 169 1.14 4.20 64.71
N LEU B 170 -0.01 4.03 65.35
CA LEU B 170 -1.07 5.06 65.35
C LEU B 170 -0.78 6.22 66.29
N GLU B 171 0.43 6.35 66.82
CA GLU B 171 0.72 7.42 67.76
C GLU B 171 0.79 8.78 67.06
N GLY B 172 0.66 9.83 67.87
CA GLY B 172 0.77 11.19 67.37
C GLY B 172 2.18 11.73 67.44
N LYS B 173 2.89 11.67 66.31
CA LYS B 173 4.25 12.16 66.21
C LYS B 173 4.24 13.62 65.76
N GLN B 174 5.13 14.41 66.36
CA GLN B 174 5.25 15.84 66.07
C GLN B 174 6.61 16.08 65.44
N GLY B 175 6.63 16.89 64.38
CA GLY B 175 7.86 17.17 63.67
C GLY B 175 7.66 17.38 62.18
N ASN B 176 8.37 16.58 61.38
CA ASN B 176 8.38 16.69 59.93
C ASN B 176 7.70 15.47 59.33
N PHE B 177 7.02 15.66 58.20
CA PHE B 177 6.35 14.56 57.53
C PHE B 177 7.35 13.50 57.10
N LYS B 178 6.91 12.25 57.14
CA LYS B 178 7.75 11.11 56.78
C LYS B 178 7.14 10.19 55.73
N ASN B 179 5.84 10.27 55.45
CA ASN B 179 5.22 9.38 54.48
C ASN B 179 4.36 10.18 53.50
N LEU B 180 4.58 9.95 52.20
CA LEU B 180 3.69 10.41 51.15
C LEU B 180 3.05 9.16 50.55
N ARG B 181 1.73 9.07 50.65
CA ARG B 181 0.96 7.97 50.07
C ARG B 181 0.08 8.53 48.96
N GLU B 182 0.27 8.02 47.75
CA GLU B 182 -0.45 8.47 46.57
C GLU B 182 -1.32 7.34 46.06
N PHE B 183 -2.57 7.66 45.75
CA PHE B 183 -3.56 6.72 45.27
C PHE B 183 -4.24 7.29 44.04
N VAL B 184 -4.58 6.40 43.12
CA VAL B 184 -5.40 6.73 41.96
C VAL B 184 -6.59 5.80 41.99
N PHE B 185 -7.79 6.37 42.03
CA PHE B 185 -9.03 5.62 42.00
C PHE B 185 -9.73 5.87 40.67
N LYS B 186 -10.30 4.82 40.09
CA LYS B 186 -11.21 5.04 38.98
C LYS B 186 -12.19 3.87 38.90
N ASN B 187 -13.29 4.11 38.20
CA ASN B 187 -14.43 3.20 38.15
C ASN B 187 -14.77 2.94 36.68
N ILE B 188 -14.37 1.78 36.16
CA ILE B 188 -14.54 1.43 34.76
C ILE B 188 -15.24 0.07 34.69
N ASP B 189 -16.39 0.02 34.02
CA ASP B 189 -17.10 -1.23 33.73
C ASP B 189 -17.38 -2.01 35.02
N GLY B 190 -17.83 -1.30 36.04
CA GLY B 190 -18.15 -1.95 37.30
C GLY B 190 -16.95 -2.38 38.10
N TYR B 191 -15.73 -2.03 37.68
CA TYR B 191 -14.51 -2.37 38.38
C TYR B 191 -13.89 -1.12 38.97
N PHE B 192 -13.63 -1.16 40.27
CA PHE B 192 -12.97 -0.08 40.98
C PHE B 192 -11.47 -0.38 41.02
N LYS B 193 -10.70 0.32 40.21
CA LYS B 193 -9.27 0.13 40.11
C LYS B 193 -8.59 1.12 41.04
N ILE B 194 -7.73 0.60 41.92
CA ILE B 194 -6.93 1.38 42.85
C ILE B 194 -5.48 1.10 42.54
N TYR B 195 -4.72 2.16 42.24
CA TYR B 195 -3.28 2.13 42.11
C TYR B 195 -2.69 2.87 43.30
N SER B 196 -1.58 2.37 43.85
CA SER B 196 -1.02 2.92 45.07
C SER B 196 0.49 3.05 44.98
N LYS B 197 1.03 4.03 45.72
CA LYS B 197 2.47 4.18 45.89
C LYS B 197 2.76 4.85 47.23
N HIS B 198 3.63 4.24 48.01
CA HIS B 198 4.09 4.79 49.29
C HIS B 198 5.55 5.14 49.14
N THR B 199 5.91 6.39 49.45
CA THR B 199 7.30 6.83 49.40
C THR B 199 7.68 7.62 50.65
N PRO B 200 8.89 7.45 51.18
CA PRO B 200 9.32 8.29 52.31
C PRO B 200 9.84 9.63 51.82
N ILE B 201 9.38 10.70 52.45
CA ILE B 201 9.77 12.06 52.10
C ILE B 201 9.98 12.84 53.38
N ASN B 202 10.83 13.87 53.29
CA ASN B 202 11.25 14.63 54.47
C ASN B 202 10.97 16.12 54.29
N LEU B 203 9.73 16.44 53.90
CA LEU B 203 9.39 17.79 53.45
C LEU B 203 8.10 18.22 54.14
N VAL B 204 8.00 19.53 54.42
CA VAL B 204 6.88 20.12 55.14
C VAL B 204 6.18 21.14 54.24
N ARG B 205 6.15 20.85 52.95
CA ARG B 205 5.76 21.78 51.90
C ARG B 205 4.54 21.16 51.20
N ASP B 206 4.12 21.75 50.08
CA ASP B 206 3.19 21.09 49.17
C ASP B 206 3.93 20.01 48.38
N LEU B 207 3.35 19.55 47.27
CA LEU B 207 3.78 18.32 46.60
C LEU B 207 5.30 18.33 46.36
N PRO B 208 6.02 17.25 46.69
CA PRO B 208 7.47 17.26 46.48
C PRO B 208 7.85 17.18 45.01
N GLN B 209 9.14 17.41 44.78
CA GLN B 209 9.75 17.17 43.47
C GLN B 209 10.01 15.67 43.32
N GLY B 210 9.52 15.10 42.25
CA GLY B 210 9.80 13.71 41.95
C GLY B 210 8.77 13.12 41.02
N PHE B 211 9.17 12.04 40.36
CA PHE B 211 8.31 11.26 39.48
C PHE B 211 7.97 9.94 40.15
N SER B 212 6.68 9.62 40.19
CA SER B 212 6.18 8.39 40.79
C SER B 212 5.77 7.40 39.72
N ALA B 213 5.66 6.15 40.13
CA ALA B 213 5.40 5.01 39.26
C ALA B 213 4.32 4.12 39.85
N LEU B 214 3.18 4.73 40.20
CA LEU B 214 2.07 4.09 40.90
C LEU B 214 1.74 2.73 40.33
N GLU B 215 1.82 1.69 41.19
CA GLU B 215 1.60 0.32 40.80
C GLU B 215 0.15 -0.08 41.02
N PRO B 216 -0.38 -1.05 40.27
CA PRO B 216 -1.77 -1.48 40.50
C PRO B 216 -1.88 -2.22 41.81
N LEU B 217 -2.79 -1.77 42.66
CA LEU B 217 -3.04 -2.40 43.95
C LEU B 217 -4.19 -3.40 43.86
N VAL B 218 -5.38 -2.94 43.45
CA VAL B 218 -6.55 -3.82 43.38
C VAL B 218 -7.47 -3.39 42.24
N ASP B 219 -8.35 -4.32 41.87
CA ASP B 219 -9.28 -4.22 40.76
C ASP B 219 -10.67 -4.69 41.21
N LEU B 220 -11.15 -4.11 42.30
CA LEU B 220 -12.28 -4.67 43.02
C LEU B 220 -13.53 -4.72 42.14
N PRO B 221 -14.36 -5.79 42.22
CA PRO B 221 -15.63 -5.82 41.46
C PRO B 221 -16.82 -5.31 42.27
N ILE B 222 -16.90 -4.00 42.46
CA ILE B 222 -17.96 -3.44 43.29
C ILE B 222 -19.24 -3.25 42.50
N GLY B 223 -19.14 -2.84 41.24
CA GLY B 223 -20.28 -2.71 40.36
C GLY B 223 -21.32 -1.73 40.84
N ILE B 224 -20.91 -0.51 41.20
CA ILE B 224 -21.81 0.52 41.69
C ILE B 224 -21.53 1.82 40.97
N ASN B 225 -22.41 2.79 41.18
CA ASN B 225 -22.32 4.11 40.58
C ASN B 225 -21.74 5.07 41.62
N ILE B 226 -20.60 5.68 41.28
CA ILE B 226 -19.87 6.57 42.18
C ILE B 226 -19.80 7.95 41.54
N THR B 227 -20.22 8.96 42.28
CA THR B 227 -20.12 10.35 41.85
C THR B 227 -19.61 11.28 42.93
N ARG B 228 -19.48 10.84 44.18
CA ARG B 228 -19.02 11.68 45.27
C ARG B 228 -18.24 10.80 46.24
N PHE B 229 -17.42 11.44 47.06
CA PHE B 229 -16.69 10.73 48.11
C PHE B 229 -16.43 11.68 49.27
N GLN B 230 -15.74 11.15 50.27
CA GLN B 230 -15.11 11.98 51.28
C GLN B 230 -14.08 11.12 52.01
N THR B 231 -13.21 11.80 52.76
CA THR B 231 -12.12 11.16 53.47
C THR B 231 -12.49 10.98 54.94
N LEU B 232 -12.02 9.88 55.52
CA LEU B 232 -12.26 9.56 56.92
C LEU B 232 -11.01 9.89 57.71
N LEU B 233 -11.06 10.96 58.50
CA LEU B 233 -9.95 11.41 59.32
C LEU B 233 -10.09 10.87 60.74
N ALA B 234 -8.96 10.55 61.36
CA ALA B 234 -8.92 9.94 62.68
C ALA B 234 -8.70 11.02 63.73
N LEU B 235 -9.65 11.17 64.64
CA LEU B 235 -9.58 12.24 65.63
C LEU B 235 -8.55 11.90 66.70
N HIS B 236 -7.68 12.85 67.02
CA HIS B 236 -6.89 12.77 68.24
C HIS B 236 -7.71 13.22 69.44
N ARG B 237 -7.52 12.53 70.56
CA ARG B 237 -8.25 12.81 71.79
C ARG B 237 -7.40 12.33 72.96
N SER B 238 -7.14 13.22 73.91
CA SER B 238 -6.27 12.91 75.04
C SER B 238 -6.81 13.63 76.27
N TYR B 239 -5.99 13.65 77.32
CA TYR B 239 -6.34 14.28 78.59
C TYR B 239 -5.89 15.74 78.68
N LEU B 240 -5.32 16.31 77.62
CA LEU B 240 -4.88 17.69 77.60
C LEU B 240 -5.82 18.59 76.80
N THR B 241 -6.98 18.09 76.38
CA THR B 241 -7.97 18.86 75.64
C THR B 241 -9.25 19.00 76.46
N PRO B 242 -9.88 20.16 76.56
CA PRO B 242 -11.07 20.29 77.39
C PRO B 242 -12.34 20.06 76.60
N GLY B 243 -13.46 19.93 77.31
CA GLY B 243 -14.76 19.84 76.69
C GLY B 243 -15.18 18.42 76.36
N ASP B 244 -16.35 18.32 75.74
CA ASP B 244 -16.96 17.05 75.36
C ASP B 244 -16.49 16.61 73.97
N SER B 245 -17.04 15.49 73.49
CA SER B 245 -16.58 14.89 72.24
C SER B 245 -16.72 15.83 71.05
N SER B 246 -17.67 16.77 71.11
CA SER B 246 -17.86 17.72 70.03
C SER B 246 -16.92 18.92 70.11
N SER B 247 -16.21 19.08 71.22
CA SER B 247 -15.21 20.12 71.45
C SER B 247 -13.90 19.56 71.97
N GLY B 248 -13.94 18.53 72.82
CA GLY B 248 -12.74 17.90 73.33
C GLY B 248 -12.13 16.91 72.37
N TRP B 249 -11.40 17.47 71.42
CA TRP B 249 -10.64 16.73 70.43
C TRP B 249 -9.63 17.71 69.85
N THR B 250 -8.39 17.25 69.69
CA THR B 250 -7.39 18.03 68.98
C THR B 250 -7.22 17.47 67.57
N ALA B 251 -6.98 18.38 66.64
CA ALA B 251 -6.85 17.99 65.25
C ALA B 251 -5.58 17.18 65.04
N GLY B 252 -5.50 16.54 63.88
CA GLY B 252 -4.32 15.82 63.50
C GLY B 252 -3.27 16.78 62.99
N ALA B 253 -2.27 16.23 62.31
CA ALA B 253 -1.18 17.02 61.76
C ALA B 253 -0.84 16.53 60.36
N ALA B 254 -1.86 16.36 59.52
CA ALA B 254 -1.71 15.70 58.22
C ALA B 254 -2.33 16.55 57.12
N ALA B 255 -2.01 16.21 55.87
CA ALA B 255 -2.51 16.95 54.73
C ALA B 255 -2.80 15.99 53.58
N TYR B 256 -3.76 16.36 52.74
CA TYR B 256 -4.02 15.63 51.51
C TYR B 256 -4.36 16.58 50.38
N TYR B 257 -4.28 16.01 49.18
CA TYR B 257 -4.49 16.73 47.94
C TYR B 257 -5.36 15.88 47.04
N VAL B 258 -6.35 16.50 46.39
CA VAL B 258 -7.23 15.79 45.46
C VAL B 258 -7.07 16.43 44.09
N GLY B 259 -6.81 15.59 43.09
CA GLY B 259 -6.84 15.99 41.70
C GLY B 259 -8.10 15.50 41.02
N TYR B 260 -8.05 15.45 39.68
CA TYR B 260 -9.19 15.01 38.88
C TYR B 260 -8.68 14.49 37.56
N LEU B 261 -8.75 13.19 37.37
CA LEU B 261 -8.29 12.58 36.12
C LEU B 261 -9.15 13.01 34.96
N GLN B 262 -8.54 13.20 33.80
CA GLN B 262 -9.21 13.53 32.57
C GLN B 262 -8.60 12.68 31.47
N PRO B 263 -9.33 12.43 30.37
CA PRO B 263 -8.75 11.62 29.29
C PRO B 263 -7.64 12.37 28.59
N ARG B 264 -6.42 11.86 28.72
CA ARG B 264 -5.24 12.48 28.14
C ARG B 264 -4.30 11.41 27.58
N THR B 265 -3.54 11.82 26.56
CA THR B 265 -2.53 10.99 25.94
C THR B 265 -1.17 11.34 26.53
N PHE B 266 -0.43 10.33 26.97
CA PHE B 266 0.88 10.52 27.60
C PHE B 266 1.92 9.67 26.90
N LEU B 267 3.16 10.11 27.03
CA LEU B 267 4.33 9.32 26.67
C LEU B 267 4.99 8.86 27.95
N LEU B 268 5.50 7.63 27.96
CA LEU B 268 6.12 7.03 29.13
C LEU B 268 7.42 6.38 28.70
N LYS B 269 8.41 6.38 29.61
CA LYS B 269 9.72 5.78 29.36
C LYS B 269 9.94 4.66 30.35
N TYR B 270 10.17 3.45 29.84
CA TYR B 270 10.49 2.29 30.65
C TYR B 270 12.01 2.09 30.59
N ASN B 271 12.64 2.06 31.75
CA ASN B 271 14.09 1.93 31.87
C ASN B 271 14.50 0.47 31.66
N GLU B 272 15.78 0.18 31.89
CA GLU B 272 16.27 -1.17 31.68
C GLU B 272 15.68 -2.17 32.68
N ASN B 273 15.38 -1.73 33.89
CA ASN B 273 14.85 -2.61 34.92
C ASN B 273 13.34 -2.78 34.86
N GLY B 274 12.66 -2.06 33.97
CA GLY B 274 11.24 -2.22 33.78
C GLY B 274 10.35 -1.23 34.48
N THR B 275 10.91 -0.19 35.07
CA THR B 275 10.15 0.81 35.81
C THR B 275 9.98 2.07 34.97
N ILE B 276 8.89 2.78 35.21
CA ILE B 276 8.68 4.08 34.58
C ILE B 276 9.50 5.11 35.34
N THR B 277 10.31 5.89 34.61
CA THR B 277 11.15 6.91 35.18
C THR B 277 10.80 8.32 34.74
N ASP B 278 10.24 8.49 33.54
CA ASP B 278 9.88 9.80 33.04
C ASP B 278 8.70 9.68 32.09
N ALA B 279 8.01 10.80 31.91
CA ALA B 279 6.83 10.84 31.07
C ALA B 279 6.66 12.26 30.53
N VAL B 280 5.85 12.37 29.49
CA VAL B 280 5.52 13.64 28.86
C VAL B 280 4.00 13.74 28.77
N ASP B 281 3.47 14.86 29.25
CA ASP B 281 2.05 15.19 29.13
C ASP B 281 1.82 15.82 27.76
N CYS B 282 1.42 14.98 26.82
CA CYS B 282 1.04 15.47 25.51
C CYS B 282 -0.14 16.43 25.65
N ALA B 283 -0.14 17.48 24.84
CA ALA B 283 -1.17 18.52 24.85
C ALA B 283 -1.12 19.37 26.13
N LEU B 284 0.06 19.57 26.69
CA LEU B 284 0.26 20.51 27.79
C LEU B 284 0.76 21.86 27.28
N ASP B 285 1.90 21.86 26.60
CA ASP B 285 2.51 23.03 26.00
C ASP B 285 3.08 22.62 24.65
N PRO B 286 3.40 23.58 23.78
CA PRO B 286 3.92 23.20 22.45
C PRO B 286 5.15 22.32 22.50
N LEU B 287 6.07 22.53 23.44
CA LEU B 287 7.26 21.71 23.51
C LEU B 287 6.92 20.25 23.79
N SER B 288 6.02 20.01 24.74
CA SER B 288 5.57 18.64 24.99
C SER B 288 4.84 18.08 23.79
N GLU B 289 4.09 18.92 23.08
CA GLU B 289 3.41 18.47 21.88
C GLU B 289 4.41 17.99 20.83
N THR B 290 5.54 18.69 20.70
CA THR B 290 6.56 18.26 19.75
C THR B 290 7.24 16.98 20.20
N LYS B 291 7.58 16.88 21.50
CA LYS B 291 8.13 15.64 22.03
C LYS B 291 7.18 14.48 21.75
N CYS B 292 5.89 14.74 21.84
CA CYS B 292 4.87 13.71 21.68
C CYS B 292 4.67 13.33 20.22
N THR B 293 4.75 14.31 19.31
CA THR B 293 4.63 14.02 17.89
C THR B 293 5.85 13.29 17.37
N LEU B 294 7.04 13.70 17.81
CA LEU B 294 8.27 13.06 17.38
C LEU B 294 8.58 11.77 18.15
N LYS B 295 7.84 11.49 19.22
CA LYS B 295 8.02 10.27 20.01
C LYS B 295 9.43 10.20 20.59
N SER B 296 9.85 11.28 21.24
CA SER B 296 11.15 11.31 21.90
C SER B 296 11.12 12.34 23.02
N PHE B 297 12.03 12.16 23.97
CA PHE B 297 12.17 13.07 25.09
C PHE B 297 13.16 14.20 24.83
N THR B 298 13.88 14.17 23.71
CA THR B 298 14.82 15.21 23.35
C THR B 298 14.56 15.63 21.91
N VAL B 299 14.46 16.93 21.70
CA VAL B 299 14.28 17.51 20.38
C VAL B 299 15.47 18.42 20.11
N GLU B 300 16.10 18.23 18.96
CA GLU B 300 17.23 19.06 18.59
C GLU B 300 16.74 20.41 18.06
N LYS B 301 17.69 21.32 17.85
CA LYS B 301 17.36 22.66 17.37
C LYS B 301 16.63 22.58 16.04
N GLY B 302 15.54 23.32 15.92
CA GLY B 302 14.83 23.39 14.65
C GLY B 302 13.39 23.83 14.84
N ILE B 303 12.65 23.74 13.73
CA ILE B 303 11.23 24.04 13.67
C ILE B 303 10.51 22.77 13.25
N TYR B 304 9.42 22.45 13.94
CA TYR B 304 8.69 21.20 13.74
C TYR B 304 7.22 21.48 13.51
N GLN B 305 6.66 20.84 12.49
CA GLN B 305 5.21 20.79 12.35
C GLN B 305 4.64 19.81 13.37
N THR B 306 3.62 20.24 14.09
CA THR B 306 3.06 19.48 15.20
C THR B 306 1.58 19.21 14.94
N SER B 307 1.14 18.05 15.38
CA SER B 307 -0.22 17.59 15.12
C SER B 307 -1.19 18.30 16.07
N ASN B 308 -2.46 17.89 16.04
CA ASN B 308 -3.54 18.56 16.77
C ASN B 308 -4.00 17.68 17.92
N PHE B 309 -3.44 17.96 19.10
CA PHE B 309 -3.86 17.37 20.37
C PHE B 309 -4.26 18.43 21.39
N ARG B 310 -4.12 19.72 21.04
CA ARG B 310 -4.20 20.78 22.03
C ARG B 310 -5.63 21.00 22.53
N VAL B 311 -6.62 21.01 21.62
CA VAL B 311 -8.02 21.25 21.97
C VAL B 311 -8.72 19.92 22.17
N GLN B 312 -9.59 19.87 23.18
CA GLN B 312 -10.43 18.72 23.47
C GLN B 312 -11.85 19.19 23.74
N PRO B 313 -12.87 18.37 23.47
CA PRO B 313 -14.24 18.81 23.70
C PRO B 313 -14.58 18.86 25.18
N THR B 314 -15.62 19.65 25.49
CA THR B 314 -16.05 19.84 26.87
C THR B 314 -17.56 19.78 27.07
N GLU B 315 -18.37 19.81 26.01
CA GLU B 315 -19.82 19.81 26.17
C GLU B 315 -20.44 19.14 24.95
N SER B 316 -21.72 18.78 25.08
CA SER B 316 -22.46 18.09 24.04
C SER B 316 -23.79 18.82 23.78
N ILE B 317 -24.21 18.80 22.52
CA ILE B 317 -25.44 19.45 22.08
C ILE B 317 -26.30 18.43 21.37
N VAL B 318 -27.62 18.49 21.63
CA VAL B 318 -28.60 17.66 20.96
C VAL B 318 -29.64 18.58 20.33
N ARG B 319 -29.99 18.31 19.08
CA ARG B 319 -30.90 19.15 18.30
C ARG B 319 -31.81 18.22 17.50
N PHE B 320 -32.96 17.91 18.05
CA PHE B 320 -33.95 17.02 17.46
C PHE B 320 -35.23 17.80 17.16
N PRO B 321 -36.07 17.33 16.24
CA PRO B 321 -37.38 17.94 16.08
C PRO B 321 -38.20 17.83 17.36
N ASN B 322 -39.02 18.84 17.61
CA ASN B 322 -39.88 18.86 18.80
C ASN B 322 -41.22 18.25 18.41
N ILE B 323 -41.34 16.95 18.61
CA ILE B 323 -42.57 16.19 18.36
C ILE B 323 -42.96 15.52 19.66
N THR B 324 -44.24 15.63 20.01
CA THR B 324 -44.75 15.10 21.27
C THR B 324 -45.66 13.89 21.12
N ASN B 325 -46.15 13.62 19.92
CA ASN B 325 -47.07 12.52 19.70
C ASN B 325 -46.32 11.19 19.88
N LEU B 326 -46.68 10.45 20.92
CA LEU B 326 -46.10 9.12 21.10
C LEU B 326 -46.48 8.23 19.94
N CYS B 327 -45.59 7.33 19.60
CA CYS B 327 -45.67 6.62 18.33
C CYS B 327 -46.64 5.43 18.48
N PRO B 328 -47.43 5.08 17.44
CA PRO B 328 -48.41 4.01 17.64
C PRO B 328 -47.79 2.64 17.83
N PHE B 329 -47.28 2.39 19.05
CA PHE B 329 -46.82 1.04 19.38
C PHE B 329 -47.99 0.11 19.61
N GLY B 330 -49.08 0.62 20.18
CA GLY B 330 -50.21 -0.20 20.51
C GLY B 330 -51.07 -0.60 19.33
N GLU B 331 -50.81 -0.05 18.14
CA GLU B 331 -51.58 -0.36 16.95
C GLU B 331 -50.91 -1.40 16.07
N VAL B 332 -49.61 -1.58 16.17
CA VAL B 332 -48.87 -2.57 15.37
C VAL B 332 -48.60 -3.81 16.22
N PHE B 333 -48.35 -3.61 17.52
CA PHE B 333 -48.11 -4.72 18.43
C PHE B 333 -49.39 -5.20 19.10
N ASN B 334 -50.19 -4.29 19.65
CA ASN B 334 -51.48 -4.63 20.26
C ASN B 334 -52.61 -4.50 19.24
N ALA B 335 -52.44 -5.20 18.12
CA ALA B 335 -53.47 -5.29 17.10
C ALA B 335 -54.30 -6.56 17.33
N THR B 336 -55.63 -6.39 17.26
CA THR B 336 -56.52 -7.53 17.48
C THR B 336 -56.24 -8.65 16.49
N ARG B 337 -55.92 -8.31 15.24
CA ARG B 337 -55.73 -9.28 14.18
C ARG B 337 -54.57 -8.86 13.29
N PHE B 338 -53.69 -9.81 13.00
CA PHE B 338 -52.59 -9.63 12.08
C PHE B 338 -52.99 -10.16 10.69
N ALA B 339 -52.14 -9.89 9.71
CA ALA B 339 -52.40 -10.28 8.33
C ALA B 339 -51.73 -11.61 8.01
N SER B 340 -52.31 -12.33 7.06
CA SER B 340 -51.68 -13.53 6.55
C SER B 340 -50.37 -13.16 5.86
N VAL B 341 -49.41 -14.08 5.91
CA VAL B 341 -48.05 -13.76 5.46
C VAL B 341 -48.04 -13.47 3.97
N TYR B 342 -48.90 -14.11 3.19
CA TYR B 342 -48.90 -13.87 1.75
C TYR B 342 -49.44 -12.47 1.43
N ALA B 343 -50.49 -12.03 2.10
CA ALA B 343 -50.98 -10.66 2.02
C ALA B 343 -50.52 -9.87 3.25
N TRP B 344 -49.21 -9.74 3.37
CA TRP B 344 -48.63 -9.14 4.57
C TRP B 344 -48.95 -7.66 4.62
N ASN B 345 -49.42 -7.19 5.77
CA ASN B 345 -49.81 -5.80 5.89
C ASN B 345 -48.59 -4.90 5.96
N ARG B 346 -48.73 -3.68 5.47
CA ARG B 346 -47.67 -2.68 5.54
C ARG B 346 -48.26 -1.36 5.99
N LYS B 347 -47.65 -0.75 7.00
CA LYS B 347 -48.16 0.47 7.61
C LYS B 347 -47.08 1.55 7.60
N ARG B 348 -47.42 2.71 7.06
CA ARG B 348 -46.54 3.86 7.12
C ARG B 348 -46.54 4.41 8.54
N ILE B 349 -45.37 4.86 9.01
CA ILE B 349 -45.23 5.42 10.34
C ILE B 349 -44.50 6.75 10.21
N SER B 350 -45.07 7.79 10.81
CA SER B 350 -44.49 9.13 10.71
C SER B 350 -44.95 9.95 11.91
N ASN B 351 -44.20 11.00 12.21
CA ASN B 351 -44.51 11.93 13.29
C ASN B 351 -44.62 11.18 14.62
N CYS B 352 -43.49 10.62 15.03
CA CYS B 352 -43.38 9.71 16.15
C CYS B 352 -42.33 10.20 17.14
N VAL B 353 -42.36 9.58 18.32
CA VAL B 353 -41.27 9.62 19.27
C VAL B 353 -41.08 8.17 19.68
N ALA B 354 -40.15 7.47 19.03
CA ALA B 354 -39.99 6.04 19.24
C ALA B 354 -39.34 5.76 20.58
N ASP B 355 -40.04 6.04 21.67
CA ASP B 355 -39.51 5.78 23.00
C ASP B 355 -39.33 4.28 23.22
N TYR B 356 -40.33 3.49 22.87
CA TYR B 356 -40.34 2.03 22.88
C TYR B 356 -40.02 1.42 24.26
N SER B 357 -39.99 2.21 25.32
CA SER B 357 -39.94 1.65 26.66
C SER B 357 -41.32 1.23 27.14
N VAL B 358 -42.38 1.70 26.48
CA VAL B 358 -43.72 1.27 26.84
C VAL B 358 -43.88 -0.23 26.58
N LEU B 359 -43.19 -0.75 25.58
CA LEU B 359 -43.28 -2.17 25.28
C LEU B 359 -42.66 -3.05 26.37
N TYR B 360 -41.79 -2.48 27.20
CA TYR B 360 -41.16 -3.26 28.25
C TYR B 360 -42.19 -3.78 29.25
N ASN B 361 -43.26 -3.02 29.49
CA ASN B 361 -44.20 -3.37 30.54
C ASN B 361 -44.89 -4.69 30.26
N SER B 362 -45.31 -4.91 29.00
CA SER B 362 -46.16 -6.04 28.64
C SER B 362 -45.55 -6.95 27.57
N ALA B 363 -44.91 -6.38 26.55
CA ALA B 363 -44.50 -7.15 25.39
C ALA B 363 -43.14 -7.79 25.61
N SER B 364 -43.04 -9.08 25.32
CA SER B 364 -41.79 -9.82 25.32
C SER B 364 -41.60 -10.47 23.97
N PHE B 365 -40.43 -10.27 23.36
CA PHE B 365 -40.15 -10.69 22.00
C PHE B 365 -39.16 -11.84 21.99
N SER B 366 -39.53 -12.92 21.32
CA SER B 366 -38.62 -14.06 21.21
C SER B 366 -37.38 -13.71 20.40
N THR B 367 -37.56 -13.00 19.29
CA THR B 367 -36.44 -12.56 18.46
C THR B 367 -36.56 -11.07 18.20
N PHE B 368 -35.43 -10.38 18.29
CA PHE B 368 -35.35 -8.96 17.99
C PHE B 368 -33.94 -8.73 17.43
N LYS B 369 -33.83 -8.79 16.10
CA LYS B 369 -32.55 -8.69 15.41
C LYS B 369 -32.55 -7.46 14.52
N CYS B 370 -31.53 -6.60 14.69
CA CYS B 370 -31.44 -5.38 13.90
C CYS B 370 -30.22 -5.36 13.01
N TYR B 371 -30.46 -4.95 11.75
CA TYR B 371 -29.49 -4.99 10.67
C TYR B 371 -29.29 -3.58 10.12
N GLY B 372 -28.04 -3.17 9.99
CA GLY B 372 -27.69 -1.81 9.64
C GLY B 372 -27.63 -0.85 10.79
N VAL B 373 -28.02 -1.26 11.99
CA VAL B 373 -28.08 -0.40 13.17
C VAL B 373 -27.66 -1.23 14.37
N SER B 374 -26.90 -0.62 15.26
CA SER B 374 -26.66 -1.23 16.55
C SER B 374 -27.87 -1.02 17.45
N PRO B 375 -28.38 -2.04 18.15
CA PRO B 375 -29.57 -1.83 18.99
C PRO B 375 -29.40 -0.77 20.05
N THR B 376 -28.19 -0.60 20.59
CA THR B 376 -27.97 0.39 21.64
C THR B 376 -28.18 1.81 21.14
N LYS B 377 -28.00 2.05 19.85
CA LYS B 377 -28.08 3.39 19.29
C LYS B 377 -29.49 3.77 18.82
N LEU B 378 -30.47 2.90 19.02
CA LEU B 378 -31.83 3.22 18.57
C LEU B 378 -32.44 4.38 19.34
N ASN B 379 -31.93 4.71 20.52
CA ASN B 379 -32.40 5.86 21.28
C ASN B 379 -31.78 7.17 20.83
N ASP B 380 -30.74 7.14 20.00
CA ASP B 380 -29.98 8.31 19.60
C ASP B 380 -30.04 8.50 18.10
N LEU B 381 -31.20 8.28 17.49
CA LEU B 381 -31.33 8.32 16.05
C LEU B 381 -32.72 8.80 15.67
N CYS B 382 -32.84 9.29 14.43
CA CYS B 382 -34.10 9.65 13.82
C CYS B 382 -34.22 8.93 12.49
N PHE B 383 -35.38 8.32 12.25
CA PHE B 383 -35.60 7.42 11.13
C PHE B 383 -36.51 8.10 10.12
N THR B 384 -36.13 8.04 8.84
CA THR B 384 -36.79 8.88 7.84
C THR B 384 -38.07 8.23 7.32
N ASN B 385 -37.94 7.08 6.67
CA ASN B 385 -39.03 6.44 5.92
C ASN B 385 -39.34 5.12 6.60
N VAL B 386 -40.21 5.16 7.60
CA VAL B 386 -40.46 4.04 8.50
C VAL B 386 -41.71 3.30 8.03
N TYR B 387 -41.56 2.00 7.76
CA TYR B 387 -42.65 1.12 7.40
C TYR B 387 -42.63 -0.10 8.30
N ALA B 388 -43.80 -0.47 8.82
CA ALA B 388 -43.97 -1.66 9.65
C ALA B 388 -44.70 -2.71 8.81
N ASP B 389 -44.00 -3.79 8.47
CA ASP B 389 -44.55 -4.89 7.70
C ASP B 389 -44.93 -5.99 8.68
N SER B 390 -46.23 -6.26 8.80
CA SER B 390 -46.77 -7.10 9.84
C SER B 390 -47.42 -8.35 9.25
N PHE B 391 -47.24 -9.49 9.93
CA PHE B 391 -47.87 -10.73 9.51
C PHE B 391 -47.69 -11.78 10.61
N VAL B 392 -48.16 -13.00 10.31
CA VAL B 392 -48.10 -14.14 11.23
C VAL B 392 -47.56 -15.34 10.46
N ILE B 393 -46.69 -16.11 11.11
CA ILE B 393 -46.13 -17.33 10.55
C ILE B 393 -46.06 -18.37 11.67
N ARG B 394 -45.47 -19.53 11.40
CA ARG B 394 -45.17 -20.47 12.47
C ARG B 394 -43.78 -20.21 13.01
N GLY B 395 -43.47 -20.83 14.16
CA GLY B 395 -42.20 -20.57 14.82
C GLY B 395 -41.01 -21.02 13.98
N ASP B 396 -41.10 -22.22 13.40
CA ASP B 396 -39.97 -22.79 12.67
C ASP B 396 -39.56 -21.91 11.48
N GLU B 397 -40.45 -21.07 10.99
CA GLU B 397 -40.17 -20.21 9.84
C GLU B 397 -39.70 -18.82 10.24
N VAL B 398 -39.59 -18.52 11.53
CA VAL B 398 -39.15 -17.19 11.94
C VAL B 398 -37.72 -16.93 11.51
N ARG B 399 -36.90 -17.98 11.48
CA ARG B 399 -35.53 -17.84 10.98
C ARG B 399 -35.50 -17.38 9.52
N GLN B 400 -36.55 -17.66 8.75
CA GLN B 400 -36.57 -17.26 7.36
C GLN B 400 -36.79 -15.77 7.16
N ILE B 401 -37.18 -15.03 8.20
CA ILE B 401 -37.38 -13.58 8.07
C ILE B 401 -36.03 -12.94 8.31
N ALA B 402 -35.21 -12.93 7.27
CA ALA B 402 -33.88 -12.36 7.32
C ALA B 402 -33.35 -12.28 5.89
N PRO B 403 -32.40 -11.38 5.61
CA PRO B 403 -31.85 -11.31 4.26
C PRO B 403 -31.10 -12.57 3.89
N GLY B 404 -31.16 -12.91 2.60
CA GLY B 404 -30.41 -14.05 2.11
C GLY B 404 -30.84 -15.38 2.69
N GLN B 405 -32.15 -15.60 2.81
CA GLN B 405 -32.71 -16.85 3.28
C GLN B 405 -33.54 -17.49 2.18
N THR B 406 -33.92 -18.75 2.39
CA THR B 406 -34.73 -19.48 1.44
C THR B 406 -35.71 -20.37 2.20
N GLY B 407 -36.80 -20.71 1.54
CA GLY B 407 -37.87 -21.47 2.14
C GLY B 407 -39.19 -21.02 1.54
N LYS B 408 -40.28 -21.51 2.13
CA LYS B 408 -41.59 -21.05 1.70
C LYS B 408 -41.71 -19.54 1.86
N ILE B 409 -41.42 -19.05 3.06
CA ILE B 409 -41.69 -17.64 3.38
C ILE B 409 -40.73 -16.74 2.62
N ALA B 410 -39.46 -17.11 2.56
CA ALA B 410 -38.44 -16.24 1.98
C ALA B 410 -38.37 -16.33 0.46
N ASP B 411 -39.20 -17.15 -0.18
CA ASP B 411 -39.24 -17.28 -1.63
C ASP B 411 -40.60 -16.93 -2.22
N TYR B 412 -41.70 -17.31 -1.57
CA TYR B 412 -43.03 -17.20 -2.14
C TYR B 412 -43.94 -16.21 -1.43
N ASN B 413 -43.64 -15.84 -0.19
CA ASN B 413 -44.55 -15.01 0.60
C ASN B 413 -43.96 -13.66 0.97
N TYR B 414 -42.77 -13.63 1.58
CA TYR B 414 -42.19 -12.38 2.05
C TYR B 414 -40.68 -12.45 1.89
N LYS B 415 -40.14 -11.55 1.08
CA LYS B 415 -38.72 -11.48 0.78
C LYS B 415 -38.16 -10.18 1.33
N LEU B 416 -36.95 -10.26 1.91
CA LEU B 416 -36.24 -9.11 2.44
C LEU B 416 -35.03 -8.80 1.57
N PRO B 417 -34.66 -7.53 1.36
CA PRO B 417 -33.40 -7.25 0.67
C PRO B 417 -32.21 -7.48 1.61
N CYS B 418 -31.02 -7.47 1.02
CA CYS B 418 -29.78 -7.36 1.78
C CYS B 418 -29.22 -5.95 1.86
N ASP B 419 -29.73 -5.02 1.05
CA ASP B 419 -29.54 -3.61 1.34
C ASP B 419 -30.61 -3.16 2.32
N PHE B 420 -30.75 -3.88 3.43
CA PHE B 420 -31.90 -3.78 4.33
C PHE B 420 -31.42 -3.18 5.64
N THR B 421 -31.64 -1.87 5.78
CA THR B 421 -31.49 -1.20 7.06
C THR B 421 -32.85 -1.22 7.74
N GLY B 422 -32.88 -1.72 8.95
CA GLY B 422 -34.14 -1.91 9.66
C GLY B 422 -33.99 -3.11 10.56
N CYS B 423 -35.11 -3.51 11.16
CA CYS B 423 -35.01 -4.67 12.03
C CYS B 423 -36.32 -5.41 12.26
N VAL B 424 -36.15 -6.64 12.75
CA VAL B 424 -37.16 -7.68 12.72
C VAL B 424 -37.48 -8.06 14.15
N ILE B 425 -38.77 -8.16 14.46
CA ILE B 425 -39.27 -8.49 15.78
C ILE B 425 -40.25 -9.64 15.58
N ALA B 426 -40.15 -10.66 16.42
CA ALA B 426 -41.05 -11.80 16.34
C ALA B 426 -41.30 -12.29 17.75
N TRP B 427 -42.58 -12.55 18.06
CA TRP B 427 -42.94 -13.05 19.37
C TRP B 427 -44.02 -14.12 19.24
N ASN B 428 -43.97 -15.09 20.14
CA ASN B 428 -44.92 -16.19 20.13
C ASN B 428 -46.31 -15.65 20.42
N SER B 429 -47.28 -16.07 19.61
CA SER B 429 -48.65 -15.61 19.70
C SER B 429 -49.62 -16.75 19.93
N ASN B 430 -49.18 -17.80 20.63
CA ASN B 430 -50.12 -18.85 21.03
C ASN B 430 -51.12 -18.26 22.01
N ASN B 431 -52.25 -18.96 22.14
CA ASN B 431 -53.43 -18.53 22.93
C ASN B 431 -53.91 -17.12 22.58
N LEU B 432 -53.54 -16.60 21.41
CA LEU B 432 -54.03 -15.35 20.85
C LEU B 432 -54.45 -15.51 19.40
N ASP B 433 -53.73 -16.33 18.63
CA ASP B 433 -54.05 -16.64 17.24
C ASP B 433 -54.32 -18.13 17.03
N SER B 434 -54.36 -18.92 18.10
CA SER B 434 -54.62 -20.34 18.03
C SER B 434 -55.84 -20.66 18.89
N LYS B 435 -56.78 -21.40 18.32
CA LYS B 435 -58.01 -21.78 19.01
C LYS B 435 -58.23 -23.27 18.88
N VAL B 436 -59.07 -23.81 19.76
CA VAL B 436 -59.35 -25.23 19.75
C VAL B 436 -60.05 -25.59 18.45
N GLY B 437 -59.71 -26.76 17.90
CA GLY B 437 -60.22 -27.17 16.62
C GLY B 437 -59.45 -26.65 15.43
N GLY B 438 -58.37 -25.89 15.65
CA GLY B 438 -57.55 -25.39 14.57
C GLY B 438 -58.00 -24.05 14.03
N ASN B 439 -57.09 -23.10 13.98
CA ASN B 439 -57.34 -21.78 13.39
C ASN B 439 -56.83 -21.79 11.96
N TYR B 440 -57.73 -21.56 11.00
CA TYR B 440 -57.43 -21.61 9.58
C TYR B 440 -57.62 -20.26 8.90
N ASN B 441 -57.67 -19.18 9.66
CA ASN B 441 -57.77 -17.85 9.07
C ASN B 441 -56.45 -17.39 8.46
N TYR B 442 -55.32 -17.98 8.86
CA TYR B 442 -54.00 -17.58 8.40
C TYR B 442 -53.56 -18.51 7.28
N LEU B 443 -53.13 -17.92 6.17
CA LEU B 443 -52.77 -18.65 4.96
C LEU B 443 -51.35 -18.32 4.56
N TYR B 444 -50.77 -19.17 3.73
CA TYR B 444 -49.45 -18.94 3.17
C TYR B 444 -49.37 -19.57 1.79
N ARG B 445 -48.63 -18.92 0.91
CA ARG B 445 -48.47 -19.42 -0.45
C ARG B 445 -47.46 -20.54 -0.47
N LEU B 446 -47.81 -21.66 -1.11
CA LEU B 446 -47.00 -22.86 -1.13
C LEU B 446 -46.33 -23.13 -2.46
N PHE B 447 -46.96 -22.76 -3.57
CA PHE B 447 -46.42 -22.96 -4.91
C PHE B 447 -46.39 -21.63 -5.64
N ARG B 448 -45.29 -21.36 -6.32
CA ARG B 448 -45.18 -20.17 -7.16
C ARG B 448 -44.27 -20.48 -8.32
N LYS B 449 -44.48 -19.76 -9.43
CA LYS B 449 -43.67 -19.98 -10.62
C LYS B 449 -42.21 -19.63 -10.36
N SER B 450 -41.97 -18.54 -9.64
CA SER B 450 -40.60 -18.07 -9.39
C SER B 450 -40.57 -17.33 -8.07
N ASN B 451 -39.35 -17.09 -7.58
CA ASN B 451 -39.17 -16.44 -6.30
C ASN B 451 -39.61 -14.98 -6.37
N LEU B 452 -39.94 -14.43 -5.21
CA LEU B 452 -40.37 -13.05 -5.13
C LEU B 452 -39.18 -12.11 -5.17
N LYS B 453 -39.43 -10.89 -5.65
CA LYS B 453 -38.49 -9.80 -5.45
C LYS B 453 -38.64 -9.28 -4.03
N PRO B 454 -37.64 -8.56 -3.52
CA PRO B 454 -37.75 -8.05 -2.14
C PRO B 454 -38.93 -7.10 -1.96
N PHE B 455 -39.61 -7.25 -0.83
CA PHE B 455 -40.76 -6.42 -0.47
C PHE B 455 -41.83 -6.44 -1.55
N GLU B 456 -42.00 -7.59 -2.19
CA GLU B 456 -43.01 -7.79 -3.22
C GLU B 456 -44.14 -8.63 -2.65
N ARG B 457 -45.37 -8.26 -3.00
CA ARG B 457 -46.58 -8.93 -2.53
C ARG B 457 -47.27 -9.61 -3.69
N ASP B 458 -47.85 -10.78 -3.42
CA ASP B 458 -48.53 -11.58 -4.44
C ASP B 458 -49.77 -12.18 -3.79
N ILE B 459 -50.92 -11.55 -4.02
CA ILE B 459 -52.20 -12.02 -3.48
C ILE B 459 -53.02 -12.78 -4.51
N SER B 460 -52.45 -13.07 -5.67
CA SER B 460 -53.19 -13.80 -6.70
C SER B 460 -53.47 -15.22 -6.24
N THR B 461 -54.66 -15.72 -6.57
CA THR B 461 -55.10 -17.06 -6.21
C THR B 461 -55.25 -17.97 -7.42
N GLU B 462 -54.56 -17.66 -8.52
CA GLU B 462 -54.66 -18.47 -9.72
C GLU B 462 -54.09 -19.85 -9.49
N ILE B 463 -54.66 -20.84 -10.17
CA ILE B 463 -54.28 -22.24 -9.96
C ILE B 463 -52.88 -22.46 -10.51
N TYR B 464 -52.06 -23.17 -9.73
CA TYR B 464 -50.67 -23.41 -10.08
C TYR B 464 -50.57 -24.69 -10.91
N GLN B 465 -50.11 -24.56 -12.15
CA GLN B 465 -49.90 -25.71 -13.02
C GLN B 465 -48.56 -26.33 -12.67
N ALA B 466 -48.60 -27.48 -11.99
CA ALA B 466 -47.37 -28.14 -11.58
C ALA B 466 -46.78 -29.01 -12.69
N GLY B 467 -47.64 -29.69 -13.46
CA GLY B 467 -47.17 -30.59 -14.50
C GLY B 467 -47.06 -29.97 -15.87
N SER B 468 -47.54 -30.70 -16.88
CA SER B 468 -47.43 -30.29 -18.28
C SER B 468 -48.73 -29.73 -18.83
N THR B 469 -49.84 -30.42 -18.62
CA THR B 469 -51.10 -29.99 -19.22
C THR B 469 -51.63 -28.76 -18.50
N PRO B 470 -52.14 -27.75 -19.22
CA PRO B 470 -52.86 -26.67 -18.54
C PRO B 470 -54.24 -27.16 -18.09
N CYS B 471 -54.51 -26.99 -16.80
CA CYS B 471 -55.77 -27.42 -16.19
C CYS B 471 -56.84 -26.33 -16.22
N ASN B 472 -56.54 -25.15 -16.77
CA ASN B 472 -57.56 -24.16 -17.10
C ASN B 472 -58.31 -23.64 -15.87
N GLY B 473 -57.55 -23.32 -14.83
CA GLY B 473 -58.11 -22.59 -13.71
C GLY B 473 -59.07 -23.35 -12.82
N VAL B 474 -59.03 -24.68 -12.83
CA VAL B 474 -59.83 -25.50 -11.93
C VAL B 474 -58.92 -26.53 -11.28
N GLU B 475 -59.14 -26.79 -10.00
CA GLU B 475 -58.30 -27.74 -9.27
C GLU B 475 -58.47 -29.14 -9.85
N GLY B 476 -57.38 -29.89 -9.84
CA GLY B 476 -57.41 -31.24 -10.37
C GLY B 476 -56.07 -31.90 -10.14
N PHE B 477 -55.89 -33.05 -10.79
CA PHE B 477 -54.63 -33.76 -10.67
C PHE B 477 -53.52 -32.94 -11.31
N ASN B 478 -52.39 -32.84 -10.60
CA ASN B 478 -51.21 -32.08 -11.02
C ASN B 478 -51.45 -30.57 -11.05
N CYS B 479 -52.57 -30.08 -10.51
CA CYS B 479 -52.81 -28.67 -10.25
C CYS B 479 -53.23 -28.50 -8.81
N TYR B 480 -52.68 -27.47 -8.16
CA TYR B 480 -52.91 -27.22 -6.75
C TYR B 480 -53.33 -25.78 -6.54
N PHE B 481 -54.12 -25.56 -5.52
CA PHE B 481 -54.43 -24.21 -5.06
C PHE B 481 -53.20 -23.66 -4.36
N PRO B 482 -52.62 -22.53 -4.79
CA PRO B 482 -51.32 -22.13 -4.26
C PRO B 482 -51.33 -21.77 -2.77
N LEU B 483 -52.48 -21.41 -2.21
CA LEU B 483 -52.56 -21.00 -0.82
C LEU B 483 -52.96 -22.18 0.04
N GLN B 484 -52.19 -22.44 1.10
CA GLN B 484 -52.48 -23.45 2.10
C GLN B 484 -52.72 -22.77 3.43
N SER B 485 -53.38 -23.49 4.34
CA SER B 485 -53.81 -22.92 5.62
C SER B 485 -52.97 -23.48 6.76
N TYR B 486 -52.46 -22.57 7.59
CA TYR B 486 -51.80 -22.99 8.83
C TYR B 486 -52.84 -23.59 9.76
N GLY B 487 -52.51 -24.72 10.37
CA GLY B 487 -53.33 -25.30 11.42
C GLY B 487 -52.75 -25.01 12.78
N PHE B 488 -53.28 -24.00 13.48
CA PHE B 488 -52.73 -23.53 14.74
C PHE B 488 -53.62 -24.03 15.88
N GLN B 489 -53.36 -25.25 16.34
CA GLN B 489 -53.97 -25.73 17.55
C GLN B 489 -53.25 -25.14 18.77
N PRO B 490 -53.91 -25.05 19.92
CA PRO B 490 -53.25 -24.53 21.11
C PRO B 490 -52.39 -25.57 21.85
N THR B 491 -52.20 -26.75 21.27
CA THR B 491 -51.46 -27.83 21.92
C THR B 491 -50.36 -28.42 21.06
N ASN B 492 -50.10 -27.88 19.87
CA ASN B 492 -49.09 -28.45 18.99
C ASN B 492 -47.71 -27.95 19.42
N GLY B 493 -46.67 -28.48 18.77
CA GLY B 493 -45.31 -28.19 19.18
C GLY B 493 -44.96 -26.73 19.01
N VAL B 494 -43.90 -26.32 19.71
CA VAL B 494 -43.52 -24.91 19.75
C VAL B 494 -43.12 -24.45 18.35
N GLY B 495 -42.57 -25.34 17.53
CA GLY B 495 -42.23 -24.97 16.18
C GLY B 495 -43.44 -24.74 15.30
N TYR B 496 -44.58 -25.35 15.65
CA TYR B 496 -45.82 -25.17 14.93
C TYR B 496 -46.71 -24.08 15.53
N GLN B 497 -46.34 -23.51 16.67
CA GLN B 497 -47.16 -22.47 17.28
C GLN B 497 -47.07 -21.19 16.46
N PRO B 498 -48.10 -20.35 16.48
CA PRO B 498 -48.07 -19.12 15.69
C PRO B 498 -47.19 -18.06 16.32
N TYR B 499 -46.44 -17.38 15.46
CA TYR B 499 -45.58 -16.27 15.84
C TYR B 499 -45.97 -15.04 15.05
N ARG B 500 -46.19 -13.93 15.76
CA ARG B 500 -46.47 -12.65 15.15
C ARG B 500 -45.16 -11.95 14.86
N VAL B 501 -45.03 -11.39 13.67
CA VAL B 501 -43.79 -10.81 13.19
C VAL B 501 -44.08 -9.41 12.67
N VAL B 502 -43.21 -8.46 13.02
CA VAL B 502 -43.22 -7.14 12.42
C VAL B 502 -41.79 -6.79 12.00
N VAL B 503 -41.66 -6.21 10.82
CA VAL B 503 -40.38 -5.80 10.25
C VAL B 503 -40.44 -4.30 10.05
N LEU B 504 -39.60 -3.58 10.78
CA LEU B 504 -39.55 -2.12 10.73
C LEU B 504 -38.40 -1.74 9.80
N SER B 505 -38.76 -1.24 8.61
CA SER B 505 -37.78 -0.87 7.60
C SER B 505 -37.67 0.65 7.58
N PHE B 506 -36.43 1.14 7.57
CA PHE B 506 -36.16 2.56 7.55
C PHE B 506 -34.75 2.79 7.01
N GLU B 507 -34.42 4.05 6.77
CA GLU B 507 -33.08 4.46 6.44
C GLU B 507 -32.70 5.64 7.33
N LEU B 508 -31.40 5.86 7.45
CA LEU B 508 -30.83 6.76 8.45
C LEU B 508 -29.90 7.77 7.81
N LEU B 509 -29.99 9.02 8.29
CA LEU B 509 -28.99 10.05 8.01
C LEU B 509 -28.83 10.31 6.50
N HIS B 510 -29.95 10.26 5.78
CA HIS B 510 -29.95 10.53 4.35
C HIS B 510 -31.09 11.42 3.87
N ALA B 511 -32.08 11.72 4.71
CA ALA B 511 -33.25 12.48 4.27
C ALA B 511 -33.91 13.06 5.51
N PRO B 512 -34.87 13.96 5.33
CA PRO B 512 -35.57 14.50 6.51
C PRO B 512 -36.25 13.39 7.30
N ALA B 513 -36.26 13.56 8.63
CA ALA B 513 -36.75 12.55 9.55
C ALA B 513 -37.86 13.12 10.42
N THR B 514 -38.92 12.33 10.57
CA THR B 514 -40.04 12.66 11.44
C THR B 514 -40.18 11.71 12.62
N VAL B 515 -39.72 10.47 12.50
CA VAL B 515 -39.70 9.51 13.61
C VAL B 515 -38.40 9.74 14.36
N CYS B 516 -38.50 10.23 15.59
CA CYS B 516 -37.35 10.60 16.39
C CYS B 516 -37.25 9.72 17.63
N GLY B 517 -36.06 9.67 18.20
CA GLY B 517 -35.84 8.96 19.43
C GLY B 517 -36.30 9.78 20.62
N PRO B 518 -36.25 9.17 21.80
CA PRO B 518 -36.73 9.84 23.02
C PRO B 518 -35.67 10.69 23.70
N LYS B 519 -35.06 11.61 22.94
CA LYS B 519 -34.08 12.55 23.47
C LYS B 519 -34.67 13.94 23.57
N LYS B 520 -34.04 14.76 24.39
CA LYS B 520 -34.45 16.14 24.64
C LYS B 520 -33.39 17.07 24.09
N SER B 521 -33.82 17.99 23.24
CA SER B 521 -32.90 18.89 22.55
C SER B 521 -32.27 19.85 23.55
N THR B 522 -31.28 20.60 23.07
CA THR B 522 -30.54 21.56 23.88
C THR B 522 -30.35 22.84 23.09
N ASN B 523 -30.17 23.95 23.81
CA ASN B 523 -29.99 25.23 23.15
C ASN B 523 -28.70 25.22 22.34
N LEU B 524 -28.67 26.04 21.29
CA LEU B 524 -27.61 26.00 20.30
C LEU B 524 -26.44 26.86 20.75
N VAL B 525 -25.25 26.26 20.81
CA VAL B 525 -24.01 26.96 21.12
C VAL B 525 -23.19 26.97 19.85
N LYS B 526 -23.01 28.16 19.27
CA LYS B 526 -22.29 28.33 18.02
C LYS B 526 -20.88 28.87 18.28
N ASN B 527 -20.00 28.62 17.32
CA ASN B 527 -18.61 29.07 17.37
C ASN B 527 -17.91 28.54 18.62
N LYS B 528 -17.81 27.22 18.70
CA LYS B 528 -17.14 26.55 19.80
C LYS B 528 -16.95 25.08 19.43
N CYS B 529 -15.81 24.52 19.83
CA CYS B 529 -15.57 23.09 19.61
C CYS B 529 -16.55 22.31 20.48
N VAL B 530 -17.57 21.73 19.86
CA VAL B 530 -18.67 21.09 20.59
C VAL B 530 -19.11 19.83 19.87
N ASN B 531 -19.58 18.86 20.66
CA ASN B 531 -20.19 17.65 20.13
C ASN B 531 -21.66 17.91 19.85
N PHE B 532 -22.07 17.69 18.61
CA PHE B 532 -23.42 17.93 18.14
C PHE B 532 -24.09 16.63 17.74
N ASN B 533 -25.42 16.68 17.69
CA ASN B 533 -26.23 15.53 17.29
C ASN B 533 -27.48 16.08 16.60
N PHE B 534 -27.44 16.13 15.27
CA PHE B 534 -28.53 16.63 14.45
C PHE B 534 -29.27 15.45 13.84
N ASN B 535 -30.48 15.19 14.33
CA ASN B 535 -31.35 14.14 13.80
C ASN B 535 -30.65 12.79 13.79
N GLY B 536 -29.83 12.55 14.81
CA GLY B 536 -29.10 11.32 14.96
C GLY B 536 -27.70 11.34 14.37
N LEU B 537 -27.41 12.27 13.48
CA LEU B 537 -26.06 12.44 12.96
C LEU B 537 -25.24 13.11 14.04
N THR B 538 -24.43 12.32 14.74
CA THR B 538 -23.55 12.85 15.75
C THR B 538 -22.30 13.42 15.10
N GLY B 539 -21.47 14.05 15.91
CA GLY B 539 -20.22 14.58 15.41
C GLY B 539 -19.66 15.58 16.40
N THR B 540 -18.54 16.17 16.00
CA THR B 540 -17.91 17.22 16.80
C THR B 540 -17.27 18.24 15.88
N GLY B 541 -17.38 19.51 16.24
CA GLY B 541 -16.87 20.57 15.40
C GLY B 541 -17.39 21.93 15.83
N VAL B 542 -17.42 22.85 14.87
CA VAL B 542 -17.84 24.23 15.09
C VAL B 542 -18.98 24.52 14.13
N LEU B 543 -20.08 25.04 14.67
CA LEU B 543 -21.27 25.38 13.90
C LEU B 543 -21.30 26.87 13.64
N THR B 544 -21.58 27.25 12.41
CA THR B 544 -21.77 28.65 12.04
C THR B 544 -22.98 28.74 11.11
N GLU B 545 -23.45 29.96 10.88
CA GLU B 545 -24.54 30.19 9.96
C GLU B 545 -24.00 30.53 8.58
N SER B 546 -24.78 30.21 7.55
CA SER B 546 -24.35 30.42 6.18
C SER B 546 -25.59 30.58 5.30
N ASN B 547 -25.38 30.56 3.98
CA ASN B 547 -26.44 30.64 2.99
C ASN B 547 -26.34 29.46 2.04
N LYS B 548 -27.39 28.65 1.99
CA LYS B 548 -27.49 27.56 1.02
C LYS B 548 -28.95 27.37 0.66
N LYS B 549 -29.21 27.08 -0.61
CA LYS B 549 -30.55 26.84 -1.10
C LYS B 549 -30.80 25.34 -1.03
N PHE B 550 -31.55 24.90 -0.02
CA PHE B 550 -31.89 23.49 0.18
C PHE B 550 -33.30 23.25 -0.32
N LEU B 551 -33.44 22.34 -1.28
CA LEU B 551 -34.74 21.92 -1.75
C LEU B 551 -35.44 21.16 -0.63
N PRO B 552 -36.78 21.12 -0.63
CA PRO B 552 -37.50 20.62 0.56
C PRO B 552 -37.18 19.18 0.92
N PHE B 553 -36.67 18.37 0.00
CA PHE B 553 -36.35 16.98 0.26
C PHE B 553 -34.88 16.79 0.67
N GLN B 554 -34.14 17.86 0.91
CA GLN B 554 -32.73 17.79 1.28
C GLN B 554 -32.55 18.33 2.69
N GLN B 555 -31.76 17.61 3.50
CA GLN B 555 -31.43 18.02 4.85
C GLN B 555 -29.94 18.20 5.07
N PHE B 556 -29.11 17.29 4.55
CA PHE B 556 -27.68 17.34 4.72
C PHE B 556 -27.01 17.76 3.42
N GLY B 557 -25.79 18.26 3.56
CA GLY B 557 -24.96 18.58 2.41
C GLY B 557 -23.57 18.03 2.61
N ARG B 558 -22.96 17.55 1.53
CA ARG B 558 -21.67 16.90 1.59
C ARG B 558 -20.72 17.56 0.60
N ASP B 559 -19.44 17.62 0.98
CA ASP B 559 -18.41 18.27 0.20
C ASP B 559 -17.66 17.25 -0.65
N ILE B 560 -16.53 17.65 -1.23
CA ILE B 560 -15.77 16.78 -2.11
C ILE B 560 -15.26 15.56 -1.34
N ALA B 561 -14.81 15.77 -0.10
CA ALA B 561 -14.29 14.69 0.72
C ALA B 561 -15.37 13.77 1.27
N ASP B 562 -16.65 14.03 1.00
CA ASP B 562 -17.81 13.26 1.41
C ASP B 562 -18.19 13.50 2.87
N THR B 563 -17.42 14.26 3.63
CA THR B 563 -17.83 14.60 5.00
C THR B 563 -18.93 15.64 4.97
N THR B 564 -19.94 15.45 5.82
CA THR B 564 -21.04 16.39 5.88
C THR B 564 -20.54 17.76 6.29
N ASP B 565 -20.97 18.78 5.56
CA ASP B 565 -20.52 20.15 5.75
C ASP B 565 -21.64 21.14 6.02
N ALA B 566 -22.85 20.88 5.55
CA ALA B 566 -24.01 21.73 5.80
C ALA B 566 -25.15 20.87 6.31
N VAL B 567 -25.84 21.35 7.34
CA VAL B 567 -26.95 20.62 7.95
C VAL B 567 -28.09 21.60 8.19
N ARG B 568 -29.32 21.13 7.95
CA ARG B 568 -30.50 21.93 8.22
C ARG B 568 -30.94 21.65 9.65
N ASP B 569 -31.03 22.71 10.45
CA ASP B 569 -31.44 22.54 11.83
C ASP B 569 -32.91 22.17 11.87
N PRO B 570 -33.30 21.01 12.44
CA PRO B 570 -34.72 20.62 12.37
C PRO B 570 -35.67 21.57 13.09
N GLN B 571 -35.25 22.17 14.21
CA GLN B 571 -36.18 22.98 15.00
C GLN B 571 -36.41 24.34 14.34
N THR B 572 -35.36 25.15 14.24
CA THR B 572 -35.40 26.41 13.52
C THR B 572 -34.89 26.14 12.11
N LEU B 573 -35.77 26.28 11.12
CA LEU B 573 -35.41 25.88 9.76
C LEU B 573 -34.36 26.85 9.22
N GLU B 574 -33.10 26.45 9.30
CA GLU B 574 -31.99 27.23 8.80
C GLU B 574 -30.83 26.29 8.52
N ILE B 575 -29.87 26.76 7.74
CA ILE B 575 -28.71 25.99 7.34
C ILE B 575 -27.54 26.41 8.20
N LEU B 576 -26.83 25.42 8.75
CA LEU B 576 -25.62 25.63 9.53
C LEU B 576 -24.47 24.87 8.90
N ASP B 577 -23.31 25.53 8.85
CA ASP B 577 -22.10 24.94 8.31
C ASP B 577 -21.23 24.42 9.45
N ILE B 578 -20.74 23.20 9.28
CA ILE B 578 -19.85 22.56 10.24
C ILE B 578 -18.43 22.70 9.72
N THR B 579 -17.54 23.22 10.56
CA THR B 579 -16.11 23.28 10.28
C THR B 579 -15.34 22.54 11.37
N PRO B 580 -14.15 22.00 11.07
CA PRO B 580 -13.33 21.45 12.16
C PRO B 580 -12.99 22.53 13.16
N CYS B 581 -12.96 22.16 14.44
CA CYS B 581 -12.67 23.12 15.49
C CYS B 581 -11.18 23.32 15.71
N SER B 582 -10.34 22.83 14.81
CA SER B 582 -8.91 23.09 14.83
C SER B 582 -8.43 23.26 13.39
N PHE B 583 -7.14 23.52 13.24
CA PHE B 583 -6.57 23.70 11.93
C PHE B 583 -5.07 23.38 12.00
N GLY B 584 -4.56 22.81 10.92
CA GLY B 584 -3.13 22.69 10.79
C GLY B 584 -2.50 24.01 10.39
N GLY B 585 -1.22 24.15 10.73
CA GLY B 585 -0.48 25.37 10.50
C GLY B 585 0.28 25.84 11.71
N VAL B 586 0.30 25.04 12.78
CA VAL B 586 1.03 25.38 14.00
C VAL B 586 2.40 24.74 13.87
N SER B 587 3.44 25.58 13.93
CA SER B 587 4.82 25.13 13.92
C SER B 587 5.49 25.57 15.22
N VAL B 588 6.29 24.70 15.80
CA VAL B 588 6.98 24.96 17.05
C VAL B 588 8.45 25.12 16.75
N ILE B 589 8.99 26.28 17.12
CA ILE B 589 10.40 26.62 16.94
C ILE B 589 11.07 26.45 18.28
N THR B 590 12.26 25.82 18.27
CA THR B 590 12.95 25.65 19.54
C THR B 590 14.45 25.49 19.32
N PRO B 591 15.30 26.07 20.17
CA PRO B 591 16.65 25.53 20.29
C PRO B 591 16.58 24.15 20.91
N GLY B 592 17.54 23.31 20.53
CA GLY B 592 17.48 21.93 20.95
C GLY B 592 17.60 21.79 22.46
N THR B 593 16.87 20.85 23.02
CA THR B 593 17.01 20.49 24.42
C THR B 593 18.46 20.12 24.71
N ASN B 594 18.85 20.23 25.97
CA ASN B 594 20.22 20.35 26.47
C ASN B 594 20.68 21.80 26.39
N THR B 595 19.86 22.72 25.89
CA THR B 595 20.12 24.16 25.90
C THR B 595 19.07 24.90 26.70
N SER B 596 17.79 24.69 26.43
CA SER B 596 16.73 25.38 27.13
C SER B 596 15.40 24.72 26.77
N ASN B 597 14.34 25.15 27.47
CA ASN B 597 12.98 24.69 27.22
C ASN B 597 12.08 25.77 26.65
N GLN B 598 12.60 26.97 26.38
CA GLN B 598 11.80 27.99 25.73
C GLN B 598 11.49 27.59 24.31
N VAL B 599 10.34 28.06 23.81
CA VAL B 599 9.90 27.76 22.45
C VAL B 599 9.17 28.98 21.91
N ALA B 600 8.98 28.98 20.59
CA ALA B 600 8.12 29.94 19.92
C ALA B 600 7.12 29.17 19.07
N VAL B 601 6.00 29.80 18.79
CA VAL B 601 4.91 29.18 18.04
C VAL B 601 4.59 30.06 16.85
N LEU B 602 4.56 29.46 15.66
CA LEU B 602 4.16 30.12 14.44
C LEU B 602 2.78 29.58 14.06
N TYR B 603 1.77 30.45 14.11
CA TYR B 603 0.45 30.14 13.61
C TYR B 603 0.38 30.62 12.17
N GLN B 604 0.22 29.69 11.24
CA GLN B 604 0.38 29.99 9.82
C GLN B 604 -0.89 30.58 9.24
N ASP B 605 -0.74 31.65 8.47
CA ASP B 605 -1.83 32.27 7.71
C ASP B 605 -2.98 32.70 8.61
N VAL B 606 -2.65 33.32 9.73
CA VAL B 606 -3.62 33.92 10.63
C VAL B 606 -3.11 35.29 11.05
N ASN B 607 -4.00 36.27 11.06
CA ASN B 607 -3.65 37.57 11.62
C ASN B 607 -3.54 37.46 13.14
N CYS B 608 -2.66 38.29 13.72
CA CYS B 608 -2.43 38.24 15.15
C CYS B 608 -3.62 38.77 15.94
N THR B 609 -4.52 39.52 15.30
CA THR B 609 -5.74 39.95 15.98
C THR B 609 -6.72 38.80 16.17
N GLU B 610 -6.74 37.85 15.23
CA GLU B 610 -7.72 36.77 15.20
C GLU B 610 -7.11 35.42 15.55
N VAL B 611 -5.93 35.40 16.18
CA VAL B 611 -5.35 34.13 16.61
C VAL B 611 -6.21 33.41 17.65
N PRO B 612 -6.79 34.06 18.67
CA PRO B 612 -7.48 33.25 19.69
C PRO B 612 -8.72 32.56 19.17
N VAL B 613 -9.52 33.24 18.33
CA VAL B 613 -10.72 32.62 17.81
C VAL B 613 -10.37 31.48 16.87
N ALA B 614 -9.31 31.65 16.07
CA ALA B 614 -8.88 30.57 15.18
C ALA B 614 -8.41 29.37 15.98
N ILE B 615 -7.62 29.60 17.02
CA ILE B 615 -7.07 28.51 17.83
C ILE B 615 -8.01 28.06 18.94
N HIS B 616 -9.10 28.78 19.18
CA HIS B 616 -10.03 28.47 20.27
C HIS B 616 -9.30 28.45 21.61
N ALA B 617 -8.59 29.55 21.90
CA ALA B 617 -7.78 29.62 23.11
C ALA B 617 -8.64 29.60 24.37
N ASP B 618 -9.93 29.91 24.27
CA ASP B 618 -10.78 29.88 25.45
C ASP B 618 -10.86 28.47 26.04
N GLN B 619 -10.94 27.46 25.18
CA GLN B 619 -11.02 26.08 25.64
C GLN B 619 -9.65 25.44 25.87
N LEU B 620 -8.57 26.13 25.54
CA LEU B 620 -7.24 25.54 25.68
C LEU B 620 -6.78 25.61 27.13
N THR B 621 -5.68 24.90 27.41
CA THR B 621 -5.13 24.89 28.74
C THR B 621 -4.49 26.23 29.07
N PRO B 622 -4.29 26.54 30.36
CA PRO B 622 -3.60 27.80 30.70
C PRO B 622 -2.21 27.91 30.13
N THR B 623 -1.49 26.80 30.01
CA THR B 623 -0.12 26.85 29.49
C THR B 623 -0.08 27.12 27.99
N TRP B 624 -1.14 26.77 27.26
CA TRP B 624 -1.24 27.12 25.85
C TRP B 624 -1.67 28.55 25.62
N ARG B 625 -2.33 29.19 26.59
CA ARG B 625 -2.84 30.53 26.37
C ARG B 625 -1.74 31.58 26.44
N VAL B 626 -0.66 31.32 27.19
CA VAL B 626 0.42 32.31 27.25
C VAL B 626 1.11 32.43 25.90
N TYR B 627 1.15 31.36 25.11
CA TYR B 627 1.71 31.40 23.77
C TYR B 627 0.71 31.85 22.72
N SER B 628 -0.48 32.30 23.12
CA SER B 628 -1.50 32.75 22.19
C SER B 628 -1.52 34.26 22.01
N THR B 629 -1.16 35.03 23.04
CA THR B 629 -1.16 36.48 22.95
C THR B 629 -0.19 37.02 23.99
N GLY B 630 0.49 38.10 23.64
CA GLY B 630 1.45 38.70 24.55
C GLY B 630 2.11 39.90 23.91
N SER B 631 3.28 40.23 24.43
CA SER B 631 4.05 41.37 23.92
C SER B 631 5.01 40.98 22.81
N ASN B 632 5.41 39.72 22.74
CA ASN B 632 6.32 39.23 21.71
C ASN B 632 5.59 38.81 20.44
N VAL B 633 4.32 39.17 20.29
CA VAL B 633 3.57 38.83 19.09
C VAL B 633 4.17 39.58 17.90
N PHE B 634 4.49 38.84 16.84
CA PHE B 634 5.09 39.39 15.64
C PHE B 634 4.39 38.84 14.41
N GLN B 635 3.94 39.75 13.54
CA GLN B 635 3.29 39.37 12.30
C GLN B 635 4.32 39.20 11.19
N THR B 636 4.16 38.14 10.39
CA THR B 636 5.03 37.86 9.27
C THR B 636 4.18 37.47 8.08
N ARG B 637 4.82 37.39 6.91
CA ARG B 637 4.11 36.98 5.71
C ARG B 637 3.67 35.52 5.81
N ALA B 638 4.42 34.70 6.54
CA ALA B 638 4.02 33.32 6.77
C ALA B 638 2.86 33.24 7.76
N GLY B 639 2.89 34.05 8.81
CA GLY B 639 1.86 34.00 9.83
C GLY B 639 2.30 34.79 11.04
N CYS B 640 1.67 34.47 12.18
CA CYS B 640 1.95 35.16 13.44
C CYS B 640 2.92 34.33 14.28
N LEU B 641 3.98 34.98 14.75
CA LEU B 641 5.00 34.35 15.57
C LEU B 641 4.87 34.87 17.00
N ILE B 642 4.83 33.97 17.96
CA ILE B 642 4.63 34.30 19.37
C ILE B 642 5.73 33.62 20.17
N GLY B 643 6.29 34.34 21.12
CA GLY B 643 7.34 33.83 21.98
C GLY B 643 8.75 34.22 21.58
N ALA B 644 8.90 35.07 20.56
CA ALA B 644 10.21 35.54 20.14
C ALA B 644 10.11 37.02 19.82
N GLU B 645 11.07 37.80 20.32
CA GLU B 645 11.07 39.24 20.10
C GLU B 645 11.66 39.55 18.72
N HIS B 646 11.00 40.45 18.00
CA HIS B 646 11.45 40.85 16.68
C HIS B 646 12.67 41.75 16.80
N VAL B 647 13.70 41.48 16.01
CA VAL B 647 14.97 42.20 16.06
C VAL B 647 15.21 42.80 14.68
N ASN B 648 15.50 44.10 14.65
CA ASN B 648 15.73 44.78 13.38
C ASN B 648 17.06 44.39 12.75
N ASN B 649 18.01 43.90 13.54
CA ASN B 649 19.30 43.48 13.01
C ASN B 649 19.12 42.25 12.12
N SER B 650 20.16 41.94 11.35
CA SER B 650 20.18 40.80 10.45
C SER B 650 21.43 39.96 10.70
N TYR B 651 21.28 38.65 10.62
CA TYR B 651 22.37 37.70 10.87
C TYR B 651 22.28 36.61 9.82
N GLU B 652 23.09 35.57 9.99
CA GLU B 652 22.95 34.34 9.23
C GLU B 652 21.78 33.53 9.78
N CYS B 653 21.23 32.66 8.94
CA CYS B 653 20.08 31.86 9.32
C CYS B 653 20.53 30.72 10.22
N ASP B 654 19.96 30.65 11.43
CA ASP B 654 20.18 29.57 12.37
C ASP B 654 19.04 28.55 12.34
N ILE B 655 17.81 29.01 12.50
CA ILE B 655 16.62 28.16 12.42
C ILE B 655 15.71 28.83 11.39
N PRO B 656 15.65 28.36 10.14
CA PRO B 656 14.76 29.01 9.18
C PRO B 656 13.31 28.87 9.58
N ILE B 657 12.54 29.94 9.33
CA ILE B 657 11.11 30.00 9.63
C ILE B 657 10.31 30.07 8.34
N GLY B 658 10.59 31.06 7.51
CA GLY B 658 9.82 31.23 6.29
C GLY B 658 9.74 32.69 5.91
N ALA B 659 9.50 32.92 4.62
CA ALA B 659 9.27 34.25 4.09
C ALA B 659 10.42 35.19 4.45
N GLY B 660 11.63 34.63 4.47
CA GLY B 660 12.82 35.38 4.75
C GLY B 660 13.08 35.62 6.21
N ILE B 661 12.37 34.92 7.10
CA ILE B 661 12.52 35.07 8.54
C ILE B 661 13.23 33.84 9.06
N CYS B 662 14.23 34.07 9.92
CA CYS B 662 14.98 33.05 10.62
C CYS B 662 15.02 33.39 12.10
N ALA B 663 15.05 32.36 12.94
CA ALA B 663 15.02 32.52 14.39
C ALA B 663 16.28 31.92 14.99
N SER B 664 16.66 32.41 16.16
CA SER B 664 17.86 31.94 16.83
C SER B 664 17.70 32.15 18.34
N TYR B 665 18.70 31.71 19.09
CA TYR B 665 18.71 31.74 20.55
C TYR B 665 19.83 32.68 20.98
N GLN B 666 19.48 33.89 21.40
CA GLN B 666 20.47 34.93 21.68
C GLN B 666 21.11 34.68 23.05
N THR B 667 21.86 35.67 23.52
CA THR B 667 22.49 35.62 24.84
C THR B 667 22.31 36.94 25.56
N SER B 676 18.31 38.77 28.91
CA SER B 676 18.77 37.43 29.25
C SER B 676 18.62 36.50 28.04
N GLN B 677 18.70 35.19 28.27
CA GLN B 677 18.54 34.23 27.19
C GLN B 677 17.11 34.22 26.70
N SER B 678 16.93 34.30 25.39
CA SER B 678 15.60 34.29 24.79
C SER B 678 15.73 33.97 23.32
N ILE B 679 14.59 33.71 22.68
CA ILE B 679 14.52 33.41 21.26
C ILE B 679 14.26 34.72 20.52
N ILE B 680 15.03 34.95 19.45
CA ILE B 680 14.90 36.13 18.61
C ILE B 680 14.48 35.68 17.22
N ALA B 681 13.79 36.56 16.52
CA ALA B 681 13.36 36.33 15.13
C ALA B 681 13.77 37.55 14.31
N TYR B 682 14.41 37.31 13.18
CA TYR B 682 14.97 38.39 12.38
C TYR B 682 14.91 38.02 10.90
N THR B 683 14.89 39.04 10.06
CA THR B 683 15.06 38.82 8.64
C THR B 683 16.50 38.41 8.35
N MET B 684 16.68 37.42 7.48
CA MET B 684 18.00 36.89 7.21
C MET B 684 18.83 37.91 6.45
N SER B 685 20.15 37.76 6.56
CA SER B 685 21.11 38.55 5.79
C SER B 685 21.60 37.72 4.63
N LEU B 686 21.44 38.25 3.41
CA LEU B 686 21.86 37.55 2.21
C LEU B 686 23.36 37.60 1.98
N GLY B 687 24.08 38.39 2.77
CA GLY B 687 25.51 38.57 2.61
C GLY B 687 25.90 40.03 2.71
N ALA B 688 27.20 40.27 2.66
CA ALA B 688 27.71 41.63 2.77
C ALA B 688 27.39 42.42 1.52
N GLU B 689 26.99 43.67 1.71
CA GLU B 689 26.85 44.61 0.60
C GLU B 689 28.23 45.06 0.17
N ASN B 690 28.52 44.93 -1.13
CA ASN B 690 29.86 45.21 -1.65
C ASN B 690 29.71 45.77 -3.06
N SER B 691 29.67 47.09 -3.16
CA SER B 691 29.69 47.75 -4.45
C SER B 691 31.07 47.64 -5.06
N VAL B 692 31.13 47.27 -6.35
CA VAL B 692 32.38 47.06 -7.06
C VAL B 692 32.61 48.25 -7.98
N ALA B 693 33.81 48.82 -7.92
CA ALA B 693 34.16 49.92 -8.80
C ALA B 693 34.15 49.46 -10.25
N TYR B 694 33.62 50.29 -11.13
CA TYR B 694 33.55 49.99 -12.55
C TYR B 694 33.81 51.25 -13.35
N SER B 695 34.65 51.12 -14.37
CA SER B 695 34.92 52.23 -15.27
C SER B 695 35.36 51.66 -16.62
N ASN B 696 35.16 52.45 -17.67
CA ASN B 696 35.49 51.99 -19.02
C ASN B 696 36.98 51.86 -19.26
N ASN B 697 37.83 52.39 -18.38
CA ASN B 697 39.28 52.31 -18.53
C ASN B 697 39.95 52.02 -17.20
N SER B 698 39.38 51.08 -16.43
CA SER B 698 39.95 50.68 -15.15
C SER B 698 39.81 49.18 -15.01
N ILE B 699 40.95 48.50 -14.85
CA ILE B 699 41.00 47.05 -14.66
C ILE B 699 41.79 46.76 -13.40
N ALA B 700 41.38 45.71 -12.69
CA ALA B 700 42.06 45.26 -11.48
C ALA B 700 42.84 44.01 -11.81
N ILE B 701 44.12 43.99 -11.44
CA ILE B 701 45.00 42.86 -11.74
C ILE B 701 45.48 42.26 -10.43
N PRO B 702 45.49 40.93 -10.27
CA PRO B 702 46.13 40.36 -9.07
C PRO B 702 47.64 40.51 -9.11
N THR B 703 48.21 40.62 -7.91
CA THR B 703 49.66 40.68 -7.72
C THR B 703 50.19 39.50 -6.91
N ASN B 704 49.32 38.64 -6.39
CA ASN B 704 49.73 37.53 -5.55
C ASN B 704 48.68 36.43 -5.68
N PHE B 705 48.77 35.41 -4.83
CA PHE B 705 47.78 34.33 -4.88
C PHE B 705 47.82 33.57 -3.57
N THR B 706 46.78 32.76 -3.36
CA THR B 706 46.70 31.82 -2.27
C THR B 706 46.32 30.46 -2.83
N ILE B 707 46.96 29.41 -2.33
CA ILE B 707 46.70 28.04 -2.75
C ILE B 707 45.77 27.46 -1.71
N SER B 708 44.48 27.53 -1.99
CA SER B 708 43.47 27.04 -1.06
C SER B 708 43.31 25.54 -1.23
N VAL B 709 42.90 24.87 -0.16
CA VAL B 709 42.53 23.46 -0.19
C VAL B 709 41.15 23.33 0.42
N THR B 710 40.19 22.85 -0.37
CA THR B 710 38.79 22.74 0.04
C THR B 710 38.43 21.27 0.15
N THR B 711 37.82 20.89 1.26
CA THR B 711 37.42 19.52 1.52
C THR B 711 35.92 19.40 1.26
N GLU B 712 35.54 18.48 0.36
CA GLU B 712 34.14 18.24 0.07
C GLU B 712 33.88 16.75 0.07
N ILE B 713 32.70 16.36 0.53
CA ILE B 713 32.35 14.97 0.81
C ILE B 713 31.17 14.57 -0.05
N LEU B 714 31.20 13.32 -0.52
CA LEU B 714 30.11 12.78 -1.33
C LEU B 714 29.79 11.36 -0.87
N PRO B 715 28.52 11.04 -0.55
CA PRO B 715 28.17 9.63 -0.37
C PRO B 715 28.34 8.86 -1.66
N VAL B 716 28.72 7.59 -1.52
CA VAL B 716 28.99 6.71 -2.65
C VAL B 716 28.12 5.46 -2.60
N SER B 717 27.97 4.87 -1.42
CA SER B 717 27.16 3.67 -1.23
C SER B 717 26.42 3.81 0.07
N MET B 718 25.47 2.92 0.30
CA MET B 718 24.77 2.80 1.57
C MET B 718 24.71 1.34 1.97
N THR B 719 24.21 1.09 3.17
CA THR B 719 24.27 -0.24 3.74
C THR B 719 23.39 -1.19 2.95
N LYS B 720 23.98 -2.25 2.42
CA LYS B 720 23.20 -3.28 1.75
C LYS B 720 22.39 -4.04 2.80
N THR B 721 21.14 -4.32 2.48
CA THR B 721 20.22 -4.94 3.42
C THR B 721 19.46 -6.06 2.72
N SER B 722 19.03 -7.03 3.52
CA SER B 722 18.25 -8.17 3.04
C SER B 722 17.17 -8.45 4.05
N VAL B 723 16.02 -8.92 3.55
CA VAL B 723 14.83 -9.13 4.35
C VAL B 723 14.31 -10.53 4.05
N ASP B 724 13.98 -11.26 5.10
CA ASP B 724 13.30 -12.55 4.99
C ASP B 724 11.82 -12.32 5.29
N CYS B 725 10.98 -12.48 4.27
CA CYS B 725 9.54 -12.38 4.49
C CYS B 725 9.06 -13.33 5.56
N THR B 726 9.48 -14.59 5.48
CA THR B 726 8.95 -15.57 6.43
C THR B 726 9.33 -15.18 7.85
N MET B 727 10.58 -14.80 8.09
CA MET B 727 11.00 -14.51 9.45
C MET B 727 10.39 -13.22 9.96
N TYR B 728 10.05 -12.28 9.07
CA TYR B 728 9.50 -11.00 9.48
C TYR B 728 7.99 -11.05 9.69
N ILE B 729 7.26 -11.56 8.70
CA ILE B 729 5.80 -11.59 8.76
C ILE B 729 5.35 -12.71 9.69
N CYS B 730 5.71 -13.95 9.37
CA CYS B 730 5.28 -15.14 10.09
C CYS B 730 6.49 -15.75 10.78
N GLY B 731 6.82 -15.22 11.96
CA GLY B 731 8.12 -15.39 12.59
C GLY B 731 8.70 -16.78 12.53
N ASP B 732 8.10 -17.72 13.24
CA ASP B 732 8.43 -19.13 13.07
C ASP B 732 7.21 -20.03 13.17
N SER B 733 6.00 -19.49 13.05
CA SER B 733 4.78 -20.30 13.06
C SER B 733 4.54 -20.90 11.68
N THR B 734 4.19 -22.19 11.66
CA THR B 734 3.98 -22.86 10.38
C THR B 734 2.64 -22.50 9.76
N GLU B 735 1.61 -22.29 10.58
CA GLU B 735 0.28 -21.95 10.03
C GLU B 735 0.34 -20.65 9.26
N CYS B 736 0.99 -19.64 9.82
CA CYS B 736 1.08 -18.35 9.15
C CYS B 736 1.91 -18.44 7.88
N SER B 737 2.96 -19.26 7.87
CA SER B 737 3.74 -19.42 6.64
C SER B 737 2.91 -20.11 5.56
N ASN B 738 2.12 -21.12 5.93
CA ASN B 738 1.25 -21.76 4.96
C ASN B 738 0.24 -20.77 4.40
N LEU B 739 -0.28 -19.89 5.25
CA LEU B 739 -1.17 -18.85 4.75
C LEU B 739 -0.43 -17.86 3.87
N LEU B 740 0.85 -17.61 4.15
CA LEU B 740 1.63 -16.64 3.40
C LEU B 740 2.07 -17.17 2.05
N LEU B 741 2.03 -18.50 1.84
CA LEU B 741 2.52 -19.09 0.60
C LEU B 741 1.89 -18.49 -0.65
N GLN B 742 0.64 -18.02 -0.56
CA GLN B 742 -0.02 -17.43 -1.71
C GLN B 742 0.48 -16.03 -2.06
N TYR B 743 1.36 -15.44 -1.24
CA TYR B 743 1.99 -14.14 -1.50
C TYR B 743 3.44 -14.27 -1.93
N GLY B 744 3.81 -15.44 -2.46
CA GLY B 744 5.18 -15.64 -2.88
C GLY B 744 5.58 -14.70 -3.99
N SER B 745 4.64 -14.30 -4.84
CA SER B 745 4.96 -13.33 -5.88
C SER B 745 5.39 -12.00 -5.27
N PHE B 746 4.63 -11.52 -4.28
CA PHE B 746 4.97 -10.27 -3.61
C PHE B 746 6.35 -10.37 -2.96
N CYS B 747 6.60 -11.49 -2.27
CA CYS B 747 7.86 -11.59 -1.54
C CYS B 747 9.06 -11.76 -2.48
N THR B 748 8.87 -12.48 -3.57
CA THR B 748 9.91 -12.57 -4.59
C THR B 748 10.21 -11.19 -5.16
N GLN B 749 9.17 -10.39 -5.40
CA GLN B 749 9.38 -9.03 -5.89
C GLN B 749 10.19 -8.21 -4.90
N LEU B 750 9.86 -8.30 -3.62
CA LEU B 750 10.59 -7.53 -2.61
C LEU B 750 12.06 -7.95 -2.56
N ASN B 751 12.30 -9.26 -2.53
CA ASN B 751 13.68 -9.73 -2.47
C ASN B 751 14.46 -9.33 -3.71
N ARG B 752 13.81 -9.37 -4.88
CA ARG B 752 14.47 -8.94 -6.10
C ARG B 752 14.85 -7.48 -6.03
N ALA B 753 13.95 -6.63 -5.53
CA ALA B 753 14.25 -5.21 -5.42
C ALA B 753 15.43 -4.97 -4.50
N LEU B 754 15.44 -5.62 -3.34
CA LEU B 754 16.54 -5.41 -2.40
C LEU B 754 17.86 -5.95 -2.94
N THR B 755 17.82 -7.08 -3.65
CA THR B 755 19.03 -7.60 -4.28
C THR B 755 19.55 -6.62 -5.33
N GLY B 756 18.66 -6.04 -6.12
CA GLY B 756 19.08 -5.02 -7.06
C GLY B 756 19.74 -3.84 -6.38
N ILE B 757 19.18 -3.42 -5.25
CA ILE B 757 19.78 -2.31 -4.50
C ILE B 757 21.19 -2.66 -4.06
N ALA B 758 21.38 -3.87 -3.52
CA ALA B 758 22.69 -4.28 -3.03
C ALA B 758 23.73 -4.32 -4.16
N VAL B 759 23.35 -4.94 -5.29
CA VAL B 759 24.26 -5.00 -6.42
C VAL B 759 24.57 -3.59 -6.91
N GLU B 760 23.59 -2.70 -6.85
CA GLU B 760 23.82 -1.31 -7.25
C GLU B 760 24.84 -0.64 -6.35
N GLN B 761 24.77 -0.90 -5.04
CA GLN B 761 25.76 -0.30 -4.14
C GLN B 761 27.17 -0.78 -4.47
N ASP B 762 27.32 -2.08 -4.69
CA ASP B 762 28.64 -2.59 -5.07
C ASP B 762 29.13 -1.96 -6.36
N LYS B 763 28.22 -1.83 -7.34
CA LYS B 763 28.58 -1.19 -8.61
C LYS B 763 29.02 0.25 -8.40
N ASN B 764 28.31 0.99 -7.53
CA ASN B 764 28.66 2.38 -7.27
C ASN B 764 30.06 2.49 -6.71
N THR B 765 30.37 1.67 -5.70
CA THR B 765 31.70 1.72 -5.11
C THR B 765 32.78 1.38 -6.13
N GLN B 766 32.54 0.35 -6.95
CA GLN B 766 33.53 -0.04 -7.94
C GLN B 766 33.75 1.05 -8.97
N GLU B 767 32.66 1.64 -9.48
CA GLU B 767 32.81 2.66 -10.53
C GLU B 767 33.41 3.95 -9.99
N VAL B 768 33.28 4.21 -8.68
CA VAL B 768 33.91 5.40 -8.13
C VAL B 768 35.40 5.16 -7.93
N PHE B 769 35.76 4.08 -7.23
CA PHE B 769 37.15 3.92 -6.78
C PHE B 769 38.02 3.18 -7.78
N ALA B 770 37.50 2.14 -8.43
CA ALA B 770 38.30 1.34 -9.36
C ALA B 770 38.29 1.94 -10.76
N GLN B 771 38.63 3.23 -10.86
CA GLN B 771 38.78 3.84 -12.17
C GLN B 771 39.99 3.28 -12.92
N VAL B 772 41.08 3.05 -12.20
CA VAL B 772 42.31 2.50 -12.76
C VAL B 772 42.58 1.16 -12.09
N LYS B 773 43.01 0.18 -12.89
CA LYS B 773 43.31 -1.17 -12.42
C LYS B 773 44.80 -1.44 -12.32
N GLN B 774 45.62 -0.40 -12.29
CA GLN B 774 47.06 -0.50 -12.05
C GLN B 774 47.33 0.05 -10.65
N ILE B 775 47.66 -0.83 -9.72
CA ILE B 775 47.86 -0.41 -8.33
C ILE B 775 49.26 0.16 -8.20
N TYR B 776 49.40 1.46 -8.40
CA TYR B 776 50.68 2.11 -8.23
C TYR B 776 51.01 2.27 -6.75
N LYS B 777 52.30 2.25 -6.44
CA LYS B 777 52.80 2.45 -5.09
C LYS B 777 53.72 3.65 -5.09
N THR B 778 53.64 4.44 -4.02
CA THR B 778 54.41 5.67 -3.96
C THR B 778 55.91 5.35 -3.93
N PRO B 779 56.76 6.17 -4.52
CA PRO B 779 58.20 5.92 -4.43
C PRO B 779 58.67 6.05 -3.00
N PRO B 780 59.70 5.30 -2.60
CA PRO B 780 60.14 5.36 -1.21
C PRO B 780 60.62 6.73 -0.77
N ILE B 781 61.23 7.49 -1.67
CA ILE B 781 61.79 8.80 -1.35
C ILE B 781 60.74 9.86 -1.64
N LYS B 782 60.70 10.89 -0.81
CA LYS B 782 59.74 11.99 -0.91
C LYS B 782 60.51 13.24 -1.33
N ASP B 783 60.63 13.42 -2.65
CA ASP B 783 61.25 14.60 -3.24
C ASP B 783 60.28 15.14 -4.30
N PHE B 784 59.35 15.97 -3.85
CA PHE B 784 58.29 16.54 -4.69
C PHE B 784 58.41 18.05 -4.75
N GLY B 785 59.64 18.55 -4.82
CA GLY B 785 59.85 19.99 -4.91
C GLY B 785 59.37 20.75 -3.70
N GLY B 786 59.49 20.17 -2.51
CA GLY B 786 59.09 20.83 -1.28
C GLY B 786 57.67 20.58 -0.86
N PHE B 787 56.85 19.96 -1.69
CA PHE B 787 55.48 19.64 -1.33
C PHE B 787 55.46 18.46 -0.35
N ASN B 788 54.69 18.60 0.72
CA ASN B 788 54.63 17.61 1.80
C ASN B 788 53.30 16.87 1.71
N PHE B 789 53.36 15.60 1.30
CA PHE B 789 52.19 14.74 1.15
C PHE B 789 52.12 13.69 2.24
N SER B 790 52.67 14.00 3.43
CA SER B 790 52.73 13.00 4.49
C SER B 790 51.34 12.61 4.96
N GLN B 791 50.44 13.59 5.09
CA GLN B 791 49.14 13.34 5.70
C GLN B 791 48.13 12.70 4.74
N ILE B 792 48.41 12.69 3.44
CA ILE B 792 47.49 12.11 2.46
C ILE B 792 48.13 10.93 1.75
N LEU B 793 49.00 10.20 2.44
CA LEU B 793 49.62 8.99 1.93
C LEU B 793 49.57 7.93 3.01
N PRO B 794 49.63 6.64 2.64
CA PRO B 794 49.49 5.58 3.64
C PRO B 794 50.55 5.65 4.73
N ASP B 795 50.13 5.36 5.96
CA ASP B 795 51.06 5.25 7.09
C ASP B 795 51.56 3.82 7.18
N PRO B 796 52.87 3.55 7.02
CA PRO B 796 53.32 2.15 7.14
C PRO B 796 53.27 1.61 8.56
N SER B 797 53.06 2.47 9.57
CA SER B 797 53.09 2.07 10.97
C SER B 797 51.69 1.77 11.52
N LYS B 798 50.77 1.30 10.68
CA LYS B 798 49.40 0.98 11.07
C LYS B 798 48.99 -0.31 10.38
N PRO B 799 48.23 -1.20 11.06
CA PRO B 799 47.78 -2.42 10.36
C PRO B 799 46.97 -2.14 9.12
N SER B 800 46.08 -1.15 9.16
CA SER B 800 45.40 -0.67 7.97
C SER B 800 46.29 0.32 7.25
N LYS B 801 46.12 0.40 5.92
CA LYS B 801 47.00 1.18 5.06
C LYS B 801 46.43 2.55 4.78
N ARG B 802 45.78 3.16 5.78
CA ARG B 802 45.15 4.46 5.62
C ARG B 802 46.13 5.57 5.90
N SER B 803 45.83 6.75 5.36
CA SER B 803 46.57 7.96 5.66
C SER B 803 46.01 8.62 6.91
N PHE B 804 46.65 9.71 7.34
CA PHE B 804 46.21 10.40 8.55
C PHE B 804 44.82 10.99 8.37
N ILE B 805 44.58 11.65 7.24
CA ILE B 805 43.28 12.26 6.99
C ILE B 805 42.21 11.18 6.95
N GLU B 806 42.52 10.04 6.33
CA GLU B 806 41.57 8.93 6.32
C GLU B 806 41.29 8.44 7.73
N ASP B 807 42.32 8.35 8.58
CA ASP B 807 42.09 7.92 9.95
C ASP B 807 41.14 8.87 10.67
N LEU B 808 41.34 10.18 10.48
CA LEU B 808 40.43 11.15 11.07
C LEU B 808 39.01 10.97 10.55
N LEU B 809 38.87 10.74 9.24
CA LEU B 809 37.54 10.60 8.65
C LEU B 809 36.81 9.39 9.21
N PHE B 810 37.49 8.24 9.26
CA PHE B 810 36.85 7.05 9.82
C PHE B 810 36.57 7.19 11.30
N ASN B 811 37.37 7.97 12.04
CA ASN B 811 37.07 8.18 13.44
C ASN B 811 35.96 9.21 13.66
N LYS B 812 35.66 10.05 12.67
CA LYS B 812 34.62 11.05 12.81
C LYS B 812 33.21 10.54 12.53
N VAL B 813 33.06 9.30 12.06
CA VAL B 813 31.76 8.70 11.79
C VAL B 813 31.63 7.44 12.64
N THR B 814 30.48 7.30 13.30
CA THR B 814 30.27 6.15 14.19
C THR B 814 30.18 4.84 13.42
N LEU B 815 29.41 4.84 12.33
CA LEU B 815 29.10 3.62 11.58
C LEU B 815 28.46 2.58 12.52
N ALA B 816 27.28 2.94 12.99
CA ALA B 816 26.43 2.04 13.77
C ALA B 816 25.26 1.60 12.90
N ASP B 817 25.15 0.30 12.67
CA ASP B 817 24.11 -0.25 11.81
C ASP B 817 22.74 -0.14 12.48
N ILE B 821 28.60 -5.35 12.12
CA ILE B 821 29.23 -4.87 13.35
C ILE B 821 29.01 -5.82 14.53
N LYS B 822 28.02 -6.70 14.42
CA LYS B 822 27.58 -7.57 15.50
C LYS B 822 27.91 -9.03 15.17
N GLN B 823 28.22 -9.80 16.20
CA GLN B 823 28.48 -11.23 16.08
C GLN B 823 27.30 -11.98 16.66
N TYR B 824 26.70 -12.85 15.85
CA TYR B 824 25.60 -13.67 16.34
C TYR B 824 26.13 -14.63 17.41
N GLY B 825 25.36 -14.75 18.49
CA GLY B 825 25.79 -15.48 19.67
C GLY B 825 25.75 -14.56 20.87
N ASP B 826 26.16 -13.31 20.67
CA ASP B 826 25.93 -12.29 21.69
C ASP B 826 24.44 -12.01 21.82
N CYS B 827 23.73 -11.92 20.70
CA CYS B 827 22.28 -11.79 20.75
C CYS B 827 21.64 -13.02 21.37
N LEU B 828 22.14 -14.21 21.01
CA LEU B 828 21.67 -15.43 21.66
C LEU B 828 22.05 -15.48 23.13
N GLY B 829 23.07 -14.72 23.55
CA GLY B 829 23.54 -14.71 24.92
C GLY B 829 23.01 -13.53 25.69
N ASP B 830 23.82 -12.48 25.83
CA ASP B 830 23.41 -11.30 26.57
C ASP B 830 22.38 -10.52 25.76
N ILE B 831 21.09 -10.82 26.01
CA ILE B 831 19.98 -10.11 25.38
C ILE B 831 19.26 -9.18 26.35
N ALA B 832 19.58 -9.24 27.65
CA ALA B 832 18.99 -8.30 28.61
C ALA B 832 19.31 -6.86 28.25
N ALA B 833 20.45 -6.62 27.58
CA ALA B 833 20.76 -5.27 27.12
C ALA B 833 19.74 -4.77 26.10
N ARG B 834 19.12 -5.68 25.35
CA ARG B 834 18.06 -5.36 24.40
C ARG B 834 18.57 -4.41 23.30
N ASP B 835 19.58 -4.89 22.59
CA ASP B 835 20.10 -4.14 21.45
C ASP B 835 19.09 -4.16 20.30
N LEU B 836 19.11 -3.09 19.49
CA LEU B 836 18.21 -3.02 18.35
C LEU B 836 18.65 -3.95 17.23
N ILE B 837 19.95 -4.16 17.08
CA ILE B 837 20.44 -5.03 16.01
C ILE B 837 19.97 -6.46 16.23
N CYS B 838 19.93 -6.89 17.49
CA CYS B 838 19.44 -8.23 17.78
C CYS B 838 17.97 -8.36 17.40
N ALA B 839 17.17 -7.34 17.66
CA ALA B 839 15.77 -7.36 17.24
C ALA B 839 15.66 -7.44 15.73
N GLN B 840 16.44 -6.63 15.03
CA GLN B 840 16.43 -6.67 13.56
C GLN B 840 16.78 -8.05 13.04
N LYS B 841 17.80 -8.69 13.62
CA LYS B 841 18.18 -10.02 13.15
C LYS B 841 17.13 -11.06 13.48
N PHE B 842 16.54 -10.98 14.68
CA PHE B 842 15.49 -11.92 15.05
C PHE B 842 14.22 -11.72 14.24
N ASN B 843 14.06 -10.56 13.58
CA ASN B 843 12.93 -10.35 12.67
C ASN B 843 13.35 -10.41 11.20
N GLY B 844 14.50 -11.01 10.91
CA GLY B 844 14.88 -11.32 9.54
C GLY B 844 15.49 -10.19 8.75
N LEU B 845 15.78 -9.05 9.37
CA LEU B 845 16.31 -7.88 8.68
C LEU B 845 17.83 -7.87 8.84
N THR B 846 18.51 -8.55 7.94
CA THR B 846 19.97 -8.62 7.98
C THR B 846 20.60 -7.51 7.17
N VAL B 847 21.84 -7.19 7.52
CA VAL B 847 22.64 -6.19 6.82
C VAL B 847 23.83 -6.91 6.21
N LEU B 848 23.90 -6.91 4.89
CA LEU B 848 24.98 -7.59 4.20
C LEU B 848 26.24 -6.72 4.21
N PRO B 849 27.43 -7.33 4.19
CA PRO B 849 28.65 -6.52 4.22
C PRO B 849 29.02 -6.04 2.84
N PRO B 850 29.68 -4.89 2.71
CA PRO B 850 30.08 -4.43 1.38
C PRO B 850 31.14 -5.34 0.77
N LEU B 851 31.14 -5.40 -0.56
CA LEU B 851 32.08 -6.26 -1.26
C LEU B 851 33.51 -5.81 -1.03
N LEU B 852 33.77 -4.51 -1.19
CA LEU B 852 35.11 -3.97 -1.07
C LEU B 852 35.37 -3.58 0.37
N THR B 853 36.33 -4.26 1.00
CA THR B 853 36.74 -3.90 2.34
C THR B 853 37.35 -2.51 2.35
N ASP B 854 37.23 -1.82 3.48
CA ASP B 854 37.76 -0.47 3.58
C ASP B 854 39.27 -0.44 3.31
N GLU B 855 39.97 -1.53 3.65
CA GLU B 855 41.38 -1.61 3.31
C GLU B 855 41.58 -1.61 1.80
N MET B 856 40.72 -2.33 1.07
CA MET B 856 40.83 -2.34 -0.39
C MET B 856 40.54 -0.96 -0.98
N ILE B 857 39.54 -0.28 -0.45
CA ILE B 857 39.23 1.08 -0.91
C ILE B 857 40.41 1.99 -0.62
N ALA B 858 41.06 1.81 0.53
CA ALA B 858 42.23 2.60 0.85
C ALA B 858 43.36 2.30 -0.13
N GLN B 859 43.51 1.04 -0.53
CA GLN B 859 44.53 0.69 -1.53
C GLN B 859 44.24 1.37 -2.86
N TYR B 860 42.98 1.36 -3.29
CA TYR B 860 42.62 2.05 -4.53
C TYR B 860 42.92 3.54 -4.44
N THR B 861 42.57 4.16 -3.31
CA THR B 861 42.82 5.58 -3.13
C THR B 861 44.31 5.88 -3.15
N SER B 862 45.11 5.03 -2.49
CA SER B 862 46.55 5.22 -2.48
C SER B 862 47.13 5.09 -3.88
N ALA B 863 46.63 4.12 -4.66
CA ALA B 863 47.08 3.99 -6.03
C ALA B 863 46.77 5.24 -6.84
N LEU B 864 45.56 5.78 -6.67
CA LEU B 864 45.19 6.99 -7.38
C LEU B 864 46.08 8.15 -6.98
N LEU B 865 46.37 8.29 -5.68
CA LEU B 865 47.23 9.37 -5.21
C LEU B 865 48.63 9.24 -5.79
N ALA B 866 49.19 8.04 -5.76
CA ALA B 866 50.55 7.82 -6.27
C ALA B 866 50.61 8.13 -7.75
N GLY B 867 49.65 7.63 -8.52
CA GLY B 867 49.62 7.95 -9.94
C GLY B 867 49.47 9.44 -10.19
N THR B 868 48.65 10.11 -9.37
CA THR B 868 48.43 11.55 -9.54
C THR B 868 49.73 12.32 -9.33
N ILE B 869 50.44 12.02 -8.25
CA ILE B 869 51.61 12.83 -7.91
C ILE B 869 52.89 12.39 -8.63
N THR B 870 52.90 11.19 -9.22
CA THR B 870 54.08 10.70 -9.94
C THR B 870 53.93 10.78 -11.45
N SER B 871 52.71 10.88 -11.98
CA SER B 871 52.48 10.89 -13.41
C SER B 871 51.50 11.95 -13.88
N GLY B 872 50.86 12.70 -12.98
CA GLY B 872 49.91 13.71 -13.41
C GLY B 872 48.65 13.08 -13.98
N TRP B 873 48.14 13.67 -15.05
CA TRP B 873 46.94 13.18 -15.71
C TRP B 873 47.22 12.07 -16.71
N THR B 874 48.49 11.69 -16.91
CA THR B 874 48.80 10.77 -18.00
C THR B 874 48.37 9.35 -17.68
N PHE B 875 48.37 8.98 -16.40
CA PHE B 875 47.98 7.62 -16.05
C PHE B 875 46.50 7.38 -16.27
N GLY B 876 45.68 8.42 -16.28
CA GLY B 876 44.28 8.26 -16.63
C GLY B 876 44.06 8.04 -18.12
N ALA B 877 44.88 8.67 -18.96
CA ALA B 877 44.81 8.51 -20.41
C ALA B 877 45.82 7.47 -20.88
N GLY B 878 45.62 6.24 -20.43
CA GLY B 878 46.50 5.14 -20.80
C GLY B 878 47.57 4.85 -19.77
N ALA B 879 48.79 4.64 -20.23
CA ALA B 879 49.88 4.29 -19.33
C ALA B 879 50.28 5.50 -18.49
N ALA B 880 50.93 5.21 -17.35
CA ALA B 880 51.41 6.24 -16.45
C ALA B 880 52.79 6.69 -16.91
N LEU B 881 52.92 7.99 -17.18
CA LEU B 881 54.16 8.58 -17.66
C LEU B 881 54.73 9.47 -16.57
N GLN B 882 55.94 9.15 -16.13
CA GLN B 882 56.55 9.85 -15.00
C GLN B 882 56.86 11.30 -15.37
N ILE B 883 56.89 12.15 -14.36
CA ILE B 883 57.24 13.56 -14.54
C ILE B 883 57.58 14.11 -13.17
N PRO B 884 58.58 15.00 -13.03
CA PRO B 884 58.81 15.63 -11.73
C PRO B 884 57.60 16.47 -11.32
N PHE B 885 57.36 16.53 -10.01
CA PHE B 885 56.14 17.19 -9.54
C PHE B 885 56.16 18.68 -9.83
N ALA B 886 57.33 19.32 -9.77
CA ALA B 886 57.39 20.74 -10.07
C ALA B 886 56.93 21.00 -11.50
N MET B 887 57.40 20.19 -12.46
CA MET B 887 56.96 20.35 -13.83
C MET B 887 55.47 20.03 -13.97
N GLN B 888 54.96 19.09 -13.18
CA GLN B 888 53.53 18.81 -13.21
C GLN B 888 52.73 20.03 -12.78
N MET B 889 53.09 20.61 -11.63
CA MET B 889 52.36 21.79 -11.17
C MET B 889 52.56 22.96 -12.13
N ALA B 890 53.69 23.00 -12.85
CA ALA B 890 53.86 24.00 -13.90
C ALA B 890 52.85 23.78 -15.02
N TYR B 891 52.64 22.52 -15.42
CA TYR B 891 51.59 22.21 -16.39
C TYR B 891 50.24 22.70 -15.90
N ARG B 892 49.93 22.45 -14.62
CA ARG B 892 48.64 22.87 -14.09
C ARG B 892 48.50 24.39 -14.12
N PHE B 893 49.56 25.11 -13.73
CA PHE B 893 49.53 26.56 -13.76
C PHE B 893 49.32 27.07 -15.17
N ASN B 894 50.00 26.47 -16.15
CA ASN B 894 49.75 26.85 -17.53
C ASN B 894 48.31 26.52 -17.92
N GLY B 895 47.72 25.50 -17.30
CA GLY B 895 46.34 25.18 -17.58
C GLY B 895 45.37 26.24 -17.10
N ILE B 896 45.58 26.76 -15.89
CA ILE B 896 44.62 27.73 -15.35
C ILE B 896 44.72 29.10 -15.98
N GLY B 897 45.69 29.34 -16.85
CA GLY B 897 45.82 30.60 -17.55
C GLY B 897 46.86 31.54 -17.00
N VAL B 898 47.91 31.03 -16.37
CA VAL B 898 49.01 31.83 -15.88
C VAL B 898 50.31 31.14 -16.29
N THR B 899 51.32 31.94 -16.63
CA THR B 899 52.58 31.38 -17.12
C THR B 899 53.24 30.53 -16.05
N GLN B 900 54.01 29.55 -16.50
CA GLN B 900 54.66 28.62 -15.59
C GLN B 900 55.82 29.26 -14.82
N ASN B 901 56.42 30.32 -15.36
CA ASN B 901 57.58 30.93 -14.72
C ASN B 901 57.26 31.37 -13.29
N VAL B 902 56.05 31.92 -13.08
CA VAL B 902 55.68 32.42 -11.75
C VAL B 902 55.73 31.29 -10.74
N LEU B 903 55.51 30.05 -11.16
CA LEU B 903 55.67 28.92 -10.25
C LEU B 903 57.12 28.81 -9.79
N TYR B 904 58.04 28.76 -10.76
CA TYR B 904 59.44 28.52 -10.40
C TYR B 904 60.02 29.69 -9.63
N GLU B 905 59.54 30.90 -9.88
CA GLU B 905 59.98 32.05 -9.12
C GLU B 905 59.41 32.07 -7.71
N ASN B 906 58.38 31.26 -7.43
CA ASN B 906 57.70 31.25 -6.14
C ASN B 906 57.49 29.84 -5.61
N GLN B 907 58.21 28.85 -6.17
CA GLN B 907 57.93 27.45 -5.91
C GLN B 907 57.89 27.14 -4.42
N LYS B 908 58.95 27.49 -3.71
CA LYS B 908 59.03 27.27 -2.26
C LYS B 908 57.82 27.85 -1.56
N LEU B 909 57.51 29.13 -1.85
CA LEU B 909 56.36 29.78 -1.25
C LEU B 909 55.11 28.96 -1.48
N ILE B 910 54.87 28.58 -2.74
CA ILE B 910 53.69 27.80 -3.08
C ILE B 910 53.65 26.54 -2.24
N ALA B 911 54.79 25.82 -2.18
CA ALA B 911 54.86 24.60 -1.41
C ALA B 911 54.44 24.85 0.03
N ASN B 912 55.01 25.89 0.65
CA ASN B 912 54.68 26.21 2.02
C ASN B 912 53.19 26.44 2.16
N GLN B 913 52.62 27.26 1.26
CA GLN B 913 51.19 27.52 1.27
C GLN B 913 50.42 26.22 1.23
N PHE B 914 50.77 25.34 0.28
CA PHE B 914 50.10 24.06 0.15
C PHE B 914 50.16 23.31 1.47
N ASN B 915 51.36 23.21 2.05
CA ASN B 915 51.50 22.49 3.30
C ASN B 915 50.63 23.13 4.37
N SER B 916 50.66 24.47 4.46
CA SER B 916 49.84 25.17 5.44
C SER B 916 48.38 24.84 5.24
N ALA B 917 47.92 24.83 3.98
CA ALA B 917 46.53 24.50 3.71
C ALA B 917 46.21 23.10 4.21
N ILE B 918 47.10 22.15 3.96
CA ILE B 918 46.89 20.79 4.44
C ILE B 918 46.75 20.81 5.95
N GLY B 919 47.60 21.59 6.63
CA GLY B 919 47.52 21.68 8.08
C GLY B 919 46.14 22.14 8.53
N LYS B 920 45.57 23.13 7.85
CA LYS B 920 44.22 23.59 8.18
C LYS B 920 43.24 22.42 8.13
N ILE B 921 43.29 21.65 7.05
CA ILE B 921 42.41 20.49 6.93
C ILE B 921 42.63 19.55 8.10
N GLN B 922 43.89 19.33 8.47
CA GLN B 922 44.20 18.36 9.53
C GLN B 922 43.55 18.74 10.84
N ASP B 923 43.28 20.04 11.07
CA ASP B 923 42.55 20.45 12.26
C ASP B 923 41.07 20.63 12.00
N SER B 924 40.69 21.02 10.78
CA SER B 924 39.28 21.28 10.51
C SER B 924 38.44 20.02 10.63
N LEU B 925 39.02 18.87 10.28
CA LEU B 925 38.36 17.59 10.43
C LEU B 925 38.61 16.95 11.79
N SER B 926 39.42 17.57 12.66
CA SER B 926 39.79 16.98 13.94
C SER B 926 39.01 17.55 15.12
N SER B 927 38.40 18.72 14.98
CA SER B 927 37.66 19.35 16.07
C SER B 927 36.16 19.16 15.92
N THR B 928 35.58 19.60 14.81
CA THR B 928 34.15 19.52 14.59
C THR B 928 33.77 18.20 13.92
N ALA B 929 32.49 17.86 14.03
CA ALA B 929 31.94 16.68 13.38
C ALA B 929 30.81 17.03 12.41
N SER B 930 30.58 18.32 12.15
CA SER B 930 29.53 18.74 11.23
C SER B 930 29.95 18.62 9.77
N ALA B 931 31.23 18.42 9.49
CA ALA B 931 31.68 18.32 8.11
C ALA B 931 31.13 17.07 7.44
N LEU B 932 31.06 15.95 8.16
CA LEU B 932 30.63 14.67 7.62
C LEU B 932 29.16 14.41 7.90
N GLY B 933 28.35 15.46 7.87
CA GLY B 933 26.93 15.28 8.12
C GLY B 933 26.24 14.44 7.07
N LYS B 934 26.73 14.45 5.83
CA LYS B 934 26.08 13.71 4.77
C LYS B 934 26.17 12.20 5.00
N LEU B 935 27.37 11.71 5.28
CA LEU B 935 27.57 10.28 5.48
C LEU B 935 26.86 9.80 6.73
N GLN B 936 26.96 10.58 7.81
CA GLN B 936 26.26 10.24 9.05
C GLN B 936 24.76 10.24 8.82
N ASP B 937 24.25 11.19 8.02
CA ASP B 937 22.83 11.21 7.70
C ASP B 937 22.42 9.96 6.94
N VAL B 938 23.27 9.50 6.02
CA VAL B 938 22.97 8.27 5.27
C VAL B 938 22.85 7.10 6.24
N VAL B 939 23.85 6.94 7.10
CA VAL B 939 23.86 5.82 8.05
C VAL B 939 22.65 5.91 8.97
N ASN B 940 22.36 7.10 9.48
CA ASN B 940 21.22 7.29 10.37
C ASN B 940 19.91 6.97 9.66
N GLN B 941 19.79 7.36 8.40
CA GLN B 941 18.56 7.08 7.65
C GLN B 941 18.35 5.58 7.53
N ASN B 942 19.39 4.84 7.16
CA ASN B 942 19.25 3.39 7.02
C ASN B 942 18.88 2.75 8.35
N ALA B 943 19.59 3.10 9.42
CA ALA B 943 19.32 2.50 10.72
C ALA B 943 17.92 2.84 11.19
N GLN B 944 17.50 4.09 11.00
CA GLN B 944 16.16 4.51 11.41
C GLN B 944 15.09 3.76 10.62
N ALA B 945 15.32 3.55 9.32
CA ALA B 945 14.35 2.81 8.52
C ALA B 945 14.19 1.38 9.03
N LEU B 946 15.32 0.72 9.32
CA LEU B 946 15.22 -0.65 9.84
C LEU B 946 14.53 -0.69 11.20
N ASN B 947 14.86 0.26 12.08
CA ASN B 947 14.25 0.28 13.40
C ASN B 947 12.75 0.56 13.31
N THR B 948 12.34 1.46 12.41
CA THR B 948 10.92 1.70 12.21
C THR B 948 10.22 0.47 11.68
N LEU B 949 10.89 -0.27 10.79
CA LEU B 949 10.29 -1.50 10.29
C LEU B 949 10.09 -2.50 11.40
N VAL B 950 11.05 -2.61 12.32
CA VAL B 950 10.87 -3.49 13.47
C VAL B 950 9.72 -2.99 14.34
N LYS B 951 9.65 -1.68 14.56
CA LYS B 951 8.63 -1.11 15.43
C LYS B 951 7.23 -1.29 14.85
N GLN B 952 7.11 -1.35 13.52
CA GLN B 952 5.81 -1.46 12.88
C GLN B 952 5.14 -2.81 13.08
N LEU B 953 5.83 -3.79 13.66
CA LEU B 953 5.22 -5.09 13.90
C LEU B 953 4.22 -5.07 15.04
N SER B 954 4.12 -3.97 15.79
CA SER B 954 3.19 -3.85 16.91
C SER B 954 1.79 -3.44 16.47
N SER B 955 1.55 -3.22 15.18
CA SER B 955 0.26 -2.75 14.69
C SER B 955 -0.66 -3.94 14.45
N ASN B 956 -1.90 -3.83 14.94
CA ASN B 956 -2.85 -4.94 14.79
C ASN B 956 -3.33 -5.09 13.36
N PHE B 957 -3.43 -4.00 12.62
CA PHE B 957 -3.97 -4.01 11.26
C PHE B 957 -5.38 -4.60 11.23
N GLY B 958 -6.17 -4.29 12.25
CA GLY B 958 -7.55 -4.75 12.32
C GLY B 958 -7.73 -6.08 13.02
N ALA B 959 -6.67 -6.85 13.20
CA ALA B 959 -6.78 -8.13 13.86
C ALA B 959 -6.97 -7.92 15.37
N ILE B 960 -7.36 -9.00 16.05
CA ILE B 960 -7.61 -8.91 17.49
C ILE B 960 -6.32 -8.60 18.25
N SER B 961 -5.17 -8.97 17.71
CA SER B 961 -3.90 -8.70 18.36
C SER B 961 -2.82 -8.61 17.30
N SER B 962 -1.70 -8.02 17.70
CA SER B 962 -0.53 -7.89 16.83
C SER B 962 0.47 -9.02 17.02
N VAL B 963 0.10 -10.08 17.74
CA VAL B 963 0.97 -11.19 18.06
C VAL B 963 0.35 -12.45 17.48
N LEU B 964 1.14 -13.21 16.71
CA LEU B 964 0.64 -14.45 16.13
C LEU B 964 0.24 -15.43 17.21
N ASN B 965 1.05 -15.51 18.28
CA ASN B 965 0.83 -16.52 19.31
C ASN B 965 -0.51 -16.31 20.01
N ASP B 966 -0.83 -15.06 20.34
CA ASP B 966 -2.11 -14.79 20.99
C ASP B 966 -3.28 -15.18 20.11
N ILE B 967 -3.20 -14.87 18.81
CA ILE B 967 -4.28 -15.20 17.90
C ILE B 967 -4.42 -16.71 17.78
N LEU B 968 -3.30 -17.42 17.64
CA LEU B 968 -3.35 -18.86 17.43
C LEU B 968 -3.72 -19.62 18.68
N SER B 969 -3.53 -19.02 19.86
CA SER B 969 -3.94 -19.66 21.10
C SER B 969 -5.39 -19.37 21.46
N ARG B 970 -5.84 -18.12 21.33
CA ARG B 970 -7.22 -17.81 21.65
C ARG B 970 -8.19 -18.44 20.65
N LEU B 971 -7.82 -18.47 19.38
CA LEU B 971 -8.69 -18.93 18.30
C LEU B 971 -8.05 -20.10 17.58
N ASP B 972 -8.89 -21.02 17.13
CA ASP B 972 -8.47 -22.09 16.24
C ASP B 972 -8.36 -21.53 14.82
N LYS B 973 -7.74 -22.32 13.94
CA LYS B 973 -7.50 -21.86 12.56
C LYS B 973 -8.79 -21.50 11.86
N CYS B 974 -9.89 -22.12 12.28
CA CYS B 974 -11.27 -21.78 11.91
C CYS B 974 -11.48 -20.27 11.80
N GLU B 975 -11.23 -19.56 12.90
CA GLU B 975 -11.36 -18.11 12.97
C GLU B 975 -10.03 -17.40 12.91
N ALA B 976 -8.93 -18.09 13.17
CA ALA B 976 -7.62 -17.46 13.17
C ALA B 976 -7.11 -17.20 11.78
N GLU B 977 -7.61 -17.91 10.75
CA GLU B 977 -7.10 -17.69 9.40
C GLU B 977 -7.36 -16.26 8.95
N VAL B 978 -8.54 -15.71 9.23
CA VAL B 978 -8.85 -14.35 8.78
C VAL B 978 -7.98 -13.34 9.50
N GLN B 979 -7.80 -13.51 10.82
CA GLN B 979 -6.97 -12.57 11.56
C GLN B 979 -5.52 -12.63 11.08
N ILE B 980 -4.99 -13.83 10.88
CA ILE B 980 -3.62 -13.96 10.43
C ILE B 980 -3.46 -13.42 9.03
N ASP B 981 -4.49 -13.56 8.18
CA ASP B 981 -4.42 -13.00 6.84
C ASP B 981 -4.39 -11.47 6.89
N ARG B 982 -5.17 -10.87 7.79
CA ARG B 982 -5.11 -9.41 7.95
C ARG B 982 -3.71 -8.99 8.38
N LEU B 983 -3.14 -9.71 9.35
CA LEU B 983 -1.79 -9.40 9.79
C LEU B 983 -0.78 -9.55 8.65
N ILE B 984 -0.93 -10.61 7.86
CA ILE B 984 -0.01 -10.86 6.76
C ILE B 984 -0.08 -9.72 5.75
N THR B 985 -1.30 -9.30 5.39
CA THR B 985 -1.45 -8.21 4.45
C THR B 985 -0.82 -6.93 4.98
N GLY B 986 -1.06 -6.62 6.26
CA GLY B 986 -0.50 -5.40 6.81
C GLY B 986 1.01 -5.41 6.84
N ARG B 987 1.60 -6.52 7.29
CA ARG B 987 3.06 -6.58 7.39
C ARG B 987 3.70 -6.61 6.02
N LEU B 988 3.06 -7.26 5.04
CA LEU B 988 3.57 -7.22 3.68
C LEU B 988 3.55 -5.81 3.12
N GLN B 989 2.49 -5.06 3.41
CA GLN B 989 2.44 -3.66 2.98
C GLN B 989 3.52 -2.84 3.66
N SER B 990 3.80 -3.12 4.93
CA SER B 990 4.89 -2.43 5.61
C SER B 990 6.23 -2.71 4.91
N LEU B 991 6.46 -3.97 4.54
CA LEU B 991 7.69 -4.31 3.82
C LEU B 991 7.75 -3.60 2.48
N GLN B 992 6.62 -3.54 1.77
CA GLN B 992 6.59 -2.84 0.49
C GLN B 992 6.94 -1.37 0.67
N THR B 993 6.41 -0.74 1.72
CA THR B 993 6.73 0.65 2.00
C THR B 993 8.22 0.82 2.24
N TYR B 994 8.80 -0.06 3.05
CA TYR B 994 10.23 0.03 3.34
C TYR B 994 11.06 -0.13 2.08
N VAL B 995 10.70 -1.10 1.24
CA VAL B 995 11.47 -1.35 0.01
C VAL B 995 11.35 -0.17 -0.93
N THR B 996 10.17 0.44 -1.03
CA THR B 996 10.00 1.59 -1.90
C THR B 996 10.88 2.75 -1.43
N GLN B 997 10.86 3.04 -0.12
CA GLN B 997 11.70 4.12 0.39
C GLN B 997 13.18 3.82 0.16
N GLN B 998 13.55 2.54 0.30
CA GLN B 998 14.94 2.17 0.07
C GLN B 998 15.31 2.36 -1.39
N LEU B 999 14.38 2.11 -2.31
CA LEU B 999 14.65 2.37 -3.71
C LEU B 999 14.83 3.86 -3.99
N ILE B 1000 14.01 4.71 -3.36
CA ILE B 1000 14.19 6.15 -3.49
C ILE B 1000 15.59 6.56 -3.05
N ARG B 1001 15.98 6.11 -1.86
CA ARG B 1001 17.28 6.48 -1.33
C ARG B 1001 18.41 5.88 -2.16
N ALA B 1002 18.20 4.70 -2.73
CA ALA B 1002 19.20 4.10 -3.61
C ALA B 1002 19.41 4.95 -4.85
N ALA B 1003 18.31 5.47 -5.42
CA ALA B 1003 18.44 6.35 -6.57
C ALA B 1003 19.21 7.62 -6.21
N GLU B 1004 18.91 8.19 -5.03
CA GLU B 1004 19.64 9.37 -4.58
C GLU B 1004 21.14 9.08 -4.44
N ILE B 1005 21.46 7.94 -3.81
CA ILE B 1005 22.86 7.59 -3.60
C ILE B 1005 23.53 7.28 -4.94
N ARG B 1006 22.80 6.71 -5.88
CA ARG B 1006 23.37 6.45 -7.20
C ARG B 1006 23.69 7.76 -7.92
N ALA B 1007 22.83 8.76 -7.80
CA ALA B 1007 23.14 10.06 -8.37
C ALA B 1007 24.40 10.63 -7.73
N SER B 1008 24.50 10.54 -6.41
CA SER B 1008 25.70 11.01 -5.71
C SER B 1008 26.94 10.26 -6.17
N ALA B 1009 26.82 8.94 -6.35
CA ALA B 1009 27.96 8.13 -6.75
C ALA B 1009 28.39 8.46 -8.17
N ASN B 1010 27.44 8.70 -9.07
CA ASN B 1010 27.78 9.11 -10.42
C ASN B 1010 28.51 10.45 -10.41
N LEU B 1011 28.05 11.38 -9.58
CA LEU B 1011 28.77 12.65 -9.45
C LEU B 1011 30.18 12.44 -8.92
N ALA B 1012 30.33 11.54 -7.94
CA ALA B 1012 31.65 11.28 -7.38
C ALA B 1012 32.57 10.66 -8.42
N ALA B 1013 32.05 9.73 -9.22
CA ALA B 1013 32.85 9.13 -10.28
C ALA B 1013 33.26 10.18 -11.31
N THR B 1014 32.35 11.06 -11.69
CA THR B 1014 32.70 12.13 -12.63
C THR B 1014 33.76 13.05 -12.05
N LYS B 1015 33.65 13.37 -10.76
CA LYS B 1015 34.66 14.21 -10.12
C LYS B 1015 36.02 13.53 -10.12
N MET B 1016 36.05 12.24 -9.76
CA MET B 1016 37.32 11.53 -9.74
C MET B 1016 37.94 11.48 -11.13
N SER B 1017 37.12 11.25 -12.15
CA SER B 1017 37.65 11.17 -13.51
C SER B 1017 38.14 12.53 -14.01
N GLU B 1018 37.43 13.60 -13.67
CA GLU B 1018 37.66 14.92 -14.25
C GLU B 1018 38.48 15.86 -13.40
N CYS B 1019 38.74 15.53 -12.13
CA CYS B 1019 39.50 16.39 -11.23
C CYS B 1019 40.71 15.69 -10.62
N VAL B 1020 40.58 14.42 -10.24
CA VAL B 1020 41.75 13.68 -9.77
C VAL B 1020 42.58 13.21 -10.95
N LEU B 1021 41.94 12.66 -11.98
CA LEU B 1021 42.61 12.18 -13.17
C LEU B 1021 42.92 13.28 -14.18
N GLY B 1022 42.53 14.51 -13.91
CA GLY B 1022 42.74 15.59 -14.86
C GLY B 1022 42.60 16.93 -14.19
N GLN B 1023 42.62 17.97 -15.01
CA GLN B 1023 42.46 19.35 -14.56
C GLN B 1023 41.19 19.90 -15.17
N SER B 1024 40.23 20.26 -14.32
CA SER B 1024 38.90 20.64 -14.77
C SER B 1024 38.84 22.15 -15.02
N LYS B 1025 38.38 22.51 -16.22
CA LYS B 1025 38.11 23.91 -16.55
C LYS B 1025 36.73 24.35 -16.13
N ARG B 1026 35.87 23.44 -15.70
CA ARG B 1026 34.53 23.79 -15.27
C ARG B 1026 34.59 24.61 -13.99
N VAL B 1027 33.92 25.76 -13.99
CA VAL B 1027 34.03 26.70 -12.89
C VAL B 1027 33.22 26.20 -11.71
N ASP B 1028 33.86 26.10 -10.55
CA ASP B 1028 33.27 25.67 -9.28
C ASP B 1028 32.86 24.20 -9.30
N PHE B 1029 33.20 23.44 -10.36
CA PHE B 1029 32.94 22.01 -10.34
C PHE B 1029 33.76 21.34 -9.24
N CYS B 1030 35.00 21.78 -9.06
CA CYS B 1030 35.90 21.22 -8.06
C CYS B 1030 36.50 22.39 -7.28
N GLY B 1031 35.79 22.84 -6.26
CA GLY B 1031 36.28 23.87 -5.37
C GLY B 1031 36.27 25.27 -5.94
N LYS B 1032 36.24 26.28 -5.08
CA LYS B 1032 36.32 27.66 -5.51
C LYS B 1032 37.73 28.00 -5.97
N GLY B 1033 37.83 28.89 -6.94
CA GLY B 1033 39.10 29.22 -7.56
C GLY B 1033 39.39 28.33 -8.73
N TYR B 1034 40.56 28.53 -9.33
CA TYR B 1034 40.94 27.75 -10.50
C TYR B 1034 41.53 26.43 -10.04
N HIS B 1035 40.91 25.33 -10.44
CA HIS B 1035 41.31 24.00 -9.99
C HIS B 1035 42.72 23.68 -10.46
N LEU B 1036 43.52 23.09 -9.57
CA LEU B 1036 44.87 22.60 -9.89
C LEU B 1036 44.96 21.09 -9.79
N MET B 1037 44.62 20.51 -8.65
CA MET B 1037 44.68 19.07 -8.45
C MET B 1037 43.53 18.67 -7.54
N SER B 1038 43.38 17.36 -7.31
CA SER B 1038 42.44 16.86 -6.33
C SER B 1038 42.98 15.54 -5.80
N PHE B 1039 42.74 15.30 -4.52
CA PHE B 1039 43.27 14.14 -3.81
C PHE B 1039 42.14 13.35 -3.19
N PRO B 1040 41.84 12.13 -3.62
CA PRO B 1040 40.75 11.37 -2.99
C PRO B 1040 41.17 10.79 -1.66
N GLN B 1041 40.21 10.70 -0.76
CA GLN B 1041 40.39 10.05 0.53
C GLN B 1041 39.14 9.26 0.82
N SER B 1042 39.32 7.99 1.16
CA SER B 1042 38.16 7.14 1.46
C SER B 1042 37.50 7.60 2.75
N ALA B 1043 36.20 7.33 2.86
CA ALA B 1043 35.45 7.63 4.07
C ALA B 1043 34.36 6.59 4.20
N PRO B 1044 33.82 6.38 5.40
CA PRO B 1044 32.79 5.34 5.57
C PRO B 1044 31.59 5.58 4.66
N HIS B 1045 31.40 4.65 3.72
CA HIS B 1045 30.31 4.74 2.75
C HIS B 1045 30.36 6.04 1.96
N GLY B 1046 31.57 6.50 1.64
CA GLY B 1046 31.67 7.74 0.91
C GLY B 1046 33.10 8.06 0.54
N VAL B 1047 33.26 9.20 -0.14
CA VAL B 1047 34.56 9.65 -0.59
C VAL B 1047 34.69 11.14 -0.26
N VAL B 1048 35.93 11.58 -0.15
CA VAL B 1048 36.28 12.95 0.21
C VAL B 1048 37.28 13.44 -0.81
N PHE B 1049 37.10 14.65 -1.31
CA PHE B 1049 38.00 15.27 -2.27
C PHE B 1049 38.62 16.52 -1.65
N LEU B 1050 39.93 16.63 -1.80
CA LEU B 1050 40.71 17.78 -1.36
C LEU B 1050 41.06 18.58 -2.62
N HIS B 1051 40.15 19.45 -3.01
CA HIS B 1051 40.35 20.27 -4.20
C HIS B 1051 41.35 21.37 -3.86
N VAL B 1052 42.54 21.32 -4.44
CA VAL B 1052 43.52 22.39 -4.30
C VAL B 1052 43.32 23.37 -5.47
N THR B 1053 43.23 24.65 -5.14
CA THR B 1053 42.82 25.66 -6.10
C THR B 1053 43.69 26.90 -5.96
N TYR B 1054 43.83 27.59 -7.08
CA TYR B 1054 44.55 28.86 -7.16
C TYR B 1054 43.53 29.98 -7.02
N VAL B 1055 43.77 30.88 -6.06
CA VAL B 1055 42.86 31.99 -5.78
C VAL B 1055 43.66 33.29 -5.80
N PRO B 1056 43.55 34.16 -6.81
CA PRO B 1056 44.28 35.43 -6.74
C PRO B 1056 43.83 36.26 -5.56
N ALA B 1057 44.79 36.85 -4.85
CA ALA B 1057 44.56 37.41 -3.52
C ALA B 1057 44.72 38.92 -3.47
N GLN B 1058 45.87 39.45 -3.85
CA GLN B 1058 46.18 40.87 -3.68
C GLN B 1058 46.01 41.56 -5.02
N GLU B 1059 44.93 42.32 -5.16
CA GLU B 1059 44.58 42.99 -6.39
C GLU B 1059 45.05 44.43 -6.34
N LYS B 1060 45.20 45.02 -7.52
CA LYS B 1060 45.60 46.42 -7.63
C LYS B 1060 44.88 47.06 -8.81
N ASN B 1061 44.44 48.30 -8.61
CA ASN B 1061 43.84 49.09 -9.67
C ASN B 1061 44.86 49.39 -10.75
N PHE B 1062 44.37 49.56 -11.97
CA PHE B 1062 45.19 49.92 -13.11
C PHE B 1062 44.31 50.56 -14.15
N THR B 1063 44.92 51.36 -15.02
CA THR B 1063 44.25 51.98 -16.14
C THR B 1063 44.61 51.21 -17.40
N THR B 1064 43.60 50.74 -18.12
CA THR B 1064 43.74 49.82 -19.23
C THR B 1064 43.35 50.51 -20.53
N ALA B 1065 43.44 49.76 -21.62
CA ALA B 1065 43.06 50.24 -22.94
C ALA B 1065 42.97 49.05 -23.89
N PRO B 1066 41.93 48.94 -24.73
CA PRO B 1066 41.85 47.77 -25.60
C PRO B 1066 42.99 47.65 -26.59
N ALA B 1067 43.58 48.75 -27.02
CA ALA B 1067 44.54 48.72 -28.10
C ALA B 1067 45.45 49.94 -28.00
N ILE B 1068 46.53 49.91 -28.78
CA ILE B 1068 47.54 50.96 -28.81
C ILE B 1068 47.75 51.35 -30.27
N CYS B 1069 47.54 52.62 -30.58
CA CYS B 1069 47.80 53.14 -31.92
C CYS B 1069 49.27 53.57 -31.99
N HIS B 1070 50.07 52.81 -32.73
CA HIS B 1070 51.50 53.10 -32.79
C HIS B 1070 51.80 54.22 -33.79
N ASP B 1071 51.53 53.97 -35.07
CA ASP B 1071 51.71 54.95 -36.13
C ASP B 1071 50.58 54.86 -37.14
N GLY B 1072 49.35 54.68 -36.64
CA GLY B 1072 48.18 54.53 -37.47
C GLY B 1072 47.56 53.16 -37.33
N LYS B 1073 48.41 52.14 -37.23
CA LYS B 1073 47.94 50.78 -37.02
C LYS B 1073 47.63 50.55 -35.54
N ALA B 1074 46.67 49.66 -35.29
CA ALA B 1074 46.20 49.36 -33.95
C ALA B 1074 46.82 48.05 -33.46
N HIS B 1075 47.44 48.10 -32.30
CA HIS B 1075 48.09 46.93 -31.69
C HIS B 1075 47.16 46.33 -30.65
N PHE B 1076 46.89 45.02 -30.79
CA PHE B 1076 46.11 44.25 -29.82
C PHE B 1076 47.01 43.20 -29.18
N PRO B 1077 46.91 42.94 -27.88
CA PRO B 1077 47.81 41.97 -27.27
C PRO B 1077 47.48 40.55 -27.70
N ARG B 1078 48.51 39.70 -27.71
CA ARG B 1078 48.31 38.29 -28.03
C ARG B 1078 47.61 37.59 -26.87
N GLU B 1079 48.26 37.57 -25.71
CA GLU B 1079 47.64 37.15 -24.46
C GLU B 1079 47.94 38.22 -23.42
N GLY B 1080 46.93 38.54 -22.62
CA GLY B 1080 47.06 39.57 -21.60
C GLY B 1080 46.37 40.86 -22.01
N VAL B 1081 46.61 41.90 -21.21
CA VAL B 1081 45.97 43.19 -21.37
C VAL B 1081 47.03 44.28 -21.28
N PHE B 1082 46.69 45.44 -21.86
CA PHE B 1082 47.51 46.63 -21.74
C PHE B 1082 47.20 47.34 -20.43
N VAL B 1083 48.24 47.65 -19.68
CA VAL B 1083 48.11 48.21 -18.34
C VAL B 1083 49.11 49.35 -18.18
N SER B 1084 48.66 50.44 -17.56
CA SER B 1084 49.49 51.60 -17.28
C SER B 1084 49.56 51.84 -15.78
N ASN B 1085 50.76 52.06 -15.27
CA ASN B 1085 50.95 52.48 -13.89
C ASN B 1085 50.88 53.99 -13.72
N GLY B 1086 50.55 54.73 -14.78
CA GLY B 1086 50.42 56.17 -14.74
C GLY B 1086 51.28 56.87 -15.78
N THR B 1087 52.43 56.29 -16.10
CA THR B 1087 53.39 56.89 -17.03
C THR B 1087 53.56 56.05 -18.29
N HIS B 1088 53.91 54.78 -18.16
CA HIS B 1088 54.19 53.89 -19.28
C HIS B 1088 53.06 52.89 -19.44
N TRP B 1089 53.23 51.99 -20.41
CA TRP B 1089 52.29 50.90 -20.65
C TRP B 1089 53.05 49.60 -20.81
N PHE B 1090 52.42 48.52 -20.37
CA PHE B 1090 52.99 47.18 -20.43
C PHE B 1090 51.90 46.20 -20.81
N VAL B 1091 52.31 45.05 -21.34
CA VAL B 1091 51.42 43.91 -21.51
C VAL B 1091 51.57 43.05 -20.28
N THR B 1092 50.45 42.64 -19.68
CA THR B 1092 50.46 41.84 -18.48
C THR B 1092 49.52 40.66 -18.67
N GLN B 1093 49.96 39.50 -18.18
CA GLN B 1093 49.09 38.34 -18.21
C GLN B 1093 47.90 38.56 -17.28
N ARG B 1094 46.82 37.86 -17.57
CA ARG B 1094 45.51 38.28 -17.12
C ARG B 1094 45.30 38.01 -15.63
N ASN B 1095 45.82 36.89 -15.12
CA ASN B 1095 45.61 36.47 -13.74
C ASN B 1095 46.81 36.73 -12.84
N PHE B 1096 47.80 37.47 -13.30
CA PHE B 1096 48.97 37.77 -12.49
C PHE B 1096 49.65 39.01 -13.04
N TYR B 1097 50.26 39.80 -12.15
CA TYR B 1097 50.91 41.05 -12.54
C TYR B 1097 52.37 40.77 -12.80
N GLU B 1098 52.68 40.50 -14.07
CA GLU B 1098 54.05 40.35 -14.55
C GLU B 1098 54.21 41.20 -15.80
N PRO B 1099 54.24 42.52 -15.65
CA PRO B 1099 54.30 43.38 -16.84
C PRO B 1099 55.62 43.26 -17.58
N GLN B 1100 55.54 43.41 -18.90
CA GLN B 1100 56.72 43.51 -19.75
C GLN B 1100 56.46 44.58 -20.80
N ILE B 1101 57.55 45.14 -21.32
CA ILE B 1101 57.45 46.33 -22.17
C ILE B 1101 56.76 45.93 -23.47
N ILE B 1102 56.03 46.88 -24.05
CA ILE B 1102 55.29 46.60 -25.27
C ILE B 1102 56.26 46.25 -26.38
N THR B 1103 55.92 45.22 -27.16
CA THR B 1103 56.78 44.75 -28.23
C THR B 1103 55.93 44.18 -29.34
N THR B 1104 56.49 44.17 -30.55
CA THR B 1104 55.75 43.73 -31.71
C THR B 1104 55.42 42.25 -31.69
N ASP B 1105 56.18 41.45 -30.92
CA ASP B 1105 55.83 40.03 -30.79
C ASP B 1105 54.79 39.80 -29.71
N ASN B 1106 54.75 40.64 -28.67
CA ASN B 1106 53.68 40.54 -27.68
C ASN B 1106 52.33 40.89 -28.28
N THR B 1107 52.29 41.77 -29.27
CA THR B 1107 51.07 42.27 -29.87
C THR B 1107 50.97 41.84 -31.32
N PHE B 1108 49.81 42.11 -31.91
CA PHE B 1108 49.59 41.91 -33.34
C PHE B 1108 48.76 43.08 -33.86
N VAL B 1109 49.00 43.44 -35.12
CA VAL B 1109 48.38 44.61 -35.73
C VAL B 1109 47.17 44.18 -36.53
N SER B 1110 46.17 45.06 -36.62
CA SER B 1110 44.97 44.79 -37.40
C SER B 1110 44.36 46.13 -37.83
N GLY B 1111 44.65 46.52 -39.07
CA GLY B 1111 44.01 47.69 -39.65
C GLY B 1111 44.43 48.99 -39.01
N ASN B 1112 43.81 50.06 -39.47
CA ASN B 1112 44.08 51.39 -38.94
C ASN B 1112 43.47 51.52 -37.54
N CYS B 1113 43.84 52.60 -36.85
CA CYS B 1113 43.56 52.78 -35.43
C CYS B 1113 42.45 53.79 -35.18
N ASP B 1114 41.50 53.91 -36.10
CA ASP B 1114 40.39 54.86 -35.98
C ASP B 1114 39.09 54.22 -35.55
N VAL B 1115 38.85 52.96 -35.89
CA VAL B 1115 37.57 52.33 -35.58
C VAL B 1115 37.48 51.91 -34.12
N VAL B 1116 38.62 51.61 -33.48
CA VAL B 1116 38.59 51.08 -32.12
C VAL B 1116 38.18 52.18 -31.15
N ILE B 1117 37.39 51.81 -30.15
CA ILE B 1117 36.91 52.73 -29.12
C ILE B 1117 37.76 52.49 -27.87
N GLY B 1118 38.31 53.57 -27.31
CA GLY B 1118 39.18 53.50 -26.16
C GLY B 1118 40.65 53.36 -26.47
N ILE B 1119 41.03 53.35 -27.75
CA ILE B 1119 42.43 53.22 -28.12
C ILE B 1119 43.19 54.46 -27.66
N VAL B 1120 44.46 54.27 -27.31
CA VAL B 1120 45.31 55.32 -26.77
C VAL B 1120 46.68 55.28 -27.46
N ASN B 1121 47.34 56.42 -27.47
CA ASN B 1121 48.62 56.57 -28.14
C ASN B 1121 49.77 56.05 -27.29
N ASN B 1122 50.68 55.30 -27.92
CA ASN B 1122 51.96 54.95 -27.34
C ASN B 1122 52.80 54.31 -28.43
N THR B 1123 54.09 54.19 -28.16
CA THR B 1123 55.05 53.60 -29.08
C THR B 1123 55.30 52.14 -28.69
N VAL B 1124 55.42 51.29 -29.70
CA VAL B 1124 55.76 49.88 -29.52
C VAL B 1124 57.24 49.70 -29.86
N TYR B 1125 57.97 49.04 -28.97
CA TYR B 1125 59.39 48.79 -29.20
C TYR B 1125 59.56 47.63 -30.16
N ASP B 1126 60.52 47.76 -31.07
CA ASP B 1126 60.81 46.76 -32.09
C ASP B 1126 62.27 46.34 -31.97
N PRO B 1127 62.60 45.08 -31.65
CA PRO B 1127 64.03 44.72 -31.66
C PRO B 1127 64.64 44.81 -33.06
N GLN C 5 -69.33 -0.94 -16.59
CA GLN C 5 -69.64 -0.58 -17.96
C GLN C 5 -68.51 0.23 -18.58
N CYS C 6 -68.23 -0.01 -19.85
CA CYS C 6 -67.09 0.60 -20.52
C CYS C 6 -67.23 0.35 -22.01
N VAL C 7 -66.84 1.34 -22.82
CA VAL C 7 -67.10 1.33 -24.25
C VAL C 7 -65.77 1.27 -24.97
N ASN C 8 -65.71 0.45 -26.02
CA ASN C 8 -64.50 0.22 -26.80
C ASN C 8 -64.56 1.03 -28.08
N LEU C 9 -63.51 1.82 -28.34
CA LEU C 9 -63.51 2.69 -29.51
C LEU C 9 -63.43 1.88 -30.80
N THR C 10 -64.20 2.30 -31.81
CA THR C 10 -64.29 1.60 -33.08
C THR C 10 -63.66 2.35 -34.24
N THR C 11 -63.60 3.68 -34.19
CA THR C 11 -63.05 4.48 -35.29
C THR C 11 -61.56 4.69 -35.03
N ARG C 12 -60.73 4.08 -35.87
CA ARG C 12 -59.28 4.15 -35.71
C ARG C 12 -58.62 4.24 -37.07
N THR C 13 -57.68 5.17 -37.20
CA THR C 13 -56.79 5.27 -38.35
C THR C 13 -55.38 5.17 -37.80
N GLN C 14 -54.78 3.99 -37.90
CA GLN C 14 -53.53 3.68 -37.24
C GLN C 14 -52.40 3.62 -38.26
N LEU C 15 -51.23 4.11 -37.85
CA LEU C 15 -50.00 4.10 -38.63
C LEU C 15 -48.96 3.27 -37.90
N PRO C 16 -47.88 2.87 -38.57
CA PRO C 16 -46.80 2.19 -37.87
C PRO C 16 -46.22 3.09 -36.80
N PRO C 17 -45.68 2.54 -35.71
CA PRO C 17 -45.17 3.39 -34.63
C PRO C 17 -44.05 4.31 -35.13
N ALA C 18 -44.09 5.55 -34.67
CA ALA C 18 -43.09 6.55 -35.03
C ALA C 18 -41.99 6.59 -33.99
N TYR C 19 -40.82 7.06 -34.42
CA TYR C 19 -39.62 7.13 -33.60
C TYR C 19 -39.08 8.55 -33.66
N THR C 20 -38.36 8.93 -32.60
CA THR C 20 -37.54 10.13 -32.65
C THR C 20 -36.32 9.91 -31.78
N ASN C 21 -35.48 10.93 -31.68
CA ASN C 21 -34.20 10.85 -31.00
C ASN C 21 -34.29 11.62 -29.69
N SER C 22 -34.05 10.92 -28.58
CA SER C 22 -33.93 11.55 -27.28
C SER C 22 -32.46 11.83 -27.01
N PHE C 23 -32.13 13.11 -26.90
CA PHE C 23 -30.77 13.59 -26.68
C PHE C 23 -30.70 14.29 -25.34
N THR C 24 -29.68 13.94 -24.55
CA THR C 24 -29.39 14.48 -23.22
C THR C 24 -30.62 14.73 -22.35
N ARG C 25 -31.59 13.82 -22.41
CA ARG C 25 -32.81 13.87 -21.62
C ARG C 25 -32.84 12.70 -20.65
N GLY C 26 -33.67 12.86 -19.60
CA GLY C 26 -33.92 11.77 -18.68
C GLY C 26 -32.95 11.64 -17.53
N VAL C 27 -32.30 12.73 -17.11
CA VAL C 27 -31.35 12.72 -16.00
C VAL C 27 -32.08 13.20 -14.76
N TYR C 28 -31.91 12.47 -13.66
CA TYR C 28 -32.59 12.77 -12.41
C TYR C 28 -31.61 12.69 -11.25
N TYR C 29 -31.97 13.37 -10.16
CA TYR C 29 -31.16 13.32 -8.95
C TYR C 29 -31.17 11.91 -8.40
N PRO C 30 -30.01 11.30 -8.14
CA PRO C 30 -30.00 9.94 -7.57
C PRO C 30 -30.01 9.87 -6.05
N ASP C 31 -30.08 11.01 -5.35
CA ASP C 31 -30.09 10.98 -3.90
C ASP C 31 -30.64 12.30 -3.38
N LYS C 32 -31.08 12.28 -2.12
CA LYS C 32 -31.58 13.47 -1.43
C LYS C 32 -30.47 14.14 -0.62
N VAL C 33 -29.36 14.45 -1.28
CA VAL C 33 -28.20 15.07 -0.66
C VAL C 33 -27.80 16.28 -1.49
N PHE C 34 -27.44 17.36 -0.80
CA PHE C 34 -27.11 18.62 -1.46
C PHE C 34 -25.61 18.67 -1.74
N ARG C 35 -25.25 18.78 -3.02
CA ARG C 35 -23.86 18.91 -3.45
C ARG C 35 -23.74 20.12 -4.35
N SER C 36 -22.72 20.94 -4.12
CA SER C 36 -22.52 22.21 -4.81
C SER C 36 -21.15 22.24 -5.44
N SER C 37 -21.08 22.56 -6.74
CA SER C 37 -19.82 22.72 -7.47
C SER C 37 -19.00 21.43 -7.43
N VAL C 38 -19.61 20.32 -7.84
CA VAL C 38 -18.97 19.00 -7.76
C VAL C 38 -19.29 18.20 -9.01
N LEU C 39 -18.29 17.49 -9.52
CA LEU C 39 -18.43 16.59 -10.66
C LEU C 39 -18.57 15.18 -10.11
N HIS C 40 -19.81 14.71 -10.01
CA HIS C 40 -20.15 13.46 -9.34
C HIS C 40 -20.49 12.37 -10.36
N SER C 41 -19.96 11.18 -10.16
CA SER C 41 -20.18 10.04 -11.05
C SER C 41 -21.17 9.09 -10.39
N THR C 42 -22.03 8.48 -11.21
CA THR C 42 -23.00 7.53 -10.68
C THR C 42 -23.28 6.47 -11.73
N GLN C 43 -23.88 5.36 -11.27
CA GLN C 43 -24.38 4.32 -12.15
C GLN C 43 -25.77 3.95 -11.69
N ASP C 44 -26.71 3.88 -12.62
CA ASP C 44 -28.07 3.53 -12.26
C ASP C 44 -28.84 3.25 -13.55
N LEU C 45 -30.14 3.08 -13.42
CA LEU C 45 -31.02 2.97 -14.59
C LEU C 45 -31.21 4.35 -15.17
N PHE C 46 -30.75 4.55 -16.41
CA PHE C 46 -30.80 5.84 -17.07
C PHE C 46 -31.24 5.63 -18.51
N LEU C 47 -31.82 6.68 -19.09
CA LEU C 47 -32.16 6.66 -20.50
C LEU C 47 -30.89 6.98 -21.28
N PRO C 48 -30.39 6.10 -22.15
CA PRO C 48 -29.18 6.45 -22.91
C PRO C 48 -29.44 7.65 -23.81
N PHE C 49 -28.42 8.50 -23.93
CA PHE C 49 -28.53 9.68 -24.78
C PHE C 49 -28.64 9.26 -26.24
N PHE C 50 -29.38 10.05 -27.01
CA PHE C 50 -29.55 9.82 -28.44
C PHE C 50 -30.17 8.44 -28.69
N SER C 51 -31.25 8.17 -27.96
CA SER C 51 -31.95 6.90 -28.05
C SER C 51 -33.20 7.02 -28.91
N ASN C 52 -33.57 5.92 -29.57
CA ASN C 52 -34.78 5.88 -30.39
C ASN C 52 -35.97 5.75 -29.46
N VAL C 53 -36.56 6.89 -29.09
CA VAL C 53 -37.72 6.91 -28.20
C VAL C 53 -38.98 6.86 -29.05
N THR C 54 -39.97 6.09 -28.59
CA THR C 54 -41.18 5.91 -29.37
C THR C 54 -42.13 7.08 -29.18
N TRP C 55 -42.73 7.52 -30.28
CA TRP C 55 -43.57 8.70 -30.36
C TRP C 55 -45.03 8.28 -30.47
N PHE C 56 -45.89 8.89 -29.67
CA PHE C 56 -47.33 8.73 -29.79
C PHE C 56 -47.97 10.10 -29.68
N HIS C 57 -49.09 10.30 -30.37
CA HIS C 57 -49.77 11.57 -30.26
C HIS C 57 -51.24 11.41 -30.63
N ALA C 58 -52.07 12.25 -30.02
CA ALA C 58 -53.49 12.34 -30.33
C ALA C 58 -53.73 13.73 -30.92
N ILE C 59 -54.07 13.77 -32.20
CA ILE C 59 -54.45 14.99 -32.90
C ILE C 59 -55.61 14.67 -33.83
N HIS C 60 -56.49 15.65 -34.03
CA HIS C 60 -57.68 15.44 -34.83
C HIS C 60 -57.54 16.00 -36.25
N VAL C 61 -56.92 17.18 -36.37
CA VAL C 61 -56.35 17.68 -37.62
C VAL C 61 -56.19 19.16 -37.92
N THR C 67 -56.18 13.06 -38.10
CA THR C 67 -56.61 11.92 -38.89
C THR C 67 -57.35 10.90 -38.02
N LYS C 68 -57.92 11.37 -36.90
CA LYS C 68 -58.68 10.51 -35.98
C LYS C 68 -57.83 9.34 -35.48
N ARG C 69 -56.59 9.64 -35.09
CA ARG C 69 -55.83 8.75 -34.23
C ARG C 69 -56.01 9.18 -32.78
N PHE C 70 -55.73 8.25 -31.87
CA PHE C 70 -55.88 8.54 -30.44
C PHE C 70 -55.01 7.54 -29.66
N ASP C 71 -53.80 7.31 -30.16
CA ASP C 71 -53.09 6.06 -29.89
C ASP C 71 -52.75 5.89 -28.41
N ASN C 72 -52.90 4.67 -27.92
CA ASN C 72 -52.64 4.34 -26.51
C ASN C 72 -52.53 2.83 -26.35
N PRO C 73 -51.48 2.19 -26.87
CA PRO C 73 -51.37 0.75 -26.75
C PRO C 73 -50.80 0.33 -25.40
N VAL C 74 -50.84 -0.97 -25.15
CA VAL C 74 -50.29 -1.56 -23.94
C VAL C 74 -48.81 -1.80 -24.15
N LEU C 75 -48.01 -0.80 -23.83
CA LEU C 75 -46.57 -0.90 -24.00
C LEU C 75 -45.94 -1.76 -22.90
N PRO C 76 -44.76 -2.33 -23.15
CA PRO C 76 -44.07 -3.07 -22.08
C PRO C 76 -43.26 -2.18 -21.18
N PHE C 77 -43.14 -2.61 -19.93
CA PHE C 77 -42.33 -1.98 -18.90
C PHE C 77 -41.10 -2.83 -18.68
N ASN C 78 -39.92 -2.24 -18.82
CA ASN C 78 -38.65 -2.95 -18.75
C ASN C 78 -37.73 -2.23 -17.77
N ASP C 79 -37.83 -2.62 -16.50
CA ASP C 79 -37.01 -2.14 -15.38
C ASP C 79 -36.76 -0.63 -15.42
N GLY C 80 -37.78 0.15 -15.77
CA GLY C 80 -37.71 1.59 -15.76
C GLY C 80 -38.17 2.19 -17.07
N VAL C 81 -38.85 3.33 -17.00
CA VAL C 81 -39.39 3.99 -18.18
C VAL C 81 -39.25 5.50 -18.03
N TYR C 82 -38.91 6.16 -19.12
CA TYR C 82 -38.94 7.62 -19.24
C TYR C 82 -40.15 7.98 -20.09
N PHE C 83 -41.01 8.83 -19.53
CA PHE C 83 -42.23 9.31 -20.15
C PHE C 83 -42.10 10.83 -20.28
N ALA C 84 -42.54 11.39 -21.40
CA ALA C 84 -42.48 12.84 -21.55
C ALA C 84 -43.59 13.29 -22.48
N SER C 85 -44.46 14.17 -21.98
CA SER C 85 -45.64 14.62 -22.72
C SER C 85 -45.56 16.12 -22.96
N THR C 86 -45.83 16.50 -24.20
CA THR C 86 -46.04 17.89 -24.59
C THR C 86 -47.53 18.11 -24.79
N GLU C 87 -48.09 19.07 -24.04
CA GLU C 87 -49.52 19.32 -24.13
C GLU C 87 -49.83 20.74 -23.69
N LYS C 88 -51.03 21.18 -24.08
CA LYS C 88 -51.55 22.50 -23.78
C LYS C 88 -52.95 22.42 -23.16
N SER C 89 -53.73 21.43 -23.58
CA SER C 89 -55.10 21.23 -23.10
C SER C 89 -55.23 20.12 -22.06
N ASN C 90 -54.12 19.53 -21.61
CA ASN C 90 -54.14 18.49 -20.59
C ASN C 90 -55.00 17.30 -21.03
N ILE C 91 -54.59 16.67 -22.12
CA ILE C 91 -55.26 15.46 -22.60
C ILE C 91 -54.74 14.22 -21.89
N ILE C 92 -53.41 14.09 -21.82
CA ILE C 92 -52.71 12.93 -21.27
C ILE C 92 -52.78 13.05 -19.75
N ARG C 93 -53.65 12.27 -19.10
CA ARG C 93 -54.06 12.53 -17.73
C ARG C 93 -54.12 11.25 -16.89
N GLY C 94 -53.10 10.41 -17.00
CA GLY C 94 -53.01 9.26 -16.10
C GLY C 94 -52.20 8.14 -16.70
N TRP C 95 -52.00 7.11 -15.86
CA TRP C 95 -51.30 5.90 -16.28
C TRP C 95 -51.89 4.69 -15.56
N ILE C 96 -51.78 3.54 -16.22
CA ILE C 96 -52.14 2.25 -15.69
C ILE C 96 -50.91 1.36 -15.80
N PHE C 97 -50.51 0.72 -14.70
CA PHE C 97 -49.37 -0.19 -14.69
C PHE C 97 -49.82 -1.54 -14.17
N GLY C 98 -49.15 -2.60 -14.61
CA GLY C 98 -49.48 -3.91 -14.12
C GLY C 98 -48.66 -4.96 -14.82
N THR C 99 -49.02 -6.22 -14.58
CA THR C 99 -48.40 -7.36 -15.23
C THR C 99 -49.30 -8.05 -16.24
N THR C 100 -50.61 -8.05 -16.01
CA THR C 100 -51.57 -8.60 -16.98
C THR C 100 -52.79 -7.71 -17.18
N LEU C 101 -53.15 -6.84 -16.23
CA LEU C 101 -54.28 -5.92 -16.38
C LEU C 101 -55.57 -6.68 -16.66
N ASP C 102 -55.86 -7.67 -15.82
CA ASP C 102 -56.94 -8.61 -16.05
C ASP C 102 -57.75 -8.90 -14.79
N SER C 103 -57.39 -8.32 -13.64
CA SER C 103 -57.99 -8.51 -12.31
C SER C 103 -57.52 -9.82 -11.67
N LYS C 104 -56.74 -10.64 -12.35
CA LYS C 104 -56.08 -11.77 -11.71
C LYS C 104 -54.86 -11.33 -10.89
N THR C 105 -54.36 -10.13 -11.10
CA THR C 105 -53.19 -9.61 -10.40
C THR C 105 -53.47 -8.19 -9.95
N GLN C 106 -52.76 -7.75 -8.92
CA GLN C 106 -52.84 -6.36 -8.50
C GLN C 106 -52.23 -5.46 -9.57
N SER C 107 -52.83 -4.28 -9.74
CA SER C 107 -52.39 -3.31 -10.73
C SER C 107 -52.42 -1.93 -10.12
N LEU C 108 -51.57 -1.05 -10.65
CA LEU C 108 -51.43 0.31 -10.16
C LEU C 108 -52.15 1.26 -11.11
N LEU C 109 -52.80 2.27 -10.54
CA LEU C 109 -53.58 3.24 -11.29
C LEU C 109 -53.29 4.62 -10.73
N ILE C 110 -52.74 5.50 -11.57
CA ILE C 110 -52.49 6.90 -11.22
C ILE C 110 -53.40 7.73 -12.12
N VAL C 111 -54.37 8.42 -11.54
CA VAL C 111 -55.36 9.16 -12.32
C VAL C 111 -55.59 10.52 -11.68
N ASN C 112 -55.53 11.56 -12.49
CA ASN C 112 -55.94 12.91 -12.08
C ASN C 112 -57.29 13.17 -12.73
N ASN C 113 -58.37 13.01 -11.97
CA ASN C 113 -59.72 13.10 -12.54
C ASN C 113 -60.27 14.52 -12.52
N ALA C 114 -59.40 15.53 -12.63
CA ALA C 114 -59.67 16.96 -12.74
C ALA C 114 -60.03 17.58 -11.40
N THR C 115 -60.12 16.81 -10.33
CA THR C 115 -60.34 17.32 -8.97
C THR C 115 -59.33 16.78 -7.98
N ASN C 116 -58.93 15.52 -8.12
CA ASN C 116 -57.97 14.88 -7.24
C ASN C 116 -57.05 14.01 -8.07
N VAL C 117 -55.82 13.81 -7.57
CA VAL C 117 -54.92 12.79 -8.07
C VAL C 117 -55.00 11.60 -7.12
N VAL C 118 -55.38 10.46 -7.67
CA VAL C 118 -55.62 9.23 -6.90
C VAL C 118 -54.66 8.17 -7.39
N ILE C 119 -54.06 7.46 -6.43
CA ILE C 119 -53.14 6.37 -6.70
C ILE C 119 -53.68 5.15 -5.98
N LYS C 120 -54.02 4.10 -6.74
CA LYS C 120 -54.57 2.87 -6.20
C LYS C 120 -53.75 1.67 -6.63
N VAL C 121 -53.43 0.81 -5.68
CA VAL C 121 -52.85 -0.50 -5.96
C VAL C 121 -53.93 -1.51 -5.62
N CYS C 122 -54.46 -2.18 -6.64
CA CYS C 122 -55.81 -2.72 -6.54
C CYS C 122 -56.01 -3.70 -7.68
N GLU C 123 -56.78 -4.75 -7.43
CA GLU C 123 -57.09 -5.72 -8.49
C GLU C 123 -58.17 -5.13 -9.38
N PHE C 124 -57.77 -4.65 -10.55
CA PHE C 124 -58.65 -3.94 -11.47
C PHE C 124 -58.99 -4.85 -12.64
N GLN C 125 -60.28 -4.90 -12.99
CA GLN C 125 -60.74 -5.49 -14.25
C GLN C 125 -60.79 -4.38 -15.28
N PHE C 126 -59.64 -4.10 -15.88
CA PHE C 126 -59.50 -2.94 -16.74
C PHE C 126 -60.29 -3.11 -18.03
N CYS C 127 -60.69 -1.98 -18.62
CA CYS C 127 -61.24 -1.97 -19.97
C CYS C 127 -60.18 -2.41 -20.97
N ASN C 128 -60.56 -2.51 -22.24
CA ASN C 128 -59.62 -2.83 -23.30
C ASN C 128 -59.01 -1.57 -23.89
N ASP C 129 -59.78 -0.49 -23.98
CA ASP C 129 -59.30 0.82 -24.39
C ASP C 129 -59.83 1.90 -23.47
N PRO C 130 -59.35 1.95 -22.22
CA PRO C 130 -59.92 2.89 -21.25
C PRO C 130 -59.62 4.34 -21.62
N PHE C 131 -60.56 5.22 -21.27
CA PHE C 131 -60.38 6.66 -21.46
C PHE C 131 -61.09 7.39 -20.32
N LEU C 132 -60.50 8.50 -19.89
CA LEU C 132 -61.00 9.19 -18.72
C LEU C 132 -62.11 10.19 -19.04
N GLY C 133 -62.18 10.71 -20.26
CA GLY C 133 -63.32 11.48 -20.72
C GLY C 133 -63.36 12.96 -20.37
N VAL C 134 -63.91 13.77 -21.28
CA VAL C 134 -64.22 15.18 -21.06
C VAL C 134 -65.40 15.49 -21.96
N TYR C 135 -66.23 16.46 -21.55
CA TYR C 135 -67.47 16.74 -22.27
C TYR C 135 -67.88 18.20 -22.20
N TYR C 136 -68.02 18.85 -23.36
CA TYR C 136 -68.54 20.21 -23.42
C TYR C 136 -70.03 20.21 -23.17
N HIS C 137 -70.41 20.50 -21.94
CA HIS C 137 -71.77 20.35 -21.44
C HIS C 137 -72.73 21.31 -22.11
N LYS C 138 -73.98 20.87 -22.23
CA LYS C 138 -75.05 21.68 -22.80
C LYS C 138 -75.80 22.49 -21.74
N ASN C 139 -75.97 21.96 -20.53
CA ASN C 139 -76.67 22.73 -19.50
C ASN C 139 -75.89 23.93 -19.01
N ASN C 140 -74.57 23.96 -19.19
CA ASN C 140 -73.79 25.15 -18.88
C ASN C 140 -72.57 25.22 -19.77
N LYS C 141 -72.23 26.42 -20.23
CA LYS C 141 -71.12 26.62 -21.17
C LYS C 141 -69.81 26.53 -20.38
N SER C 142 -69.35 25.30 -20.20
CA SER C 142 -68.07 25.05 -19.52
C SER C 142 -67.56 23.69 -19.99
N TRP C 143 -66.35 23.33 -19.55
CA TRP C 143 -65.86 21.96 -19.64
C TRP C 143 -65.80 21.33 -18.25
N MET C 144 -66.49 20.21 -18.08
CA MET C 144 -66.39 19.42 -16.86
C MET C 144 -66.67 18.01 -17.34
N GLU C 145 -66.36 16.99 -16.55
CA GLU C 145 -66.48 15.61 -17.01
C GLU C 145 -67.42 14.80 -16.13
N SER C 146 -68.27 14.01 -16.81
CA SER C 146 -69.27 13.16 -16.19
C SER C 146 -69.08 11.69 -16.54
N GLU C 147 -67.95 11.31 -17.15
CA GLU C 147 -67.68 9.94 -17.56
C GLU C 147 -66.30 9.54 -17.07
N PHE C 148 -66.21 8.39 -16.41
CA PHE C 148 -64.95 7.85 -15.87
C PHE C 148 -64.90 6.38 -16.26
N ARG C 149 -64.30 6.08 -17.41
CA ARG C 149 -64.33 4.74 -18.01
C ARG C 149 -62.89 4.22 -17.97
N VAL C 150 -62.53 3.60 -16.85
CA VAL C 150 -61.19 3.05 -16.65
C VAL C 150 -61.29 1.57 -16.29
N TYR C 151 -61.98 1.26 -15.20
CA TYR C 151 -62.07 -0.09 -14.67
C TYR C 151 -63.52 -0.46 -14.41
N SER C 152 -63.79 -1.76 -14.40
CA SER C 152 -65.11 -2.30 -14.13
C SER C 152 -65.28 -2.81 -12.71
N SER C 153 -64.19 -3.18 -12.03
CA SER C 153 -64.28 -3.71 -10.68
C SER C 153 -62.99 -3.39 -9.94
N ALA C 154 -63.08 -3.42 -8.61
CA ALA C 154 -61.93 -3.13 -7.76
C ALA C 154 -62.09 -3.91 -6.45
N ASN C 155 -61.21 -4.88 -6.22
CA ASN C 155 -61.25 -5.72 -5.04
C ASN C 155 -59.84 -5.88 -4.48
N ASN C 156 -59.76 -6.17 -3.18
CA ASN C 156 -58.51 -6.48 -2.51
C ASN C 156 -57.50 -5.34 -2.72
N CYS C 157 -57.86 -4.20 -2.16
CA CYS C 157 -57.37 -2.91 -2.63
C CYS C 157 -56.52 -2.31 -1.52
N THR C 158 -55.20 -2.30 -1.72
CA THR C 158 -54.24 -2.16 -0.63
C THR C 158 -53.46 -0.85 -0.65
N PHE C 159 -53.92 0.15 -1.40
CA PHE C 159 -53.23 1.44 -1.39
C PHE C 159 -54.21 2.52 -1.81
N GLU C 160 -53.91 3.76 -1.39
CA GLU C 160 -54.79 4.89 -1.61
C GLU C 160 -54.06 6.19 -1.34
N TYR C 161 -54.03 7.11 -2.31
CA TYR C 161 -53.47 8.44 -2.12
C TYR C 161 -54.41 9.44 -2.79
N VAL C 162 -55.68 9.45 -2.37
CA VAL C 162 -56.57 10.54 -2.76
C VAL C 162 -56.03 11.84 -2.16
N SER C 163 -55.71 12.79 -3.02
CA SER C 163 -55.07 14.03 -2.62
C SER C 163 -56.11 15.09 -2.26
N GLN C 164 -55.62 16.26 -1.85
CA GLN C 164 -56.48 17.39 -1.59
C GLN C 164 -57.17 17.85 -2.88
N PRO C 165 -58.40 18.37 -2.81
CA PRO C 165 -59.06 18.81 -4.04
C PRO C 165 -58.38 20.01 -4.67
N PHE C 166 -58.60 20.16 -5.98
CA PHE C 166 -58.08 21.30 -6.73
C PHE C 166 -58.93 21.45 -7.98
N LEU C 167 -58.65 22.51 -8.75
CA LEU C 167 -59.27 22.73 -10.05
C LEU C 167 -58.20 23.09 -11.07
N MET C 168 -58.38 22.63 -12.30
CA MET C 168 -57.39 22.78 -13.36
C MET C 168 -58.09 23.21 -14.64
N ASP C 169 -57.33 23.91 -15.51
CA ASP C 169 -57.87 24.37 -16.79
C ASP C 169 -57.90 23.19 -17.75
N LEU C 170 -58.93 22.36 -17.61
CA LEU C 170 -59.18 21.23 -18.49
C LEU C 170 -59.78 21.61 -19.85
N GLU C 171 -59.79 22.90 -20.21
CA GLU C 171 -60.39 23.31 -21.46
C GLU C 171 -59.52 22.91 -22.65
N GLY C 172 -60.14 22.89 -23.83
CA GLY C 172 -59.42 22.58 -25.05
C GLY C 172 -58.87 23.80 -25.74
N LYS C 173 -57.58 24.06 -25.52
CA LYS C 173 -56.89 25.20 -26.11
C LYS C 173 -56.25 24.78 -27.44
N GLN C 174 -56.33 25.67 -28.43
CA GLN C 174 -55.80 25.44 -29.76
C GLN C 174 -54.67 26.43 -30.01
N GLY C 175 -53.57 25.94 -30.58
CA GLY C 175 -52.40 26.77 -30.82
C GLY C 175 -51.09 26.03 -30.69
N ASN C 176 -50.22 26.53 -29.83
CA ASN C 176 -48.88 26.02 -29.62
C ASN C 176 -48.77 25.38 -28.24
N PHE C 177 -47.96 24.32 -28.13
CA PHE C 177 -47.78 23.67 -26.85
C PHE C 177 -47.17 24.62 -25.83
N LYS C 178 -47.57 24.45 -24.57
CA LYS C 178 -47.10 25.29 -23.48
C LYS C 178 -46.52 24.52 -22.29
N ASN C 179 -46.75 23.21 -22.18
CA ASN C 179 -46.23 22.44 -21.05
C ASN C 179 -45.54 21.18 -21.52
N LEU C 180 -44.30 20.96 -21.06
CA LEU C 180 -43.62 19.69 -21.19
C LEU C 180 -43.51 19.10 -19.79
N ARG C 181 -44.11 17.94 -19.58
CA ARG C 181 -44.05 17.23 -18.32
C ARG C 181 -43.29 15.93 -18.53
N GLU C 182 -42.19 15.76 -17.80
CA GLU C 182 -41.31 14.60 -17.93
C GLU C 182 -41.36 13.82 -16.63
N PHE C 183 -41.50 12.50 -16.75
CA PHE C 183 -41.57 11.58 -15.64
C PHE C 183 -40.63 10.42 -15.86
N VAL C 184 -40.05 9.93 -14.77
CA VAL C 184 -39.26 8.72 -14.76
C VAL C 184 -39.88 7.80 -13.74
N PHE C 185 -40.29 6.62 -14.18
CA PHE C 185 -40.85 5.59 -13.32
C PHE C 185 -39.87 4.44 -13.21
N LYS C 186 -39.72 3.89 -12.02
CA LYS C 186 -39.03 2.62 -11.90
C LYS C 186 -39.51 1.90 -10.65
N ASN C 187 -39.26 0.59 -10.64
CA ASN C 187 -39.79 -0.31 -9.62
C ASN C 187 -38.63 -1.11 -9.03
N ILE C 188 -38.18 -0.72 -7.84
CA ILE C 188 -37.03 -1.34 -7.19
C ILE C 188 -37.44 -1.76 -5.79
N ASP C 189 -37.28 -3.06 -5.48
CA ASP C 189 -37.49 -3.60 -4.13
C ASP C 189 -38.89 -3.26 -3.61
N GLY C 190 -39.89 -3.42 -4.48
CA GLY C 190 -41.25 -3.15 -4.09
C GLY C 190 -41.59 -1.68 -3.93
N TYR C 191 -40.68 -0.78 -4.31
CA TYR C 191 -40.91 0.66 -4.24
C TYR C 191 -41.01 1.21 -5.65
N PHE C 192 -42.10 1.92 -5.91
CA PHE C 192 -42.33 2.60 -7.18
C PHE C 192 -41.84 4.03 -7.03
N LYS C 193 -40.70 4.33 -7.64
CA LYS C 193 -40.10 5.66 -7.58
C LYS C 193 -40.53 6.44 -8.80
N ILE C 194 -41.09 7.62 -8.57
CA ILE C 194 -41.51 8.55 -9.60
C ILE C 194 -40.71 9.83 -9.40
N TYR C 195 -39.99 10.24 -10.44
CA TYR C 195 -39.32 11.53 -10.54
C TYR C 195 -40.06 12.36 -11.58
N SER C 196 -40.22 13.65 -11.31
CA SER C 196 -41.04 14.51 -12.17
C SER C 196 -40.36 15.85 -12.42
N LYS C 197 -40.68 16.43 -13.58
CA LYS C 197 -40.26 17.79 -13.91
C LYS C 197 -41.27 18.41 -14.86
N HIS C 198 -41.74 19.61 -14.53
CA HIS C 198 -42.64 20.37 -15.37
C HIS C 198 -41.89 21.61 -15.84
N THR C 199 -41.85 21.83 -17.16
CA THR C 199 -41.20 23.02 -17.71
C THR C 199 -42.07 23.67 -18.78
N PRO C 200 -42.11 25.00 -18.86
CA PRO C 200 -42.86 25.65 -19.95
C PRO C 200 -42.01 25.72 -21.21
N ILE C 201 -42.59 25.33 -22.34
CA ILE C 201 -41.90 25.33 -23.62
C ILE C 201 -42.88 25.84 -24.67
N ASN C 202 -42.33 26.41 -25.75
CA ASN C 202 -43.12 27.09 -26.76
C ASN C 202 -42.83 26.51 -28.15
N LEU C 203 -42.90 25.19 -28.27
CA LEU C 203 -42.41 24.48 -29.44
C LEU C 203 -43.45 23.46 -29.88
N VAL C 204 -43.53 23.25 -31.20
CA VAL C 204 -44.53 22.38 -31.81
C VAL C 204 -43.83 21.24 -32.55
N ARG C 205 -42.70 20.80 -32.01
CA ARG C 205 -41.73 19.92 -32.65
C ARG C 205 -41.66 18.65 -31.78
N ASP C 206 -40.72 17.77 -32.07
CA ASP C 206 -40.34 16.71 -31.14
C ASP C 206 -39.52 17.30 -30.01
N LEU C 207 -38.80 16.46 -29.26
CA LEU C 207 -38.23 16.82 -27.97
C LEU C 207 -37.43 18.12 -28.07
N PRO C 208 -37.61 19.09 -27.17
CA PRO C 208 -36.86 20.34 -27.28
C PRO C 208 -35.39 20.18 -26.92
N GLN C 209 -34.65 21.24 -27.22
CA GLN C 209 -33.27 21.38 -26.78
C GLN C 209 -33.26 21.83 -25.33
N GLY C 210 -32.55 21.09 -24.49
CA GLY C 210 -32.40 21.48 -23.10
C GLY C 210 -32.04 20.31 -22.23
N PHE C 211 -31.45 20.64 -21.09
CA PHE C 211 -31.10 19.67 -20.06
C PHE C 211 -32.05 19.82 -18.88
N SER C 212 -32.61 18.71 -18.43
CA SER C 212 -33.55 18.68 -17.31
C SER C 212 -32.89 18.08 -16.08
N ALA C 213 -33.50 18.35 -14.94
CA ALA C 213 -32.97 17.99 -13.62
C ALA C 213 -34.06 17.37 -12.78
N LEU C 214 -34.71 16.34 -13.32
CA LEU C 214 -35.87 15.67 -12.73
C LEU C 214 -35.69 15.40 -11.25
N GLU C 215 -36.60 15.95 -10.43
CA GLU C 215 -36.55 15.84 -8.98
C GLU C 215 -37.37 14.66 -8.50
N PRO C 216 -37.05 14.06 -7.35
CA PRO C 216 -37.86 12.95 -6.85
C PRO C 216 -39.23 13.44 -6.39
N LEU C 217 -40.28 12.81 -6.93
CA LEU C 217 -41.65 13.14 -6.55
C LEU C 217 -42.16 12.22 -5.45
N VAL C 218 -42.16 10.91 -5.69
CA VAL C 218 -42.69 9.97 -4.70
C VAL C 218 -41.93 8.66 -4.77
N ASP C 219 -42.07 7.87 -3.70
CA ASP C 219 -41.38 6.60 -3.47
C ASP C 219 -42.39 5.57 -2.97
N LEU C 220 -43.48 5.40 -3.71
CA LEU C 220 -44.65 4.71 -3.19
C LEU C 220 -44.32 3.25 -2.84
N PRO C 221 -44.86 2.70 -1.73
CA PRO C 221 -44.64 1.28 -1.42
C PRO C 221 -45.74 0.38 -1.96
N ILE C 222 -45.75 0.14 -3.27
CA ILE C 222 -46.83 -0.64 -3.87
C ILE C 222 -46.56 -2.14 -3.77
N GLY C 223 -45.30 -2.54 -3.92
CA GLY C 223 -44.92 -3.93 -3.74
C GLY C 223 -45.60 -4.89 -4.69
N ILE C 224 -45.58 -4.59 -5.99
CA ILE C 224 -46.22 -5.41 -7.01
C ILE C 224 -45.24 -5.64 -8.15
N ASN C 225 -45.63 -6.53 -9.05
CA ASN C 225 -44.84 -6.90 -10.22
C ASN C 225 -45.41 -6.15 -11.42
N ILE C 226 -44.58 -5.33 -12.07
CA ILE C 226 -44.99 -4.50 -13.19
C ILE C 226 -44.15 -4.89 -14.40
N THR C 227 -44.84 -5.20 -15.51
CA THR C 227 -44.19 -5.49 -16.78
C THR C 227 -44.84 -4.80 -17.96
N ARG C 228 -45.99 -4.16 -17.79
CA ARG C 228 -46.68 -3.50 -18.88
C ARG C 228 -47.41 -2.29 -18.31
N PHE C 229 -47.75 -1.35 -19.20
CA PHE C 229 -48.54 -0.19 -18.80
C PHE C 229 -49.36 0.28 -19.99
N GLN C 230 -50.10 1.36 -19.76
CA GLN C 230 -50.65 2.16 -20.84
C GLN C 230 -51.06 3.51 -20.27
N THR C 231 -51.31 4.45 -21.17
CA THR C 231 -51.65 5.82 -20.82
C THR C 231 -53.15 6.03 -20.90
N LEU C 232 -53.66 6.87 -20.00
CA LEU C 232 -55.08 7.20 -19.95
C LEU C 232 -55.28 8.58 -20.56
N LEU C 233 -55.87 8.62 -21.75
CA LEU C 233 -56.12 9.84 -22.48
C LEU C 233 -57.55 10.32 -22.24
N ALA C 234 -57.73 11.64 -22.17
CA ALA C 234 -59.00 12.26 -21.85
C ALA C 234 -59.71 12.65 -23.14
N LEU C 235 -60.87 12.04 -23.40
CA LEU C 235 -61.58 12.28 -24.64
C LEU C 235 -62.20 13.68 -24.64
N HIS C 236 -62.03 14.41 -25.73
CA HIS C 236 -62.84 15.59 -25.98
C HIS C 236 -64.18 15.18 -26.60
N ARG C 237 -65.24 15.89 -26.20
CA ARG C 237 -66.60 15.60 -26.65
C ARG C 237 -67.41 16.86 -26.54
N SER C 238 -68.04 17.27 -27.64
CA SER C 238 -68.79 18.52 -27.67
C SER C 238 -70.00 18.34 -28.58
N TYR C 239 -70.65 19.46 -28.90
CA TYR C 239 -71.84 19.47 -29.76
C TYR C 239 -71.51 19.69 -31.23
N LEU C 240 -70.24 19.73 -31.60
CA LEU C 240 -69.82 19.89 -32.99
C LEU C 240 -69.31 18.59 -33.61
N THR C 241 -69.44 17.46 -32.90
CA THR C 241 -69.02 16.14 -33.39
C THR C 241 -70.25 15.24 -33.57
N PRO C 242 -70.39 14.51 -34.67
CA PRO C 242 -71.59 13.68 -34.84
C PRO C 242 -71.38 12.26 -34.32
N GLY C 243 -72.49 11.52 -34.24
CA GLY C 243 -72.42 10.12 -33.87
C GLY C 243 -72.51 9.87 -32.38
N ASP C 244 -72.41 8.58 -32.03
CA ASP C 244 -72.49 8.13 -30.66
C ASP C 244 -71.11 8.14 -29.99
N SER C 245 -71.05 7.65 -28.74
CA SER C 245 -69.83 7.74 -27.93
C SER C 245 -68.66 7.03 -28.60
N SER C 246 -68.92 6.02 -29.42
CA SER C 246 -67.87 5.28 -30.10
C SER C 246 -67.39 5.97 -31.37
N SER C 247 -68.11 6.99 -31.83
CA SER C 247 -67.78 7.82 -32.99
C SER C 247 -67.84 9.31 -32.69
N GLY C 248 -68.79 9.75 -31.85
CA GLY C 248 -68.90 11.14 -31.48
C GLY C 248 -67.94 11.53 -30.37
N TRP C 249 -66.71 11.77 -30.79
CA TRP C 249 -65.63 12.25 -29.93
C TRP C 249 -64.58 12.80 -30.87
N THR C 250 -64.03 13.96 -30.52
CA THR C 250 -62.88 14.50 -31.24
C THR C 250 -61.62 14.26 -30.43
N ALA C 251 -60.52 13.98 -31.12
CA ALA C 251 -59.27 13.67 -30.46
C ALA C 251 -58.74 14.91 -29.75
N GLY C 252 -57.76 14.69 -28.89
CA GLY C 252 -57.09 15.76 -28.21
C GLY C 252 -56.07 16.39 -29.14
N ALA C 253 -55.15 17.16 -28.57
CA ALA C 253 -54.11 17.84 -29.33
C ALA C 253 -52.78 17.74 -28.59
N ALA C 254 -52.42 16.54 -28.15
CA ALA C 254 -51.28 16.33 -27.26
C ALA C 254 -50.39 15.23 -27.80
N ALA C 255 -49.17 15.15 -27.25
CA ALA C 255 -48.21 14.15 -27.69
C ALA C 255 -47.42 13.65 -26.49
N TYR C 256 -46.96 12.40 -26.57
CA TYR C 256 -46.04 11.86 -25.57
C TYR C 256 -44.99 10.98 -26.23
N TYR C 257 -43.96 10.72 -25.45
CA TYR C 257 -42.80 9.96 -25.87
C TYR C 257 -42.44 9.01 -24.75
N VAL C 258 -42.14 7.76 -25.10
CA VAL C 258 -41.74 6.74 -24.14
C VAL C 258 -40.33 6.28 -24.48
N GLY C 259 -39.44 6.31 -23.50
CA GLY C 259 -38.13 5.72 -23.58
C GLY C 259 -38.06 4.41 -22.84
N TYR C 260 -36.84 3.99 -22.53
CA TYR C 260 -36.63 2.74 -21.81
C TYR C 260 -35.29 2.82 -21.07
N LEU C 261 -35.35 2.91 -19.75
CA LEU C 261 -34.13 3.01 -18.96
C LEU C 261 -33.34 1.71 -19.05
N GLN C 262 -32.02 1.84 -19.05
CA GLN C 262 -31.09 0.73 -19.05
C GLN C 262 -29.99 1.04 -18.06
N PRO C 263 -29.31 0.03 -17.51
CA PRO C 263 -28.23 0.31 -16.56
C PRO C 263 -27.06 0.97 -17.25
N ARG C 264 -26.78 2.21 -16.90
CA ARG C 264 -25.71 2.99 -17.50
C ARG C 264 -25.02 3.83 -16.45
N THR C 265 -23.74 4.10 -16.69
CA THR C 265 -22.91 4.96 -15.85
C THR C 265 -22.87 6.36 -16.46
N PHE C 266 -23.16 7.37 -15.65
CA PHE C 266 -23.21 8.75 -16.09
C PHE C 266 -22.30 9.60 -15.23
N LEU C 267 -21.87 10.72 -15.80
CA LEU C 267 -21.23 11.80 -15.07
C LEU C 267 -22.22 12.95 -14.97
N LEU C 268 -22.24 13.63 -13.83
CA LEU C 268 -23.15 14.72 -13.55
C LEU C 268 -22.37 15.87 -12.96
N LYS C 269 -22.81 17.10 -13.25
CA LYS C 269 -22.18 18.31 -12.75
C LYS C 269 -23.18 19.06 -11.88
N TYR C 270 -22.81 19.30 -10.63
CA TYR C 270 -23.61 20.08 -9.71
C TYR C 270 -23.01 21.48 -9.65
N ASN C 271 -23.84 22.48 -9.92
CA ASN C 271 -23.41 23.89 -9.97
C ASN C 271 -23.30 24.44 -8.56
N GLU C 272 -23.08 25.75 -8.44
CA GLU C 272 -22.92 26.37 -7.14
C GLU C 272 -24.21 26.35 -6.33
N ASN C 273 -25.36 26.43 -6.98
CA ASN C 273 -26.64 26.46 -6.27
C ASN C 273 -27.17 25.07 -5.94
N GLY C 274 -26.51 24.01 -6.38
CA GLY C 274 -26.90 22.66 -6.04
C GLY C 274 -27.73 21.92 -7.06
N THR C 275 -27.88 22.46 -8.26
CA THR C 275 -28.69 21.86 -9.31
C THR C 275 -27.79 21.19 -10.34
N ILE C 276 -28.31 20.15 -10.96
CA ILE C 276 -27.61 19.51 -12.08
C ILE C 276 -27.83 20.37 -13.32
N THR C 277 -26.74 20.71 -14.00
CA THR C 277 -26.77 21.52 -15.20
C THR C 277 -26.28 20.79 -16.45
N ASP C 278 -25.37 19.82 -16.29
CA ASP C 278 -24.84 19.09 -17.44
C ASP C 278 -24.44 17.69 -17.00
N ALA C 279 -24.37 16.80 -17.98
CA ALA C 279 -24.04 15.40 -17.73
C ALA C 279 -23.39 14.82 -18.97
N VAL C 280 -22.73 13.68 -18.78
CA VAL C 280 -22.09 12.94 -19.86
C VAL C 280 -22.56 11.50 -19.78
N ASP C 281 -23.03 10.98 -20.92
CA ASP C 281 -23.42 9.59 -21.07
C ASP C 281 -22.16 8.79 -21.37
N CYS C 282 -21.58 8.22 -20.32
CA CYS C 282 -20.46 7.32 -20.49
C CYS C 282 -20.88 6.12 -21.33
N ALA C 283 -19.98 5.65 -22.19
CA ALA C 283 -20.23 4.53 -23.09
C ALA C 283 -21.24 4.88 -24.18
N LEU C 284 -21.27 6.14 -24.62
CA LEU C 284 -22.05 6.55 -25.78
C LEU C 284 -21.20 6.60 -27.03
N ASP C 285 -20.14 7.40 -27.01
CA ASP C 285 -19.18 7.55 -28.09
C ASP C 285 -17.80 7.67 -27.46
N PRO C 286 -16.74 7.49 -28.25
CA PRO C 286 -15.38 7.56 -27.66
C PRO C 286 -15.09 8.85 -26.93
N LEU C 287 -15.58 9.99 -27.43
CA LEU C 287 -15.31 11.27 -26.77
C LEU C 287 -15.93 11.29 -25.37
N SER C 288 -17.18 10.84 -25.24
CA SER C 288 -17.78 10.77 -23.92
C SER C 288 -17.06 9.76 -23.05
N GLU C 289 -16.57 8.67 -23.65
CA GLU C 289 -15.79 7.69 -22.89
C GLU C 289 -14.53 8.33 -22.31
N THR C 290 -13.87 9.21 -23.07
CA THR C 290 -12.69 9.87 -22.57
C THR C 290 -13.04 10.89 -21.49
N LYS C 291 -14.10 11.67 -21.70
CA LYS C 291 -14.56 12.58 -20.65
C LYS C 291 -14.85 11.82 -19.36
N CYS C 292 -15.39 10.61 -19.49
CA CYS C 292 -15.79 9.79 -18.36
C CYS C 292 -14.59 9.16 -17.67
N THR C 293 -13.59 8.74 -18.44
CA THR C 293 -12.37 8.17 -17.86
C THR C 293 -11.55 9.25 -17.17
N LEU C 294 -11.44 10.42 -17.78
CA LEU C 294 -10.68 11.52 -17.18
C LEU C 294 -11.46 12.29 -16.13
N LYS C 295 -12.77 12.03 -16.00
CA LYS C 295 -13.61 12.69 -15.00
C LYS C 295 -13.62 14.20 -15.19
N SER C 296 -13.89 14.64 -16.42
CA SER C 296 -13.99 16.05 -16.71
C SER C 296 -14.86 16.25 -17.96
N PHE C 297 -15.41 17.45 -18.07
CA PHE C 297 -16.24 17.83 -19.21
C PHE C 297 -15.45 18.46 -20.34
N THR C 298 -14.16 18.72 -20.15
CA THR C 298 -13.29 19.29 -21.18
C THR C 298 -12.02 18.46 -21.26
N VAL C 299 -11.66 18.08 -22.48
CA VAL C 299 -10.44 17.34 -22.75
C VAL C 299 -9.59 18.19 -23.69
N GLU C 300 -8.33 18.40 -23.33
CA GLU C 300 -7.44 19.17 -24.18
C GLU C 300 -6.94 18.30 -25.33
N LYS C 301 -6.24 18.94 -26.27
CA LYS C 301 -5.72 18.24 -27.44
C LYS C 301 -4.80 17.11 -27.01
N GLY C 302 -5.00 15.93 -27.60
CA GLY C 302 -4.10 14.83 -27.35
C GLY C 302 -4.75 13.49 -27.65
N ILE C 303 -4.03 12.44 -27.27
CA ILE C 303 -4.47 11.06 -27.41
C ILE C 303 -4.56 10.46 -26.00
N TYR C 304 -5.66 9.75 -25.73
CA TYR C 304 -5.95 9.24 -24.40
C TYR C 304 -6.25 7.75 -24.47
N GLN C 305 -5.64 6.98 -23.58
CA GLN C 305 -6.06 5.60 -23.35
C GLN C 305 -7.36 5.61 -22.55
N THR C 306 -8.34 4.86 -23.02
CA THR C 306 -9.68 4.86 -22.46
C THR C 306 -10.04 3.46 -22.00
N SER C 307 -10.79 3.39 -20.90
CA SER C 307 -11.14 2.12 -20.27
C SER C 307 -12.27 1.45 -21.06
N ASN C 308 -12.80 0.35 -20.53
CA ASN C 308 -13.75 -0.50 -21.23
C ASN C 308 -15.11 -0.36 -20.56
N PHE C 309 -15.94 0.51 -21.13
CA PHE C 309 -17.35 0.68 -20.78
C PHE C 309 -18.26 0.49 -21.98
N ARG C 310 -17.70 0.29 -23.17
CA ARG C 310 -18.45 0.37 -24.41
C ARG C 310 -19.41 -0.80 -24.58
N VAL C 311 -18.96 -2.03 -24.30
CA VAL C 311 -19.76 -3.24 -24.47
C VAL C 311 -20.43 -3.60 -23.15
N GLN C 312 -21.69 -4.02 -23.22
CA GLN C 312 -22.46 -4.51 -22.09
C GLN C 312 -23.17 -5.80 -22.46
N PRO C 313 -23.43 -6.69 -21.50
CA PRO C 313 -24.09 -7.95 -21.84
C PRO C 313 -25.57 -7.75 -22.16
N THR C 314 -26.12 -8.72 -22.89
CA THR C 314 -27.51 -8.66 -23.32
C THR C 314 -28.28 -9.97 -23.16
N GLU C 315 -27.62 -11.10 -22.89
CA GLU C 315 -28.30 -12.38 -22.77
C GLU C 315 -27.53 -13.26 -21.80
N SER C 316 -28.19 -14.33 -21.34
CA SER C 316 -27.62 -15.26 -20.37
C SER C 316 -27.78 -16.68 -20.89
N ILE C 317 -26.80 -17.53 -20.55
CA ILE C 317 -26.75 -18.92 -20.98
C ILE C 317 -26.59 -19.79 -19.74
N VAL C 318 -27.32 -20.91 -19.73
CA VAL C 318 -27.22 -21.92 -18.67
C VAL C 318 -26.89 -23.24 -19.34
N ARG C 319 -25.93 -23.97 -18.78
CA ARG C 319 -25.45 -25.22 -19.35
C ARG C 319 -25.19 -26.19 -18.18
N PHE C 320 -26.19 -27.00 -17.88
CA PHE C 320 -26.17 -27.96 -16.79
C PHE C 320 -26.26 -29.37 -17.36
N PRO C 321 -25.82 -30.39 -16.61
CA PRO C 321 -26.08 -31.77 -17.05
C PRO C 321 -27.57 -32.04 -17.13
N ASN C 322 -27.95 -32.88 -18.09
CA ASN C 322 -29.36 -33.25 -18.25
C ASN C 322 -29.61 -34.52 -17.45
N ILE C 323 -30.03 -34.34 -16.21
CA ILE C 323 -30.39 -35.42 -15.30
C ILE C 323 -31.83 -35.21 -14.88
N THR C 324 -32.62 -36.28 -14.92
CA THR C 324 -34.05 -36.22 -14.63
C THR C 324 -34.44 -36.90 -13.33
N ASN C 325 -33.57 -37.74 -12.76
CA ASN C 325 -33.90 -38.46 -11.54
C ASN C 325 -33.99 -37.49 -10.38
N LEU C 326 -35.19 -37.32 -9.83
CA LEU C 326 -35.34 -36.50 -8.64
C LEU C 326 -34.56 -37.12 -7.48
N CYS C 327 -34.05 -36.25 -6.62
CA CYS C 327 -33.05 -36.67 -5.66
C CYS C 327 -33.74 -37.29 -4.44
N PRO C 328 -33.14 -38.32 -3.79
CA PRO C 328 -33.86 -38.97 -2.70
C PRO C 328 -34.01 -38.10 -1.47
N PHE C 329 -34.96 -37.16 -1.53
CA PHE C 329 -35.30 -36.38 -0.34
C PHE C 329 -36.10 -37.22 0.65
N GLY C 330 -36.95 -38.10 0.15
CA GLY C 330 -37.81 -38.89 1.01
C GLY C 330 -37.12 -40.03 1.73
N GLU C 331 -35.85 -40.29 1.41
CA GLU C 331 -35.10 -41.37 2.04
C GLU C 331 -34.21 -40.90 3.17
N VAL C 332 -33.83 -39.61 3.18
CA VAL C 332 -32.98 -39.06 4.23
C VAL C 332 -33.84 -38.29 5.23
N PHE C 333 -34.90 -37.64 4.74
CA PHE C 333 -35.81 -36.89 5.61
C PHE C 333 -36.98 -37.74 6.08
N ASN C 334 -37.64 -38.45 5.15
CA ASN C 334 -38.75 -39.35 5.49
C ASN C 334 -38.22 -40.78 5.69
N ALA C 335 -37.25 -40.90 6.59
CA ALA C 335 -36.72 -42.20 7.00
C ALA C 335 -37.45 -42.67 8.24
N THR C 336 -37.86 -43.93 8.24
CA THR C 336 -38.59 -44.48 9.39
C THR C 336 -37.75 -44.40 10.66
N ARG C 337 -36.44 -44.60 10.54
CA ARG C 337 -35.55 -44.64 11.70
C ARG C 337 -34.24 -43.95 11.35
N PHE C 338 -33.79 -43.09 12.25
CA PHE C 338 -32.50 -42.43 12.16
C PHE C 338 -31.47 -43.19 12.99
N ALA C 339 -30.21 -42.80 12.85
CA ALA C 339 -29.11 -43.44 13.54
C ALA C 339 -28.78 -42.72 14.83
N SER C 340 -28.24 -43.46 15.78
CA SER C 340 -27.72 -42.85 16.99
C SER C 340 -26.54 -41.96 16.65
N VAL C 341 -26.37 -40.88 17.43
CA VAL C 341 -25.39 -39.87 17.08
C VAL C 341 -23.97 -40.44 17.12
N TYR C 342 -23.70 -41.39 18.00
CA TYR C 342 -22.35 -41.95 18.08
C TYR C 342 -22.04 -42.79 16.84
N ALA C 343 -22.99 -43.60 16.37
CA ALA C 343 -22.89 -44.31 15.10
C ALA C 343 -23.70 -43.59 14.03
N TRP C 344 -23.29 -42.36 13.75
CA TRP C 344 -24.06 -41.51 12.85
C TRP C 344 -24.00 -42.05 11.42
N ASN C 345 -25.15 -42.15 10.78
CA ASN C 345 -25.20 -42.72 9.44
C ASN C 345 -24.66 -41.72 8.43
N ARG C 346 -24.08 -42.24 7.36
CA ARG C 346 -23.58 -41.42 6.26
C ARG C 346 -24.00 -42.03 4.94
N LYS C 347 -24.60 -41.22 4.07
CA LYS C 347 -25.17 -41.68 2.81
C LYS C 347 -24.58 -40.88 1.66
N ARG C 348 -24.03 -41.58 0.68
CA ARG C 348 -23.57 -40.94 -0.55
C ARG C 348 -24.78 -40.54 -1.38
N ILE C 349 -24.70 -39.37 -2.01
CA ILE C 349 -25.77 -38.86 -2.85
C ILE C 349 -25.16 -38.46 -4.19
N SER C 350 -25.75 -38.96 -5.28
CA SER C 350 -25.24 -38.68 -6.62
C SER C 350 -26.38 -38.83 -7.62
N ASN C 351 -26.20 -38.20 -8.78
CA ASN C 351 -27.16 -38.26 -9.87
C ASN C 351 -28.54 -37.78 -9.42
N CYS C 352 -28.57 -36.49 -9.07
CA CYS C 352 -29.69 -35.85 -8.43
C CYS C 352 -30.13 -34.62 -9.21
N VAL C 353 -31.30 -34.12 -8.86
CA VAL C 353 -31.74 -32.78 -9.20
C VAL C 353 -32.28 -32.21 -7.90
N ALA C 354 -31.45 -31.46 -7.18
CA ALA C 354 -31.81 -31.00 -5.85
C ALA C 354 -32.82 -29.87 -5.92
N ASP C 355 -34.05 -30.19 -6.35
CA ASP C 355 -35.09 -29.18 -6.42
C ASP C 355 -35.46 -28.67 -5.04
N TYR C 356 -35.63 -29.59 -4.09
CA TYR C 356 -35.88 -29.34 -2.67
C TYR C 356 -37.11 -28.46 -2.39
N SER C 357 -37.95 -28.18 -3.39
CA SER C 357 -39.23 -27.56 -3.13
C SER C 357 -40.27 -28.58 -2.68
N VAL C 358 -39.99 -29.87 -2.89
CA VAL C 358 -40.89 -30.92 -2.42
C VAL C 358 -40.94 -30.90 -0.90
N LEU C 359 -39.85 -30.53 -0.24
CA LEU C 359 -39.84 -30.49 1.22
C LEU C 359 -40.71 -29.38 1.77
N TYR C 360 -41.05 -28.37 0.96
CA TYR C 360 -41.90 -27.30 1.44
C TYR C 360 -43.28 -27.80 1.85
N ASN C 361 -43.78 -28.83 1.16
CA ASN C 361 -45.16 -29.25 1.37
C ASN C 361 -45.38 -29.77 2.79
N SER C 362 -44.43 -30.56 3.30
CA SER C 362 -44.59 -31.27 4.56
C SER C 362 -43.53 -30.93 5.60
N ALA C 363 -42.27 -30.81 5.20
CA ALA C 363 -41.18 -30.70 6.15
C ALA C 363 -40.97 -29.26 6.59
N SER C 364 -40.86 -29.05 7.89
CA SER C 364 -40.51 -27.77 8.48
C SER C 364 -39.30 -27.97 9.37
N PHE C 365 -38.28 -27.14 9.19
CA PHE C 365 -37.00 -27.30 9.86
C PHE C 365 -36.80 -26.19 10.88
N SER C 366 -36.49 -26.58 12.11
CA SER C 366 -36.23 -25.58 13.16
C SER C 366 -34.97 -24.80 12.87
N THR C 367 -33.91 -25.47 12.41
CA THR C 367 -32.66 -24.81 12.05
C THR C 367 -32.23 -25.26 10.67
N PHE C 368 -31.78 -24.30 9.87
CA PHE C 368 -31.24 -24.57 8.54
C PHE C 368 -30.16 -23.53 8.28
N LYS C 369 -28.92 -23.89 8.60
CA LYS C 369 -27.78 -22.98 8.51
C LYS C 369 -26.79 -23.50 7.50
N CYS C 370 -26.42 -22.67 6.52
CA CYS C 370 -25.47 -23.07 5.49
C CYS C 370 -24.19 -22.27 5.53
N TYR C 371 -23.07 -22.99 5.42
CA TYR C 371 -21.73 -22.47 5.58
C TYR C 371 -20.94 -22.72 4.32
N GLY C 372 -20.28 -21.68 3.81
CA GLY C 372 -19.60 -21.72 2.54
C GLY C 372 -20.48 -21.42 1.34
N VAL C 373 -21.80 -21.28 1.54
CA VAL C 373 -22.75 -21.08 0.46
C VAL C 373 -23.81 -20.13 0.96
N SER C 374 -24.25 -19.23 0.11
CA SER C 374 -25.44 -18.44 0.41
C SER C 374 -26.69 -19.28 0.14
N PRO C 375 -27.67 -19.32 1.05
CA PRO C 375 -28.85 -20.16 0.79
C PRO C 375 -29.59 -19.80 -0.48
N THR C 376 -29.58 -18.52 -0.88
CA THR C 376 -30.32 -18.13 -2.08
C THR C 376 -29.71 -18.73 -3.35
N LYS C 377 -28.42 -19.07 -3.33
CA LYS C 377 -27.73 -19.58 -4.51
C LYS C 377 -27.79 -21.09 -4.63
N LEU C 378 -28.48 -21.79 -3.73
CA LEU C 378 -28.54 -23.24 -3.80
C LEU C 378 -29.30 -23.74 -5.03
N ASN C 379 -30.13 -22.90 -5.65
CA ASN C 379 -30.81 -23.27 -6.88
C ASN C 379 -29.96 -23.09 -8.13
N ASP C 380 -28.82 -22.42 -8.03
CA ASP C 380 -27.98 -22.07 -9.18
C ASP C 380 -26.60 -22.69 -9.04
N LEU C 381 -26.53 -23.94 -8.57
CA LEU C 381 -25.26 -24.58 -8.31
C LEU C 381 -25.36 -26.08 -8.54
N CYS C 382 -24.20 -26.69 -8.74
CA CYS C 382 -24.07 -28.14 -8.85
C CYS C 382 -23.00 -28.59 -7.85
N PHE C 383 -23.31 -29.62 -7.08
CA PHE C 383 -22.51 -30.06 -5.95
C PHE C 383 -21.83 -31.37 -6.29
N THR C 384 -20.53 -31.46 -6.01
CA THR C 384 -19.73 -32.56 -6.54
C THR C 384 -19.84 -33.81 -5.68
N ASN C 385 -19.39 -33.73 -4.43
CA ASN C 385 -19.21 -34.88 -3.55
C ASN C 385 -20.17 -34.71 -2.38
N VAL C 386 -21.41 -35.17 -2.55
CA VAL C 386 -22.50 -34.88 -1.62
C VAL C 386 -22.68 -36.06 -0.69
N TYR C 387 -22.57 -35.80 0.61
CA TYR C 387 -22.80 -36.80 1.66
C TYR C 387 -23.80 -36.24 2.65
N ALA C 388 -24.79 -37.07 3.01
CA ALA C 388 -25.80 -36.73 4.01
C ALA C 388 -25.48 -37.51 5.27
N ASP C 389 -25.07 -36.81 6.32
CA ASP C 389 -24.75 -37.40 7.61
C ASP C 389 -25.95 -37.22 8.53
N SER C 390 -26.59 -38.31 8.89
CA SER C 390 -27.89 -38.31 9.54
C SER C 390 -27.78 -38.89 10.94
N PHE C 391 -28.50 -38.29 11.89
CA PHE C 391 -28.54 -38.81 13.26
C PHE C 391 -29.63 -38.08 14.05
N VAL C 392 -29.73 -38.40 15.34
CA VAL C 392 -30.71 -37.84 16.26
C VAL C 392 -29.99 -37.39 17.52
N ILE C 393 -30.38 -36.24 18.05
CA ILE C 393 -29.84 -35.70 19.30
C ILE C 393 -31.00 -35.08 20.06
N ARG C 394 -30.71 -34.43 21.18
CA ARG C 394 -31.72 -33.61 21.86
C ARG C 394 -31.65 -32.18 21.35
N GLY C 395 -32.68 -31.39 21.70
CA GLY C 395 -32.75 -30.04 21.18
C GLY C 395 -31.62 -29.16 21.67
N ASP C 396 -31.31 -29.22 22.95
CA ASP C 396 -30.29 -28.36 23.54
C ASP C 396 -28.93 -28.53 22.90
N GLU C 397 -28.67 -29.68 22.27
CA GLU C 397 -27.39 -29.97 21.64
C GLU C 397 -27.36 -29.64 20.16
N VAL C 398 -28.46 -29.14 19.59
CA VAL C 398 -28.46 -28.82 18.16
C VAL C 398 -27.48 -27.71 17.86
N ARG C 399 -27.30 -26.78 18.79
CA ARG C 399 -26.29 -25.73 18.61
C ARG C 399 -24.89 -26.30 18.48
N GLN C 400 -24.63 -27.48 19.02
CA GLN C 400 -23.30 -28.07 18.93
C GLN C 400 -22.98 -28.58 17.53
N ILE C 401 -23.95 -28.71 16.64
CA ILE C 401 -23.69 -29.18 15.28
C ILE C 401 -23.30 -27.95 14.46
N ALA C 402 -22.03 -27.58 14.59
CA ALA C 402 -21.48 -26.42 13.90
C ALA C 402 -19.96 -26.47 14.06
N PRO C 403 -19.21 -25.84 13.16
CA PRO C 403 -17.75 -25.83 13.31
C PRO C 403 -17.33 -25.05 14.55
N GLY C 404 -16.23 -25.51 15.15
CA GLY C 404 -15.67 -24.80 16.29
C GLY C 404 -16.57 -24.77 17.51
N GLN C 405 -17.21 -25.89 17.82
CA GLN C 405 -18.06 -26.02 18.99
C GLN C 405 -17.48 -27.07 19.93
N THR C 406 -18.02 -27.11 21.15
CA THR C 406 -17.58 -28.08 22.14
C THR C 406 -18.79 -28.55 22.94
N GLY C 407 -18.65 -29.72 23.53
CA GLY C 407 -19.73 -30.37 24.24
C GLY C 407 -19.61 -31.86 24.07
N LYS C 408 -20.64 -32.57 24.52
CA LYS C 408 -20.67 -34.02 24.30
C LYS C 408 -20.62 -34.32 22.82
N ILE C 409 -21.52 -33.70 22.05
CA ILE C 409 -21.69 -34.08 20.65
C ILE C 409 -20.48 -33.62 19.84
N ALA C 410 -20.01 -32.40 20.09
CA ALA C 410 -18.96 -31.83 19.28
C ALA C 410 -17.56 -32.29 19.68
N ASP C 411 -17.43 -33.14 20.70
CA ASP C 411 -16.14 -33.66 21.13
C ASP C 411 -16.06 -35.18 21.05
N TYR C 412 -17.13 -35.90 21.39
CA TYR C 412 -17.08 -37.34 21.53
C TYR C 412 -17.92 -38.10 20.52
N ASN C 413 -18.89 -37.46 19.86
CA ASN C 413 -19.81 -38.15 18.97
C ASN C 413 -19.72 -37.71 17.52
N TYR C 414 -19.82 -36.40 17.26
CA TYR C 414 -19.84 -35.91 15.88
C TYR C 414 -19.14 -34.57 15.82
N LYS C 415 -18.04 -34.51 15.07
CA LYS C 415 -17.22 -33.32 14.93
C LYS C 415 -17.30 -32.83 13.48
N LEU C 416 -17.39 -31.51 13.31
CA LEU C 416 -17.42 -30.88 12.00
C LEU C 416 -16.11 -30.12 11.76
N PRO C 417 -15.59 -30.08 10.53
CA PRO C 417 -14.43 -29.22 10.27
C PRO C 417 -14.87 -27.76 10.19
N CYS C 418 -13.88 -26.88 10.17
CA CYS C 418 -14.08 -25.48 9.79
C CYS C 418 -13.71 -25.19 8.35
N ASP C 419 -13.04 -26.09 7.66
CA ASP C 419 -13.01 -26.06 6.21
C ASP C 419 -14.24 -26.77 5.66
N PHE C 420 -15.42 -26.38 6.16
CA PHE C 420 -16.66 -27.14 5.99
C PHE C 420 -17.58 -26.34 5.09
N THR C 421 -17.60 -26.70 3.81
CA THR C 421 -18.60 -26.23 2.88
C THR C 421 -19.74 -27.25 2.89
N GLY C 422 -20.94 -26.76 3.13
CA GLY C 422 -22.07 -27.64 3.30
C GLY C 422 -23.04 -26.99 4.27
N CYS C 423 -24.07 -27.74 4.64
CA CYS C 423 -25.01 -27.14 5.57
C CYS C 423 -25.84 -28.13 6.37
N VAL C 424 -26.40 -27.59 7.44
CA VAL C 424 -26.94 -28.35 8.57
C VAL C 424 -28.41 -28.06 8.67
N ILE C 425 -29.20 -29.12 8.82
CA ILE C 425 -30.65 -29.06 8.92
C ILE C 425 -31.02 -29.82 10.17
N ALA C 426 -31.91 -29.25 10.99
CA ALA C 426 -32.36 -29.92 12.20
C ALA C 426 -33.82 -29.57 12.40
N TRP C 427 -34.62 -30.59 12.74
CA TRP C 427 -36.04 -30.38 12.99
C TRP C 427 -36.49 -31.23 14.16
N ASN C 428 -37.44 -30.69 14.92
CA ASN C 428 -37.96 -31.39 16.08
C ASN C 428 -38.66 -32.66 15.65
N SER C 429 -38.35 -33.76 16.33
CA SER C 429 -38.87 -35.08 16.00
C SER C 429 -39.64 -35.69 17.17
N ASN C 430 -40.28 -34.86 17.99
CA ASN C 430 -41.16 -35.40 19.01
C ASN C 430 -42.35 -36.09 18.33
N ASN C 431 -43.00 -36.97 19.10
CA ASN C 431 -44.09 -37.85 18.63
C ASN C 431 -43.72 -38.66 17.38
N LEU C 432 -42.43 -38.82 17.08
CA LEU C 432 -41.91 -39.68 16.04
C LEU C 432 -40.76 -40.54 16.53
N ASP C 433 -39.92 -40.01 17.42
CA ASP C 433 -38.82 -40.74 18.04
C ASP C 433 -38.97 -40.82 19.56
N SER C 434 -40.08 -40.34 20.11
CA SER C 434 -40.34 -40.37 21.55
C SER C 434 -41.64 -41.12 21.79
N LYS C 435 -41.61 -42.07 22.72
CA LYS C 435 -42.76 -42.90 23.05
C LYS C 435 -42.96 -42.89 24.56
N VAL C 436 -44.18 -43.27 24.96
CA VAL C 436 -44.50 -43.29 26.39
C VAL C 436 -43.64 -44.33 27.07
N GLY C 437 -43.20 -44.01 28.29
CA GLY C 437 -42.27 -44.86 29.02
C GLY C 437 -40.82 -44.66 28.67
N GLY C 438 -40.49 -43.71 27.79
CA GLY C 438 -39.11 -43.42 27.46
C GLY C 438 -38.58 -44.25 26.31
N ASN C 439 -38.04 -43.59 25.29
CA ASN C 439 -37.39 -44.26 24.17
C ASN C 439 -35.89 -44.29 24.42
N TYR C 440 -35.33 -45.50 24.49
CA TYR C 440 -33.93 -45.71 24.81
C TYR C 440 -33.16 -46.37 23.66
N ASN C 441 -33.71 -46.33 22.45
CA ASN C 441 -33.00 -46.84 21.29
C ASN C 441 -31.87 -45.94 20.84
N TYR C 442 -31.90 -44.66 21.22
CA TYR C 442 -30.91 -43.68 20.80
C TYR C 442 -29.86 -43.51 21.88
N LEU C 443 -28.59 -43.62 21.50
CA LEU C 443 -27.48 -43.59 22.43
C LEU C 443 -26.52 -42.47 22.04
N TYR C 444 -25.66 -42.10 22.99
CA TYR C 444 -24.62 -41.12 22.73
C TYR C 444 -23.43 -41.43 23.62
N ARG C 445 -22.24 -41.17 23.11
CA ARG C 445 -21.02 -41.42 23.86
C ARG C 445 -20.80 -40.29 24.85
N LEU C 446 -20.52 -40.66 26.10
CA LEU C 446 -20.38 -39.71 27.20
C LEU C 446 -18.95 -39.53 27.67
N PHE C 447 -18.12 -40.57 27.60
CA PHE C 447 -16.73 -40.51 28.01
C PHE C 447 -15.85 -40.97 26.85
N ARG C 448 -14.77 -40.24 26.62
CA ARG C 448 -13.78 -40.64 25.62
C ARG C 448 -12.41 -40.15 26.07
N LYS C 449 -11.38 -40.86 25.64
CA LYS C 449 -10.01 -40.49 26.02
C LYS C 449 -9.65 -39.12 25.48
N SER C 450 -10.04 -38.81 24.25
CA SER C 450 -9.69 -37.56 23.62
C SER C 450 -10.77 -37.19 22.61
N ASN C 451 -10.72 -35.93 22.16
CA ASN C 451 -11.72 -35.42 21.24
C ASN C 451 -11.59 -36.09 19.88
N LEU C 452 -12.69 -36.08 19.14
CA LEU C 452 -12.72 -36.68 17.82
C LEU C 452 -12.09 -35.76 16.79
N LYS C 453 -11.56 -36.36 15.73
CA LYS C 453 -11.21 -35.61 14.54
C LYS C 453 -12.49 -35.33 13.75
N PRO C 454 -12.47 -34.35 12.84
CA PRO C 454 -13.68 -34.04 12.08
C PRO C 454 -14.14 -35.23 11.24
N PHE C 455 -15.46 -35.43 11.20
CA PHE C 455 -16.10 -36.50 10.43
C PHE C 455 -15.52 -37.86 10.79
N GLU C 456 -15.18 -38.05 12.06
CA GLU C 456 -14.66 -39.30 12.57
C GLU C 456 -15.74 -40.00 13.37
N ARG C 457 -15.82 -41.32 13.23
CA ARG C 457 -16.81 -42.15 13.88
C ARG C 457 -16.13 -43.10 14.86
N ASP C 458 -16.77 -43.33 15.99
CA ASP C 458 -16.22 -44.19 17.05
C ASP C 458 -17.38 -45.00 17.62
N ILE C 459 -17.50 -46.25 17.18
CA ILE C 459 -18.56 -47.15 17.65
C ILE C 459 -18.04 -48.14 18.69
N SER C 460 -16.81 -47.98 19.16
CA SER C 460 -16.26 -48.89 20.15
C SER C 460 -17.01 -48.74 21.47
N THR C 461 -17.21 -49.87 22.15
CA THR C 461 -17.93 -49.92 23.43
C THR C 461 -17.01 -50.34 24.58
N GLU C 462 -15.71 -50.14 24.43
CA GLU C 462 -14.78 -50.53 25.49
C GLU C 462 -14.99 -49.67 26.73
N ILE C 463 -14.74 -50.29 27.89
CA ILE C 463 -15.00 -49.62 29.16
C ILE C 463 -14.00 -48.49 29.36
N TYR C 464 -14.51 -47.35 29.80
CA TYR C 464 -13.70 -46.15 29.99
C TYR C 464 -13.11 -46.14 31.39
N GLN C 465 -11.79 -46.17 31.48
CA GLN C 465 -11.09 -46.09 32.75
C GLN C 465 -11.00 -44.63 33.17
N ALA C 466 -11.81 -44.23 34.14
CA ALA C 466 -11.83 -42.85 34.57
C ALA C 466 -10.73 -42.55 35.59
N GLY C 467 -10.46 -43.49 36.49
CA GLY C 467 -9.49 -43.28 37.54
C GLY C 467 -8.09 -43.77 37.22
N SER C 468 -7.46 -44.45 38.18
CA SER C 468 -6.08 -44.91 38.05
C SER C 468 -5.98 -46.40 37.75
N THR C 469 -6.71 -47.22 38.50
CA THR C 469 -6.57 -48.66 38.33
C THR C 469 -7.24 -49.11 37.02
N PRO C 470 -6.62 -50.00 36.24
CA PRO C 470 -7.35 -50.60 35.13
C PRO C 470 -8.36 -51.63 35.65
N CYS C 471 -9.62 -51.45 35.24
CA CYS C 471 -10.71 -52.31 35.65
C CYS C 471 -10.93 -53.50 34.72
N ASN C 472 -10.14 -53.62 33.64
CA ASN C 472 -10.06 -54.84 32.85
C ASN C 472 -11.39 -55.18 32.17
N GLY C 473 -12.00 -54.17 31.56
CA GLY C 473 -13.13 -54.41 30.67
C GLY C 473 -14.41 -54.86 31.33
N VAL C 474 -14.59 -54.60 32.62
CA VAL C 474 -15.84 -54.88 33.31
C VAL C 474 -16.25 -53.63 34.08
N GLU C 475 -17.55 -53.35 34.09
CA GLU C 475 -18.04 -52.17 34.78
C GLU C 475 -17.80 -52.28 36.28
N GLY C 476 -17.50 -51.15 36.90
CA GLY C 476 -17.25 -51.13 38.32
C GLY C 476 -17.05 -49.70 38.79
N PHE C 477 -16.57 -49.57 40.02
CA PHE C 477 -16.30 -48.25 40.57
C PHE C 477 -15.18 -47.59 39.79
N ASN C 478 -15.38 -46.32 39.43
CA ASN C 478 -14.44 -45.51 38.66
C ASN C 478 -14.26 -46.00 37.23
N CYS C 479 -15.11 -46.91 36.75
CA CYS C 479 -15.21 -47.29 35.35
C CYS C 479 -16.66 -47.20 34.91
N TYR C 480 -16.89 -46.64 33.73
CA TYR C 480 -18.22 -46.39 33.22
C TYR C 480 -18.35 -46.95 31.82
N PHE C 481 -19.56 -47.35 31.46
CA PHE C 481 -19.87 -47.70 30.09
C PHE C 481 -19.95 -46.41 29.28
N PRO C 482 -19.15 -46.22 28.23
CA PRO C 482 -19.08 -44.89 27.60
C PRO C 482 -20.37 -44.45 26.95
N LEU C 483 -21.27 -45.36 26.58
CA LEU C 483 -22.51 -45.01 25.90
C LEU C 483 -23.63 -44.88 26.91
N GLN C 484 -24.34 -43.75 26.85
CA GLN C 484 -25.51 -43.50 27.66
C GLN C 484 -26.72 -43.36 26.74
N SER C 485 -27.91 -43.52 27.31
CA SER C 485 -29.14 -43.57 26.54
C SER C 485 -29.95 -42.30 26.76
N TYR C 486 -30.38 -41.67 25.66
CA TYR C 486 -31.31 -40.57 25.75
C TYR C 486 -32.67 -41.10 26.24
N GLY C 487 -33.27 -40.39 27.19
CA GLY C 487 -34.62 -40.69 27.62
C GLY C 487 -35.59 -39.70 27.00
N PHE C 488 -36.27 -40.11 25.93
CA PHE C 488 -37.14 -39.24 25.15
C PHE C 488 -38.59 -39.57 25.47
N GLN C 489 -39.09 -38.97 26.55
CA GLN C 489 -40.52 -39.02 26.83
C GLN C 489 -41.25 -38.02 25.93
N PRO C 490 -42.54 -38.25 25.66
CA PRO C 490 -43.29 -37.29 24.85
C PRO C 490 -43.80 -36.07 25.61
N THR C 491 -43.39 -35.89 26.87
CA THR C 491 -43.86 -34.81 27.72
C THR C 491 -42.75 -34.00 28.37
N ASN C 492 -41.49 -34.26 28.07
CA ASN C 492 -40.40 -33.54 28.70
C ASN C 492 -40.18 -32.21 28.01
N GLY C 493 -39.29 -31.40 28.56
CA GLY C 493 -39.10 -30.05 28.05
C GLY C 493 -38.58 -30.03 26.63
N VAL C 494 -38.76 -28.87 25.98
CA VAL C 494 -38.41 -28.75 24.57
C VAL C 494 -36.92 -28.95 24.36
N GLY C 495 -36.11 -28.58 25.34
CA GLY C 495 -34.68 -28.81 25.22
C GLY C 495 -34.30 -30.27 25.30
N TYR C 496 -35.13 -31.09 25.93
CA TYR C 496 -34.91 -32.53 26.03
C TYR C 496 -35.62 -33.32 24.94
N GLN C 497 -36.44 -32.68 24.12
CA GLN C 497 -37.15 -33.38 23.06
C GLN C 497 -36.17 -33.81 21.95
N PRO C 498 -36.46 -34.90 21.25
CA PRO C 498 -35.54 -35.35 20.20
C PRO C 498 -35.61 -34.50 18.95
N TYR C 499 -34.45 -34.23 18.38
CA TYR C 499 -34.30 -33.49 17.13
C TYR C 499 -33.54 -34.35 16.14
N ARG C 500 -34.10 -34.47 14.93
CA ARG C 500 -33.45 -35.17 13.84
C ARG C 500 -32.58 -34.19 13.08
N VAL C 501 -31.36 -34.61 12.77
CA VAL C 501 -30.35 -33.74 12.18
C VAL C 501 -29.77 -34.43 10.95
N VAL C 502 -29.61 -33.66 9.88
CA VAL C 502 -28.86 -34.10 8.70
C VAL C 502 -27.89 -33.01 8.32
N VAL C 503 -26.67 -33.42 7.98
CA VAL C 503 -25.60 -32.52 7.58
C VAL C 503 -25.20 -32.89 6.17
N LEU C 504 -25.42 -31.98 5.24
CA LEU C 504 -25.13 -32.20 3.82
C LEU C 504 -23.78 -31.56 3.53
N SER C 505 -22.76 -32.38 3.33
CA SER C 505 -21.40 -31.91 3.08
C SER C 505 -21.10 -32.07 1.59
N PHE C 506 -20.55 -31.02 1.00
CA PHE C 506 -20.22 -31.02 -0.42
C PHE C 506 -19.16 -29.95 -0.66
N GLU C 507 -18.62 -29.95 -1.88
CA GLU C 507 -17.75 -28.88 -2.35
C GLU C 507 -18.24 -28.43 -3.72
N LEU C 508 -17.81 -27.22 -4.10
CA LEU C 508 -18.39 -26.52 -5.24
C LEU C 508 -17.29 -26.05 -6.19
N LEU C 509 -17.57 -26.18 -7.49
CA LEU C 509 -16.78 -25.53 -8.55
C LEU C 509 -15.31 -25.96 -8.51
N HIS C 510 -15.06 -27.24 -8.18
CA HIS C 510 -13.71 -27.78 -8.16
C HIS C 510 -13.57 -29.15 -8.80
N ALA C 511 -14.65 -29.82 -9.17
CA ALA C 511 -14.58 -31.17 -9.69
C ALA C 511 -15.87 -31.45 -10.44
N PRO C 512 -15.94 -32.56 -11.19
CA PRO C 512 -17.20 -32.89 -11.89
C PRO C 512 -18.35 -33.04 -10.91
N ALA C 513 -19.53 -32.59 -11.34
CA ALA C 513 -20.71 -32.55 -10.49
C ALA C 513 -21.83 -33.37 -11.11
N THR C 514 -22.50 -34.16 -10.27
CA THR C 514 -23.67 -34.94 -10.65
C THR C 514 -24.94 -34.49 -9.98
N VAL C 515 -24.85 -33.91 -8.78
CA VAL C 515 -26.01 -33.34 -8.09
C VAL C 515 -26.16 -31.91 -8.59
N CYS C 516 -27.25 -31.65 -9.31
CA CYS C 516 -27.49 -30.36 -9.96
C CYS C 516 -28.71 -29.69 -9.37
N GLY C 517 -28.78 -28.37 -9.56
CA GLY C 517 -29.93 -27.62 -9.15
C GLY C 517 -31.06 -27.76 -10.15
N PRO C 518 -32.22 -27.17 -9.82
CA PRO C 518 -33.41 -27.30 -10.68
C PRO C 518 -33.49 -26.23 -11.76
N LYS C 519 -32.43 -26.10 -12.56
CA LYS C 519 -32.38 -25.18 -13.68
C LYS C 519 -32.49 -25.94 -14.99
N LYS C 520 -32.87 -25.20 -16.03
CA LYS C 520 -33.04 -25.74 -17.38
C LYS C 520 -31.98 -25.13 -18.29
N SER C 521 -31.22 -25.98 -18.95
CA SER C 521 -30.12 -25.53 -19.78
C SER C 521 -30.64 -24.76 -21.00
N THR C 522 -29.70 -24.16 -21.72
CA THR C 522 -30.01 -23.35 -22.90
C THR C 522 -29.02 -23.68 -24.00
N ASN C 523 -29.43 -23.45 -25.24
CA ASN C 523 -28.56 -23.72 -26.38
C ASN C 523 -27.32 -22.83 -26.32
N LEU C 524 -26.24 -23.31 -26.91
CA LEU C 524 -24.94 -22.68 -26.77
C LEU C 524 -24.78 -21.59 -27.82
N VAL C 525 -24.46 -20.37 -27.37
CA VAL C 525 -24.18 -19.25 -28.24
C VAL C 525 -22.70 -18.93 -28.08
N LYS C 526 -21.92 -19.18 -29.12
CA LYS C 526 -20.48 -18.99 -29.11
C LYS C 526 -20.11 -17.70 -29.82
N ASN C 527 -18.93 -17.18 -29.46
CA ASN C 527 -18.38 -15.96 -30.06
C ASN C 527 -19.32 -14.78 -29.87
N LYS C 528 -19.57 -14.44 -28.60
CA LYS C 528 -20.43 -13.31 -28.24
C LYS C 528 -20.24 -13.02 -26.77
N CYS C 529 -20.25 -11.74 -26.41
CA CYS C 529 -20.20 -11.36 -25.00
C CYS C 529 -21.48 -11.81 -24.32
N VAL C 530 -21.40 -12.88 -23.53
CA VAL C 530 -22.58 -13.51 -22.95
C VAL C 530 -22.29 -13.95 -21.53
N ASN C 531 -23.33 -13.94 -20.71
CA ASN C 531 -23.27 -14.47 -19.35
C ASN C 531 -23.53 -15.97 -19.39
N PHE C 532 -22.58 -16.74 -18.87
CA PHE C 532 -22.64 -18.19 -18.87
C PHE C 532 -22.72 -18.72 -17.44
N ASN C 533 -23.18 -19.97 -17.33
CA ASN C 533 -23.30 -20.66 -16.06
C ASN C 533 -23.05 -22.15 -16.32
N PHE C 534 -21.82 -22.58 -16.09
CA PHE C 534 -21.41 -23.97 -16.31
C PHE C 534 -21.33 -24.66 -14.96
N ASN C 535 -22.28 -25.56 -14.69
CA ASN C 535 -22.29 -26.37 -13.47
C ASN C 535 -22.23 -25.47 -12.22
N GLY C 536 -22.89 -24.32 -12.29
CA GLY C 536 -22.93 -23.39 -11.20
C GLY C 536 -21.85 -22.33 -11.23
N LEU C 537 -20.79 -22.54 -11.99
CA LEU C 537 -19.77 -21.50 -12.17
C LEU C 537 -20.34 -20.48 -13.13
N THR C 538 -20.80 -19.35 -12.59
CA THR C 538 -21.29 -18.27 -13.42
C THR C 538 -20.14 -17.45 -13.96
N GLY C 539 -20.47 -16.52 -14.82
CA GLY C 539 -19.46 -15.64 -15.38
C GLY C 539 -19.99 -14.94 -16.60
N THR C 540 -19.12 -14.15 -17.22
CA THR C 540 -19.44 -13.48 -18.47
C THR C 540 -18.20 -13.39 -19.33
N GLY C 541 -18.38 -13.58 -20.63
CA GLY C 541 -17.25 -13.59 -21.54
C GLY C 541 -17.62 -14.15 -22.89
N VAL C 542 -16.61 -14.68 -23.58
CA VAL C 542 -16.75 -15.23 -24.93
C VAL C 542 -16.27 -16.66 -24.89
N LEU C 543 -17.10 -17.57 -25.41
CA LEU C 543 -16.79 -18.99 -25.46
C LEU C 543 -16.34 -19.37 -26.86
N THR C 544 -15.25 -20.13 -26.94
CA THR C 544 -14.78 -20.68 -28.20
C THR C 544 -14.37 -22.13 -27.97
N GLU C 545 -14.15 -22.86 -29.05
CA GLU C 545 -13.68 -24.23 -28.97
C GLU C 545 -12.16 -24.27 -29.08
N SER C 546 -11.57 -25.29 -28.48
CA SER C 546 -10.12 -25.42 -28.43
C SER C 546 -9.77 -26.90 -28.27
N ASN C 547 -8.49 -27.15 -28.00
CA ASN C 547 -7.98 -28.50 -27.77
C ASN C 547 -7.26 -28.54 -26.43
N LYS C 548 -7.73 -29.39 -25.52
CA LYS C 548 -7.06 -29.63 -24.25
C LYS C 548 -7.32 -31.07 -23.85
N LYS C 549 -6.31 -31.71 -23.27
CA LYS C 549 -6.42 -33.09 -22.79
C LYS C 549 -6.80 -33.03 -21.32
N PHE C 550 -8.08 -33.27 -21.03
CA PHE C 550 -8.60 -33.27 -19.67
C PHE C 550 -8.73 -34.71 -19.19
N LEU C 551 -8.05 -35.01 -18.09
CA LEU C 551 -8.19 -36.30 -17.46
C LEU C 551 -9.60 -36.42 -16.88
N PRO C 552 -10.12 -37.65 -16.71
CA PRO C 552 -11.54 -37.80 -16.39
C PRO C 552 -11.98 -37.13 -15.10
N PHE C 553 -11.06 -36.86 -14.17
CA PHE C 553 -11.41 -36.23 -12.90
C PHE C 553 -11.25 -34.71 -12.93
N GLN C 554 -11.01 -34.12 -14.11
CA GLN C 554 -10.82 -32.68 -14.26
C GLN C 554 -11.96 -32.11 -15.09
N GLN C 555 -12.51 -30.98 -14.63
CA GLN C 555 -13.55 -30.26 -15.36
C GLN C 555 -13.16 -28.85 -15.72
N PHE C 556 -12.51 -28.12 -14.82
CA PHE C 556 -12.12 -26.73 -15.04
C PHE C 556 -10.61 -26.64 -15.25
N GLY C 557 -10.20 -25.57 -15.89
CA GLY C 557 -8.79 -25.25 -16.05
C GLY C 557 -8.54 -23.81 -15.70
N ARG C 558 -7.40 -23.55 -15.07
CA ARG C 558 -7.05 -22.22 -14.58
C ARG C 558 -5.69 -21.82 -15.11
N ASP C 559 -5.55 -20.53 -15.39
CA ASP C 559 -4.34 -19.96 -15.96
C ASP C 559 -3.44 -19.40 -14.86
N ILE C 560 -2.42 -18.64 -15.24
CA ILE C 560 -1.46 -18.11 -14.28
C ILE C 560 -2.16 -17.16 -13.31
N ALA C 561 -3.08 -16.34 -13.82
CA ALA C 561 -3.79 -15.39 -12.98
C ALA C 561 -4.85 -16.03 -12.10
N ASP C 562 -5.05 -17.34 -12.18
CA ASP C 562 -5.98 -18.14 -11.39
C ASP C 562 -7.42 -18.02 -11.89
N THR C 563 -7.71 -17.16 -12.86
CA THR C 563 -9.05 -17.11 -13.43
C THR C 563 -9.27 -18.31 -14.33
N THR C 564 -10.46 -18.91 -14.22
CA THR C 564 -10.79 -20.06 -15.04
C THR C 564 -10.78 -19.69 -16.51
N ASP C 565 -10.13 -20.52 -17.32
CA ASP C 565 -9.91 -20.27 -18.73
C ASP C 565 -10.44 -21.38 -19.64
N ALA C 566 -10.50 -22.61 -19.16
CA ALA C 566 -11.05 -23.73 -19.92
C ALA C 566 -12.07 -24.47 -19.07
N VAL C 567 -13.20 -24.81 -19.68
CA VAL C 567 -14.28 -25.49 -19.00
C VAL C 567 -14.77 -26.63 -19.87
N ARG C 568 -15.10 -27.75 -19.26
CA ARG C 568 -15.68 -28.89 -19.97
C ARG C 568 -17.19 -28.74 -19.96
N ASP C 569 -17.78 -28.72 -21.15
CA ASP C 569 -19.22 -28.57 -21.23
C ASP C 569 -19.88 -29.86 -20.74
N PRO C 570 -20.73 -29.82 -19.70
CA PRO C 570 -21.27 -31.09 -19.18
C PRO C 570 -22.13 -31.87 -20.16
N GLN C 571 -22.90 -31.19 -21.02
CA GLN C 571 -23.83 -31.89 -21.88
C GLN C 571 -23.11 -32.56 -23.05
N THR C 572 -22.49 -31.76 -23.91
CA THR C 572 -21.64 -32.28 -24.99
C THR C 572 -20.21 -32.26 -24.49
N LEU C 573 -19.63 -33.44 -24.34
CA LEU C 573 -18.31 -33.54 -23.70
C LEU C 573 -17.28 -32.93 -24.63
N GLU C 574 -16.93 -31.67 -24.36
CA GLU C 574 -15.92 -30.96 -25.12
C GLU C 574 -15.38 -29.83 -24.26
N ILE C 575 -14.22 -29.31 -24.65
CA ILE C 575 -13.53 -28.25 -23.91
C ILE C 575 -13.83 -26.94 -24.61
N LEU C 576 -14.21 -25.93 -23.84
CA LEU C 576 -14.44 -24.58 -24.34
C LEU C 576 -13.56 -23.61 -23.58
N ASP C 577 -12.96 -22.68 -24.32
CA ASP C 577 -12.10 -21.65 -23.76
C ASP C 577 -12.89 -20.37 -23.58
N ILE C 578 -12.74 -19.76 -22.41
CA ILE C 578 -13.38 -18.49 -22.07
C ILE C 578 -12.34 -17.40 -22.25
N THR C 579 -12.68 -16.36 -23.02
CA THR C 579 -11.87 -15.16 -23.15
C THR C 579 -12.69 -13.94 -22.72
N PRO C 580 -12.05 -12.87 -22.26
CA PRO C 580 -12.81 -11.64 -22.03
C PRO C 580 -13.42 -11.15 -23.32
N CYS C 581 -14.63 -10.60 -23.23
CA CYS C 581 -15.32 -10.13 -24.42
C CYS C 581 -14.91 -8.72 -24.81
N SER C 582 -13.86 -8.17 -24.21
CA SER C 582 -13.28 -6.90 -24.62
C SER C 582 -11.77 -6.99 -24.53
N PHE C 583 -11.10 -5.91 -24.89
CA PHE C 583 -9.65 -5.86 -24.83
C PHE C 583 -9.22 -4.41 -24.70
N GLY C 584 -8.13 -4.20 -23.97
CA GLY C 584 -7.48 -2.92 -23.98
C GLY C 584 -6.68 -2.70 -25.24
N GLY C 585 -6.48 -1.43 -25.58
CA GLY C 585 -5.79 -1.05 -26.80
C GLY C 585 -6.54 -0.01 -27.60
N VAL C 586 -7.64 0.52 -27.06
CA VAL C 586 -8.41 1.56 -27.71
C VAL C 586 -7.89 2.90 -27.22
N SER C 587 -7.42 3.72 -28.15
CA SER C 587 -6.96 5.08 -27.85
C SER C 587 -7.82 6.06 -28.62
N VAL C 588 -8.18 7.16 -27.99
CA VAL C 588 -9.03 8.18 -28.58
C VAL C 588 -8.17 9.41 -28.82
N ILE C 589 -8.11 9.83 -30.06
CA ILE C 589 -7.37 11.00 -30.51
C ILE C 589 -8.36 12.13 -30.68
N THR C 590 -8.01 13.32 -30.20
CA THR C 590 -8.92 14.43 -30.37
C THR C 590 -8.17 15.75 -30.32
N PRO C 591 -8.53 16.75 -31.13
CA PRO C 591 -8.21 18.12 -30.78
C PRO C 591 -9.00 18.51 -29.55
N GLY C 592 -8.44 19.40 -28.75
CA GLY C 592 -9.05 19.74 -27.48
C GLY C 592 -10.39 20.41 -27.68
N THR C 593 -11.33 20.09 -26.79
CA THR C 593 -12.61 20.77 -26.75
C THR C 593 -12.38 22.28 -26.61
N ASN C 594 -13.37 23.06 -27.00
CA ASN C 594 -13.30 24.49 -27.37
C ASN C 594 -12.83 24.62 -28.82
N THR C 595 -12.54 23.53 -29.52
CA THR C 595 -12.23 23.53 -30.94
C THR C 595 -13.24 22.71 -31.74
N SER C 596 -13.51 21.47 -31.33
CA SER C 596 -14.45 20.62 -32.05
C SER C 596 -14.73 19.39 -31.20
N ASN C 597 -15.68 18.59 -31.66
CA ASN C 597 -16.04 17.33 -31.02
C ASN C 597 -15.69 16.11 -31.87
N GLN C 598 -15.06 16.30 -33.03
CA GLN C 598 -14.62 15.16 -33.81
C GLN C 598 -13.50 14.43 -33.09
N VAL C 599 -13.41 13.12 -33.33
CA VAL C 599 -12.39 12.29 -32.72
C VAL C 599 -11.98 11.22 -33.71
N ALA C 600 -10.85 10.57 -33.42
CA ALA C 600 -10.42 9.38 -34.14
C ALA C 600 -10.14 8.30 -33.10
N VAL C 601 -10.21 7.06 -33.54
CA VAL C 601 -10.04 5.90 -32.67
C VAL C 601 -8.94 5.03 -33.24
N LEU C 602 -7.96 4.69 -32.41
CA LEU C 602 -6.88 3.77 -32.74
C LEU C 602 -7.15 2.48 -31.99
N TYR C 603 -7.45 1.41 -32.75
CA TYR C 603 -7.55 0.07 -32.21
C TYR C 603 -6.18 -0.60 -32.38
N GLN C 604 -5.54 -0.91 -31.25
CA GLN C 604 -4.14 -1.31 -31.25
C GLN C 604 -4.00 -2.79 -31.58
N ASP C 605 -3.07 -3.11 -32.48
CA ASP C 605 -2.69 -4.48 -32.80
C ASP C 605 -3.89 -5.29 -33.31
N VAL C 606 -4.69 -4.69 -34.18
CA VAL C 606 -5.78 -5.38 -34.85
C VAL C 606 -5.75 -4.99 -36.33
N ASN C 607 -5.94 -5.97 -37.20
CA ASN C 607 -6.12 -5.68 -38.61
C ASN C 607 -7.47 -5.03 -38.84
N CYS C 608 -7.53 -4.15 -39.84
CA CYS C 608 -8.77 -3.43 -40.13
C CYS C 608 -9.85 -4.34 -40.69
N THR C 609 -9.50 -5.52 -41.19
CA THR C 609 -10.51 -6.46 -41.63
C THR C 609 -11.23 -7.10 -40.46
N GLU C 610 -10.54 -7.30 -39.34
CA GLU C 610 -11.06 -8.02 -38.20
C GLU C 610 -11.36 -7.12 -37.00
N VAL C 611 -11.48 -5.80 -37.23
CA VAL C 611 -11.85 -4.90 -36.14
C VAL C 611 -13.23 -5.20 -35.58
N PRO C 612 -14.28 -5.48 -36.36
CA PRO C 612 -15.61 -5.60 -35.73
C PRO C 612 -15.71 -6.82 -34.82
N VAL C 613 -15.14 -7.96 -35.22
CA VAL C 613 -15.24 -9.15 -34.38
C VAL C 613 -14.42 -8.96 -33.12
N ALA C 614 -13.26 -8.30 -33.22
CA ALA C 614 -12.46 -8.04 -32.03
C ALA C 614 -13.19 -7.11 -31.06
N ILE C 615 -13.82 -6.05 -31.60
CA ILE C 615 -14.51 -5.08 -30.76
C ILE C 615 -15.95 -5.47 -30.46
N HIS C 616 -16.48 -6.51 -31.10
CA HIS C 616 -17.87 -6.93 -30.93
C HIS C 616 -18.81 -5.78 -31.27
N ALA C 617 -18.63 -5.21 -32.46
CA ALA C 617 -19.41 -4.06 -32.87
C ALA C 617 -20.89 -4.38 -33.04
N ASP C 618 -21.25 -5.66 -33.18
CA ASP C 618 -22.66 -6.03 -33.31
C ASP C 618 -23.44 -5.65 -32.07
N GLN C 619 -22.86 -5.84 -30.89
CA GLN C 619 -23.51 -5.52 -29.63
C GLN C 619 -23.31 -4.08 -29.20
N LEU C 620 -22.49 -3.30 -29.91
CA LEU C 620 -22.20 -1.94 -29.50
C LEU C 620 -23.33 -1.01 -29.92
N THR C 621 -23.29 0.22 -29.39
CA THR C 621 -24.30 1.20 -29.71
C THR C 621 -24.13 1.69 -31.15
N PRO C 622 -25.18 2.27 -31.74
CA PRO C 622 -25.03 2.80 -33.11
C PRO C 622 -23.95 3.86 -33.23
N THR C 623 -23.75 4.67 -32.20
CA THR C 623 -22.75 5.74 -32.28
C THR C 623 -21.32 5.19 -32.23
N TRP C 624 -21.13 4.01 -31.63
CA TRP C 624 -19.82 3.36 -31.67
C TRP C 624 -19.55 2.64 -32.97
N ARG C 625 -20.59 2.26 -33.72
CA ARG C 625 -20.37 1.49 -34.93
C ARG C 625 -19.85 2.33 -36.08
N VAL C 626 -20.16 3.64 -36.09
CA VAL C 626 -19.67 4.49 -37.17
C VAL C 626 -18.15 4.61 -37.09
N TYR C 627 -17.58 4.55 -35.90
CA TYR C 627 -16.14 4.59 -35.70
C TYR C 627 -15.49 3.22 -35.84
N SER C 628 -16.25 2.19 -36.23
CA SER C 628 -15.71 0.85 -36.39
C SER C 628 -15.32 0.50 -37.81
N THR C 629 -15.99 1.08 -38.80
CA THR C 629 -15.69 0.80 -40.20
C THR C 629 -16.18 1.97 -41.04
N GLY C 630 -15.43 2.28 -42.09
CA GLY C 630 -15.79 3.39 -42.94
C GLY C 630 -14.77 3.56 -44.05
N SER C 631 -14.75 4.78 -44.60
CA SER C 631 -13.81 5.10 -45.66
C SER C 631 -12.49 5.66 -45.16
N ASN C 632 -12.48 6.21 -43.94
CA ASN C 632 -11.27 6.76 -43.34
C ASN C 632 -10.44 5.71 -42.60
N VAL C 633 -10.74 4.43 -42.80
CA VAL C 633 -9.98 3.38 -42.13
C VAL C 633 -8.56 3.38 -42.68
N PHE C 634 -7.58 3.43 -41.77
CA PHE C 634 -6.17 3.46 -42.12
C PHE C 634 -5.40 2.47 -41.25
N GLN C 635 -4.64 1.59 -41.90
CA GLN C 635 -3.82 0.62 -41.21
C GLN C 635 -2.44 1.20 -40.92
N THR C 636 -1.95 0.95 -39.71
CA THR C 636 -0.63 1.40 -39.28
C THR C 636 0.08 0.26 -38.57
N ARG C 637 1.37 0.45 -38.32
CA ARG C 637 2.12 -0.55 -37.59
C ARG C 637 1.64 -0.67 -36.14
N ALA C 638 1.13 0.43 -35.58
CA ALA C 638 0.55 0.37 -34.24
C ALA C 638 -0.80 -0.33 -34.25
N GLY C 639 -1.62 -0.05 -35.26
CA GLY C 639 -2.94 -0.63 -35.32
C GLY C 639 -3.77 0.06 -36.38
N CYS C 640 -5.09 -0.05 -36.26
CA CYS C 640 -6.02 0.53 -37.21
C CYS C 640 -6.55 1.86 -36.68
N LEU C 641 -6.48 2.89 -37.51
CA LEU C 641 -6.94 4.23 -37.18
C LEU C 641 -8.20 4.51 -37.98
N ILE C 642 -9.25 4.97 -37.30
CA ILE C 642 -10.54 5.23 -37.90
C ILE C 642 -10.97 6.65 -37.51
N GLY C 643 -11.52 7.38 -38.48
CA GLY C 643 -11.98 8.73 -38.26
C GLY C 643 -11.01 9.81 -38.71
N ALA C 644 -9.90 9.45 -39.34
CA ALA C 644 -8.94 10.42 -39.85
C ALA C 644 -8.45 9.96 -41.21
N GLU C 645 -8.44 10.89 -42.17
CA GLU C 645 -7.99 10.56 -43.52
C GLU C 645 -6.47 10.55 -43.59
N HIS C 646 -5.92 9.54 -44.26
CA HIS C 646 -4.48 9.42 -44.41
C HIS C 646 -3.99 10.43 -45.45
N VAL C 647 -2.92 11.15 -45.10
CA VAL C 647 -2.36 12.20 -45.93
C VAL C 647 -0.93 11.83 -46.27
N ASN C 648 -0.58 11.87 -47.55
CA ASN C 648 0.78 11.52 -47.97
C ASN C 648 1.79 12.58 -47.60
N ASN C 649 1.36 13.81 -47.37
CA ASN C 649 2.27 14.88 -46.98
C ASN C 649 2.81 14.60 -45.58
N SER C 650 3.86 15.36 -45.21
CA SER C 650 4.51 15.24 -43.91
C SER C 650 4.61 16.63 -43.28
N TYR C 651 4.42 16.69 -41.97
CA TYR C 651 4.46 17.93 -41.22
C TYR C 651 5.22 17.68 -39.93
N GLU C 652 5.20 18.67 -39.03
CA GLU C 652 5.65 18.47 -37.66
C GLU C 652 4.57 17.73 -36.87
N CYS C 653 5.00 17.08 -35.79
CA CYS C 653 4.09 16.29 -34.98
C CYS C 653 3.26 17.22 -34.10
N ASP C 654 1.94 17.13 -34.24
CA ASP C 654 0.99 17.85 -33.39
C ASP C 654 0.42 16.98 -32.28
N ILE C 655 -0.11 15.82 -32.64
CA ILE C 655 -0.63 14.84 -31.68
C ILE C 655 0.08 13.52 -32.02
N PRO C 656 1.12 13.10 -31.29
CA PRO C 656 1.76 11.83 -31.64
C PRO C 656 0.82 10.65 -31.44
N ILE C 657 0.92 9.70 -32.35
CA ILE C 657 0.11 8.48 -32.32
C ILE C 657 0.99 7.27 -32.06
N GLY C 658 2.01 7.06 -32.87
CA GLY C 658 2.86 5.89 -32.70
C GLY C 658 3.40 5.44 -34.03
N ALA C 659 4.52 4.72 -33.97
CA ALA C 659 5.13 4.10 -35.13
C ALA C 659 5.38 5.13 -36.23
N GLY C 660 5.73 6.33 -35.81
CA GLY C 660 6.05 7.41 -36.73
C GLY C 660 4.85 8.12 -37.29
N ILE C 661 3.66 7.89 -36.72
CA ILE C 661 2.42 8.52 -37.18
C ILE C 661 2.02 9.56 -36.16
N CYS C 662 1.65 10.74 -36.67
CA CYS C 662 1.14 11.86 -35.89
C CYS C 662 -0.14 12.35 -36.54
N ALA C 663 -1.06 12.86 -35.71
CA ALA C 663 -2.36 13.32 -36.17
C ALA C 663 -2.52 14.78 -35.83
N SER C 664 -3.37 15.47 -36.60
CA SER C 664 -3.61 16.89 -36.40
C SER C 664 -5.00 17.23 -36.90
N TYR C 665 -5.37 18.50 -36.72
CA TYR C 665 -6.69 19.02 -37.07
C TYR C 665 -6.51 20.05 -38.18
N GLN C 666 -6.85 19.66 -39.41
CA GLN C 666 -6.56 20.49 -40.58
C GLN C 666 -7.59 21.60 -40.69
N THR C 667 -7.58 22.30 -41.83
CA THR C 667 -8.54 23.35 -42.12
C THR C 667 -9.06 23.20 -43.54
N SER C 676 -13.34 20.42 -45.64
CA SER C 676 -13.68 21.20 -44.46
C SER C 676 -12.78 20.79 -43.28
N GLN C 677 -13.19 21.16 -42.07
CA GLN C 677 -12.41 20.81 -40.90
C GLN C 677 -12.52 19.31 -40.62
N SER C 678 -11.37 18.68 -40.40
CA SER C 678 -11.34 17.24 -40.14
C SER C 678 -9.99 16.89 -39.54
N ILE C 679 -9.90 15.67 -39.03
CA ILE C 679 -8.67 15.15 -38.43
C ILE C 679 -7.89 14.43 -39.52
N ILE C 680 -6.59 14.72 -39.61
CA ILE C 680 -5.69 14.10 -40.57
C ILE C 680 -4.65 13.30 -39.79
N ALA C 681 -4.12 12.26 -40.43
CA ALA C 681 -3.07 11.42 -39.88
C ALA C 681 -1.98 11.29 -40.92
N TYR C 682 -0.74 11.53 -40.52
CA TYR C 682 0.38 11.58 -41.45
C TYR C 682 1.64 11.07 -40.78
N THR C 683 2.57 10.57 -41.59
CA THR C 683 3.89 10.27 -41.09
C THR C 683 4.64 11.56 -40.79
N MET C 684 5.34 11.57 -39.65
CA MET C 684 6.00 12.79 -39.22
C MET C 684 7.17 13.11 -40.13
N SER C 685 7.56 14.39 -40.14
CA SER C 685 8.74 14.86 -40.85
C SER C 685 9.87 15.04 -39.85
N LEU C 686 10.98 14.37 -40.10
CA LEU C 686 12.13 14.45 -39.21
C LEU C 686 12.93 15.73 -39.37
N GLY C 687 12.61 16.55 -40.38
CA GLY C 687 13.32 17.78 -40.66
C GLY C 687 13.60 17.92 -42.14
N ALA C 688 14.18 19.06 -42.49
CA ALA C 688 14.49 19.34 -43.89
C ALA C 688 15.63 18.47 -44.37
N GLU C 689 15.49 17.95 -45.59
CA GLU C 689 16.59 17.27 -46.25
C GLU C 689 17.59 18.31 -46.74
N ASN C 690 18.86 18.13 -46.37
CA ASN C 690 19.89 19.14 -46.67
C ASN C 690 21.21 18.40 -46.90
N SER C 691 21.48 18.10 -48.17
CA SER C 691 22.78 17.56 -48.54
C SER C 691 23.85 18.63 -48.44
N VAL C 692 24.98 18.28 -47.83
CA VAL C 692 26.07 19.23 -47.60
C VAL C 692 27.18 18.90 -48.58
N ALA C 693 27.66 19.94 -49.28
CA ALA C 693 28.77 19.75 -50.20
C ALA C 693 30.02 19.32 -49.45
N TYR C 694 30.75 18.36 -50.03
CA TYR C 694 31.97 17.86 -49.43
C TYR C 694 32.99 17.59 -50.52
N SER C 695 34.23 18.01 -50.25
CA SER C 695 35.33 17.76 -51.18
C SER C 695 36.63 17.78 -50.38
N ASN C 696 37.64 17.09 -50.90
CA ASN C 696 38.92 17.00 -50.21
C ASN C 696 39.69 18.31 -50.18
N ASN C 697 39.29 19.31 -50.96
CA ASN C 697 39.97 20.59 -51.00
C ASN C 697 38.97 21.74 -51.05
N SER C 698 37.90 21.65 -50.25
CA SER C 698 36.88 22.69 -50.18
C SER C 698 36.47 22.88 -48.74
N ILE C 699 36.65 24.10 -48.22
CA ILE C 699 36.27 24.46 -46.86
C ILE C 699 35.37 25.68 -46.92
N ALA C 700 34.41 25.73 -46.01
CA ALA C 700 33.50 26.87 -45.90
C ALA C 700 33.90 27.68 -44.68
N ILE C 701 34.04 28.99 -44.88
CA ILE C 701 34.47 29.89 -43.80
C ILE C 701 33.36 30.90 -43.53
N PRO C 702 33.01 31.20 -42.28
CA PRO C 702 32.07 32.30 -42.04
C PRO C 702 32.70 33.65 -42.33
N THR C 703 31.86 34.58 -42.76
CA THR C 703 32.23 35.96 -43.00
C THR C 703 31.51 36.94 -42.08
N ASN C 704 30.57 36.47 -41.26
CA ASN C 704 29.78 37.34 -40.41
C ASN C 704 29.34 36.51 -39.20
N PHE C 705 28.44 37.06 -38.39
CA PHE C 705 27.94 36.33 -37.24
C PHE C 705 26.65 36.96 -36.77
N THR C 706 25.94 36.20 -35.92
CA THR C 706 24.76 36.68 -35.22
C THR C 706 24.92 36.36 -33.73
N ILE C 707 24.54 37.32 -32.89
CA ILE C 707 24.63 37.16 -31.44
C ILE C 707 23.22 36.77 -31.01
N SER C 708 22.99 35.47 -30.89
CA SER C 708 21.69 34.97 -30.50
C SER C 708 21.55 35.01 -28.98
N VAL C 709 20.31 35.13 -28.51
CA VAL C 709 19.99 35.01 -27.09
C VAL C 709 18.88 33.98 -26.96
N THR C 710 19.17 32.89 -26.24
CA THR C 710 18.24 31.78 -26.08
C THR C 710 17.79 31.73 -24.64
N THR C 711 16.47 31.61 -24.43
CA THR C 711 15.88 31.59 -23.10
C THR C 711 15.53 30.14 -22.78
N GLU C 712 16.07 29.62 -21.67
CA GLU C 712 15.75 28.28 -21.23
C GLU C 712 15.43 28.29 -19.75
N ILE C 713 14.48 27.44 -19.35
CA ILE C 713 13.88 27.47 -18.02
C ILE C 713 14.15 26.15 -17.33
N LEU C 714 14.40 26.21 -16.02
CA LEU C 714 14.64 25.03 -15.20
C LEU C 714 13.87 25.14 -13.88
N PRO C 715 13.06 24.13 -13.51
CA PRO C 715 12.54 24.11 -12.14
C PRO C 715 13.66 23.95 -11.14
N VAL C 716 13.47 24.57 -9.97
CA VAL C 716 14.47 24.59 -8.90
C VAL C 716 13.90 24.01 -7.61
N SER C 717 12.67 24.38 -7.27
CA SER C 717 12.01 23.91 -6.07
C SER C 717 10.55 23.65 -6.41
N MET C 718 9.84 23.01 -5.48
CA MET C 718 8.41 22.82 -5.58
C MET C 718 7.78 23.18 -4.23
N THR C 719 6.46 23.18 -4.19
CA THR C 719 5.76 23.68 -3.02
C THR C 719 6.00 22.75 -1.84
N LYS C 720 6.54 23.30 -0.76
CA LYS C 720 6.68 22.53 0.47
C LYS C 720 5.31 22.29 1.07
N THR C 721 5.08 21.07 1.54
CA THR C 721 3.78 20.66 2.04
C THR C 721 3.95 19.91 3.35
N SER C 722 2.91 19.97 4.18
CA SER C 722 2.88 19.27 5.45
C SER C 722 1.49 18.68 5.63
N VAL C 723 1.45 17.54 6.30
CA VAL C 723 0.24 16.76 6.47
C VAL C 723 0.09 16.41 7.93
N ASP C 724 -1.11 16.59 8.47
CA ASP C 724 -1.46 16.15 9.81
C ASP C 724 -2.26 14.86 9.68
N CYS C 725 -1.66 13.74 10.12
CA CYS C 725 -2.39 12.47 10.12
C CYS C 725 -3.70 12.57 10.88
N THR C 726 -3.66 13.14 12.07
CA THR C 726 -4.87 13.16 12.89
C THR C 726 -5.97 13.94 12.20
N MET C 727 -5.65 15.11 11.65
CA MET C 727 -6.70 15.93 11.05
C MET C 727 -7.21 15.32 9.74
N TYR C 728 -6.37 14.54 9.05
CA TYR C 728 -6.76 13.97 7.77
C TYR C 728 -7.51 12.66 7.94
N ILE C 729 -6.97 11.73 8.72
CA ILE C 729 -7.59 10.42 8.89
C ILE C 729 -8.78 10.51 9.81
N CYS C 730 -8.55 10.95 11.04
CA CYS C 730 -9.55 11.00 12.11
C CYS C 730 -9.82 12.47 12.43
N GLY C 731 -10.69 13.09 11.62
CA GLY C 731 -10.79 14.53 11.52
C GLY C 731 -10.75 15.30 12.82
N ASP C 732 -11.77 15.15 13.66
CA ASP C 732 -11.70 15.63 15.04
C ASP C 732 -12.39 14.70 16.02
N SER C 733 -12.65 13.45 15.64
CA SER C 733 -13.24 12.48 16.54
C SER C 733 -12.17 11.88 17.44
N THR C 734 -12.49 11.77 18.73
CA THR C 734 -11.52 11.23 19.68
C THR C 734 -11.40 9.71 19.60
N GLU C 735 -12.50 9.01 19.32
CA GLU C 735 -12.45 7.55 19.24
C GLU C 735 -11.51 7.10 18.14
N CYS C 736 -11.62 7.73 16.97
CA CYS C 736 -10.78 7.34 15.84
C CYS C 736 -9.31 7.68 16.12
N SER C 737 -9.04 8.78 16.81
CA SER C 737 -7.65 9.09 17.15
C SER C 737 -7.09 8.07 18.13
N ASN C 738 -7.88 7.65 19.11
CA ASN C 738 -7.44 6.62 20.04
C ASN C 738 -7.15 5.32 19.28
N LEU C 739 -7.99 4.99 18.31
CA LEU C 739 -7.70 3.82 17.48
C LEU C 739 -6.46 4.02 16.62
N LEU C 740 -6.19 5.25 16.21
CA LEU C 740 -5.05 5.55 15.35
C LEU C 740 -3.73 5.57 16.10
N LEU C 741 -3.76 5.68 17.44
CA LEU C 741 -2.54 5.79 18.22
C LEU C 741 -1.54 4.66 17.95
N GLN C 742 -2.03 3.48 17.60
CA GLN C 742 -1.14 2.36 17.32
C GLN C 742 -0.43 2.46 15.96
N TYR C 743 -0.74 3.47 15.15
CA TYR C 743 -0.08 3.73 13.87
C TYR C 743 0.84 4.94 13.94
N GLY C 744 1.29 5.29 15.15
CA GLY C 744 2.17 6.43 15.30
C GLY C 744 3.48 6.24 14.56
N SER C 745 3.96 5.01 14.44
CA SER C 745 5.17 4.76 13.68
C SER C 745 4.98 5.15 12.22
N PHE C 746 3.87 4.72 11.62
CA PHE C 746 3.58 5.06 10.24
C PHE C 746 3.49 6.57 10.06
N CYS C 747 2.79 7.24 10.97
CA CYS C 747 2.59 8.67 10.79
C CYS C 747 3.87 9.46 11.03
N THR C 748 4.68 9.03 11.99
CA THR C 748 5.99 9.64 12.17
C THR C 748 6.83 9.47 10.91
N GLN C 749 6.78 8.29 10.30
CA GLN C 749 7.52 8.07 9.06
C GLN C 749 7.06 9.03 7.96
N LEU C 750 5.75 9.20 7.81
CA LEU C 750 5.22 10.10 6.78
C LEU C 750 5.68 11.53 7.03
N ASN C 751 5.55 11.99 8.27
CA ASN C 751 5.94 13.37 8.57
C ASN C 751 7.43 13.57 8.37
N ARG C 752 8.24 12.57 8.71
CA ARG C 752 9.68 12.65 8.48
C ARG C 752 9.99 12.78 6.99
N ALA C 753 9.30 11.99 6.17
CA ALA C 753 9.55 12.05 4.73
C ALA C 753 9.19 13.42 4.18
N LEU C 754 8.04 13.95 4.58
CA LEU C 754 7.63 15.26 4.05
C LEU C 754 8.54 16.37 4.56
N THR C 755 9.00 16.28 5.80
CA THR C 755 9.95 17.25 6.32
C THR C 755 11.26 17.21 5.54
N GLY C 756 11.73 16.00 5.23
CA GLY C 756 12.90 15.88 4.40
C GLY C 756 12.72 16.53 3.04
N ILE C 757 11.53 16.34 2.44
CA ILE C 757 11.26 16.97 1.15
C ILE C 757 11.33 18.49 1.26
N ALA C 758 10.72 19.06 2.31
CA ALA C 758 10.71 20.51 2.46
C ALA C 758 12.12 21.07 2.64
N VAL C 759 12.90 20.44 3.52
CA VAL C 759 14.28 20.89 3.73
C VAL C 759 15.07 20.76 2.42
N GLU C 760 14.78 19.72 1.64
CA GLU C 760 15.46 19.54 0.37
C GLU C 760 15.13 20.69 -0.58
N GLN C 761 13.87 21.13 -0.60
CA GLN C 761 13.51 22.26 -1.48
C GLN C 761 14.26 23.52 -1.08
N ASP C 762 14.33 23.80 0.22
CA ASP C 762 15.08 24.98 0.67
C ASP C 762 16.55 24.86 0.29
N LYS C 763 17.13 23.67 0.45
CA LYS C 763 18.51 23.44 0.07
C LYS C 763 18.72 23.67 -1.42
N ASN C 764 17.78 23.19 -2.25
CA ASN C 764 17.90 23.37 -3.70
C ASN C 764 17.93 24.84 -4.06
N THR C 765 17.00 25.61 -3.51
CA THR C 765 16.95 27.04 -3.83
C THR C 765 18.24 27.73 -3.39
N GLN C 766 18.74 27.41 -2.19
CA GLN C 766 19.96 28.04 -1.70
C GLN C 766 21.15 27.70 -2.57
N GLU C 767 21.30 26.41 -2.93
CA GLU C 767 22.47 26.02 -3.70
C GLU C 767 22.40 26.52 -5.14
N VAL C 768 21.21 26.81 -5.66
CA VAL C 768 21.12 27.38 -7.00
C VAL C 768 21.46 28.86 -6.97
N PHE C 769 20.78 29.63 -6.10
CA PHE C 769 20.89 31.09 -6.19
C PHE C 769 22.01 31.67 -5.35
N ALA C 770 22.23 31.15 -4.15
CA ALA C 770 23.26 31.70 -3.26
C ALA C 770 24.63 31.09 -3.54
N GLN C 771 25.05 31.15 -4.80
CA GLN C 771 26.41 30.71 -5.14
C GLN C 771 27.45 31.65 -4.55
N VAL C 772 27.17 32.95 -4.58
CA VAL C 772 28.07 33.98 -4.06
C VAL C 772 27.36 34.70 -2.92
N LYS C 773 28.10 34.97 -1.85
CA LYS C 773 27.57 35.63 -0.66
C LYS C 773 28.00 37.10 -0.56
N GLN C 774 28.47 37.69 -1.67
CA GLN C 774 28.77 39.11 -1.76
C GLN C 774 27.69 39.76 -2.63
N ILE C 775 26.82 40.53 -2.00
CA ILE C 775 25.70 41.14 -2.72
C ILE C 775 26.21 42.38 -3.44
N TYR C 776 26.66 42.21 -4.67
CA TYR C 776 27.09 43.34 -5.47
C TYR C 776 25.89 44.13 -5.96
N LYS C 777 26.10 45.43 -6.13
CA LYS C 777 25.08 46.33 -6.67
C LYS C 777 25.62 46.99 -7.93
N THR C 778 24.74 47.15 -8.92
CA THR C 778 25.17 47.67 -10.20
C THR C 778 25.65 49.11 -10.04
N PRO C 779 26.65 49.54 -10.81
CA PRO C 779 27.06 50.94 -10.72
C PRO C 779 25.95 51.86 -11.21
N PRO C 780 25.86 53.08 -10.67
CA PRO C 780 24.75 53.96 -11.06
C PRO C 780 24.75 54.32 -12.53
N ILE C 781 25.92 54.43 -13.14
CA ILE C 781 26.05 54.83 -14.54
C ILE C 781 26.08 53.58 -15.41
N LYS C 782 25.47 53.67 -16.58
CA LYS C 782 25.37 52.56 -17.53
C LYS C 782 26.25 52.89 -18.73
N ASP C 783 27.52 52.51 -18.64
CA ASP C 783 28.49 52.67 -19.74
C ASP C 783 29.16 51.32 -19.94
N PHE C 784 28.54 50.47 -20.75
CA PHE C 784 28.99 49.11 -21.01
C PHE C 784 29.34 48.93 -22.48
N GLY C 785 29.95 49.95 -23.09
CA GLY C 785 30.33 49.88 -24.48
C GLY C 785 29.16 49.72 -25.43
N GLY C 786 28.03 50.35 -25.12
CA GLY C 786 26.86 50.31 -25.97
C GLY C 786 25.89 49.19 -25.67
N PHE C 787 26.24 48.24 -24.81
CA PHE C 787 25.33 47.17 -24.44
C PHE C 787 24.27 47.71 -23.49
N ASN C 788 23.02 47.36 -23.77
CA ASN C 788 21.85 47.85 -23.03
C ASN C 788 21.33 46.72 -22.15
N PHE C 789 21.52 46.85 -20.83
CA PHE C 789 21.08 45.86 -19.85
C PHE C 789 19.89 46.37 -19.05
N SER C 790 19.07 47.23 -19.66
CA SER C 790 17.96 47.84 -18.91
C SER C 790 16.94 46.79 -18.50
N GLN C 791 16.63 45.85 -19.38
CA GLN C 791 15.55 44.91 -19.14
C GLN C 791 15.94 43.76 -18.22
N ILE C 792 17.23 43.55 -17.96
CA ILE C 792 17.68 42.45 -17.11
C ILE C 792 18.39 43.00 -15.87
N LEU C 793 17.97 44.16 -15.41
CA LEU C 793 18.49 44.75 -14.17
C LEU C 793 17.31 45.27 -13.37
N PRO C 794 17.47 45.42 -12.05
CA PRO C 794 16.33 45.82 -11.22
C PRO C 794 15.76 47.17 -11.63
N ASP C 795 14.43 47.28 -11.55
CA ASP C 795 13.74 48.54 -11.77
C ASP C 795 13.62 49.29 -10.45
N PRO C 796 14.22 50.47 -10.29
CA PRO C 796 14.06 51.17 -9.00
C PRO C 796 12.66 51.73 -8.77
N SER C 797 11.80 51.73 -9.79
CA SER C 797 10.47 52.32 -9.69
C SER C 797 9.39 51.29 -9.39
N LYS C 798 9.73 50.22 -8.65
CA LYS C 798 8.81 49.16 -8.28
C LYS C 798 9.07 48.76 -6.84
N PRO C 799 8.03 48.46 -6.04
CA PRO C 799 8.31 48.01 -4.66
C PRO C 799 9.17 46.77 -4.58
N SER C 800 8.95 45.80 -5.47
CA SER C 800 9.86 44.68 -5.61
C SER C 800 11.02 45.07 -6.52
N LYS C 801 12.16 44.43 -6.30
CA LYS C 801 13.40 44.80 -6.97
C LYS C 801 13.66 43.93 -8.19
N ARG C 802 12.61 43.60 -8.92
CA ARG C 802 12.71 42.72 -10.08
C ARG C 802 13.00 43.54 -11.33
N SER C 803 13.55 42.88 -12.33
CA SER C 803 13.76 43.47 -13.64
C SER C 803 12.50 43.27 -14.49
N PHE C 804 12.52 43.82 -15.71
CA PHE C 804 11.37 43.72 -16.59
C PHE C 804 11.10 42.29 -16.97
N ILE C 805 12.15 41.55 -17.36
CA ILE C 805 11.98 40.16 -17.77
C ILE C 805 11.43 39.35 -16.61
N GLU C 806 11.93 39.61 -15.40
CA GLU C 806 11.41 38.93 -14.22
C GLU C 806 9.93 39.26 -14.01
N ASP C 807 9.54 40.53 -14.20
CA ASP C 807 8.13 40.88 -14.06
C ASP C 807 7.28 40.09 -15.03
N LEU C 808 7.72 39.98 -16.29
CA LEU C 808 6.99 39.19 -17.26
C LEU C 808 6.90 37.73 -16.83
N LEU C 809 8.01 37.18 -16.32
CA LEU C 809 8.01 35.77 -15.92
C LEU C 809 7.03 35.52 -14.78
N PHE C 810 7.07 36.35 -13.74
CA PHE C 810 6.13 36.17 -12.63
C PHE C 810 4.68 36.41 -13.06
N ASN C 811 4.45 37.27 -14.05
CA ASN C 811 3.09 37.45 -14.53
C ASN C 811 2.62 36.33 -15.46
N LYS C 812 3.54 35.55 -16.04
CA LYS C 812 3.19 34.47 -16.95
C LYS C 812 2.84 33.17 -16.24
N VAL C 813 3.00 33.08 -14.92
CA VAL C 813 2.65 31.89 -14.14
C VAL C 813 1.64 32.29 -13.09
N THR C 814 0.57 31.49 -12.97
CA THR C 814 -0.49 31.81 -12.03
C THR C 814 -0.03 31.67 -10.59
N LEU C 815 0.68 30.58 -10.28
CA LEU C 815 1.04 30.24 -8.90
C LEU C 815 -0.22 30.16 -8.03
N ALA C 816 -1.05 29.18 -8.35
CA ALA C 816 -2.22 28.83 -7.55
C ALA C 816 -1.95 27.53 -6.84
N ASP C 817 -1.97 27.56 -5.50
CA ASP C 817 -1.68 26.38 -4.70
C ASP C 817 -2.80 25.35 -4.81
N ILE C 821 -1.04 31.50 -0.25
CA ILE C 821 -1.84 32.43 -1.04
C ILE C 821 -3.15 32.81 -0.32
N LYS C 822 -3.56 32.01 0.66
CA LYS C 822 -4.84 32.14 1.31
C LYS C 822 -4.65 32.57 2.77
N GLN C 823 -5.59 33.35 3.27
CA GLN C 823 -5.60 33.80 4.66
C GLN C 823 -6.70 33.04 5.39
N TYR C 824 -6.33 32.35 6.46
CA TYR C 824 -7.31 31.66 7.28
C TYR C 824 -8.24 32.67 7.93
N GLY C 825 -9.54 32.38 7.90
CA GLY C 825 -10.57 33.32 8.32
C GLY C 825 -11.53 33.54 7.18
N ASP C 826 -11.00 33.65 5.97
CA ASP C 826 -11.85 33.62 4.79
C ASP C 826 -12.51 32.25 4.63
N CYS C 827 -11.74 31.18 4.85
CA CYS C 827 -12.32 29.84 4.85
C CYS C 827 -13.32 29.69 5.99
N LEU C 828 -12.97 30.22 7.17
CA LEU C 828 -13.93 30.22 8.28
C LEU C 828 -15.14 31.11 7.98
N GLY C 829 -15.01 32.05 7.05
CA GLY C 829 -16.08 32.97 6.71
C GLY C 829 -16.81 32.56 5.45
N ASP C 830 -16.47 33.18 4.33
CA ASP C 830 -17.12 32.85 3.07
C ASP C 830 -16.66 31.49 2.57
N ILE C 831 -17.40 30.44 2.94
CA ILE C 831 -17.14 29.08 2.48
C ILE C 831 -18.16 28.60 1.45
N ALA C 832 -19.24 29.36 1.21
CA ALA C 832 -20.17 29.00 0.16
C ALA C 832 -19.51 28.93 -1.21
N ALA C 833 -18.43 29.68 -1.42
CA ALA C 833 -17.68 29.59 -2.67
C ALA C 833 -17.06 28.20 -2.83
N ARG C 834 -16.75 27.53 -1.73
CA ARG C 834 -16.24 26.15 -1.75
C ARG C 834 -14.90 26.08 -2.48
N ASP C 835 -13.94 26.82 -1.96
CA ASP C 835 -12.59 26.77 -2.51
C ASP C 835 -11.92 25.45 -2.14
N LEU C 836 -11.02 25.00 -3.01
CA LEU C 836 -10.30 23.76 -2.76
C LEU C 836 -9.27 23.92 -1.65
N ILE C 837 -8.66 25.11 -1.56
CA ILE C 837 -7.63 25.33 -0.54
C ILE C 837 -8.24 25.22 0.85
N CYS C 838 -9.48 25.70 1.01
CA CYS C 838 -10.14 25.58 2.31
C CYS C 838 -10.36 24.13 2.67
N ALA C 839 -10.75 23.29 1.69
CA ALA C 839 -10.90 21.87 1.96
C ALA C 839 -9.58 21.25 2.36
N GLN C 840 -8.50 21.59 1.65
CA GLN C 840 -7.18 21.07 1.99
C GLN C 840 -6.79 21.46 3.42
N LYS C 841 -7.05 22.70 3.81
CA LYS C 841 -6.68 23.13 5.16
C LYS C 841 -7.54 22.45 6.20
N PHE C 842 -8.85 22.31 5.94
CA PHE C 842 -9.72 21.63 6.88
C PHE C 842 -9.43 20.14 6.98
N ASN C 843 -8.72 19.56 6.02
CA ASN C 843 -8.28 18.17 6.10
C ASN C 843 -6.79 18.05 6.43
N GLY C 844 -6.17 19.10 6.96
CA GLY C 844 -4.84 19.01 7.51
C GLY C 844 -3.71 19.10 6.52
N LEU C 845 -3.98 19.40 5.26
CA LEU C 845 -2.96 19.44 4.21
C LEU C 845 -2.53 20.89 4.01
N THR C 846 -1.55 21.31 4.80
CA THR C 846 -1.05 22.68 4.72
C THR C 846 0.11 22.78 3.74
N VAL C 847 0.31 24.00 3.23
CA VAL C 847 1.40 24.32 2.32
C VAL C 847 2.31 25.31 3.03
N LEU C 848 3.54 24.91 3.30
CA LEU C 848 4.47 25.77 4.00
C LEU C 848 5.07 26.78 3.02
N PRO C 849 5.45 27.97 3.49
CA PRO C 849 6.00 28.98 2.59
C PRO C 849 7.48 28.73 2.36
N PRO C 850 8.03 29.10 1.20
CA PRO C 850 9.46 28.92 0.98
C PRO C 850 10.28 29.82 1.88
N LEU C 851 11.48 29.35 2.22
CA LEU C 851 12.35 30.12 3.11
C LEU C 851 12.75 31.45 2.46
N LEU C 852 13.19 31.40 1.22
CA LEU C 852 13.68 32.58 0.53
C LEU C 852 12.52 33.27 -0.17
N THR C 853 12.21 34.48 0.25
CA THR C 853 11.19 35.27 -0.41
C THR C 853 11.64 35.60 -1.83
N ASP C 854 10.67 35.77 -2.72
CA ASP C 854 11.00 36.07 -4.12
C ASP C 854 11.81 37.35 -4.23
N GLU C 855 11.61 38.30 -3.31
CA GLU C 855 12.44 39.49 -3.30
C GLU C 855 13.89 39.14 -3.01
N MET C 856 14.12 38.21 -2.08
CA MET C 856 15.49 37.80 -1.78
C MET C 856 16.14 37.09 -2.96
N ILE C 857 15.37 36.24 -3.65
CA ILE C 857 15.89 35.58 -4.84
C ILE C 857 16.21 36.61 -5.91
N ALA C 858 15.38 37.64 -6.03
CA ALA C 858 15.66 38.72 -6.97
C ALA C 858 16.94 39.45 -6.59
N GLN C 859 17.16 39.66 -5.29
CA GLN C 859 18.40 40.29 -4.85
C GLN C 859 19.61 39.45 -5.21
N TYR C 860 19.53 38.14 -4.99
CA TYR C 860 20.62 37.26 -5.37
C TYR C 860 20.88 37.31 -6.87
N THR C 861 19.82 37.28 -7.66
CA THR C 861 19.96 37.34 -9.12
C THR C 861 20.60 38.66 -9.54
N SER C 862 20.17 39.77 -8.94
CA SER C 862 20.75 41.06 -9.27
C SER C 862 22.22 41.12 -8.90
N ALA C 863 22.59 40.54 -7.75
CA ALA C 863 24.00 40.48 -7.38
C ALA C 863 24.81 39.70 -8.40
N LEU C 864 24.28 38.55 -8.84
CA LEU C 864 24.98 37.75 -9.84
C LEU C 864 25.12 38.52 -11.15
N LEU C 865 24.07 39.21 -11.58
CA LEU C 865 24.14 39.99 -12.82
C LEU C 865 25.19 41.09 -12.71
N ALA C 866 25.18 41.83 -11.60
CA ALA C 866 26.12 42.93 -11.43
C ALA C 866 27.55 42.42 -11.41
N GLY C 867 27.81 41.34 -10.68
CA GLY C 867 29.14 40.75 -10.69
C GLY C 867 29.54 40.27 -12.07
N THR C 868 28.60 39.69 -12.81
CA THR C 868 28.89 39.19 -14.15
C THR C 868 29.31 40.31 -15.08
N ILE C 869 28.56 41.41 -15.09
CA ILE C 869 28.81 42.46 -16.06
C ILE C 869 29.88 43.46 -15.61
N THR C 870 30.25 43.47 -14.33
CA THR C 870 31.26 44.37 -13.82
C THR C 870 32.61 43.70 -13.56
N SER C 871 32.63 42.37 -13.43
CA SER C 871 33.86 41.65 -13.12
C SER C 871 34.07 40.40 -13.96
N GLY C 872 33.12 40.01 -14.80
CA GLY C 872 33.31 38.81 -15.60
C GLY C 872 33.25 37.56 -14.75
N TRP C 873 34.12 36.61 -15.05
CA TRP C 873 34.18 35.35 -14.31
C TRP C 873 35.05 35.44 -13.06
N THR C 874 35.65 36.60 -12.78
CA THR C 874 36.62 36.67 -11.69
C THR C 874 35.94 36.63 -10.33
N PHE C 875 34.73 37.15 -10.22
CA PHE C 875 34.04 37.16 -8.93
C PHE C 875 33.64 35.77 -8.49
N GLY C 876 33.51 34.82 -9.42
CA GLY C 876 33.26 33.45 -9.04
C GLY C 876 34.49 32.76 -8.50
N ALA C 877 35.66 33.10 -9.03
CA ALA C 877 36.93 32.55 -8.55
C ALA C 877 37.59 33.50 -7.55
N GLY C 878 36.91 33.69 -6.42
CA GLY C 878 37.41 34.54 -5.37
C GLY C 878 36.84 35.94 -5.42
N ALA C 879 37.69 36.95 -5.23
CA ALA C 879 37.22 38.33 -5.19
C ALA C 879 36.80 38.79 -6.59
N ALA C 880 35.97 39.83 -6.61
CA ALA C 880 35.49 40.41 -7.85
C ALA C 880 36.50 41.44 -8.34
N LEU C 881 37.00 41.25 -9.55
CA LEU C 881 38.01 42.11 -10.15
C LEU C 881 37.38 42.87 -11.31
N GLN C 882 37.38 44.19 -11.22
CA GLN C 882 36.70 45.02 -12.19
C GLN C 882 37.38 44.92 -13.55
N ILE C 883 36.59 45.15 -14.61
CA ILE C 883 37.11 45.18 -15.97
C ILE C 883 36.07 45.87 -16.84
N PRO C 884 36.45 46.69 -17.82
CA PRO C 884 35.45 47.24 -18.73
C PRO C 884 34.75 46.14 -19.51
N PHE C 885 33.48 46.37 -19.82
CA PHE C 885 32.69 45.31 -20.43
C PHE C 885 33.19 44.97 -21.82
N ALA C 886 33.68 45.96 -22.57
CA ALA C 886 34.20 45.67 -23.90
C ALA C 886 35.38 44.70 -23.82
N MET C 887 36.29 44.93 -22.88
CA MET C 887 37.39 44.01 -22.70
C MET C 887 36.92 42.64 -22.21
N GLN C 888 35.85 42.61 -21.41
CA GLN C 888 35.30 41.34 -20.99
C GLN C 888 34.78 40.55 -22.18
N MET C 889 33.97 41.18 -23.02
CA MET C 889 33.46 40.46 -24.18
C MET C 889 34.60 40.11 -25.15
N ALA C 890 35.67 40.89 -25.15
CA ALA C 890 36.85 40.51 -25.92
C ALA C 890 37.46 39.22 -25.38
N TYR C 891 37.55 39.11 -24.05
CA TYR C 891 37.99 37.85 -23.44
C TYR C 891 37.10 36.70 -23.88
N ARG C 892 35.78 36.91 -23.87
CA ARG C 892 34.87 35.83 -24.27
C ARG C 892 35.09 35.44 -25.72
N PHE C 893 35.25 36.43 -26.60
CA PHE C 893 35.48 36.14 -28.01
C PHE C 893 36.78 35.36 -28.19
N ASN C 894 37.83 35.74 -27.48
CA ASN C 894 39.06 34.96 -27.51
C ASN C 894 38.82 33.56 -26.97
N GLY C 895 37.87 33.42 -26.04
CA GLY C 895 37.55 32.10 -25.52
C GLY C 895 36.91 31.19 -26.55
N ILE C 896 35.96 31.71 -27.34
CA ILE C 896 35.26 30.85 -28.29
C ILE C 896 36.09 30.48 -29.50
N GLY C 897 37.30 31.03 -29.64
CA GLY C 897 38.17 30.68 -30.74
C GLY C 897 38.21 31.66 -31.87
N VAL C 898 37.96 32.95 -31.61
CA VAL C 898 38.05 33.99 -32.62
C VAL C 898 38.81 35.16 -32.00
N THR C 899 39.63 35.83 -32.80
CA THR C 899 40.47 36.90 -32.29
C THR C 899 39.61 38.04 -31.75
N GLN C 900 40.16 38.76 -30.78
CA GLN C 900 39.43 39.84 -30.14
C GLN C 900 39.28 41.07 -31.03
N ASN C 901 40.16 41.24 -32.02
CA ASN C 901 40.11 42.43 -32.86
C ASN C 901 38.76 42.56 -33.55
N VAL C 902 38.19 41.44 -34.00
CA VAL C 902 36.92 41.47 -34.72
C VAL C 902 35.83 42.08 -33.85
N LEU C 903 35.94 41.94 -32.52
CA LEU C 903 34.99 42.61 -31.65
C LEU C 903 35.10 44.12 -31.78
N TYR C 904 36.32 44.64 -31.63
CA TYR C 904 36.50 46.08 -31.61
C TYR C 904 36.19 46.69 -32.96
N GLU C 905 36.44 45.95 -34.04
CA GLU C 905 36.08 46.44 -35.37
C GLU C 905 34.58 46.41 -35.61
N ASN C 906 33.80 45.70 -34.79
CA ASN C 906 32.36 45.55 -34.98
C ASN C 906 31.59 45.77 -33.68
N GLN C 907 32.23 46.40 -32.68
CA GLN C 907 31.66 46.47 -31.33
C GLN C 907 30.25 47.01 -31.35
N LYS C 908 30.06 48.20 -31.95
CA LYS C 908 28.73 48.80 -32.02
C LYS C 908 27.73 47.84 -32.61
N LEU C 909 28.07 47.24 -33.76
CA LEU C 909 27.18 46.29 -34.42
C LEU C 909 26.78 45.20 -33.43
N ILE C 910 27.79 44.60 -32.78
CA ILE C 910 27.52 43.52 -31.84
C ILE C 910 26.55 44.00 -30.77
N ALA C 911 26.82 45.18 -30.21
CA ALA C 911 25.95 45.73 -29.18
C ALA C 911 24.52 45.81 -29.68
N ASN C 912 24.34 46.38 -30.89
CA ASN C 912 23.00 46.49 -31.45
C ASN C 912 22.35 45.13 -31.56
N GLN C 913 23.09 44.15 -32.10
CA GLN C 913 22.58 42.79 -32.22
C GLN C 913 22.11 42.29 -30.86
N PHE C 914 22.98 42.44 -29.84
CA PHE C 914 22.64 42.00 -28.50
C PHE C 914 21.34 42.65 -28.06
N ASN C 915 21.25 43.98 -28.21
CA ASN C 915 20.04 44.67 -27.80
C ASN C 915 18.84 44.14 -28.56
N SER C 916 18.99 43.95 -29.87
CA SER C 916 17.89 43.43 -30.68
C SER C 916 17.47 42.07 -30.16
N ALA C 917 18.44 41.21 -29.84
CA ALA C 917 18.11 39.89 -29.32
C ALA C 917 17.31 40.00 -28.03
N ILE C 918 17.73 40.91 -27.14
CA ILE C 918 17.00 41.13 -25.90
C ILE C 918 15.56 41.53 -26.22
N GLY C 919 15.39 42.42 -27.20
CA GLY C 919 14.06 42.82 -27.60
C GLY C 919 13.20 41.65 -28.00
N LYS C 920 13.76 40.72 -28.76
CA LYS C 920 13.01 39.52 -29.14
C LYS C 920 12.49 38.80 -27.90
N ILE C 921 13.38 38.59 -26.92
CA ILE C 921 12.98 37.95 -25.67
C ILE C 921 11.84 38.72 -25.03
N GLN C 922 11.95 40.05 -25.02
CA GLN C 922 10.96 40.88 -24.34
C GLN C 922 9.57 40.68 -24.92
N ASP C 923 9.46 40.29 -26.19
CA ASP C 923 8.17 39.98 -26.77
C ASP C 923 7.86 38.49 -26.74
N SER C 924 8.90 37.64 -26.83
CA SER C 924 8.64 36.20 -26.88
C SER C 924 8.03 35.69 -25.59
N LEU C 925 8.37 36.30 -24.46
CA LEU C 925 7.79 35.96 -23.17
C LEU C 925 6.54 36.78 -22.87
N SER C 926 6.15 37.72 -23.74
CA SER C 926 5.04 38.61 -23.47
C SER C 926 3.75 38.21 -24.19
N SER C 927 3.83 37.40 -25.24
CA SER C 927 2.66 36.99 -26.01
C SER C 927 2.19 35.59 -25.63
N THR C 928 3.06 34.59 -25.77
CA THR C 928 2.71 33.20 -25.51
C THR C 928 2.97 32.85 -24.05
N ALA C 929 2.33 31.78 -23.60
CA ALA C 929 2.53 31.23 -22.26
C ALA C 929 3.04 29.80 -22.29
N SER C 930 3.41 29.28 -23.46
CA SER C 930 3.91 27.91 -23.56
C SER C 930 5.38 27.80 -23.19
N ALA C 931 6.09 28.92 -23.05
CA ALA C 931 7.51 28.87 -22.71
C ALA C 931 7.71 28.33 -21.30
N LEU C 932 6.85 28.72 -20.37
CA LEU C 932 6.98 28.35 -18.96
C LEU C 932 6.12 27.15 -18.62
N GLY C 933 6.01 26.20 -19.55
CA GLY C 933 5.21 25.03 -19.29
C GLY C 933 5.76 24.16 -18.18
N LYS C 934 7.09 24.19 -17.98
CA LYS C 934 7.69 23.33 -16.96
C LYS C 934 7.27 23.76 -15.56
N LEU C 935 7.41 25.06 -15.25
CA LEU C 935 7.07 25.55 -13.92
C LEU C 935 5.58 25.41 -13.65
N GLN C 936 4.75 25.76 -14.65
CA GLN C 936 3.31 25.61 -14.50
C GLN C 936 2.95 24.14 -14.31
N ASP C 937 3.64 23.23 -15.00
CA ASP C 937 3.40 21.81 -14.82
C ASP C 937 3.73 21.38 -13.41
N VAL C 938 4.83 21.90 -12.85
CA VAL C 938 5.19 21.58 -11.47
C VAL C 938 4.09 22.02 -10.52
N VAL C 939 3.65 23.27 -10.65
CA VAL C 939 2.61 23.80 -9.76
C VAL C 939 1.33 23.00 -9.91
N ASN C 940 0.95 22.71 -11.16
CA ASN C 940 -0.26 21.94 -11.40
C ASN C 940 -0.16 20.55 -10.80
N GLN C 941 1.01 19.92 -10.91
CA GLN C 941 1.18 18.58 -10.36
C GLN C 941 0.97 18.60 -8.84
N ASN C 942 1.58 19.56 -8.16
CA ASN C 942 1.42 19.61 -6.70
C ASN C 942 -0.04 19.86 -6.32
N ALA C 943 -0.68 20.83 -6.97
CA ALA C 943 -2.07 21.14 -6.64
C ALA C 943 -2.98 19.96 -6.93
N GLN C 944 -2.76 19.29 -8.06
CA GLN C 944 -3.57 18.13 -8.41
C GLN C 944 -3.38 17.00 -7.41
N ALA C 945 -2.14 16.79 -6.96
CA ALA C 945 -1.90 15.74 -5.97
C ALA C 945 -2.64 16.02 -4.68
N LEU C 946 -2.60 17.27 -4.20
CA LEU C 946 -3.31 17.60 -2.97
C LEU C 946 -4.82 17.45 -3.15
N ASN C 947 -5.35 17.90 -4.29
CA ASN C 947 -6.78 17.79 -4.51
C ASN C 947 -7.22 16.33 -4.62
N THR C 948 -6.41 15.49 -5.27
CA THR C 948 -6.73 14.07 -5.33
C THR C 948 -6.70 13.45 -3.94
N LEU C 949 -5.76 13.88 -3.10
CA LEU C 949 -5.70 13.37 -1.74
C LEU C 949 -6.96 13.73 -0.98
N VAL C 950 -7.46 14.96 -1.15
CA VAL C 950 -8.72 15.33 -0.52
C VAL C 950 -9.87 14.50 -1.08
N LYS C 951 -9.88 14.30 -2.40
CA LYS C 951 -10.97 13.56 -3.04
C LYS C 951 -10.99 12.10 -2.60
N GLN C 952 -9.83 11.54 -2.26
CA GLN C 952 -9.76 10.13 -1.89
C GLN C 952 -10.42 9.82 -0.55
N LEU C 953 -10.84 10.83 0.21
CA LEU C 953 -11.49 10.58 1.50
C LEU C 953 -12.91 10.06 1.34
N SER C 954 -13.45 10.04 0.12
CA SER C 954 -14.80 9.56 -0.13
C SER C 954 -14.88 8.04 -0.29
N SER C 955 -13.76 7.34 -0.20
CA SER C 955 -13.74 5.90 -0.42
C SER C 955 -14.06 5.17 0.88
N ASN C 956 -14.94 4.19 0.80
CA ASN C 956 -15.35 3.45 2.00
C ASN C 956 -14.26 2.53 2.51
N PHE C 957 -13.44 1.98 1.61
CA PHE C 957 -12.40 1.02 1.96
C PHE C 957 -13.00 -0.19 2.68
N GLY C 958 -14.18 -0.62 2.24
CA GLY C 958 -14.83 -1.77 2.80
C GLY C 958 -15.76 -1.47 3.96
N ALA C 959 -15.65 -0.30 4.57
CA ALA C 959 -16.51 0.06 5.69
C ALA C 959 -17.91 0.38 5.18
N ILE C 960 -18.86 0.45 6.11
CA ILE C 960 -20.24 0.71 5.74
C ILE C 960 -20.41 2.11 5.15
N SER C 961 -19.53 3.05 5.52
CA SER C 961 -19.59 4.40 4.99
C SER C 961 -18.21 5.00 5.01
N SER C 962 -18.04 6.08 4.25
CA SER C 962 -16.79 6.82 4.19
C SER C 962 -16.76 8.00 5.16
N VAL C 963 -17.72 8.09 6.07
CA VAL C 963 -17.85 9.20 7.01
C VAL C 963 -17.75 8.63 8.41
N LEU C 964 -16.87 9.22 9.22
CA LEU C 964 -16.73 8.76 10.60
C LEU C 964 -18.02 8.95 11.37
N ASN C 965 -18.70 10.08 11.15
CA ASN C 965 -19.88 10.41 11.93
C ASN C 965 -21.00 9.39 11.71
N ASP C 966 -21.23 8.99 10.47
CA ASP C 966 -22.27 8.00 10.19
C ASP C 966 -21.97 6.69 10.89
N ILE C 967 -20.71 6.24 10.84
CA ILE C 967 -20.33 4.99 11.48
C ILE C 967 -20.51 5.08 12.98
N LEU C 968 -20.06 6.19 13.57
CA LEU C 968 -20.11 6.32 15.02
C LEU C 968 -21.51 6.55 15.55
N SER C 969 -22.42 7.03 14.71
CA SER C 969 -23.81 7.21 15.11
C SER C 969 -24.64 5.96 14.90
N ARG C 970 -24.49 5.29 13.77
CA ARG C 970 -25.27 4.07 13.53
C ARG C 970 -24.82 2.95 14.46
N LEU C 971 -23.52 2.84 14.72
CA LEU C 971 -22.95 1.74 15.47
C LEU C 971 -22.23 2.26 16.70
N ASP C 972 -22.28 1.49 17.78
CA ASP C 972 -21.46 1.74 18.95
C ASP C 972 -20.05 1.25 18.69
N LYS C 973 -19.12 1.64 19.58
CA LYS C 973 -17.71 1.30 19.40
C LYS C 973 -17.50 -0.21 19.33
N CYS C 974 -18.41 -0.97 19.95
CA CYS C 974 -18.54 -2.41 19.83
C CYS C 974 -18.29 -2.91 18.41
N GLU C 975 -19.08 -2.41 17.47
CA GLU C 975 -18.97 -2.75 16.06
C GLU C 975 -18.29 -1.67 15.24
N ALA C 976 -18.23 -0.43 15.75
CA ALA C 976 -17.64 0.65 15.01
C ALA C 976 -16.13 0.59 14.99
N GLU C 977 -15.50 -0.12 15.94
CA GLU C 977 -14.04 -0.17 15.95
C GLU C 977 -13.50 -0.81 14.68
N VAL C 978 -14.13 -1.90 14.22
CA VAL C 978 -13.61 -2.58 13.02
C VAL C 978 -13.79 -1.68 11.79
N GLN C 979 -14.94 -1.03 11.65
CA GLN C 979 -15.17 -0.16 10.51
C GLN C 979 -14.19 1.00 10.52
N ILE C 980 -13.99 1.62 11.68
CA ILE C 980 -13.08 2.76 11.77
C ILE C 980 -11.66 2.31 11.52
N ASP C 981 -11.30 1.08 11.93
CA ASP C 981 -9.96 0.59 11.65
C ASP C 981 -9.75 0.39 10.15
N ARG C 982 -10.77 -0.13 9.45
CA ARG C 982 -10.66 -0.25 8.00
C ARG C 982 -10.47 1.11 7.36
N LEU C 983 -11.25 2.10 7.80
CA LEU C 983 -11.10 3.45 7.28
C LEU C 983 -9.70 4.00 7.57
N ILE C 984 -9.20 3.77 8.78
CA ILE C 984 -7.89 4.27 9.17
C ILE C 984 -6.81 3.67 8.27
N THR C 985 -6.88 2.35 8.06
CA THR C 985 -5.90 1.69 7.21
C THR C 985 -5.95 2.23 5.79
N GLY C 986 -7.15 2.41 5.25
CA GLY C 986 -7.26 2.91 3.89
C GLY C 986 -6.71 4.31 3.74
N ARG C 987 -7.07 5.20 4.66
CA ARG C 987 -6.62 6.59 4.56
C ARG C 987 -5.12 6.70 4.80
N LEU C 988 -4.59 5.88 5.71
CA LEU C 988 -3.14 5.87 5.91
C LEU C 988 -2.42 5.41 4.65
N GLN C 989 -2.97 4.40 3.96
CA GLN C 989 -2.38 3.96 2.71
C GLN C 989 -2.45 5.05 1.66
N SER C 990 -3.56 5.80 1.63
CA SER C 990 -3.66 6.94 0.71
C SER C 990 -2.57 7.96 0.99
N LEU C 991 -2.33 8.27 2.27
CA LEU C 991 -1.26 9.19 2.62
C LEU C 991 0.10 8.64 2.19
N GLN C 992 0.33 7.36 2.40
CA GLN C 992 1.58 6.75 1.99
C GLN C 992 1.78 6.88 0.48
N THR C 993 0.73 6.66 -0.29
CA THR C 993 0.81 6.82 -1.74
C THR C 993 1.19 8.24 -2.10
N TYR C 994 0.53 9.22 -1.48
CA TYR C 994 0.83 10.61 -1.78
C TYR C 994 2.27 10.96 -1.43
N VAL C 995 2.76 10.49 -0.28
CA VAL C 995 4.12 10.80 0.14
C VAL C 995 5.12 10.15 -0.80
N THR C 996 4.85 8.91 -1.24
CA THR C 996 5.77 8.25 -2.16
C THR C 996 5.86 9.00 -3.48
N GLN C 997 4.72 9.40 -4.03
CA GLN C 997 4.73 10.16 -5.28
C GLN C 997 5.45 11.48 -5.09
N GLN C 998 5.26 12.12 -3.93
CA GLN C 998 5.93 13.37 -3.66
C GLN C 998 7.44 13.16 -3.57
N LEU C 999 7.89 12.03 -3.04
CA LEU C 999 9.32 11.73 -3.01
C LEU C 999 9.87 11.54 -4.42
N ILE C 1000 9.12 10.86 -5.29
CA ILE C 1000 9.55 10.73 -6.70
C ILE C 1000 9.73 12.11 -7.32
N ARG C 1001 8.72 12.97 -7.17
CA ARG C 1001 8.79 14.29 -7.78
C ARG C 1001 9.89 15.14 -7.14
N ALA C 1002 10.13 14.95 -5.84
CA ALA C 1002 11.22 15.67 -5.19
C ALA C 1002 12.57 15.26 -5.76
N ALA C 1003 12.76 13.98 -6.03
CA ALA C 1003 14.00 13.53 -6.67
C ALA C 1003 14.14 14.15 -8.06
N GLU C 1004 13.05 14.19 -8.82
CA GLU C 1004 13.11 14.81 -10.15
C GLU C 1004 13.50 16.29 -10.04
N ILE C 1005 12.87 17.01 -9.12
CA ILE C 1005 13.15 18.43 -8.95
C ILE C 1005 14.57 18.63 -8.45
N ARG C 1006 15.07 17.72 -7.62
CA ARG C 1006 16.45 17.82 -7.16
C ARG C 1006 17.44 17.65 -8.30
N ALA C 1007 17.16 16.72 -9.21
CA ALA C 1007 18.00 16.59 -10.39
C ALA C 1007 17.98 17.88 -11.22
N SER C 1008 16.79 18.45 -11.41
CA SER C 1008 16.68 19.70 -12.16
C SER C 1008 17.44 20.82 -11.45
N ALA C 1009 17.34 20.89 -10.12
CA ALA C 1009 18.00 21.93 -9.37
C ALA C 1009 19.51 21.79 -9.42
N ASN C 1010 20.01 20.55 -9.37
CA ASN C 1010 21.44 20.33 -9.50
C ASN C 1010 21.93 20.76 -10.88
N LEU C 1011 21.14 20.47 -11.92
CA LEU C 1011 21.50 20.95 -13.26
C LEU C 1011 21.52 22.47 -13.30
N ALA C 1012 20.55 23.11 -12.66
CA ALA C 1012 20.50 24.57 -12.65
C ALA C 1012 21.69 25.16 -11.92
N ALA C 1013 22.08 24.55 -10.80
CA ALA C 1013 23.26 25.01 -10.08
C ALA C 1013 24.52 24.85 -10.92
N THR C 1014 24.66 23.72 -11.61
CA THR C 1014 25.81 23.52 -12.48
C THR C 1014 25.83 24.55 -13.60
N LYS C 1015 24.67 24.85 -14.18
CA LYS C 1015 24.60 25.86 -15.23
C LYS C 1015 25.00 27.23 -14.72
N MET C 1016 24.49 27.60 -13.54
CA MET C 1016 24.83 28.89 -12.98
C MET C 1016 26.34 28.98 -12.71
N SER C 1017 26.91 27.90 -12.19
CA SER C 1017 28.34 27.93 -11.88
C SER C 1017 29.20 27.97 -13.14
N GLU C 1018 28.78 27.26 -14.19
CA GLU C 1018 29.61 27.04 -15.36
C GLU C 1018 29.29 27.95 -16.55
N CYS C 1019 28.18 28.68 -16.51
CA CYS C 1019 27.79 29.55 -17.61
C CYS C 1019 27.57 31.00 -17.18
N VAL C 1020 26.97 31.23 -16.01
CA VAL C 1020 26.87 32.59 -15.49
C VAL C 1020 28.19 33.04 -14.89
N LEU C 1021 28.78 32.17 -14.07
CA LEU C 1021 30.06 32.47 -13.42
C LEU C 1021 31.26 32.20 -14.31
N GLY C 1022 31.06 31.72 -15.53
CA GLY C 1022 32.18 31.40 -16.39
C GLY C 1022 31.73 31.28 -17.83
N GLN C 1023 32.66 30.83 -18.68
CA GLN C 1023 32.40 30.60 -20.09
C GLN C 1023 32.57 29.12 -20.35
N SER C 1024 31.49 28.48 -20.79
CA SER C 1024 31.46 27.03 -20.92
C SER C 1024 31.90 26.62 -22.33
N LYS C 1025 32.88 25.72 -22.39
CA LYS C 1025 33.30 25.11 -23.64
C LYS C 1025 32.46 23.90 -24.03
N ARG C 1026 31.60 23.42 -23.14
CA ARG C 1026 30.76 22.28 -23.45
C ARG C 1026 29.75 22.66 -24.51
N VAL C 1027 29.68 21.84 -25.57
CA VAL C 1027 28.86 22.17 -26.73
C VAL C 1027 27.40 21.93 -26.40
N ASP C 1028 26.57 22.94 -26.61
CA ASP C 1028 25.12 22.92 -26.39
C ASP C 1028 24.75 22.78 -24.92
N PHE C 1029 25.73 22.86 -24.01
CA PHE C 1029 25.39 22.86 -22.59
C PHE C 1029 24.58 24.12 -22.25
N CYS C 1030 24.96 25.25 -22.84
CA CYS C 1030 24.30 26.53 -22.59
C CYS C 1030 23.99 27.17 -23.94
N GLY C 1031 22.86 26.79 -24.53
CA GLY C 1031 22.39 27.39 -25.76
C GLY C 1031 23.13 26.93 -27.00
N LYS C 1032 22.48 27.04 -28.15
CA LYS C 1032 23.13 26.73 -29.42
C LYS C 1032 24.14 27.81 -29.79
N GLY C 1033 25.20 27.39 -30.47
CA GLY C 1033 26.29 28.29 -30.80
C GLY C 1033 27.33 28.29 -29.71
N TYR C 1034 28.35 29.12 -29.90
CA TYR C 1034 29.45 29.21 -28.95
C TYR C 1034 29.04 30.13 -27.81
N HIS C 1035 29.01 29.60 -26.60
CA HIS C 1035 28.54 30.37 -25.45
C HIS C 1035 29.45 31.56 -25.17
N LEU C 1036 28.85 32.71 -24.86
CA LEU C 1036 29.58 33.91 -24.46
C LEU C 1036 29.28 34.29 -23.02
N MET C 1037 28.01 34.48 -22.67
CA MET C 1037 27.62 34.84 -21.30
C MET C 1037 26.29 34.17 -21.00
N SER C 1038 25.83 34.33 -19.76
CA SER C 1038 24.50 33.91 -19.37
C SER C 1038 24.01 34.82 -18.26
N PHE C 1039 22.71 35.09 -18.27
CA PHE C 1039 22.10 36.04 -17.34
C PHE C 1039 20.97 35.34 -16.59
N PRO C 1040 21.07 35.13 -15.28
CA PRO C 1040 19.97 34.49 -14.57
C PRO C 1040 18.81 35.45 -14.33
N GLN C 1041 17.61 34.87 -14.34
CA GLN C 1041 16.40 35.61 -13.99
C GLN C 1041 15.53 34.70 -13.15
N SER C 1042 15.09 35.19 -12.01
CA SER C 1042 14.26 34.38 -11.14
C SER C 1042 12.91 34.13 -11.78
N ALA C 1043 12.27 33.03 -11.40
CA ALA C 1043 10.93 32.71 -11.87
C ALA C 1043 10.24 31.93 -10.76
N PRO C 1044 8.90 31.91 -10.76
CA PRO C 1044 8.20 31.18 -9.68
C PRO C 1044 8.61 29.73 -9.59
N HIS C 1045 9.27 29.38 -8.48
CA HIS C 1045 9.75 28.02 -8.24
C HIS C 1045 10.69 27.57 -9.36
N GLY C 1046 11.51 28.49 -9.86
CA GLY C 1046 12.41 28.11 -10.92
C GLY C 1046 13.33 29.25 -11.31
N VAL C 1047 14.19 28.95 -12.29
CA VAL C 1047 15.17 29.91 -12.78
C VAL C 1047 15.14 29.89 -14.29
N VAL C 1048 15.58 31.01 -14.88
CA VAL C 1048 15.59 31.21 -16.32
C VAL C 1048 16.99 31.70 -16.69
N PHE C 1049 17.55 31.14 -17.75
CA PHE C 1049 18.87 31.53 -18.23
C PHE C 1049 18.74 32.09 -19.63
N LEU C 1050 19.39 33.24 -19.84
CA LEU C 1050 19.46 33.92 -21.14
C LEU C 1050 20.86 33.65 -21.68
N HIS C 1051 21.02 32.53 -22.36
CA HIS C 1051 22.31 32.16 -22.93
C HIS C 1051 22.55 33.00 -24.17
N VAL C 1052 23.53 33.91 -24.12
CA VAL C 1052 23.94 34.67 -25.30
C VAL C 1052 25.07 33.90 -25.98
N THR C 1053 24.95 33.72 -27.29
CA THR C 1053 25.81 32.83 -28.04
C THR C 1053 26.22 33.46 -29.36
N TYR C 1054 27.40 33.08 -29.82
CA TYR C 1054 27.94 33.48 -31.11
C TYR C 1054 27.59 32.41 -32.13
N VAL C 1055 26.96 32.80 -33.22
CA VAL C 1055 26.52 31.88 -34.27
C VAL C 1055 27.04 32.39 -35.62
N PRO C 1056 28.05 31.78 -36.24
CA PRO C 1056 28.46 32.25 -37.56
C PRO C 1056 27.34 32.12 -38.57
N ALA C 1057 27.16 33.16 -39.39
CA ALA C 1057 25.95 33.32 -40.19
C ALA C 1057 26.20 33.23 -41.68
N GLN C 1058 27.07 34.06 -42.24
CA GLN C 1058 27.25 34.16 -43.68
C GLN C 1058 28.52 33.41 -44.06
N GLU C 1059 28.35 32.24 -44.64
CA GLU C 1059 29.46 31.37 -45.00
C GLU C 1059 29.81 31.57 -46.47
N LYS C 1060 31.05 31.19 -46.82
CA LYS C 1060 31.51 31.27 -48.19
C LYS C 1060 32.42 30.08 -48.49
N ASN C 1061 32.25 29.54 -49.69
CA ASN C 1061 33.12 28.48 -50.18
C ASN C 1061 34.54 28.98 -50.35
N PHE C 1062 35.49 28.07 -50.20
CA PHE C 1062 36.91 28.37 -50.40
C PHE C 1062 37.61 27.07 -50.73
N THR C 1063 38.75 27.20 -51.38
CA THR C 1063 39.63 26.07 -51.68
C THR C 1063 40.80 26.11 -50.70
N THR C 1064 40.99 25.00 -49.99
CA THR C 1064 41.92 24.89 -48.88
C THR C 1064 43.07 23.96 -49.24
N ALA C 1065 43.97 23.78 -48.29
CA ALA C 1065 45.11 22.89 -48.45
C ALA C 1065 45.76 22.68 -47.09
N PRO C 1066 46.11 21.45 -46.70
CA PRO C 1066 46.68 21.26 -45.36
C PRO C 1066 48.00 21.98 -45.15
N ALA C 1067 48.78 22.18 -46.21
CA ALA C 1067 50.14 22.69 -46.05
C ALA C 1067 50.58 23.35 -47.35
N ILE C 1068 51.70 24.07 -47.25
CA ILE C 1068 52.28 24.81 -48.37
C ILE C 1068 53.74 24.42 -48.47
N CYS C 1069 54.15 23.90 -49.63
CA CYS C 1069 55.55 23.58 -49.87
C CYS C 1069 56.24 24.82 -50.42
N HIS C 1070 57.10 25.43 -49.61
CA HIS C 1070 57.75 26.68 -50.03
C HIS C 1070 58.95 26.39 -50.93
N ASP C 1071 59.98 25.74 -50.38
CA ASP C 1071 61.17 25.37 -51.14
C ASP C 1071 61.64 23.98 -50.72
N GLY C 1072 60.69 23.07 -50.53
CA GLY C 1072 60.97 21.71 -50.10
C GLY C 1072 60.39 21.43 -48.73
N LYS C 1073 60.46 22.42 -47.84
CA LYS C 1073 59.87 22.30 -46.51
C LYS C 1073 58.37 22.58 -46.58
N ALA C 1074 57.63 21.95 -45.67
CA ALA C 1074 56.18 22.05 -45.62
C ALA C 1074 55.77 23.00 -44.52
N HIS C 1075 54.94 23.99 -44.86
CA HIS C 1075 54.47 24.98 -43.93
C HIS C 1075 53.07 24.60 -43.45
N PHE C 1076 52.88 24.53 -42.13
CA PHE C 1076 51.60 24.29 -41.51
C PHE C 1076 51.19 25.52 -40.70
N PRO C 1077 49.92 25.93 -40.72
CA PRO C 1077 49.55 27.15 -39.98
C PRO C 1077 49.61 26.93 -38.48
N ARG C 1078 49.88 28.02 -37.76
CA ARG C 1078 49.87 27.95 -36.30
C ARG C 1078 48.44 27.84 -35.79
N GLU C 1079 47.63 28.86 -36.07
CA GLU C 1079 46.19 28.80 -35.86
C GLU C 1079 45.51 29.26 -37.14
N GLY C 1080 44.46 28.57 -37.53
CA GLY C 1080 43.74 28.87 -38.75
C GLY C 1080 44.05 27.87 -39.84
N VAL C 1081 43.57 28.20 -41.04
CA VAL C 1081 43.67 27.34 -42.20
C VAL C 1081 44.16 28.15 -43.40
N PHE C 1082 44.74 27.43 -44.37
CA PHE C 1082 45.13 28.03 -45.63
C PHE C 1082 43.93 28.08 -46.57
N VAL C 1083 43.68 29.25 -47.14
CA VAL C 1083 42.50 29.51 -47.96
C VAL C 1083 42.91 30.28 -49.19
N SER C 1084 42.35 29.90 -50.34
CA SER C 1084 42.60 30.57 -51.61
C SER C 1084 41.29 31.11 -52.16
N ASN C 1085 41.32 32.37 -52.62
CA ASN C 1085 40.20 32.96 -53.32
C ASN C 1085 40.26 32.69 -54.82
N GLY C 1086 41.21 31.88 -55.28
CA GLY C 1086 41.35 31.54 -56.69
C GLY C 1086 42.74 31.84 -57.23
N THR C 1087 43.38 32.88 -56.71
CA THR C 1087 44.68 33.34 -57.19
C THR C 1087 45.77 33.18 -56.13
N HIS C 1088 45.58 33.77 -54.95
CA HIS C 1088 46.56 33.79 -53.89
C HIS C 1088 46.12 32.87 -52.76
N TRP C 1089 46.93 32.84 -51.70
CA TRP C 1089 46.63 32.07 -50.49
C TRP C 1089 46.85 32.94 -49.27
N PHE C 1090 46.04 32.70 -48.25
CA PHE C 1090 46.11 33.43 -46.99
C PHE C 1090 45.88 32.46 -45.85
N VAL C 1091 46.35 32.85 -44.67
CA VAL C 1091 45.98 32.17 -43.43
C VAL C 1091 44.78 32.89 -42.87
N THR C 1092 43.75 32.14 -42.47
CA THR C 1092 42.53 32.71 -41.95
C THR C 1092 42.16 31.98 -40.67
N GLN C 1093 41.71 32.74 -39.69
CA GLN C 1093 41.23 32.12 -38.46
C GLN C 1093 39.96 31.33 -38.75
N ARG C 1094 39.71 30.35 -37.90
CA ARG C 1094 38.86 29.22 -38.27
C ARG C 1094 37.39 29.61 -38.30
N ASN C 1095 36.95 30.45 -37.37
CA ASN C 1095 35.54 30.82 -37.23
C ASN C 1095 35.22 32.20 -37.80
N PHE C 1096 36.13 32.81 -38.53
CA PHE C 1096 35.88 34.12 -39.10
C PHE C 1096 36.84 34.34 -40.26
N TYR C 1097 36.37 35.09 -41.27
CA TYR C 1097 37.16 35.33 -42.47
C TYR C 1097 37.92 36.63 -42.30
N GLU C 1098 39.16 36.51 -41.80
CA GLU C 1098 40.09 37.64 -41.68
C GLU C 1098 41.42 37.19 -42.27
N PRO C 1099 41.50 37.05 -43.59
CA PRO C 1099 42.74 36.54 -44.19
C PRO C 1099 43.90 37.51 -44.04
N GLN C 1100 45.09 36.95 -43.91
CA GLN C 1100 46.33 37.72 -43.93
C GLN C 1100 47.36 36.94 -44.74
N ILE C 1101 48.32 37.66 -45.29
CA ILE C 1101 49.25 37.06 -46.25
C ILE C 1101 50.12 36.04 -45.53
N ILE C 1102 50.52 35.00 -46.25
CA ILE C 1102 51.31 33.93 -45.66
C ILE C 1102 52.63 34.50 -45.17
N THR C 1103 53.05 34.08 -43.99
CA THR C 1103 54.28 34.58 -43.39
C THR C 1103 54.88 33.49 -42.52
N THR C 1104 56.19 33.59 -42.32
CA THR C 1104 56.92 32.56 -41.58
C THR C 1104 56.53 32.52 -40.10
N ASP C 1105 55.99 33.61 -39.55
CA ASP C 1105 55.52 33.59 -38.18
C ASP C 1105 54.11 33.05 -38.07
N ASN C 1106 53.28 33.25 -39.10
CA ASN C 1106 51.96 32.63 -39.10
C ASN C 1106 52.04 31.12 -39.18
N THR C 1107 53.06 30.58 -39.83
CA THR C 1107 53.22 29.16 -40.07
C THR C 1107 54.44 28.62 -39.34
N PHE C 1108 54.58 27.30 -39.35
CA PHE C 1108 55.76 26.63 -38.85
C PHE C 1108 56.10 25.48 -39.80
N VAL C 1109 57.39 25.19 -39.90
CA VAL C 1109 57.91 24.20 -40.85
C VAL C 1109 58.10 22.88 -40.12
N SER C 1110 57.94 21.79 -40.87
CA SER C 1110 58.15 20.45 -40.32
C SER C 1110 58.53 19.51 -41.47
N GLY C 1111 59.84 19.27 -41.62
CA GLY C 1111 60.31 18.27 -42.57
C GLY C 1111 60.10 18.67 -44.01
N ASN C 1112 60.45 17.75 -44.90
CA ASN C 1112 60.27 17.96 -46.33
C ASN C 1112 58.78 17.87 -46.68
N CYS C 1113 58.46 18.28 -47.92
CA CYS C 1113 57.09 18.49 -48.35
C CYS C 1113 56.60 17.38 -49.29
N ASP C 1114 57.10 16.16 -49.12
CA ASP C 1114 56.72 15.03 -49.95
C ASP C 1114 55.73 14.09 -49.29
N VAL C 1115 55.76 13.96 -47.96
CA VAL C 1115 54.89 13.00 -47.29
C VAL C 1115 53.46 13.51 -47.17
N VAL C 1116 53.25 14.83 -47.13
CA VAL C 1116 51.93 15.37 -46.90
C VAL C 1116 51.06 15.16 -48.13
N ILE C 1117 49.78 14.84 -47.89
CA ILE C 1117 48.80 14.62 -48.95
C ILE C 1117 47.96 15.88 -49.07
N GLY C 1118 47.82 16.39 -50.29
CA GLY C 1118 47.08 17.61 -50.54
C GLY C 1118 47.91 18.87 -50.50
N ILE C 1119 49.21 18.77 -50.25
CA ILE C 1119 50.06 19.96 -50.21
C ILE C 1119 50.13 20.61 -51.58
N VAL C 1120 50.27 21.94 -51.59
CA VAL C 1120 50.26 22.72 -52.83
C VAL C 1120 51.39 23.74 -52.77
N ASN C 1121 51.83 24.16 -53.96
CA ASN C 1121 52.96 25.07 -54.07
C ASN C 1121 52.53 26.51 -53.88
N ASN C 1122 53.33 27.24 -53.09
CA ASN C 1122 53.23 28.70 -53.02
C ASN C 1122 54.44 29.20 -52.23
N THR C 1123 54.67 30.51 -52.31
CA THR C 1123 55.78 31.16 -51.63
C THR C 1123 55.30 31.77 -50.33
N VAL C 1124 56.13 31.67 -49.30
CA VAL C 1124 55.88 32.30 -48.00
C VAL C 1124 56.72 33.55 -47.90
N TYR C 1125 56.09 34.66 -47.52
CA TYR C 1125 56.80 35.93 -47.37
C TYR C 1125 57.56 35.95 -46.06
N ASP C 1126 58.78 36.49 -46.09
CA ASP C 1126 59.65 36.56 -44.93
C ASP C 1126 60.04 38.01 -44.70
N PRO C 1127 59.67 38.65 -43.57
CA PRO C 1127 60.17 40.01 -43.36
C PRO C 1127 61.69 40.07 -43.22
C1 NAG D . -6.27 -42.98 17.59
C2 NAG D . -6.56 -41.98 18.68
C3 NAG D . -5.37 -41.70 19.52
C4 NAG D . -4.70 -42.92 20.06
C5 NAG D . -4.48 -43.99 18.99
C6 NAG D . -4.07 -45.31 19.62
C7 NAG D . -8.28 -40.06 18.40
C8 NAG D . -8.69 -38.75 17.72
N2 NAG D . -7.01 -40.69 18.03
O3 NAG D . -5.80 -40.89 20.64
O4 NAG D . -3.43 -42.50 20.57
O5 NAG D . -5.69 -44.24 18.20
O6 NAG D . -5.09 -45.77 20.46
O7 NAG D . -8.99 -40.53 19.20
H2 NAG D . -7.36 -42.38 19.31
H3 NAG D . -4.66 -41.13 18.93
H4 NAG D . -5.31 -43.33 20.86
H5 NAG D . -3.69 -43.65 18.32
H61 NAG D . -3.15 -45.18 20.17
H62 NAG D . -3.91 -46.04 18.83
H81 NAG D . -9.68 -38.47 18.06
H82 NAG D . -8.70 -38.89 16.64
H83 NAG D . -7.98 -37.97 17.98
HN2 NAG D . -6.42 -40.26 17.34
HO3 NAG D . -5.04 -40.57 21.10
HO6 NAG D . -5.92 -45.38 20.21
C1 NAG D . -3.20 -43.01 21.89
C2 NAG D . -1.80 -42.64 22.32
C3 NAG D . -1.49 -43.25 23.64
C4 NAG D . -2.47 -42.79 24.68
C5 NAG D . -3.92 -43.03 24.25
C6 NAG D . -4.85 -42.35 25.24
C7 NAG D . -0.21 -42.21 20.31
C8 NAG D . 0.79 -42.73 19.30
N2 NAG D . -0.80 -43.14 21.29
O3 NAG D . -0.16 -42.86 24.03
O4 NAG D . -2.23 -43.51 25.89
O5 NAG D . -4.20 -42.51 22.91
O6 NAG D . -6.17 -42.55 24.82
O7 NAG D . -0.50 -41.07 20.32
H2 NAG D . -1.73 -41.57 22.41
H3 NAG D . -1.54 -44.32 23.57
H4 NAG D . -2.33 -41.73 24.86
H5 NAG D . -4.11 -44.10 24.26
H61 NAG D . -4.63 -41.29 25.27
H62 NAG D . -4.71 -42.79 26.22
H81 NAG D . 1.15 -41.91 18.69
H82 NAG D . 0.30 -43.47 18.66
H83 NAG D . 1.62 -43.20 19.81
HN2 NAG D . -0.55 -44.12 21.28
HO3 NAG D . -0.02 -43.05 24.95
HO4 NAG D . -2.38 -42.93 26.65
HO6 NAG D . -6.19 -43.15 24.08
C1 NAG E . 53.72 2.91 -34.09
C2 NAG E . 54.89 2.44 -34.91
C3 NAG E . 54.47 1.86 -36.20
C4 NAG E . 53.42 0.80 -36.04
C5 NAG E . 52.26 1.28 -35.17
C6 NAG E . 51.29 0.14 -34.93
C7 NAG E . 56.87 3.96 -34.23
C8 NAG E . 57.78 5.15 -34.50
N2 NAG E . 55.79 3.62 -35.18
O3 NAG E . 55.62 1.29 -36.85
O4 NAG E . 52.90 0.46 -37.32
O5 NAG E . 52.72 1.79 -33.89
O6 NAG E . 51.16 -0.08 -33.54
O7 NAG E . 57.04 3.31 -33.26
H2 NAG E . 55.44 1.69 -34.35
H3 NAG E . 54.07 2.65 -36.83
H4 NAG E . 53.87 -0.08 -35.58
H5 NAG E . 51.73 2.07 -35.69
H61 NAG E . 51.66 -0.78 -35.39
H62 NAG E . 50.32 0.39 -35.34
H81 NAG E . 58.51 5.23 -33.72
H82 NAG E . 57.19 6.05 -34.54
H83 NAG E . 58.29 5.01 -35.45
HN2 NAG E . 55.67 4.18 -36.01
HO3 NAG E . 55.77 0.41 -36.52
HO6 NAG E . 51.83 0.42 -33.08
C1 NAG E . 53.43 -0.80 -37.72
C2 NAG E . 52.71 -1.25 -38.97
C3 NAG E . 53.25 -2.54 -39.48
C4 NAG E . 54.74 -2.51 -39.67
C5 NAG E . 55.48 -2.01 -38.43
C6 NAG E . 56.94 -1.79 -38.78
C7 NAG E . 50.23 -0.63 -39.38
C8 NAG E . 48.76 -0.80 -39.03
N2 NAG E . 51.25 -1.40 -38.64
O3 NAG E . 52.62 -2.83 -40.74
O4 NAG E . 55.19 -3.83 -39.99
O5 NAG E . 54.94 -0.75 -37.92
O6 NAG E . 57.18 -0.41 -38.88
O7 NAG E . 50.53 0.12 -40.24
H2 NAG E . 52.86 -0.49 -39.74
H3 NAG E . 53.01 -3.33 -38.76
H4 NAG E . 54.96 -1.84 -40.50
H5 NAG E . 55.41 -2.76 -37.65
H61 NAG E . 57.17 -2.28 -39.72
H62 NAG E . 57.56 -2.20 -37.99
H81 NAG E . 48.16 -0.16 -39.67
H82 NAG E . 48.60 -0.52 -37.98
H83 NAG E . 48.47 -1.83 -39.17
HN2 NAG E . 50.97 -2.03 -37.91
HO3 NAG E . 52.83 -3.73 -41.00
HO4 NAG E . 55.80 -3.78 -40.72
HO6 NAG E . 56.35 0.05 -38.93
C1 NAG F . 35.95 -0.82 -45.65
C2 NAG F . 36.35 -0.94 -47.11
C3 NAG F . 35.67 -2.08 -47.77
C4 NAG F . 35.99 -3.36 -47.04
C5 NAG F . 35.45 -3.29 -45.62
C6 NAG F . 35.83 -4.54 -44.86
C7 NAG F . 36.79 0.79 -48.98
C8 NAG F . 36.42 2.08 -49.69
N2 NAG F . 35.99 0.34 -47.82
O3 NAG F . 36.11 -2.17 -49.14
O4 NAG F . 35.54 -4.52 -47.76
O5 NAG F . 36.03 -2.14 -44.90
O6 NAG F . 37.22 -4.56 -44.69
O7 NAG F . 37.70 0.15 -49.34
H2 NAG F . 37.42 -1.09 -47.17
H3 NAG F . 34.60 -1.89 -47.75
H4 NAG F . 37.08 -3.42 -46.98
H5 NAG F . 34.38 -3.17 -45.62
H61 NAG F . 35.52 -5.42 -45.42
H62 NAG F . 35.35 -4.53 -43.89
H81 NAG F . 37.12 2.25 -50.49
H82 NAG F . 36.46 2.91 -48.98
H83 NAG F . 35.42 1.99 -50.09
HN2 NAG F . 35.19 0.89 -47.51
HO3 NAG F . 36.49 -3.02 -49.30
HO6 NAG F . 37.53 -5.46 -44.68
C1 NAG F . 34.11 -4.58 -47.92
C2 NAG F . 33.80 -5.16 -49.28
C3 NAG F . 32.33 -5.24 -49.51
C4 NAG F . 31.62 -5.98 -48.40
C5 NAG F . 31.97 -5.44 -47.03
C6 NAG F . 31.38 -6.33 -45.96
C7 NAG F . 34.93 -4.88 -51.59
C8 NAG F . 35.55 -3.98 -52.65
N2 NAG F . 34.41 -4.29 -50.34
O3 NAG F . 32.08 -5.93 -50.76
O4 NAG F . 30.22 -5.86 -48.60
O5 NAG F . 33.43 -5.37 -46.83
O6 NAG F . 30.54 -5.58 -45.12
O7 NAG F . 34.86 -6.04 -51.77
H2 NAG F . 34.21 -6.16 -49.34
H3 NAG F . 31.92 -4.24 -49.57
H4 NAG F . 31.90 -7.04 -48.47
H5 NAG F . 31.57 -4.44 -46.93
H61 NAG F . 32.18 -6.77 -45.36
H62 NAG F . 30.81 -7.13 -46.42
H81 NAG F . 35.88 -4.59 -53.49
H82 NAG F . 36.41 -3.46 -52.23
H83 NAG F . 34.82 -3.26 -52.99
HN2 NAG F . 34.47 -3.29 -50.20
HO3 NAG F . 31.17 -5.89 -50.97
HO4 NAG F . 29.78 -6.67 -48.33
HO6 NAG F . 30.22 -6.12 -44.41
C1 NAG G . 75.99 27.76 -15.42
C2 NAG G . 77.12 27.12 -14.63
C3 NAG G . 77.46 27.89 -13.40
C4 NAG G . 77.76 29.33 -13.72
C5 NAG G . 76.62 29.98 -14.49
C6 NAG G . 76.97 31.39 -14.89
C7 NAG G . 77.61 24.56 -14.48
C8 NAG G . 77.17 23.17 -14.03
N2 NAG G . 76.73 25.72 -14.20
O3 NAG G . 78.61 27.29 -12.79
O4 NAG G . 77.95 30.05 -12.50
O5 NAG G . 76.27 29.23 -15.69
O6 NAG G . 76.24 31.75 -16.03
O7 NAG G . 78.63 24.70 -15.05
H2 NAG G . 78.00 27.08 -15.28
H3 NAG G . 76.62 27.85 -12.72
H4 NAG G . 78.67 29.38 -14.32
H5 NAG G . 75.74 30.01 -13.84
H61 NAG G . 78.04 31.46 -15.12
H62 NAG G . 76.74 32.07 -14.07
H81 NAG G . 77.93 22.45 -14.31
H82 NAG G . 76.23 22.92 -14.49
H83 NAG G . 77.07 23.17 -12.95
HN2 NAG G . 75.86 25.58 -13.71
HO3 NAG G . 78.42 27.09 -11.88
HO6 NAG G . 76.31 31.06 -16.68
C1 NAG G . 79.36 30.15 -12.22
C2 NAG G . 79.67 31.57 -11.82
C3 NAG G . 81.08 31.74 -11.38
C4 NAG G . 81.47 30.75 -10.32
C5 NAG G . 81.18 29.31 -10.78
C6 NAG G . 81.49 28.36 -9.64
C7 NAG G . 78.69 33.75 -12.85
C8 NAG G . 78.45 34.64 -14.05
N2 NAG G . 79.42 32.47 -13.01
O3 NAG G . 81.24 33.07 -10.84
O4 NAG G . 82.86 30.88 -10.05
O5 NAG G . 79.78 29.14 -11.17
O6 NAG G . 81.08 27.07 -9.98
O7 NAG G . 78.29 34.08 -11.79
H2 NAG G . 79.01 31.85 -11.00
H3 NAG G . 81.73 31.62 -12.23
H4 NAG G . 80.90 30.94 -9.42
H5 NAG G . 81.82 29.08 -11.62
H61 NAG G . 80.97 28.68 -8.74
H62 NAG G . 82.57 28.36 -9.45
H81 NAG G . 77.91 35.53 -13.74
H82 NAG G . 77.85 34.10 -14.78
H83 NAG G . 79.39 34.92 -14.49
HN2 NAG G . 79.75 32.20 -13.92
HO3 NAG G . 82.16 33.30 -10.84
HO4 NAG G . 83.05 30.56 -9.17
HO6 NAG G . 80.35 27.12 -10.60
C1 NAG H . -25.12 7.79 38.79
C2 NAG H . -26.06 7.74 37.62
C3 NAG H . -26.33 9.08 37.04
C4 NAG H . -26.76 10.10 38.06
C5 NAG H . -25.86 10.10 39.29
C6 NAG H . -26.48 10.92 40.41
C7 NAG H . -26.17 5.72 35.97
C8 NAG H . -25.50 4.88 34.91
N2 NAG H . -25.44 6.87 36.55
O3 NAG H . -27.38 8.94 36.06
O4 NAG H . -26.66 11.37 37.42
O5 NAG H . -25.64 8.75 39.83
O6 NAG H . -27.72 10.38 40.78
O7 NAG H . -27.26 5.45 36.33
H2 NAG H . -27.00 7.31 37.96
H3 NAG H . -25.42 9.43 36.55
H4 NAG H . -27.78 9.89 38.35
H5 NAG H . -24.91 10.53 39.03
H61 NAG H . -26.61 11.94 40.09
H62 NAG H . -25.82 10.91 41.27
H81 NAG H . -26.14 4.06 34.64
H82 NAG H . -24.56 4.51 35.28
H83 NAG H . -25.32 5.49 34.03
HN2 NAG H . -24.51 7.07 36.23
HO3 NAG H . -27.46 9.75 35.58
HO6 NAG H . -27.74 9.45 40.54
C1 NAG H . -27.86 12.15 37.62
C2 NAG H . -27.66 13.52 37.04
C3 NAG H . -28.83 14.37 37.33
C4 NAG H . -30.10 13.78 36.79
C5 NAG H . -30.29 12.32 37.23
C6 NAG H . -31.44 11.73 36.46
C7 NAG H . -25.16 14.21 36.86
C8 NAG H . -23.93 14.85 37.49
N2 NAG H . -26.41 14.14 37.64
O3 NAG H . -28.62 15.68 36.73
O4 NAG H . -31.21 14.54 37.24
O5 NAG H . -29.09 11.50 37.01
O6 NAG H . -31.65 10.41 36.91
O7 NAG H . -25.11 13.78 35.76
H2 NAG H . -27.55 13.44 35.96
H3 NAG H . -28.93 14.50 38.40
H4 NAG H . -30.06 13.81 35.69
H5 NAG H . -30.53 12.31 38.28
H61 NAG H . -31.21 11.71 35.40
H62 NAG H . -32.34 12.30 36.63
H81 NAG H . -23.12 14.83 36.76
H82 NAG H . -23.64 14.28 38.36
H83 NAG H . -24.15 15.86 37.77
HN2 NAG H . -26.45 14.52 38.57
HO3 NAG H . -29.43 16.16 36.74
HO4 NAG H . -31.87 14.59 36.55
HO6 NAG H . -31.03 10.20 37.59
C1 NAG I . 51.94 36.83 -1.17
C2 NAG I . 53.05 37.72 -0.66
C3 NAG I . 53.99 36.97 0.23
C4 NAG I . 53.27 36.24 1.32
C5 NAG I . 52.12 35.38 0.79
C6 NAG I . 51.36 34.76 1.94
C7 NAG I . 53.43 39.51 -2.49
C8 NAG I . 54.21 40.05 -3.67
N2 NAG I . 53.84 38.25 -1.84
O3 NAG I . 54.91 37.90 0.82
O4 NAG I . 54.19 35.36 1.96
O5 NAG I . 51.20 36.17 -0.03
O6 NAG I . 50.01 35.17 1.87
O7 NAG I . 52.49 40.10 -2.08
H2 NAG I . 52.63 38.55 -0.11
H3 NAG I . 54.53 36.25 -0.37
H4 NAG I . 52.88 36.96 2.04
H5 NAG I . 52.53 34.59 0.17
H61 NAG I . 51.78 35.09 2.89
H62 NAG I . 51.41 33.69 1.87
H81 NAG I . 53.77 40.97 -4.00
H82 NAG I . 54.18 39.32 -4.48
H83 NAG I . 55.24 40.21 -3.38
HN2 NAG I . 54.64 37.74 -2.18
HO3 NAG I . 54.55 38.27 1.60
HO6 NAG I . 49.88 35.72 1.10
C1 NAG I . 54.56 35.93 3.24
C2 NAG I . 55.35 34.91 4.00
C3 NAG I . 55.81 35.43 5.31
C4 NAG I . 56.57 36.72 5.16
C5 NAG I . 55.80 37.76 4.35
C6 NAG I . 56.71 38.94 4.06
C7 NAG I . 54.87 32.37 3.68
C8 NAG I . 53.97 31.16 3.91
N2 NAG I . 54.48 33.69 4.22
O3 NAG I . 56.66 34.46 5.94
O4 NAG I . 56.83 37.26 6.47
O5 NAG I . 55.33 37.23 3.07
O6 NAG I . 57.10 38.89 2.72
O7 NAG I . 55.87 32.24 3.06
H2 NAG I . 56.24 34.65 3.42
H3 NAG I . 54.94 35.61 5.94
H4 NAG I . 57.52 36.51 4.68
H5 NAG I . 54.95 38.11 4.93
H61 NAG I . 57.59 38.89 4.70
H62 NAG I . 56.17 39.87 4.25
H81 NAG I . 54.42 30.29 3.44
H82 NAG I . 52.99 31.35 3.47
H83 NAG I . 53.87 30.99 4.98
HN2 NAG I . 53.62 33.78 4.75
HO3 NAG I . 56.87 34.74 6.82
HO4 NAG I . 57.73 37.54 6.53
HO6 NAG I . 56.93 38.02 2.36
C1 NAG J . 55.17 17.04 6.67
C2 NAG J . 56.63 16.91 7.05
C3 NAG J . 56.80 16.24 8.36
C4 NAG J . 56.07 17.01 9.43
C5 NAG J . 54.57 17.00 9.12
C6 NAG J . 53.83 17.83 10.15
C7 NAG J . 58.76 16.37 5.71
C8 NAG J . 59.48 15.56 4.63
N2 NAG J . 57.34 16.11 5.99
O3 NAG J . 58.21 16.18 8.68
O4 NAG J . 56.36 16.52 10.75
O5 NAG J . 54.31 17.59 7.80
O6 NAG J . 54.20 19.17 9.99
O7 NAG J . 59.35 17.19 6.32
H2 NAG J . 57.06 17.91 7.12
H3 NAG J . 56.40 15.23 8.28
H4 NAG J . 56.41 18.04 9.38
H5 NAG J . 54.17 15.99 9.11
H61 NAG J . 54.08 17.49 11.14
H62 NAG J . 52.76 17.73 9.99
H81 NAG J . 60.51 15.91 4.56
H82 NAG J . 58.97 15.71 3.68
H83 NAG J . 59.46 14.52 4.89
HN2 NAG J . 56.84 15.41 5.47
HO3 NAG J . 58.37 16.63 9.49
HO6 NAG J . 54.16 19.61 10.85
C1 NAG J . 55.96 15.17 10.98
C2 NAG J . 56.99 14.49 11.86
C3 NAG J . 56.63 13.07 12.15
C4 NAG J . 55.25 12.95 12.72
C5 NAG J . 54.20 13.67 11.86
C6 NAG J . 52.86 13.66 12.57
C7 NAG J . 59.58 14.68 11.93
C8 NAG J . 60.91 14.72 11.21
N2 NAG J . 58.33 14.53 11.15
O3 NAG J . 57.57 12.54 13.09
O4 NAG J . 54.90 11.57 12.78
O5 NAG J . 54.58 15.06 11.60
O6 NAG J . 51.90 13.05 11.75
O7 NAG J . 59.54 14.75 13.11
H2 NAG J . 57.06 15.03 12.81
H3 NAG J . 56.68 12.51 11.22
H4 NAG J . 55.24 13.37 13.72
H5 NAG J . 54.10 13.15 10.92
H61 NAG J . 52.56 14.68 12.79
H62 NAG J . 52.94 13.10 13.50
H81 NAG J . 61.71 14.82 11.93
H82 NAG J . 60.93 15.55 10.52
H83 NAG J . 61.05 13.79 10.66
HN2 NAG J . 58.37 14.46 10.15
HO3 NAG J . 57.43 11.61 13.18
HO4 NAG J . 54.38 11.41 13.56
HO6 NAG J . 51.04 13.13 12.16
C1 NAG K . 47.24 59.68 -31.47
C2 NAG K . 46.86 61.09 -31.12
C3 NAG K . 46.00 61.70 -32.16
C4 NAG K . 46.62 61.63 -33.53
C5 NAG K . 46.98 60.20 -33.89
C6 NAG K . 47.72 60.14 -35.21
C7 NAG K . 46.53 62.00 -28.70
C8 NAG K . 45.74 62.00 -27.40
N2 NAG K . 46.09 61.13 -29.81
O3 NAG K . 45.77 63.10 -31.82
O4 NAG K . 45.69 62.11 -34.50
O5 NAG K . 47.84 59.59 -32.86
O6 NAG K . 48.53 58.99 -35.24
O7 NAG K . 47.48 62.68 -28.80
H2 NAG K . 47.78 61.69 -31.04
H3 NAG K . 45.05 61.19 -32.18
H4 NAG K . 47.52 62.25 -33.55
H5 NAG K . 46.07 59.61 -33.96
H61 NAG K . 48.33 61.03 -35.32
H62 NAG K . 46.99 60.10 -36.01
H81 NAG K . 46.21 62.68 -26.70
H82 NAG K . 45.71 61.00 -26.98
H83 NAG K . 44.72 62.32 -27.59
HN2 NAG K . 45.27 60.56 -29.71
HO3 NAG K . 44.84 63.26 -31.79
HO6 NAG K . 49.02 58.94 -34.43
C1 NAG K . 45.98 63.49 -34.80
C2 NAG K . 45.96 63.67 -36.30
C3 NAG K . 46.13 65.09 -36.71
C4 NAG K . 45.15 66.00 -35.99
C5 NAG K . 45.22 65.82 -34.47
C6 NAG K . 44.15 66.67 -33.82
C7 NAG K . 46.86 62.03 -38.10
C8 NAG K . 48.00 61.22 -38.69
N2 NAG K . 47.09 62.86 -36.90
O3 NAG K . 45.90 65.20 -38.12
O4 NAG K . 45.45 67.36 -36.31
O5 NAG K . 45.03 64.42 -34.08
O6 NAG K . 44.11 66.38 -32.44
O7 NAG K . 45.80 61.98 -38.61
H2 NAG K . 45.00 63.32 -36.67
H3 NAG K . 47.13 65.41 -36.47
H4 NAG K . 44.14 65.77 -36.32
H5 NAG K . 46.20 66.14 -34.13
H61 NAG K . 43.19 66.44 -34.28
H62 NAG K . 44.39 67.72 -33.97
H81 NAG K . 47.65 60.70 -39.56
H82 NAG K . 48.36 60.51 -37.95
H83 NAG K . 48.80 61.89 -38.97
HN2 NAG K . 48.01 62.89 -36.48
HO3 NAG K . 46.28 66.01 -38.44
HO4 NAG K . 44.67 67.89 -36.20
HO6 NAG K . 44.40 65.49 -32.30
C1 NAG L . -43.69 -10.73 -13.15
C2 NAG L . -43.00 -12.01 -12.76
C3 NAG L . -42.37 -12.69 -13.91
C4 NAG L . -43.30 -12.89 -15.08
C5 NAG L . -44.08 -11.63 -15.42
C6 NAG L . -45.21 -11.94 -16.40
C7 NAG L . -41.85 -12.34 -10.44
C8 NAG L . -40.75 -11.96 -9.47
N2 NAG L . -41.92 -11.67 -11.76
O3 NAG L . -41.91 -13.99 -13.48
O4 NAG L . -42.49 -13.24 -16.20
O5 NAG L . -44.70 -10.99 -14.25
O6 NAG L . -46.11 -12.85 -15.81
O7 NAG L . -42.65 -13.14 -10.14
H2 NAG L . -43.73 -12.68 -12.31
H3 NAG L . -41.52 -12.11 -14.24
H4 NAG L . -43.99 -13.70 -14.85
H5 NAG L . -43.42 -10.92 -15.89
H61 NAG L . -44.80 -12.35 -17.32
H62 NAG L . -45.74 -11.02 -16.63
H81 NAG L . -40.88 -12.51 -8.56
H82 NAG L . -40.80 -10.89 -9.27
H83 NAG L . -39.79 -12.20 -9.91
HN2 NAG L . -41.23 -10.98 -11.99
HO3 NAG L . -41.36 -14.36 -14.14
HO6 NAG L . -46.06 -12.78 -14.87
C1 NAG L . -43.00 -14.41 -16.87
C2 NAG L . -42.17 -14.66 -18.11
C3 NAG L . -42.74 -15.79 -18.89
C4 NAG L . -42.79 -17.04 -18.07
C5 NAG L . -43.52 -16.82 -16.73
C6 NAG L . -43.33 -18.04 -15.87
C7 NAG L . -40.96 -12.54 -19.02
C8 NAG L . -40.96 -11.30 -19.88
N2 NAG L . -42.15 -13.42 -18.98
O3 NAG L . -41.91 -16.02 -20.05
O4 NAG L . -43.48 -18.05 -18.80
O5 NAG L . -43.00 -15.66 -16.00
O6 NAG L . -43.95 -17.83 -14.63
O7 NAG L . -40.00 -12.81 -18.39
H2 NAG L . -41.16 -14.93 -17.81
H3 NAG L . -43.74 -15.53 -19.21
H4 NAG L . -41.78 -17.38 -17.86
H5 NAG L . -44.57 -16.67 -16.93
H61 NAG L . -42.28 -18.23 -15.71
H62 NAG L . -43.78 -18.91 -16.35
H81 NAG L . -40.00 -10.82 -19.82
H82 NAG L . -41.74 -10.63 -19.54
H83 NAG L . -41.16 -11.59 -20.92
HN2 NAG L . -42.96 -13.18 -19.52
HO3 NAG L . -42.15 -16.84 -20.45
HO4 NAG L . -43.11 -18.90 -18.58
HO6 NAG L . -44.45 -17.02 -14.65
C1 NAG M . 26.53 41.04 -40.86
C2 NAG M . 26.63 42.09 -41.94
C3 NAG M . 26.07 43.39 -41.49
C4 NAG M . 24.68 43.25 -40.93
C5 NAG M . 24.59 42.16 -39.88
C6 NAG M . 23.14 41.97 -39.46
C7 NAG M . 28.70 41.48 -43.36
C8 NAG M . 30.16 41.69 -43.71
N2 NAG M . 28.08 42.29 -42.29
O3 NAG M . 26.04 44.30 -42.61
O4 NAG M . 24.31 44.49 -40.31
O5 NAG M . 25.10 40.89 -40.39
O6 NAG M . 22.72 40.68 -39.79
O7 NAG M . 28.07 40.68 -43.93
H2 NAG M . 26.08 41.76 -42.82
H3 NAG M . 26.71 43.81 -40.72
H4 NAG M . 23.98 43.04 -41.74
H5 NAG M . 25.18 42.45 -39.02
H61 NAG M . 22.51 42.70 -39.97
H62 NAG M . 23.06 42.11 -38.38
H81 NAG M . 30.44 41.02 -44.51
H82 NAG M . 30.78 41.48 -42.84
H83 NAG M . 30.33 42.71 -44.02
HN2 NAG M . 28.63 42.98 -41.80
HO3 NAG M . 25.24 44.17 -43.10
HO6 NAG M . 23.47 40.15 -40.05
C1 NAG M . 23.39 45.17 -41.17
C2 NAG M . 22.83 46.35 -40.41
C3 NAG M . 21.89 47.15 -41.24
C4 NAG M . 22.52 47.57 -42.55
C5 NAG M . 23.13 46.40 -43.31
C6 NAG M . 23.92 46.92 -44.49
C7 NAG M . 22.52 46.22 -37.82
C8 NAG M . 21.76 45.68 -36.63
N2 NAG M . 22.10 45.83 -39.19
O3 NAG M . 21.50 48.33 -40.51
O4 NAG M . 21.51 48.18 -43.36
O5 NAG M . 24.03 45.61 -42.47
O6 NAG M . 25.29 46.81 -44.20
O7 NAG M . 23.43 46.95 -37.66
H2 NAG M . 23.65 47.00 -40.12
H3 NAG M . 21.01 46.56 -41.46
H4 NAG M . 23.30 48.30 -42.34
H5 NAG M . 22.33 45.76 -43.67
H61 NAG M . 23.67 47.96 -44.66
H62 NAG M . 23.68 46.34 -45.37
H81 NAG M . 22.21 46.07 -35.72
H82 NAG M . 21.81 44.59 -36.62
H83 NAG M . 20.74 45.99 -36.67
HN2 NAG M . 21.31 45.21 -39.31
HO3 NAG M . 20.80 48.77 -40.98
HO4 NAG M . 21.86 48.99 -43.74
HO6 NAG M . 25.42 46.76 -43.26
C1 NAG N . 17.52 50.17 -23.55
C2 NAG N . 17.71 51.67 -23.66
C3 NAG N . 16.47 52.40 -23.30
C4 NAG N . 15.35 51.97 -24.19
C5 NAG N . 15.06 50.48 -23.97
C6 NAG N . 13.98 50.02 -24.92
C7 NAG N . 19.67 53.25 -23.07
C8 NAG N . 20.79 53.67 -22.15
N2 NAG N . 18.83 52.09 -22.74
O3 NAG N . 16.70 53.82 -23.46
O4 NAG N . 14.18 52.79 -24.04
O5 NAG N . 16.26 49.68 -24.24
O6 NAG N . 14.46 50.08 -26.23
O7 NAG N . 19.47 53.85 -24.07
H2 NAG N . 17.98 51.91 -24.69
H3 NAG N . 16.24 52.19 -22.27
H4 NAG N . 15.69 52.08 -25.22
H5 NAG N . 14.77 50.29 -22.95
H61 NAG N . 13.10 50.66 -24.83
H62 NAG N . 13.70 48.99 -24.68
H81 NAG N . 21.30 54.52 -22.57
H82 NAG N . 21.49 52.84 -22.03
H83 NAG N . 20.38 53.92 -21.18
HN2 NAG N . 19.00 51.57 -21.89
HO3 NAG N . 16.08 54.17 -24.07
HO6 NAG N . 13.74 50.28 -26.83
C1 NAG N . 13.60 52.74 -22.72
C2 NAG N . 13.09 54.11 -22.35
C3 NAG N . 12.48 54.12 -20.99
C4 NAG N . 11.42 53.07 -20.84
C5 NAG N . 11.90 51.69 -21.28
C6 NAG N . 10.73 50.72 -21.27
C7 NAG N . 14.03 56.49 -22.80
C8 NAG N . 15.20 57.45 -22.83
N2 NAG N . 14.24 55.09 -22.39
O3 NAG N . 11.90 55.42 -20.74
O4 NAG N . 11.01 53.02 -19.48
O5 NAG N . 12.50 51.71 -22.62
O6 NAG N . 11.02 49.64 -20.41
O7 NAG N . 12.95 56.85 -23.11
H2 NAG N . 12.33 54.42 -23.07
H3 NAG N . 13.26 53.94 -20.26
H4 NAG N . 10.56 53.36 -21.46
H5 NAG N . 12.65 51.34 -20.57
H61 NAG N . 10.58 50.33 -22.28
H62 NAG N . 9.83 51.22 -20.94
H81 NAG N . 14.85 58.42 -23.17
H82 NAG N . 15.96 57.08 -23.52
H83 NAG N . 15.62 57.54 -21.85
HN2 NAG N . 15.17 54.78 -22.13
HO3 NAG N . 11.58 55.46 -19.86
HO4 NAG N . 10.07 52.83 -19.43
HO6 NAG N . 10.34 48.98 -20.49
C1 NAG O . 55.96 22.09 -56.25
C2 NAG O . 55.73 21.62 -57.67
C3 NAG O . 56.44 20.35 -57.96
C4 NAG O . 57.91 20.45 -57.65
C5 NAG O . 58.13 20.90 -56.21
C6 NAG O . 59.62 21.11 -55.95
C7 NAG O . 53.55 21.98 -59.06
C8 NAG O . 52.06 21.72 -59.26
N2 NAG O . 54.25 21.37 -57.91
O3 NAG O . 56.27 20.04 -59.36
O4 NAG O . 58.52 19.17 -57.83
O5 NAG O . 57.43 22.15 -55.92
O6 NAG O . 59.77 22.03 -54.90
O7 NAG O . 54.12 22.67 -59.82
H2 NAG O . 56.08 22.39 -58.34
H3 NAG O . 56.01 19.56 -57.37
H4 NAG O . 58.36 21.17 -58.33
H5 NAG O . 57.76 20.13 -55.54
H61 NAG O . 60.10 21.50 -56.85
H62 NAG O . 60.06 20.17 -55.67
H81 NAG O . 51.73 22.24 -60.14
H82 NAG O . 51.51 22.06 -58.40
H83 NAG O . 51.91 20.65 -59.39
HN2 NAG O . 53.74 20.79 -57.27
HO3 NAG O . 55.93 19.17 -59.44
HO6 NAG O . 59.22 22.79 -55.06
C1 NAG O . 59.12 19.11 -59.14
C2 NAG O . 60.51 18.53 -59.00
C3 NAG O . 61.17 18.30 -60.32
C4 NAG O . 60.29 17.51 -61.26
C5 NAG O . 58.90 18.15 -61.40
C6 NAG O . 58.04 17.26 -62.26
C7 NAG O . 62.24 19.00 -57.11
C8 NAG O . 63.08 19.98 -56.31
N2 NAG O . 61.36 19.49 -58.19
O3 NAG O . 62.39 17.57 -60.10
O4 NAG O . 60.92 17.45 -62.54
O5 NAG O . 58.26 18.33 -60.10
O6 NAG O . 56.72 17.74 -62.26
O7 NAG O . 62.28 17.84 -56.86
H2 NAG O . 60.44 17.58 -58.48
H3 NAG O . 61.38 19.26 -60.77
H4 NAG O . 60.18 16.50 -60.86
H5 NAG O . 59.01 19.11 -61.88
H61 NAG O . 58.05 16.23 -61.86
H62 NAG O . 58.42 17.25 -63.28
H81 NAG O . 63.66 19.44 -55.58
H82 NAG O . 62.42 20.69 -55.80
H83 NAG O . 63.74 20.50 -56.98
HN2 NAG O . 61.32 20.47 -58.40
HO3 NAG O . 62.94 17.66 -60.87
HO4 NAG O . 60.61 16.69 -63.00
HO6 NAG O . 56.49 18.04 -61.39
C1 NAG P . 19.11 -41.80 6.55
C2 NAG P . 20.21 -42.77 6.95
C3 NAG P . 21.51 -42.09 7.09
C4 NAG P . 21.89 -41.31 5.85
C5 NAG P . 20.77 -40.36 5.43
C6 NAG P . 21.14 -39.73 4.10
C7 NAG P . 19.14 -44.72 8.29
C8 NAG P . 18.78 -45.36 9.62
N2 NAG P . 19.84 -43.41 8.26
O3 NAG P . 22.53 -43.08 7.36
O4 NAG P . 23.06 -40.55 6.14
O5 NAG P . 19.48 -41.04 5.29
O6 NAG P . 20.15 -38.81 3.73
O7 NAG P . 18.85 -45.25 7.27
H2 NAG P . 20.30 -43.52 6.17
H3 NAG P . 21.46 -41.41 7.93
H4 NAG P . 22.09 -42.02 5.05
H5 NAG P . 20.68 -39.58 6.18
H61 NAG P . 21.21 -40.51 3.34
H62 NAG P . 22.10 -39.23 4.19
H81 NAG P . 18.31 -46.31 9.44
H82 NAG P . 18.10 -44.71 10.15
H83 NAG P . 19.68 -45.49 10.19
HN2 NAG P . 20.09 -42.96 9.12
HO3 NAG P . 23.31 -42.66 7.69
HO4 NAG P . 23.57 -40.47 5.33
HO6 NAG P . 20.37 -38.45 2.87
C1 NAG Q . -13.87 -63.35 -3.74
C2 NAG Q . -14.90 -62.25 -3.52
C3 NAG Q . -16.27 -62.72 -3.87
C4 NAG Q . -16.36 -63.47 -5.18
C5 NAG Q . -15.25 -64.49 -5.37
C6 NAG Q . -15.32 -65.07 -6.77
C7 NAG Q . -15.72 -60.83 -1.50
C8 NAG Q . -15.62 -60.48 -0.03
N2 NAG Q . -14.83 -61.87 -2.07
O3 NAG Q . -17.15 -61.57 -3.96
O4 NAG Q . -17.62 -64.15 -5.20
O5 NAG Q . -13.92 -63.88 -5.17
O6 NAG Q . -16.54 -65.74 -6.91
O7 NAG Q . -16.49 -60.28 -2.19
H2 NAG Q . -14.64 -61.40 -4.15
H3 NAG Q . -16.62 -63.36 -3.07
H4 NAG Q . -16.33 -62.75 -5.99
H5 NAG Q . -15.37 -65.30 -4.64
H61 NAG Q . -14.50 -65.76 -6.92
H62 NAG Q . -15.27 -64.26 -7.49
H81 NAG Q . -16.35 -59.71 0.20
H82 NAG Q . -14.62 -60.11 0.19
H83 NAG Q . -15.82 -61.35 0.57
HN2 NAG Q . -14.17 -62.33 -1.46
HO3 NAG Q . -16.83 -61.00 -4.64
HO4 NAG Q . -17.90 -64.25 -6.11
HO6 NAG Q . -16.64 -66.03 -7.81
C1 NAG R . 4.60 -27.88 41.69
C2 NAG R . 5.96 -28.20 41.12
C3 NAG R . 7.06 -27.80 42.04
C4 NAG R . 6.97 -26.34 42.36
C5 NAG R . 5.59 -25.96 42.90
C6 NAG R . 5.49 -24.47 43.09
C7 NAG R . 5.80 -30.71 41.85
C8 NAG R . 5.91 -32.18 41.50
N2 NAG R . 6.06 -29.70 40.82
O3 NAG R . 8.32 -28.07 41.41
O4 NAG R . 7.95 -26.00 43.33
O5 NAG R . 4.52 -26.39 41.99
O6 NAG R . 4.30 -24.00 42.52
O7 NAG R . 5.49 -30.40 42.95
H2 NAG R . 6.08 -27.66 40.18
H3 NAG R . 6.97 -28.36 42.96
H4 NAG R . 7.16 -25.77 41.44
H5 NAG R . 5.45 -26.46 43.84
H61 NAG R . 6.34 -23.97 42.64
H62 NAG R . 5.48 -24.25 44.16
H81 NAG R . 5.68 -32.78 42.37
H82 NAG R . 6.92 -32.39 41.17
H83 NAG R . 5.22 -32.42 40.70
HN2 NAG R . 6.32 -29.99 39.89
HO3 NAG R . 9.02 -27.87 42.00
HO4 NAG R . 8.15 -25.07 43.28
HO6 NAG R . 3.84 -24.73 42.12
C1 NAG S . 33.98 -15.55 17.85
C2 NAG S . 35.08 -15.79 18.86
C3 NAG S . 35.47 -14.53 19.55
C4 NAG S . 35.87 -13.46 18.58
C5 NAG S . 34.84 -13.26 17.47
C6 NAG S . 35.41 -12.35 16.41
C7 NAG S . 35.07 -18.20 19.84
C8 NAG S . 34.59 -19.18 20.89
N2 NAG S . 34.63 -16.79 19.91
O3 NAG S . 36.58 -14.81 20.43
O4 NAG S . 36.03 -12.23 19.29
O5 NAG S . 34.44 -14.52 16.84
O6 NAG S . 35.76 -13.11 15.29
O7 NAG S . 35.77 -18.56 18.97
H2 NAG S . 35.96 -16.17 18.34
H3 NAG S . 34.62 -14.17 20.14
H4 NAG S . 36.83 -13.73 18.13
H5 NAG S . 33.96 -12.79 17.91
H61 NAG S . 36.31 -11.84 16.80
H62 NAG S . 34.67 -11.60 16.14
H81 NAG S . 35.04 -20.15 20.70
H82 NAG S . 33.52 -19.27 20.86
H83 NAG S . 34.90 -18.83 21.87
HN2 NAG S . 34.03 -16.49 20.66
HO3 NAG S . 36.77 -14.04 20.95
HO4 NAG S . 36.80 -11.77 18.96
HO6 NAG S . 35.11 -13.77 15.14
C1 NAG T . 48.26 -19.87 2.70
C2 NAG T . 48.40 -21.36 2.80
C3 NAG T . 48.45 -21.82 4.21
C4 NAG T . 49.52 -21.10 5.00
C5 NAG T . 49.36 -19.58 4.88
C6 NAG T . 50.49 -18.88 5.60
C7 NAG T . 47.35 -23.33 1.47
C8 NAG T . 46.16 -23.97 0.79
N2 NAG T . 47.21 -22.01 2.12
O3 NAG T . 48.74 -23.24 4.23
O4 NAG T . 49.42 -21.48 6.36
O5 NAG T . 49.35 -19.15 3.48
O6 NAG T . 50.96 -17.82 4.82
O7 NAG T . 48.39 -23.89 1.48
H2 NAG T . 49.32 -21.67 2.30
H3 NAG T . 47.49 -21.65 4.68
H4 NAG T . 50.48 -21.39 4.60
H5 NAG T . 48.42 -19.30 5.34
H61 NAG T . 51.31 -19.58 5.79
H62 NAG T . 50.13 -18.49 6.54
H81 NAG T . 46.45 -24.91 0.36
H82 NAG T . 45.80 -23.31 0.00
H83 NAG T . 45.37 -24.13 1.51
HN2 NAG T . 46.32 -21.54 2.10
HO3 NAG T . 48.67 -23.55 5.12
HO4 NAG T . 50.26 -21.31 6.80
HO6 NAG T . 50.59 -17.89 3.93
C1 NAG U . 67.24 15.15 -7.25
C2 NAG U . 68.10 16.27 -6.72
C3 NAG U . 69.51 15.80 -6.50
C4 NAG U . 69.55 14.59 -5.60
C5 NAG U . 68.66 13.47 -6.12
C6 NAG U . 68.63 12.33 -5.15
C7 NAG U . 67.14 18.49 -7.62
C8 NAG U . 67.17 19.61 -8.64
N2 NAG U . 68.13 17.39 -7.73
O3 NAG U . 70.26 16.87 -5.88
O4 NAG U . 70.89 14.12 -5.54
O5 NAG U . 67.28 13.94 -6.34
O6 NAG U . 67.32 11.81 -5.08
O7 NAG U . 66.34 18.49 -6.76
H2 NAG U . 67.70 16.62 -5.78
H3 NAG U . 69.95 15.56 -7.44
H4 NAG U . 69.22 14.89 -4.61
H5 NAG U . 69.05 13.13 -7.07
H61 NAG U . 68.93 12.66 -4.15
H62 NAG U . 69.31 11.54 -5.47
H81 NAG U . 66.40 20.33 -8.41
H82 NAG U . 66.99 19.21 -9.64
H83 NAG U . 68.14 20.09 -8.63
HN2 NAG U . 68.81 17.40 -8.47
HO3 NAG U . 71.16 16.63 -5.81
HO4 NAG U . 71.00 13.57 -4.76
HO6 NAG U . 66.73 12.36 -5.58
C1 NAG V . 62.45 4.19 -17.57
C2 NAG V . 62.02 2.84 -18.07
C3 NAG V . 61.52 1.96 -16.98
C4 NAG V . 62.51 1.83 -15.86
C5 NAG V . 62.95 3.19 -15.33
C6 NAG V . 64.09 3.02 -14.34
C7 NAG V . 60.77 2.10 -20.21
C8 NAG V . 59.66 2.30 -21.22
N2 NAG V . 60.92 3.04 -19.09
O3 NAG V . 61.26 0.65 -17.52
O4 NAG V . 61.92 1.09 -14.80
O5 NAG V . 63.42 4.08 -16.40
O6 NAG V . 65.30 2.92 -15.04
O7 NAG V . 61.50 1.19 -20.31
H2 NAG V . 62.87 2.36 -18.54
H3 NAG V . 60.60 2.38 -16.58
H4 NAG V . 63.39 1.30 -16.22
H5 NAG V . 62.12 3.66 -14.83
H61 NAG V . 63.94 2.11 -13.76
H62 NAG V . 64.13 3.88 -13.68
H81 NAG V . 59.74 1.54 -22.00
H82 NAG V . 59.76 3.29 -21.67
H83 NAG V . 58.71 2.22 -20.74
HN2 NAG V . 60.29 3.82 -18.99
HO3 NAG V . 60.90 0.10 -16.85
HO4 NAG V . 62.55 0.49 -14.43
HO6 NAG V . 65.28 3.50 -15.80
C1 NAG W . 71.59 13.00 -29.16
C2 NAG W . 72.53 11.94 -29.68
C3 NAG W . 73.57 12.47 -30.59
C4 NAG W . 72.97 13.29 -31.71
C5 NAG W . 72.07 14.38 -31.16
C6 NAG W . 71.41 15.11 -32.31
C7 NAG W . 72.58 10.14 -27.80
C8 NAG W . 73.29 9.48 -26.64
N2 NAG W . 73.22 11.27 -28.52
O3 NAG W . 74.30 11.37 -31.16
O4 NAG W . 74.03 13.88 -32.46
O5 NAG W . 71.03 13.85 -30.28
O6 NAG W . 70.56 14.23 -33.00
O7 NAG W . 71.52 9.77 -28.14
H2 NAG W . 71.94 11.19 -30.22
H3 NAG W . 74.24 13.10 -30.02
H4 NAG W . 72.39 12.63 -32.35
H5 NAG W . 72.68 15.09 -30.60
H61 NAG W . 72.16 15.49 -33.00
H62 NAG W . 70.82 15.94 -31.92
H81 NAG W . 72.67 8.68 -26.25
H82 NAG W . 73.48 10.22 -25.85
H83 NAG W . 74.24 9.07 -26.98
HN2 NAG W . 74.13 11.59 -28.22
HO3 NAG W . 75.10 11.69 -31.54
HO4 NAG W . 73.75 13.98 -33.37
HO6 NAG W . 70.15 14.69 -33.73
C1 NAG X . -21.57 -53.81 17.65
C2 NAG X . -23.03 -53.46 17.74
C3 NAG X . -23.66 -54.01 18.97
C4 NAG X . -23.44 -55.50 19.07
C5 NAG X . -21.97 -55.88 18.95
C6 NAG X . -21.84 -57.38 18.91
C7 NAG X . -23.50 -51.25 16.47
C8 NAG X . -23.65 -49.75 16.46
N2 NAG X . -23.18 -51.96 17.72
O3 NAG X . -25.07 -53.75 18.93
O4 NAG X . -23.92 -55.95 20.34
O5 NAG X . -21.36 -55.31 17.73
O6 NAG X . -22.98 -57.97 19.49
O7 NAG X . -23.64 -51.86 15.46
H2 NAG X . -23.56 -53.89 16.89
H3 NAG X . -23.22 -53.53 19.84
H4 NAG X . -24.00 -55.99 18.28
H5 NAG X . -21.43 -55.50 19.82
H61 NAG X . -20.96 -57.69 19.47
H62 NAG X . -21.75 -57.72 17.88
H81 NAG X . -23.86 -49.40 15.47
H82 NAG X . -22.73 -49.29 16.82
H83 NAG X . -24.46 -49.47 17.12
HN2 NAG X . -23.07 -51.44 18.58
HO3 NAG X . -25.48 -54.10 19.70
HO4 NAG X . -24.20 -56.86 20.27
HO6 NAG X . -23.11 -58.84 19.13
C1 NAG Y . 1.20 -33.96 -25.52
C2 NAG Y . 2.60 -34.44 -25.80
C3 NAG Y . 2.83 -34.67 -27.24
C4 NAG Y . 1.80 -35.57 -27.87
C5 NAG Y . 0.38 -35.09 -27.56
C6 NAG Y . -0.61 -36.14 -28.03
C7 NAG Y . 4.94 -33.79 -24.94
C8 NAG Y . 5.92 -32.74 -24.42
N2 NAG Y . 3.57 -33.41 -25.28
O3 NAG Y . 4.13 -35.28 -27.41
O4 NAG Y . 2.00 -35.58 -29.28
O5 NAG Y . 0.16 -34.87 -26.14
O6 NAG Y . -0.81 -37.07 -26.99
O7 NAG Y . 5.29 -34.91 -25.07
H2 NAG Y . 2.75 -35.38 -25.26
H3 NAG Y . 2.83 -33.72 -27.76
H4 NAG Y . 1.92 -36.57 -27.48
H5 NAG Y . 0.19 -34.17 -28.11
H61 NAG Y . -0.22 -36.66 -28.90
H62 NAG Y . -1.55 -35.67 -28.28
H81 NAG Y . 6.88 -33.20 -24.22
H82 NAG Y . 5.53 -32.31 -23.50
H83 NAG Y . 6.05 -31.97 -25.17
HN2 NAG Y . 3.27 -32.45 -25.17
HO3 NAG Y . 4.22 -36.01 -26.81
HO4 NAG Y . 1.89 -36.46 -29.61
HO6 NAG Y . -0.65 -36.65 -26.15
C1 NAG Z . -25.54 -31.70 39.70
C2 NAG Z . -24.51 -32.79 39.82
C3 NAG Z . -24.95 -34.09 39.25
C4 NAG Z . -26.31 -34.51 39.74
C5 NAG Z . -27.35 -33.41 39.53
C6 NAG Z . -28.65 -33.83 40.18
C7 NAG Z . -22.26 -31.53 39.74
C8 NAG Z . -21.00 -31.10 38.99
N2 NAG Z . -23.27 -32.36 39.08
O3 NAG Z . -24.00 -35.11 39.62
O4 NAG Z . -26.72 -35.68 39.03
O5 NAG Z . -26.93 -32.14 40.13
O6 NAG Z . -28.49 -33.87 41.57
O7 NAG Z . -22.43 -31.18 40.86
H2 NAG Z . -24.27 -32.94 40.87
H3 NAG Z . -24.98 -34.02 38.17
H4 NAG Z . -26.25 -34.75 40.80
H5 NAG Z . -27.50 -33.27 38.47
H61 NAG Z . -28.94 -34.82 39.81
H62 NAG Z . -29.42 -33.12 39.92
H81 NAG Z . -20.40 -30.47 39.63
H82 NAG Z . -21.29 -30.55 38.10
H83 NAG Z . -20.45 -31.98 38.71
HN2 NAG Z . -23.12 -32.67 38.12
HO3 NAG Z . -24.17 -35.89 39.14
HO4 NAG Z . -27.23 -36.24 39.60
HO6 NAG Z . -27.96 -33.13 41.85
C1 NAG AA . -0.44 -68.27 16.25
C2 NAG AA . -0.08 -67.30 17.35
C3 NAG AA . -0.85 -67.53 18.59
C4 NAG AA . -2.24 -68.03 18.29
C5 NAG AA . -2.21 -69.39 17.61
C6 NAG AA . -3.43 -69.58 16.73
C7 NAG AA . 2.25 -66.23 17.80
C8 NAG AA . 3.74 -66.40 18.10
N2 NAG AA . 1.40 -67.43 17.64
O3 NAG AA . -0.96 -66.28 19.31
O4 NAG AA . -2.96 -68.14 19.52
O5 NAG AA . -1.01 -69.57 16.79
O6 NAG AA . -3.26 -70.72 15.93
O7 NAG AA . 1.80 -65.16 17.72
H2 NAG AA . -0.28 -66.30 16.98
H3 NAG AA . -0.34 -68.26 19.20
H4 NAG AA . -2.74 -67.30 17.66
H5 NAG AA . -2.21 -70.16 18.38
H61 NAG AA . -3.60 -68.71 16.09
H62 NAG AA . -4.31 -69.73 17.36
H81 NAG AA . 4.20 -65.43 18.19
H82 NAG AA . 4.20 -66.96 17.29
H83 NAG AA . 3.86 -66.94 19.03
HN2 NAG AA . 1.81 -68.35 17.72
HO3 NAG AA . -1.67 -66.33 19.93
HO4 NAG AA . -3.89 -68.10 19.35
HO6 NAG AA . -2.49 -70.60 15.38
CHA BLA BA . -5.75 -52.30 -13.38
NA BLA BA . -6.27 -51.44 -10.98
C1A BLA BA . -6.32 -51.32 -12.33
C2A BLA BA . -6.98 -50.14 -12.60
C3A BLA BA . -7.33 -49.57 -11.42
C4A BLA BA . -6.88 -50.39 -10.40
CMA BLA BA . -8.08 -48.26 -11.22
CAA BLA BA . -7.29 -49.58 -13.98
CBA BLA BA . -8.60 -50.18 -14.48
CGA BLA BA . -8.87 -49.67 -15.91
O1A BLA BA . -9.93 -49.99 -16.50
O2A BLA BA . -8.03 -48.94 -16.48
CHB BLA BA . -7.02 -50.17 -8.90
NB BLA BA . -7.13 -52.69 -8.50
C1B BLA BA . -7.00 -51.22 -8.09
C2B BLA BA . -6.81 -51.23 -6.62
C3B BLA BA . -6.83 -52.55 -6.11
C4B BLA BA . -7.02 -53.53 -7.21
CMB BLA BA . -6.64 -49.98 -5.75
OB BLA BA . -7.08 -54.71 -7.13
CAB BLA BA . -6.68 -52.95 -4.64
CBB BLA BA . -5.91 -53.96 -4.31
NC BLA BA . -3.72 -53.45 -8.97
C1C BLA BA . -3.43 -53.08 -7.50
C2C BLA BA . -3.00 -54.34 -6.86
C3C BLA BA . -2.99 -55.41 -7.80
C4C BLA BA . -3.44 -54.95 -9.15
CMC BLA BA . -2.59 -54.41 -5.39
OC BLA BA . -3.56 -52.03 -7.01
CAC BLA BA . -2.59 -56.84 -7.47
CBC BLA BA . -1.41 -57.10 -6.94
CHD BLA BA . -3.56 -55.69 -10.24
ND BLA BA . -4.77 -53.79 -11.61
C1D BLA BA . -4.03 -55.05 -11.55
C2D BLA BA . -3.83 -55.51 -12.96
C3D BLA BA . -4.48 -54.51 -13.85
C4D BLA BA . -5.09 -53.40 -13.01
CMD BLA BA . -3.11 -56.79 -13.38
CAD BLA BA . -4.52 -54.61 -15.37
CBD BLA BA . -3.12 -54.35 -15.92
CGD BLA BA . -3.11 -54.53 -17.44
O1D BLA BA . -4.12 -55.02 -18.01
O2D BLA BA . -2.10 -54.18 -18.11
HHA BLA BA . -5.73 -52.01 -14.42
HA BLA BA . -5.86 -52.17 -10.45
HMA1 BLA BA . -8.77 -48.10 -12.04
HMA2 BLA BA . -8.61 -48.29 -10.28
HMA3 BLA BA . -7.36 -47.44 -11.20
HAA1 BLA BA . -6.49 -49.84 -14.66
HAA2 BLA BA . -7.39 -48.50 -13.92
HBA1 BLA BA . -9.42 -49.87 -13.84
HBA2 BLA BA . -8.52 -51.25 -14.49
HHB BLA BA . -6.76 -49.20 -8.48
HB BLA BA . -7.25 -53.05 -9.41
HMB1 BLA BA . -6.01 -49.28 -6.26
HMB2 BLA BA . -7.62 -49.54 -5.58
HMB3 BLA BA . -6.20 -50.25 -4.80
HAB BLA BA . -7.20 -52.39 -3.88
HBB1 BLA BA . -5.40 -54.52 -5.08
HBB2 BLA BA . -5.81 -54.24 -3.27
HC BLA BA . -4.05 -52.80 -9.65
HMC1 BLA BA . -2.73 -53.43 -4.95
HMC2 BLA BA . -1.55 -54.69 -5.31
HMC3 BLA BA . -3.21 -55.14 -4.87
HAC BLA BA . -3.28 -57.66 -7.67
HBC1 BLA BA . -0.73 -56.28 -6.73
HBC2 BLA BA . -1.13 -58.11 -6.70
HHD BLA BA . -3.45 -56.77 -10.18
HMD1 BLA BA . -3.55 -57.63 -12.85
HMD2 BLA BA . -2.07 -56.71 -13.13
HMD3 BLA BA . -3.22 -56.93 -14.45
HAD1 BLA BA . -4.84 -55.60 -15.67
HAD2 BLA BA . -5.20 -53.88 -15.76
HBD1 BLA BA . -2.83 -53.33 -15.68
HBD2 BLA BA . -2.40 -55.03 -15.47
C1 EIC CA . -37.12 -5.71 23.96
C2 EIC CA . -37.06 -4.29 23.34
C3 EIC CA . -37.30 -4.37 21.82
C4 EIC CA . -38.28 -3.25 21.43
C5 EIC CA . -38.46 -3.21 19.89
C6 EIC CA . -39.16 -1.90 19.48
C7 EIC CA . -38.62 -1.29 18.16
C8 EIC CA . -37.15 -0.83 18.32
C9 EIC CA . -36.87 0.41 17.44
C10 EIC CA . -37.45 1.60 17.63
C11 EIC CA . -36.93 2.58 16.52
C12 EIC CA . -37.27 2.03 15.11
C13 EIC CA . -38.48 2.13 14.55
C14 EIC CA . -39.70 2.81 15.25
C15 EIC CA . -40.96 2.01 14.86
C16 EIC CA . -42.20 2.58 15.57
C17 EIC CA . -43.27 1.48 15.64
C18 EIC CA . -44.62 2.09 16.05
O1 EIC CA . -36.07 -6.39 24.06
O2 EIC CA . -38.22 -6.17 24.34
H21 EIC CA . -36.09 -3.85 23.53
H22 EIC CA . -37.84 -3.68 23.78
H31 EIC CA . -37.72 -5.34 21.56
H32 EIC CA . -36.36 -4.23 21.30
H41 EIC CA . -37.86 -2.30 21.78
H42 EIC CA . -39.25 -3.41 21.90
H51 EIC CA . -39.08 -4.06 19.59
H52 EIC CA . -37.48 -3.31 19.42
H61 EIC CA . -39.06 -1.15 20.26
H62 EIC CA . -40.23 -2.11 19.35
H71 EIC CA . -39.27 -0.44 17.88
H72 EIC CA . -38.67 -2.03 17.37
H81 EIC CA . -36.49 -1.63 18.02
H82 EIC CA . -36.97 -0.57 19.36
H91 EIC CA . -36.15 0.11 16.67
H1O1 EIC CA . -38.02 2.46 17.95
H111 EIC CA . -35.84 2.64 16.63
H112 EIC CA . -37.37 3.56 16.66
H121 EIC CA . -36.48 1.54 14.55
H131 EIC CA . -38.64 1.72 13.56
H141 EIC CA . -39.62 2.80 16.33
H142 EIC CA . -39.79 3.83 14.91
H151 EIC CA . -40.83 0.96 15.14
H152 EIC CA . -41.11 2.07 13.77
H161 EIC CA . -42.58 3.43 15.00
H162 EIC CA . -41.93 2.90 16.58
H171 EIC CA . -43.37 0.98 14.68
H172 EIC CA . -42.98 0.74 16.39
H181 EIC CA . -45.39 1.31 16.06
H182 EIC CA . -44.90 2.87 15.35
H183 EIC CA . -44.54 2.51 17.06
C1 NAG DA . -5.19 27.02 37.36
C2 NAG DA . -5.30 28.33 38.12
C3 NAG DA . -4.83 29.48 37.28
C4 NAG DA . -3.45 29.26 36.76
C5 NAG DA . -3.30 27.91 36.04
C6 NAG DA . -1.85 27.69 35.70
C7 NAG DA . -7.24 28.12 39.81
C8 NAG DA . -8.70 28.36 40.19
N2 NAG DA . -6.74 28.57 38.50
O3 NAG DA . -4.85 30.67 38.09
O4 NAG DA . -3.13 30.30 35.84
O5 NAG DA . -3.77 26.79 36.86
O6 NAG DA . -1.72 26.50 34.95
O7 NAG DA . -6.51 27.59 40.57
H2 NAG DA . -4.68 28.28 39.01
H3 NAG DA . -5.51 29.60 36.44
H4 NAG DA . -2.74 29.29 37.59
H5 NAG DA . -3.89 27.95 35.13
H61 NAG DA . -1.26 27.60 36.61
H62 NAG DA . -1.48 28.52 35.11
H81 NAG DA . -8.86 28.01 41.20
H82 NAG DA . -9.34 27.83 39.50
H83 NAG DA . -8.91 29.42 40.13
HN2 NAG DA . -7.36 29.02 37.85
HO3 NAG DA . -4.77 31.43 37.53
HO4 NAG DA . -2.20 30.48 35.88
HO6 NAG DA . -0.80 26.32 34.79
C1 NAG EA . -11.66 -3.26 63.83
C2 NAG EA . -12.09 -4.31 62.83
C3 NAG EA . -12.37 -5.61 63.49
C4 NAG EA . -11.33 -6.03 64.49
C5 NAG EA . -10.87 -4.90 65.41
C6 NAG EA . -9.71 -5.38 66.26
C7 NAG EA . -14.01 -4.58 61.10
C8 NAG EA . -15.26 -4.03 60.44
N2 NAG EA . -13.33 -3.80 62.15
O3 NAG EA . -12.45 -6.65 62.49
O4 NAG EA . -11.87 -7.08 65.30
O5 NAG EA . -10.47 -3.72 64.65
O6 NAG EA . -10.15 -6.44 67.08
O7 NAG EA . -13.57 -5.63 60.77
H2 NAG EA . -11.29 -4.44 62.10
H3 NAG EA . -13.32 -5.55 64.00
H4 NAG EA . -10.46 -6.42 63.96
H5 NAG EA . -11.70 -4.63 66.07
H61 NAG EA . -9.37 -4.56 66.89
H62 NAG EA . -8.91 -5.72 65.63
H81 NAG EA . -15.63 -4.75 59.71
H82 NAG EA . -15.04 -3.09 59.95
H83 NAG EA . -16.03 -3.88 61.20
HN2 NAG EA . -13.72 -2.90 62.42
HO3 NAG EA . -11.62 -6.73 62.05
HO4 NAG EA . -11.22 -7.76 65.43
HO6 NAG EA . -9.40 -6.79 67.56
C1 NAG FA . -40.61 23.75 18.01
C2 NAG FA . -39.61 24.85 18.32
C3 NAG FA . -39.97 26.11 17.62
C4 NAG FA . -40.06 25.89 16.14
C5 NAG FA . -41.02 24.75 15.80
C6 NAG FA . -41.00 24.48 14.31
C7 NAG FA . -40.76 25.38 20.61
C8 NAG FA . -40.63 25.61 22.10
N2 NAG FA . -39.55 25.09 19.82
O3 NAG FA . -38.96 27.10 17.89
O4 NAG FA . -40.50 27.08 15.50
O5 NAG FA . -40.67 23.51 16.50
O6 NAG FA . -40.91 23.10 14.09
O7 NAG FA . -41.82 25.44 20.10
H2 NAG FA . -38.64 24.53 17.97
H3 NAG FA . -40.93 26.46 17.97
H4 NAG FA . -39.06 25.64 15.77
H5 NAG FA . -42.02 25.05 16.09
H61 NAG FA . -40.17 24.98 13.84
H62 NAG FA . -41.93 24.85 13.87
H81 NAG FA . -41.61 25.80 22.52
H82 NAG FA . -39.98 26.46 22.29
H83 NAG FA . -40.21 24.73 22.57
HN2 NAG FA . -38.66 25.05 20.28
HO3 NAG FA . -39.20 27.92 17.49
HO4 NAG FA . -40.24 27.08 14.58
HO6 NAG FA . -40.99 22.65 14.93
C1 NAG GA . -5.78 40.22 7.99
C2 NAG GA . -6.32 41.62 7.90
C3 NAG GA . -6.61 42.01 6.49
C4 NAG GA . -5.40 41.84 5.61
C5 NAG GA . -4.75 40.47 5.75
C6 NAG GA . -3.42 40.45 5.02
C7 NAG GA . -7.59 42.37 10.04
C8 NAG GA . -8.89 42.49 10.82
N2 NAG GA . -7.60 41.75 8.70
O3 NAG GA . -7.01 43.39 6.47
O4 NAG GA . -5.79 42.02 4.25
O5 NAG GA . -4.52 40.11 7.16
O6 NAG GA . -2.38 40.51 5.96
O7 NAG GA . -6.60 42.79 10.50
H2 NAG GA . -5.57 42.31 8.30
H3 NAG GA . -7.40 41.39 6.11
H4 NAG GA . -4.67 42.61 5.87
H5 NAG GA . -5.41 39.72 5.32
H61 NAG GA . -3.37 41.32 4.37
H62 NAG GA . -3.35 39.54 4.44
H81 NAG GA . -8.70 43.00 11.76
H82 NAG GA . -9.28 41.50 11.02
H83 NAG GA . -9.61 43.04 10.25
HN2 NAG GA . -8.46 41.39 8.32
HO3 NAG GA . -7.31 43.61 5.60
HO4 NAG GA . -5.14 42.53 3.79
HO6 NAG GA . -2.65 40.06 6.77
C1 NAG HA . 12.81 48.71 13.91
C2 NAG HA . 12.52 49.13 15.33
C3 NAG HA . 11.19 49.76 15.47
C4 NAG HA . 10.99 50.90 14.50
C5 NAG HA . 11.27 50.45 13.07
C6 NAG HA . 11.16 51.64 12.13
C7 NAG HA . 13.03 48.03 17.61
C8 NAG HA . 13.11 46.79 18.49
N2 NAG HA . 12.59 47.90 16.21
O3 NAG HA . 11.06 50.28 16.82
O4 NAG HA . 9.65 51.36 14.60
O5 NAG HA . 12.61 49.86 12.94
O6 NAG HA . 12.25 51.64 11.25
O7 NAG HA . 13.34 49.07 18.05
H2 NAG HA . 13.28 49.84 15.64
H3 NAG HA . 10.43 49.01 15.30
H4 NAG HA . 11.68 51.70 14.77
H5 NAG HA . 10.54 49.70 12.79
H61 NAG HA . 11.14 52.56 12.69
H62 NAG HA . 10.24 51.55 11.55
H81 NAG HA . 13.47 47.06 19.47
H82 NAG HA . 13.78 46.06 18.05
H83 NAG HA . 12.12 46.35 18.58
HN2 NAG HA . 12.34 47.00 15.84
HO3 NAG HA . 10.18 50.57 16.96
HO4 NAG HA . 9.60 52.25 14.27
HO6 NAG HA . 12.90 51.02 11.55
C1 NAG IA . 34.50 56.68 -20.02
C2 NAG IA . 34.53 57.47 -21.30
C3 NAG IA . 34.78 58.91 -21.04
C4 NAG IA . 33.79 59.48 -20.05
C5 NAG IA . 33.74 58.65 -18.77
C6 NAG IA . 32.66 59.17 -17.85
C7 NAG IA . 35.34 55.87 -23.17
C8 NAG IA . 36.47 55.34 -24.05
N2 NAG IA . 35.63 56.93 -22.18
O3 NAG IA . 34.67 59.64 -22.29
O4 NAG IA . 34.16 60.81 -19.73
O5 NAG IA . 33.49 57.24 -19.05
O6 NAG IA . 32.04 58.08 -17.20
O7 NAG IA . 34.25 55.44 -23.28
H2 NAG IA . 33.57 57.36 -21.81
H3 NAG IA . 35.78 59.03 -20.63
H4 NAG IA . 32.80 59.48 -20.52
H5 NAG IA . 34.70 58.74 -18.26
H61 NAG IA . 31.91 59.72 -18.42
H62 NAG IA . 33.09 59.82 -17.10
H81 NAG IA . 36.07 54.60 -24.73
H82 NAG IA . 37.24 54.90 -23.43
H83 NAG IA . 36.89 56.16 -24.62
HN2 NAG IA . 36.57 57.30 -22.09
HO3 NAG IA . 34.92 60.54 -22.15
HO4 NAG IA . 33.41 61.28 -19.36
HO6 NAG IA . 32.32 57.27 -17.62
C1 NAG JA . 40.38 50.47 -6.74
C2 NAG JA . 40.48 50.14 -5.27
C3 NAG JA . 39.17 50.22 -4.58
C4 NAG JA . 38.49 51.55 -4.80
C5 NAG JA . 38.37 51.89 -6.29
C6 NAG JA . 37.86 53.29 -6.45
C7 NAG JA . 41.86 48.38 -3.98
C8 NAG JA . 42.40 46.96 -3.86
N2 NAG JA . 41.03 48.73 -5.14
O3 NAG JA . 39.37 50.03 -3.16
O4 NAG JA . 37.19 51.49 -4.22
O5 NAG JA . 39.67 51.79 -6.98
O6 NAG JA . 38.93 54.19 -6.35
O7 NAG JA . 42.10 49.17 -3.15
H2 NAG JA . 41.16 50.84 -4.79
H3 NAG JA . 38.52 49.44 -4.96
H4 NAG JA . 39.08 52.32 -4.31
H5 NAG JA . 37.68 51.19 -6.74
H61 NAG JA . 37.12 53.52 -5.68
H62 NAG JA . 37.39 53.40 -7.43
H81 NAG JA . 43.02 46.89 -2.97
H82 NAG JA . 43.00 46.72 -4.73
H83 NAG JA . 41.58 46.26 -3.78
HN2 NAG JA . 40.82 48.04 -5.85
HO3 NAG JA . 38.54 50.01 -2.73
HO4 NAG JA . 37.00 52.32 -3.79
HO6 NAG JA . 39.72 53.78 -6.68
C1 NAG KA . 55.80 53.28 -13.82
C2 NAG KA . 56.47 54.14 -12.75
C3 NAG KA . 57.77 54.68 -13.19
C4 NAG KA . 58.69 53.60 -13.70
C5 NAG KA . 58.02 52.78 -14.80
C6 NAG KA . 58.93 51.64 -15.20
C7 NAG KA . 54.49 55.16 -11.43
C8 NAG KA . 53.59 56.35 -11.11
N2 NAG KA . 55.57 55.31 -12.43
O3 NAG KA . 58.41 55.32 -12.07
O4 NAG KA . 59.87 54.20 -14.23
O5 NAG KA . 56.74 52.22 -14.35
O6 NAG KA . 59.09 50.76 -14.13
O7 NAG KA . 54.32 54.13 -10.89
H2 NAG KA . 56.61 53.54 -11.86
H3 NAG KA . 57.62 55.40 -13.98
H4 NAG KA . 58.96 52.94 -12.88
H5 NAG KA . 57.84 53.42 -15.66
H61 NAG KA . 59.90 52.03 -15.50
H62 NAG KA . 58.49 51.11 -16.04
H81 NAG KA . 52.86 56.06 -10.36
H82 NAG KA . 53.07 56.67 -12.01
H83 NAG KA . 54.19 57.17 -10.73
HN2 NAG KA . 55.71 56.20 -12.88
HO3 NAG KA . 59.10 55.88 -12.37
HO4 NAG KA . 60.61 53.62 -14.10
HO6 NAG KA . 59.70 50.06 -14.37
C1 NAG LA . -32.63 -4.39 50.84
C2 NAG LA . -33.21 -5.77 50.64
C3 NAG LA . -34.65 -5.83 51.00
C4 NAG LA . -34.89 -5.34 52.40
C5 NAG LA . -34.28 -3.96 52.64
C6 NAG LA . -34.42 -3.60 54.10
C7 NAG LA . -31.90 -7.02 48.79
C8 NAG LA . -31.74 -7.42 47.33
N2 NAG LA . -33.04 -6.18 49.20
O3 NAG LA . -35.10 -7.19 50.91
O4 NAG LA . -36.30 -5.26 52.65
O5 NAG LA . -32.86 -3.92 52.27
O6 NAG LA . -35.48 -4.33 54.67
O7 NAG LA . -31.11 -7.40 49.59
H2 NAG LA . -32.70 -6.48 51.27
H3 NAG LA . -35.22 -5.21 50.32
H4 NAG LA . -34.45 -6.04 53.10
H5 NAG LA . -34.81 -3.23 52.04
H61 NAG LA . -34.63 -2.54 54.19
H62 NAG LA . -33.50 -3.84 54.62
H81 NAG LA . -30.85 -8.03 47.23
H82 NAG LA . -31.63 -6.52 46.73
H83 NAG LA . -32.60 -7.97 47.01
HN2 NAG LA . -33.69 -5.86 48.51
HO3 NAG LA . -36.02 -7.24 51.15
HO4 NAG LA . -36.47 -5.39 53.57
HO6 NAG LA . -35.32 -4.44 55.60
C1 NAG MA . 18.49 -2.12 38.24
C2 NAG MA . 19.19 -0.84 38.62
C3 NAG MA . 20.57 -1.10 39.11
C4 NAG MA . 20.61 -2.12 40.22
C5 NAG MA . 19.87 -3.41 39.84
C6 NAG MA . 19.76 -4.30 41.06
C7 NAG MA . 19.40 1.50 37.56
C8 NAG MA . 19.45 2.40 36.34
N2 NAG MA . 19.25 0.04 37.40
O3 NAG MA . 21.12 0.13 39.61
O4 NAG MA . 21.97 -2.45 40.49
O5 NAG MA . 18.51 -3.14 39.35
O6 NAG MA . 18.60 -3.96 41.78
O7 NAG MA . 19.46 1.98 38.64
H2 NAG MA . 18.62 -0.35 39.40
H3 NAG MA . 21.18 -1.45 38.29
H4 NAG MA . 20.15 -1.70 41.10
H5 NAG MA . 20.42 -3.93 39.07
H61 NAG MA . 20.62 -4.18 41.70
H62 NAG MA . 19.69 -5.34 40.74
H81 NAG MA . 19.56 3.43 36.65
H82 NAG MA . 18.54 2.28 35.76
H83 NAG MA . 20.30 2.12 35.73
HN2 NAG MA . 19.19 -0.36 36.48
HO3 NAG MA . 20.51 0.54 40.20
HO4 NAG MA . 22.09 -2.51 41.44
HO6 NAG MA . 17.95 -3.59 41.18
C1 NAG NA . -50.87 -4.02 25.15
C2 NAG NA . -50.74 -2.85 26.09
C3 NAG NA . -50.59 -3.23 27.53
C4 NAG NA . -51.62 -4.23 27.96
C5 NAG NA . -51.67 -5.44 27.04
C6 NAG NA . -52.80 -6.35 27.46
C7 NAG NA . -49.57 -1.07 24.62
C8 NAG NA . -48.34 -0.27 24.23
N2 NAG NA . -49.51 -2.06 25.70
O3 NAG NA . -50.73 -2.03 28.33
O4 NAG NA . -51.30 -4.66 29.29
O5 NAG NA . -51.86 -5.06 25.64
O6 NAG NA . -54.03 -5.71 27.22
O7 NAG NA . -50.59 -0.88 24.05
H2 NAG NA . -51.62 -2.21 25.99
H3 NAG NA . -49.61 -3.65 27.68
H4 NAG NA . -52.60 -3.75 27.98
H5 NAG NA . -50.72 -5.98 27.12
H61 NAG NA . -52.72 -6.59 28.52
H62 NAG NA . -52.76 -7.26 26.88
H81 NAG NA . -48.58 0.40 23.42
H82 NAG NA . -47.55 -0.96 23.92
H83 NAG NA . -48.00 0.30 25.08
HN2 NAG NA . -48.64 -2.22 26.19
HO3 NAG NA . -50.44 -2.21 29.21
HO4 NAG NA . -52.10 -4.84 29.77
HO6 NAG NA . -54.02 -5.30 26.36
C1 NAG OA . -25.57 17.01 63.13
C2 NAG OA . -26.28 17.57 61.92
C3 NAG OA . -27.75 17.34 61.99
C4 NAG OA . -28.08 16.04 62.66
C5 NAG OA . -27.65 16.05 64.13
C6 NAG OA . -27.35 14.64 64.60
C7 NAG OA . -25.65 19.69 60.55
C8 NAG OA . -25.37 21.18 60.50
N2 NAG OA . -26.00 19.05 61.84
O3 NAG OA . -28.27 17.31 60.63
O4 NAG OA . -29.49 15.84 62.60
O5 NAG OA . -26.47 16.90 64.35
O6 NAG OA . -26.70 14.71 65.85
O7 NAG OA . -25.59 19.05 59.57
H2 NAG OA . -25.90 17.07 61.04
H3 NAG OA . -28.21 18.16 62.53
H4 NAG OA . -27.58 15.24 62.13
H5 NAG OA . -28.46 16.45 64.72
H61 NAG OA . -26.69 14.12 63.90
H62 NAG OA . -28.27 14.09 64.71
H81 NAG OA . -25.13 21.47 59.48
H82 NAG OA . -24.53 21.42 61.15
H83 NAG OA . -26.24 21.73 60.82
HN2 NAG OA . -26.05 19.62 62.68
HO3 NAG OA . -28.93 16.63 60.57
HO4 NAG OA . -29.69 14.90 62.65
HO6 NAG OA . -25.89 15.21 65.76
CHA BLA PA . 1.94 -1.11 54.26
NA BLA PA . -0.31 -0.88 52.97
C1A BLA PA . 0.92 -1.42 53.15
C2A BLA PA . 1.09 -2.34 52.13
C3A BLA PA . -0.02 -2.33 51.36
C4A BLA PA . -0.90 -1.43 51.89
CMA BLA PA . -0.29 -3.18 50.12
CAA BLA PA . 2.32 -3.20 51.90
CBA BLA PA . 2.20 -4.49 52.71
CGA BLA PA . 3.47 -5.32 52.55
O1A BLA PA . 3.55 -6.45 53.09
O2A BLA PA . 4.43 -4.87 51.87
CHB BLA PA . -2.30 -1.05 51.39
NB BLA PA . -3.10 -0.57 53.77
C1B BLA PA . -3.18 -0.57 52.24
C2B BLA PA . -4.47 0.13 51.93
C3B BLA PA . -5.14 0.51 53.11
C4B BLA PA . -4.36 0.11 54.31
CMB BLA PA . -5.00 0.37 50.51
OB BLA PA . -4.65 0.30 55.45
CAB BLA PA . -6.49 1.23 53.17
CBB BLA PA . -6.65 2.23 54.01
NC BLA PA . -1.50 2.51 54.26
C1C BLA PA . -2.66 3.23 53.58
C2C BLA PA . -3.28 4.08 54.62
C3C BLA PA . -2.59 3.94 55.85
C4C BLA PA . -1.46 2.97 55.73
CMC BLA PA . -4.47 4.98 54.34
OC BLA PA . -3.00 3.12 52.45
CAC BLA PA . -2.96 4.67 57.14
CBC BLA PA . -3.04 5.98 57.15
CHD BLA PA . -0.61 2.60 56.68
ND BLA PA . 0.46 0.67 55.24
C1D BLA PA . 0.50 1.60 56.38
C2D BLA PA . 1.78 1.36 57.10
C3D BLA PA . 2.51 0.28 56.39
C4D BLA PA . 1.69 -0.18 55.18
CMD BLA PA . 2.25 2.09 58.36
CAD BLA PA . 3.87 -0.28 56.80
CBD BLA PA . 4.94 0.77 56.52
CGD BLA PA . 6.29 0.26 57.01
O1D BLA PA . 6.36 -0.78 57.70
O2D BLA PA . 7.34 0.89 56.71
HHA BLA PA . 2.94 -1.51 54.20
HA BLA PA . -0.75 -0.19 53.53
HMA1 BLA PA . -1.36 -3.33 50.01
HMA2 BLA PA . 0.09 -2.65 49.24
HMA3 BLA PA . 0.21 -4.13 50.21
HAA1 BLA PA . 2.39 -3.45 50.85
HAA2 BLA PA . 3.21 -2.66 52.19
HBA1 BLA PA . 1.35 -5.06 52.37
HBA2 BLA PA . 2.06 -4.23 53.76
HHB BLA PA . -2.43 -0.83 50.33
HB BLA PA . -2.36 -0.96 54.33
HMB1 BLA PA . -4.18 0.65 49.87
HMB2 BLA PA . -5.74 1.16 50.53
HMB3 BLA PA . -5.46 -0.54 50.14
HAB BLA PA . -7.29 0.93 52.52
HBB1 BLA PA . -7.61 2.74 54.06
HBB2 BLA PA . -5.85 2.53 54.66
HC BLA PA . -0.89 1.86 53.81
HMC1 BLA PA . -4.79 4.84 53.31
HMC2 BLA PA . -5.30 4.72 55.00
HMC3 BLA PA . -4.19 6.02 54.49
HAC BLA PA . -3.17 4.10 58.04
HBC1 BLA PA . -2.84 6.54 56.25
HBC2 BLA PA . -3.31 6.49 58.07
HHD BLA PA . -0.80 2.89 57.71
HMD1 BLA PA . 3.14 1.61 58.75
HMD2 BLA PA . 2.45 3.13 58.12
HMD3 BLA PA . 1.45 2.04 59.11
HAD1 BLA PA . 3.85 -0.51 57.86
HAD2 BLA PA . 4.07 -1.18 56.23
HBD1 BLA PA . 4.69 1.68 57.05
HBD2 BLA PA . 4.99 0.98 55.46
C1 EIC QA . -36.81 -24.70 4.27
C2 EIC QA . -36.00 -25.09 3.02
C3 EIC QA . -34.72 -25.84 3.44
C4 EIC QA . -34.56 -27.08 2.52
C5 EIC QA . -33.22 -27.79 2.84
C6 EIC QA . -32.91 -28.81 1.71
C7 EIC QA . -31.41 -28.88 1.34
C8 EIC QA . -30.92 -27.55 0.72
C9 EIC QA . -29.81 -27.82 -0.32
C10 EIC QA . -30.02 -28.48 -1.46
C11 EIC QA . -28.67 -28.55 -2.23
C12 EIC QA . -27.60 -29.28 -1.38
C13 EIC QA . -27.56 -30.62 -1.25
C14 EIC QA . -28.56 -31.59 -1.92
C15 EIC QA . -28.79 -32.75 -0.94
C16 EIC QA . -29.84 -33.73 -1.49
C17 EIC QA . -30.47 -34.50 -0.31
C18 EIC QA . -31.28 -35.69 -0.83
O1 EIC QA . -36.61 -23.58 4.81
O2 EIC QA . -37.65 -25.50 4.76
H21 EIC QA . -35.73 -24.20 2.45
H22 EIC QA . -36.60 -25.75 2.40
H31 EIC QA . -33.87 -25.19 3.32
H32 EIC QA . -34.81 -26.16 4.48
H41 EIC QA . -34.57 -26.72 1.49
H42 EIC QA . -35.39 -27.76 2.67
H51 EIC QA . -32.43 -27.05 2.94
H52 EIC QA . -33.33 -28.33 3.79
H61 EIC QA . -33.23 -29.79 2.04
H62 EIC QA . -33.46 -28.54 0.81
H71 EIC QA . -30.82 -29.08 2.24
H72 EIC QA . -31.27 -29.70 0.65
H81 EIC QA . -31.75 -27.05 0.24
H82 EIC QA . -30.52 -26.91 1.51
H91 EIC QA . -28.89 -27.38 0.07
H1O1 EIC QA . -30.41 -29.02 -2.31
H111 EIC QA . -28.80 -29.07 -3.18
H112 EIC QA . -28.34 -27.53 -2.42
H121 EIC QA . -26.85 -28.68 -0.87
H131 EIC QA . -26.77 -31.05 -0.64
H141 EIC QA . -28.14 -31.98 -2.86
H142 EIC QA . -29.52 -31.13 -2.13
H151 EIC QA . -27.85 -33.29 -0.78
H152 EIC QA . -29.14 -32.36 0.01
H161 EIC QA . -29.35 -34.44 -2.17
H162 EIC QA . -30.62 -33.19 -2.03
H171 EIC QA . -29.68 -34.83 0.37
H172 EIC QA . -31.13 -33.82 0.24
H181 EIC QA . -31.66 -36.26 0.02
H182 EIC QA . -30.63 -36.33 -1.43
H183 EIC QA . -32.10 -35.33 -1.44
C1 EIC RA . -21.73 -28.02 26.80
C2 EIC RA . -20.34 -27.68 27.37
C3 EIC RA . -20.35 -26.24 27.92
C4 EIC RA . -19.65 -26.23 29.29
C5 EIC RA . -19.54 -24.77 29.80
C6 EIC RA . -18.55 -24.72 31.00
C7 EIC RA . -17.66 -23.45 31.02
C8 EIC RA . -16.69 -23.45 29.79
C9 EIC RA . -15.37 -22.74 30.17
C10 EIC RA . -14.52 -23.24 31.08
C11 EIC RA . -13.31 -22.25 31.18
C12 EIC RA . -13.79 -20.84 31.61
C13 EIC RA . -14.12 -20.53 32.87
C14 EIC RA . -14.03 -21.51 34.06
C15 EIC RA . -15.21 -21.18 35.01
C16 EIC RA . -15.24 -22.17 36.18
C17 EIC RA . -16.68 -22.21 36.74
C18 EIC RA . -16.68 -22.92 38.11
O1 EIC RA . -21.98 -27.83 25.58
O2 EIC RA . -22.63 -28.50 27.55
H21 EIC RA . -19.60 -27.78 26.59
H22 EIC RA . -20.12 -28.36 28.19
H31 EIC RA . -19.82 -25.60 27.23
H32 EIC RA . -21.37 -25.89 28.02
H41 EIC RA . -18.66 -26.67 29.16
H42 EIC RA . -20.21 -26.83 30.00
H51 EIC RA . -19.21 -24.13 29.00
H52 EIC RA . -20.52 -24.45 30.14
H61 EIC RA . -17.90 -25.59 30.98
H62 EIC RA . -19.13 -24.75 31.92
H71 EIC RA . -17.10 -23.44 31.95
H72 EIC RA . -18.29 -22.58 30.96
H81 EIC RA . -16.48 -24.47 29.49
H82 EIC RA . -17.16 -22.90 28.98
H91 EIC RA . -15.29 -21.85 29.57
H1O1 EIC RA . -13.98 -23.80 31.83
H111 EIC RA . -12.86 -22.19 30.19
H112 EIC RA . -12.58 -22.62 31.90
H121 EIC RA . -13.89 -20.08 30.84
H131 EIC RA . -14.46 -19.51 33.07
H141 EIC RA . -14.13 -22.55 33.75
H142 EIC RA . -13.08 -21.37 34.59
H151 EIC RA . -15.09 -20.16 35.39
H152 EIC RA . -16.15 -21.25 34.45
H161 EIC RA . -14.56 -21.82 36.96
H162 EIC RA . -14.94 -23.16 35.85
H171 EIC RA . -17.31 -22.76 36.05
H172 EIC RA . -17.06 -21.20 36.85
H181 EIC RA . -16.00 -22.42 38.79
H182 EIC RA . -16.37 -23.96 37.98
H183 EIC RA . -17.69 -22.90 38.52
C1 NAG SA . -31.82 3.80 -33.61
C2 NAG SA . -32.35 3.76 -35.02
C3 NAG SA . -31.23 3.69 -36.01
C4 NAG SA . -30.26 4.82 -35.82
C5 NAG SA . -29.76 4.93 -34.38
C6 NAG SA . -28.92 6.17 -34.23
C7 NAG SA . -34.67 2.63 -34.99
C8 NAG SA . -35.54 1.39 -35.16
N2 NAG SA . -33.21 2.54 -35.18
O3 NAG SA . -31.79 3.76 -37.34
O4 NAG SA . -29.14 4.61 -36.68
O5 NAG SA . -30.86 4.97 -33.41
O6 NAG SA . -28.38 6.21 -32.94
O7 NAG SA . -35.17 3.66 -34.70
H2 NAG SA . -32.93 4.66 -35.20
H3 NAG SA . -30.71 2.76 -35.88
H4 NAG SA . -30.75 5.76 -36.08
H5 NAG SA . -29.14 4.05 -34.18
H61 NAG SA . -29.54 7.05 -34.38
H62 NAG SA . -28.11 6.16 -34.96
H81 NAG SA . -36.57 1.66 -35.01
H82 NAG SA . -35.26 0.65 -34.42
H83 NAG SA . -35.40 0.99 -36.14
HN2 NAG SA . -32.80 1.65 -35.43
HO3 NAG SA . -31.14 3.50 -37.96
HO4 NAG SA . -28.79 5.46 -36.97
HO6 NAG SA . -27.91 7.03 -32.81
C1 NAG TA . -63.16 12.37 -8.99
C2 NAG TA . -62.55 11.83 -7.72
C3 NAG TA . -63.47 12.03 -6.56
C4 NAG TA . -64.07 13.41 -6.48
C5 NAG TA . -64.56 13.95 -7.82
C6 NAG TA . -64.97 15.40 -7.67
C7 NAG TA . -61.77 9.49 -6.89
C8 NAG TA . -61.55 8.02 -7.15
N2 NAG TA . -62.33 10.35 -7.94
O3 NAG TA . -62.73 11.81 -5.34
O4 NAG TA . -65.17 13.37 -5.58
O5 NAG TA . -63.52 13.84 -8.85
O6 NAG TA . -66.04 15.46 -6.75
O7 NAG TA . -61.46 9.95 -5.85
H2 NAG TA . -61.61 12.32 -7.53
H3 NAG TA . -64.27 11.30 -6.62
H4 NAG TA . -63.32 14.10 -6.09
H5 NAG TA . -65.42 13.36 -8.14
H61 NAG TA . -65.29 15.79 -8.62
H62 NAG TA . -64.14 15.97 -7.28
H81 NAG TA . -61.14 7.54 -6.26
H82 NAG TA . -60.87 7.89 -7.99
H83 NAG TA . -62.50 7.55 -7.39
HN2 NAG TA . -62.58 9.94 -8.83
HO3 NAG TA . -61.89 12.24 -5.38
HO4 NAG TA . -65.29 14.22 -5.18
HO6 NAG TA . -66.26 16.38 -6.59
C1 NAG UA . -28.13 -35.05 -22.77
C2 NAG UA . -27.87 -34.22 -24.01
C3 NAG UA . -27.17 -35.02 -25.04
C4 NAG UA . -25.88 -35.59 -24.51
C5 NAG UA . -26.12 -36.39 -23.23
C6 NAG UA . -24.81 -36.85 -22.66
C7 NAG UA . -30.31 -34.53 -24.90
C8 NAG UA . -31.57 -33.91 -25.45
N2 NAG UA . -29.15 -33.66 -24.56
O3 NAG UA . -26.87 -34.16 -26.16
O4 NAG UA . -25.30 -36.44 -25.49
O5 NAG UA . -26.84 -35.61 -22.22
O6 NAG UA . -24.75 -36.49 -21.30
O7 NAG UA . -30.25 -35.69 -24.74
H2 NAG UA . -27.22 -33.39 -23.72
H3 NAG UA . -27.81 -35.83 -25.37
H4 NAG UA . -25.21 -34.77 -24.30
H5 NAG UA . -26.72 -37.27 -23.48
H61 NAG UA . -23.97 -36.38 -23.19
H62 NAG UA . -24.73 -37.94 -22.74
H81 NAG UA . -32.30 -34.68 -25.64
H82 NAG UA . -31.35 -33.39 -26.38
H83 NAG UA . -31.97 -33.20 -24.73
HN2 NAG UA . -29.23 -32.67 -24.71
HO3 NAG UA . -26.47 -34.67 -26.86
HO4 NAG UA . -24.36 -36.49 -25.36
HO6 NAG UA . -25.64 -36.29 -20.99
C1 NAG VA . -3.20 -9.39 -40.21
C2 NAG VA . -3.11 -10.14 -41.51
C3 NAG VA . -1.87 -10.97 -41.56
C4 NAG VA . -0.64 -10.15 -41.34
C5 NAG VA . -0.73 -9.29 -40.08
C6 NAG VA . 0.43 -8.33 -40.05
C7 NAG VA . -5.43 -10.67 -42.57
C8 NAG VA . -6.62 -11.60 -42.72
N2 NAG VA . -4.30 -11.05 -41.68
O3 NAG VA . -1.79 -11.59 -42.87
O4 NAG VA . 0.48 -11.04 -41.20
O5 NAG VA . -1.98 -8.52 -40.03
O6 NAG VA . 0.00 -7.05 -40.41
O7 NAG VA . -5.40 -9.65 -43.15
H2 NAG VA . -3.07 -9.43 -42.32
H3 NAG VA . -1.93 -11.75 -40.81
H4 NAG VA . -0.48 -9.52 -42.20
H5 NAG VA . -0.69 -9.94 -39.21
H61 NAG VA . 1.21 -8.66 -40.75
H62 NAG VA . 0.85 -8.30 -39.04
H81 NAG VA . -7.32 -11.17 -43.42
H82 NAG VA . -7.11 -11.73 -41.75
H83 NAG VA . -6.28 -12.56 -43.08
HN2 NAG VA . -4.35 -11.93 -41.18
HO3 NAG VA . -1.07 -12.20 -42.88
HO4 NAG VA . 1.22 -10.68 -41.67
HO6 NAG VA . -0.91 -6.94 -40.13
C1 NAG WA . -0.20 8.34 -51.61
C2 NAG WA . -1.54 8.51 -52.30
C3 NAG WA . -2.07 7.22 -52.81
C4 NAG WA . -1.09 6.51 -53.68
C5 NAG WA . 0.26 6.33 -52.97
C6 NAG WA . 1.26 5.69 -53.91
C7 NAG WA . -3.61 9.96 -51.75
C8 NAG WA . -4.58 10.55 -50.75
N2 NAG WA . -2.51 9.10 -51.30
O3 NAG WA . -3.27 7.49 -53.58
O4 NAG WA . -1.61 5.23 -54.02
O5 NAG WA . 0.80 7.61 -52.51
O6 NAG WA . 2.48 6.37 -53.82
O7 NAG WA . -3.74 10.19 -52.91
H2 NAG WA . -1.41 9.20 -53.13
H3 NAG WA . -2.32 6.59 -51.97
H4 NAG WA . -0.94 7.09 -54.58
H5 NAG WA . 0.12 5.68 -52.11
H61 NAG WA . 0.90 5.73 -54.94
H62 NAG WA . 1.40 4.65 -53.62
H81 NAG WA . -5.31 11.16 -51.27
H82 NAG WA . -4.05 11.16 -50.04
H83 NAG WA . -5.10 9.75 -50.23
HN2 NAG WA . -2.40 8.90 -50.32
HO3 NAG WA . -3.69 6.67 -53.80
HO4 NAG WA . -1.18 4.91 -54.82
HO6 NAG WA . 2.38 7.13 -53.24
C1 NAG XA . 40.19 14.95 -54.47
C2 NAG XA . 41.50 14.39 -54.97
C3 NAG XA . 41.58 14.46 -56.45
C4 NAG XA . 40.41 13.80 -57.11
C5 NAG XA . 39.08 14.35 -56.58
C6 NAG XA . 37.92 13.59 -57.16
C7 NAG XA . 43.26 14.74 -53.11
C8 NAG XA . 44.42 15.54 -52.51
N2 NAG XA . 42.65 15.17 -54.37
O3 NAG XA . 42.80 13.80 -56.89
O4 NAG XA . 40.47 14.04 -58.52
O5 NAG XA . 39.01 14.26 -55.12
O6 NAG XA . 36.92 13.44 -56.18
O7 NAG XA . 42.88 13.78 -52.55
H2 NAG XA . 41.58 13.34 -54.67
H3 NAG XA . 41.61 15.50 -56.75
H4 NAG XA . 40.45 12.73 -56.91
H5 NAG XA . 39.01 15.40 -56.87
H61 NAG XA . 38.23 12.62 -57.51
H62 NAG XA . 37.51 14.16 -58.00
H81 NAG XA . 44.76 15.06 -51.62
H82 NAG XA . 44.07 16.55 -52.29
H83 NAG XA . 45.22 15.59 -53.24
HN2 NAG XA . 42.99 15.99 -54.84
HO3 NAG XA . 42.90 13.93 -57.82
HO4 NAG XA . 39.93 13.39 -58.97
HO6 NAG XA . 37.26 13.74 -55.34
C1 NAG YA . 29.36 26.10 -51.81
C2 NAG YA . 28.00 26.76 -51.79
C3 NAG YA . 26.89 25.78 -51.87
C4 NAG YA . 27.04 24.86 -53.05
C5 NAG YA . 28.40 24.18 -53.08
C6 NAG YA . 28.57 23.42 -54.37
C7 NAG YA . 27.06 28.77 -50.47
C8 NAG YA . 26.93 29.57 -49.17
N2 NAG YA . 27.86 27.54 -50.50
O3 NAG YA . 25.64 26.50 -51.99
O4 NAG YA . 26.02 23.87 -53.00
O5 NAG YA . 29.51 25.14 -52.96
O6 NAG YA . 29.01 24.30 -55.38
O7 NAG YA . 26.52 29.16 -51.44
H2 NAG YA . 27.94 27.44 -52.63
H3 NAG YA . 26.87 25.17 -50.97
H4 NAG YA . 26.92 25.45 -53.97
H5 NAG YA . 28.46 23.49 -52.24
H61 NAG YA . 27.62 22.97 -54.68
H62 NAG YA . 29.31 22.64 -54.24
H81 NAG YA . 26.34 30.46 -49.35
H82 NAG YA . 27.92 29.84 -48.82
H83 NAG YA . 26.43 28.95 -48.42
HN2 NAG YA . 28.33 27.22 -49.66
HO3 NAG YA . 24.92 25.88 -51.99
HO4 NAG YA . 25.68 23.71 -53.87
HO6 NAG YA . 29.49 25.02 -54.97
C1 NAG ZA . 42.09 37.30 -54.61
C2 NAG ZA . 41.52 38.14 -55.74
C3 NAG ZA . 42.50 39.10 -56.30
C4 NAG ZA . 43.15 39.95 -55.24
C5 NAG ZA . 43.76 39.08 -54.14
C6 NAG ZA . 44.30 39.97 -53.04
C7 NAG ZA . 39.71 36.63 -56.81
C8 NAG ZA . 39.26 35.72 -57.95
N2 NAG ZA . 41.06 37.23 -56.85
O3 NAG ZA . 41.83 39.96 -57.24
O4 NAG ZA . 44.17 40.75 -55.84
O5 NAG ZA . 42.77 38.16 -53.57
O6 NAG ZA . 43.24 40.66 -52.43
O7 NAG ZA . 38.99 36.86 -55.91
H2 NAG ZA . 40.67 38.70 -55.36
H3 NAG ZA . 43.28 38.54 -56.82
H4 NAG ZA . 42.39 40.60 -54.80
H5 NAG ZA . 44.57 38.51 -54.57
H61 NAG ZA . 45.01 40.68 -53.46
H62 NAG ZA . 44.80 39.35 -52.30
H81 NAG ZA . 38.25 35.38 -57.74
H82 NAG ZA . 39.93 34.87 -58.01
H83 NAG ZA . 39.27 36.27 -58.87
HN2 NAG ZA . 41.67 37.05 -57.63
HO3 NAG ZA . 42.47 40.41 -57.77
HO4 NAG ZA . 44.26 41.57 -55.36
HO6 NAG ZA . 43.59 41.24 -51.76
C1 NAG AB . -59.45 -11.27 -3.08
C2 NAG AB . -59.69 -11.65 -1.64
C3 NAG AB . -60.57 -12.85 -1.54
C4 NAG AB . -61.87 -12.65 -2.27
C5 NAG AB . -61.65 -12.22 -3.71
C6 NAG AB . -62.98 -11.89 -4.34
C7 NAG AB . -57.70 -10.90 -0.17
C8 NAG AB . -56.37 -11.19 0.49
N2 NAG AB . -58.36 -11.94 -0.98
O3 NAG AB . -60.86 -13.09 -0.14
O4 NAG AB . -62.60 -13.88 -2.26
O5 NAG AB . -60.76 -11.05 -3.81
O6 NAG AB . -64.02 -12.51 -3.63
O7 NAG AB . -58.19 -9.84 -0.04
H2 NAG AB . -60.19 -10.84 -1.13
H3 NAG AB . -60.05 -13.71 -1.96
H4 NAG AB . -62.45 -11.88 -1.75
H5 NAG AB . -61.19 -13.04 -4.26
H61 NAG AB . -62.99 -12.23 -5.38
H62 NAG AB . -63.13 -10.81 -4.32
H81 NAG AB . -56.04 -10.31 1.04
H82 NAG AB . -55.63 -11.44 -0.27
H83 NAG AB . -56.48 -12.02 1.18
HN2 NAG AB . -57.93 -12.85 -1.09
HO3 NAG AB . -61.46 -13.81 -0.07
HO4 NAG AB . -63.54 -13.68 -2.32
HO6 NAG AB . -64.83 -12.05 -3.79
C1 NAG BB . -28.20 30.87 -7.83
C2 NAG BB . -28.08 31.44 -9.23
C3 NAG BB . -28.05 32.93 -9.23
C4 NAG BB . -29.22 33.52 -8.46
C5 NAG BB . -29.35 32.93 -7.06
C6 NAG BB . -30.64 33.40 -6.43
C7 NAG BB . -26.66 30.88 -11.31
C8 NAG BB . -25.37 30.36 -11.93
N2 NAG BB . -26.81 30.92 -9.84
O3 NAG BB . -28.11 33.40 -10.59
O4 NAG BB . -29.01 34.93 -8.35
O5 NAG BB . -29.37 31.46 -7.08
O6 NAG BB . -31.67 32.51 -6.75
O7 NAG BB . -27.53 31.27 -12.00
H2 NAG BB . -28.94 31.11 -9.82
H3 NAG BB . -27.13 33.26 -8.77
H4 NAG BB . -30.12 33.34 -9.01
H5 NAG BB . -28.51 33.26 -6.46
H61 NAG BB . -30.89 34.40 -6.82
H62 NAG BB . -30.52 33.46 -5.35
H81 NAG BB . -25.45 30.40 -13.01
H82 NAG BB . -25.22 29.32 -11.63
H83 NAG BB . -24.54 30.95 -11.59
HN2 NAG BB . -26.06 30.59 -9.25
HO3 NAG BB . -28.81 32.96 -11.05
HO4 NAG BB . -29.83 35.39 -8.51
HO6 NAG BB . -31.30 31.64 -6.89
C1 NAG CB . -42.87 -37.17 3.80
C2 NAG CB . -43.49 -36.94 2.44
C3 NAG CB . -44.80 -36.24 2.50
C4 NAG CB . -45.75 -36.85 3.49
C5 NAG CB . -45.12 -36.98 4.86
C6 NAG CB . -46.06 -37.72 5.79
C7 NAG CB . -41.45 -36.72 0.87
C8 NAG CB . -40.51 -35.86 0.03
N2 NAG CB . -42.56 -36.09 1.61
O3 NAG CB . -45.40 -36.29 1.19
O4 NAG CB . -46.91 -36.02 3.58
O5 NAG CB . -43.85 -37.71 4.81
O6 NAG CB . -46.19 -39.06 5.35
O7 NAG CB . -41.29 -37.89 0.93
H2 NAG CB . -43.63 -37.90 1.95
H3 NAG CB . -44.63 -35.20 2.77
H4 NAG CB . -46.04 -37.83 3.14
H5 NAG CB . -44.93 -35.99 5.27
H61 NAG CB . -47.04 -37.24 5.78
H62 NAG CB . -45.66 -37.71 6.80
H81 NAG CB . -39.76 -36.50 -0.42
H82 NAG CB . -40.03 -35.13 0.67
H83 NAG CB . -41.08 -35.36 -0.73
HN2 NAG CB . -42.68 -35.10 1.56
HO3 NAG CB . -46.13 -35.68 1.14
HO4 NAG CB . -47.68 -36.57 3.73
HO6 NAG CB . -45.40 -39.30 4.87
C1 NAG DB . -64.60 -4.12 -27.18
C2 NAG DB . -63.67 -5.29 -27.39
C3 NAG DB . -64.30 -6.59 -27.03
C4 NAG DB . -65.26 -6.43 -25.88
C5 NAG DB . -66.44 -5.53 -26.25
C6 NAG DB . -66.99 -4.84 -25.01
C7 NAG DB . -61.86 -5.57 -29.24
C8 NAG DB . -61.48 -5.59 -30.71
N2 NAG DB . -63.26 -5.33 -28.85
O3 NAG DB . -63.27 -7.52 -26.64
O4 NAG DB . -65.76 -7.72 -25.52
O5 NAG DB . -66.06 -4.51 -27.23
O6 NAG DB . -67.89 -3.84 -25.42
O7 NAG DB . -61.03 -5.75 -28.42
H2 NAG DB . -62.79 -5.14 -26.77
H3 NAG DB . -64.83 -6.98 -27.88
H4 NAG DB . -64.72 -6.02 -25.03
H5 NAG DB . -67.22 -6.15 -26.68
H61 NAG DB . -66.19 -4.39 -24.43
H62 NAG DB . -67.52 -5.56 -24.40
H81 NAG DB . -60.42 -5.77 -30.80
H82 NAG DB . -61.72 -4.63 -31.16
H83 NAG DB . -62.03 -6.38 -31.22
HN2 NAG DB . -63.95 -5.17 -29.57
HO3 NAG DB . -63.60 -8.12 -26.01
HO4 NAG DB . -66.07 -7.70 -24.62
HO6 NAG DB . -67.44 -3.22 -26.00
CHA BLA EB . -48.93 21.14 -10.51
NA BLA EB . -48.57 18.58 -10.23
C1A BLA EB . -48.35 19.86 -9.86
C2A BLA EB . -47.50 19.81 -8.78
C3A BLA EB . -47.22 18.52 -8.51
C4A BLA EB . -47.90 17.75 -9.42
CMA BLA EB . -46.32 17.98 -7.40
CAA BLA EB . -46.96 21.02 -8.01
CBA BLA EB . -47.95 21.41 -6.93
CGA BLA EB . -47.45 22.66 -6.21
O1A BLA EB . -48.08 23.12 -5.23
O2A BLA EB . -46.39 23.23 -6.60
CHB BLA EB . -47.91 16.22 -9.54
NB BLA EB . -50.32 16.24 -10.42
C1B BLA EB . -48.95 15.63 -10.10
C2B BLA EB . -49.03 14.21 -10.58
C3B BLA EB . -50.32 13.95 -11.13
C4B BLA EB . -51.17 15.16 -11.07
CMB BLA EB . -47.92 13.19 -10.46
OB BLA EB . -52.29 15.26 -11.46
CAB BLA EB . -50.76 12.60 -11.71
CBB BLA EB . -51.43 12.58 -12.84
NC BLA EB . -49.67 17.35 -13.68
C1C BLA EB . -49.37 15.92 -14.12
C2C BLA EB . -50.42 15.58 -15.10
C3C BLA EB . -51.31 16.68 -15.29
C4C BLA EB . -50.91 17.84 -14.44
CMC BLA EB . -50.48 14.23 -15.80
OC BLA EB . -48.49 15.24 -13.74
CAC BLA EB . -52.51 16.67 -16.23
CBC BLA EB . -52.34 16.38 -17.50
CHD BLA EB . -51.52 19.02 -14.36
ND BLA EB . -50.10 19.82 -12.29
C1D BLA EB . -50.97 20.10 -13.44
C2D BLA EB . -51.19 21.58 -13.48
C3D BLA EB . -50.43 22.18 -12.36
C4D BLA EB . -49.72 21.07 -11.57
CMD BLA EB . -52.05 22.32 -14.50
CAD BLA EB . -50.39 23.67 -12.04
CBD BLA EB . -49.56 24.38 -13.11
CGD BLA EB . -49.56 25.88 -12.85
O1D BLA EB . -50.34 26.37 -11.99
O2D BLA EB . -48.79 26.64 -13.51
HHA BLA EB . -48.56 22.11 -10.20
HA BLA EB . -49.14 18.26 -10.97
HMA1 BLA EB . -45.50 18.68 -7.20
HMA2 BLA EB . -45.90 17.05 -7.74
HMA3 BLA EB . -46.90 17.81 -6.50
HAA1 BLA EB . -46.84 21.85 -8.69
HAA2 BLA EB . -46.00 20.78 -7.56
HBA1 BLA EB . -48.05 20.61 -6.21
HBA2 BLA EB . -48.91 21.61 -7.38
HHB BLA EB . -46.96 15.69 -9.51
HB BLA EB . -50.60 17.18 -10.23
HMB1 BLA EB . -48.08 12.37 -11.16
HMB2 BLA EB . -46.97 13.66 -10.69
HMB3 BLA EB . -47.89 12.79 -9.45
HAB BLA EB . -50.53 11.68 -11.19
HBB1 BLA EB . -51.76 11.63 -13.25
HBB2 BLA EB . -51.68 13.50 -13.34
HC BLA EB . -49.12 17.87 -13.01
HMC1 BLA EB . -50.35 14.36 -16.87
HMC2 BLA EB . -49.67 13.60 -15.43
HMC3 BLA EB . -51.43 13.75 -15.61
HAC BLA EB . -53.49 16.89 -15.85
HBC1 BLA EB . -51.35 16.15 -17.89
HBC2 BLA EB . -53.20 16.36 -18.17
HHD BLA EB . -52.49 19.16 -14.85
HMD1 BLA EB . -51.59 22.26 -15.48
HMD2 BLA EB . -52.13 23.36 -14.21
HMD3 BLA EB . -53.04 21.87 -14.53
HAD1 BLA EB . -51.39 24.07 -12.04
HAD2 BLA EB . -49.92 23.82 -11.07
HBD1 BLA EB . -49.99 24.18 -14.08
HBD2 BLA EB . -48.53 24.01 -13.10
#